data_8FAE
#
_entry.id   8FAE
#
_cell.length_a   1.00
_cell.length_b   1.00
_cell.length_c   1.00
_cell.angle_alpha   90.00
_cell.angle_beta   90.00
_cell.angle_gamma   90.00
#
_symmetry.space_group_name_H-M   'P 1'
#
loop_
_entity.id
_entity.type
_entity.pdbx_description
1 polymer 'Envelope glycoprotein gp41'
2 polymer 'Envelope glycoprotein gp120'
3 branched beta-D-mannopyranose-(1-4)-2-acetamido-2-deoxy-beta-D-glucopyranose-(1-4)-2-acetamido-2-deoxy-beta-D-glucopyranose
4 branched 2-acetamido-2-deoxy-beta-D-glucopyranose-(1-4)-[alpha-L-fucopyranose-(1-6)]2-acetamido-2-deoxy-beta-D-glucopyranose
5 branched 2-acetamido-2-deoxy-beta-D-glucopyranose-(1-4)-2-acetamido-2-deoxy-beta-D-glucopyranose
6 branched alpha-D-mannopyranose-(1-2)-alpha-D-mannopyranose-(1-3)-[alpha-D-mannopyranose-(1-6)]beta-D-mannopyranose-(1-4)-2-acetamido-2-deoxy-beta-D-glucopyranose-(1-4)-2-acetamido-2-deoxy-beta-D-glucopyranose
7 branched alpha-D-mannopyranose-(1-2)-alpha-D-mannopyranose-(1-3)-beta-D-mannopyranose-(1-4)-2-acetamido-2-deoxy-beta-D-glucopyranose-(1-4)-2-acetamido-2-deoxy-beta-D-glucopyranose
8 branched alpha-D-mannopyranose-(1-3)-[alpha-D-mannopyranose-(1-6)]beta-D-mannopyranose-(1-4)-2-acetamido-2-deoxy-beta-D-glucopyranose-(1-4)-2-acetamido-2-deoxy-beta-D-glucopyranose
9 branched alpha-D-mannopyranose-(1-2)-alpha-D-mannopyranose-(1-3)-[alpha-D-mannopyranose-(1-6)-alpha-D-mannopyranose-(1-6)]beta-D-mannopyranose-(1-4)-2-acetamido-2-deoxy-beta-D-glucopyranose-(1-4)-2-acetamido-2-deoxy-beta-D-glucopyranose
10 branched alpha-L-fucopyranose-(1-6)-2-acetamido-2-deoxy-beta-D-glucopyranose
11 branched alpha-D-mannopyranose-(1-6)-beta-D-mannopyranose-(1-4)-2-acetamido-2-deoxy-beta-D-glucopyranose-(1-4)-2-acetamido-2-deoxy-beta-D-glucopyranose
12 branched beta-D-mannopyranose-(1-4)-2-acetamido-2-deoxy-beta-D-glucopyranose-(1-4)-[alpha-L-fucopyranose-(1-6)]2-acetamido-2-deoxy-beta-D-glucopyranose
13 branched 2-acetamido-2-deoxy-beta-D-glucopyranose-(1-4)-beta-D-mannopyranose-(1-4)-2-acetamido-2-deoxy-beta-D-glucopyranose-(1-4)-2-acetamido-2-deoxy-beta-D-glucopyranose
14 branched alpha-D-mannopyranose-(1-2)-alpha-D-mannopyranose-(1-3)-[alpha-D-mannopyranose-(1-3)-[alpha-D-mannopyranose-(1-6)]alpha-D-mannopyranose-(1-6)]beta-D-mannopyranose-(1-4)-2-acetamido-2-deoxy-beta-D-glucopyranose-(1-4)-2-acetamido-2-deoxy-beta-D-glucopyranose
15 branched alpha-D-mannopyranose-(1-3)-beta-D-mannopyranose-(1-4)-2-acetamido-2-deoxy-beta-D-glucopyranose-(1-4)-2-acetamido-2-deoxy-beta-D-glucopyranose
16 branched alpha-D-mannopyranose-(1-3)-[alpha-D-mannopyranose-(1-6)]alpha-D-mannopyranose-(1-6)-[alpha-D-mannopyranose-(1-3)]beta-D-mannopyranose-(1-4)-2-acetamido-2-deoxy-beta-D-glucopyranose-(1-4)-2-acetamido-2-deoxy-beta-D-glucopyranose
17 branched 2-acetamido-2-deoxy-beta-D-glucopyranose-(1-4)-2-acetamido-2-deoxy-beta-D-glucopyranose-(1-4)-2-acetamido-2-deoxy-beta-D-glucopyranose
18 non-polymer 1-[(2R)-4-(benzenecarbonyl)-2-methylpiperazin-1-yl]-2-(4-methoxy-1H-pyrrolo[2,3-b]pyridin-3-yl)ethane-1,2-dione
19 non-polymer 2-acetamido-2-deoxy-beta-D-glucopyranose
#
loop_
_entity_poly.entity_id
_entity_poly.type
_entity_poly.pdbx_seq_one_letter_code
_entity_poly.pdbx_strand_id
1 'polypeptide(L)'
;FLGFLGAAGSTMGAASITLTVQARLLLSGIVQQQNNLLKAIEAQQHLLKLTVWGIKQLQARVLTVERYLRDQQLLGIWGC
SGKLICTTAVPWNASWSNKTLDMIWNNMTWMEWEKEIDNYTGLIYTLIEESQNQQEKNEKELLELD
;
B,D,F
2 'polypeptide(L)'
;EKLWVTVYYGVPVWKEATTTLFCASDAKAYDTEVHNVWATHACVPTDPNPQEVVLENVTENFNMWKNNMVEQMHEDIISL
WDESLKPCVKLTPLCVTLNCTDLRNVTNINNSSEGMRGEIKNCSFNITTSIKDKVKKDYALFYKLDVVPIDNDNTSYRLI
NCNTSTITQACPKVSFEPIPIHYCTPAGFAILKCKDKKFNGTGPCKNVSTVQCTHGIKPVVSTQLLLNGSLAEEEVVIRS
SNFTDNAKNIIVQLKESVEINCTRPNNNTRKSIHIGPGKAFYTTGDIIGDIRQAHCNISRTKWNNTLNQIATKLKEQFGN
NKTIVFNQSSGGDPEIVMHSFNCGGEFFYCNSTQLFNSTWNFNGTWNLTQSNGTEGNDTITLPCKIKQIINMWQEVGKAM
YAPPIRGQIRCSSNITGLILTRDGGNNHNNDTETFRPGGGDMRDNWRSELYKYKVVKIEPLGVAPTKAKRRV
;
C,E,A
#
loop_
_chem_comp.id
_chem_comp.type
_chem_comp.name
_chem_comp.formula
83G non-polymer 1-[(2R)-4-(benzenecarbonyl)-2-methylpiperazin-1-yl]-2-(4-methoxy-1H-pyrrolo[2,3-b]pyridin-3-yl)ethane-1,2-dione 'C22 H22 N4 O4'
BMA D-saccharide, beta linking beta-D-mannopyranose 'C6 H12 O6'
FUC L-saccharide, alpha linking alpha-L-fucopyranose 'C6 H12 O5'
MAN D-saccharide, alpha linking alpha-D-mannopyranose 'C6 H12 O6'
NAG D-saccharide, beta linking 2-acetamido-2-deoxy-beta-D-glucopyranose 'C8 H15 N O6'
#
# COMPACT_ATOMS: atom_id res chain seq x y z
N LEU A 2 9.38 28.31 -8.04
CA LEU A 2 9.60 29.68 -8.58
C LEU A 2 8.24 30.35 -8.76
N GLY A 3 8.16 31.68 -8.59
CA GLY A 3 6.91 32.42 -8.82
C GLY A 3 5.91 32.24 -7.70
N PHE A 4 6.34 31.67 -6.56
CA PHE A 4 5.43 31.50 -5.40
C PHE A 4 4.89 32.89 -5.00
N LEU A 5 3.58 32.97 -4.74
CA LEU A 5 2.95 34.26 -4.37
C LEU A 5 3.39 34.68 -2.96
N GLY A 6 4.47 35.46 -2.85
CA GLY A 6 4.95 35.93 -1.54
C GLY A 6 4.56 37.37 -1.30
N ALA A 7 3.52 37.85 -2.00
CA ALA A 7 3.05 39.24 -1.84
C ALA A 7 1.81 39.28 -0.96
N ALA A 8 1.82 38.51 0.13
CA ALA A 8 0.66 38.49 1.05
C ALA A 8 0.60 39.82 1.81
N GLY A 9 1.76 40.40 2.11
CA GLY A 9 1.80 41.68 2.84
C GLY A 9 1.15 42.80 2.05
N SER A 10 1.40 42.83 0.73
CA SER A 10 0.78 43.87 -0.13
C SER A 10 -0.74 43.65 -0.19
N THR A 11 -1.52 44.73 -0.11
CA THR A 11 -3.00 44.64 -0.16
C THR A 11 -3.45 44.43 -1.60
N MET A 12 -4.67 43.95 -1.81
CA MET A 12 -5.20 43.67 -3.18
C MET A 12 -5.23 44.97 -3.99
N GLY A 13 -4.92 46.12 -3.37
CA GLY A 13 -5.02 47.41 -4.07
C GLY A 13 -4.06 47.52 -5.24
N ALA A 14 -2.80 47.10 -5.07
CA ALA A 14 -1.80 47.28 -6.15
C ALA A 14 -1.39 45.93 -6.74
N ALA A 15 -1.03 44.97 -5.88
CA ALA A 15 -0.54 43.66 -6.38
C ALA A 15 -1.64 42.94 -7.16
N SER A 16 -2.87 42.93 -6.65
CA SER A 16 -3.94 42.14 -7.30
C SER A 16 -4.19 42.66 -8.73
N ILE A 17 -4.13 43.99 -8.91
CA ILE A 17 -4.45 44.56 -10.25
C ILE A 17 -3.47 44.05 -11.30
N THR A 18 -2.17 44.04 -11.00
CA THR A 18 -1.19 43.65 -12.06
C THR A 18 -0.16 42.63 -11.59
N LEU A 19 0.55 42.89 -10.49
CA LEU A 19 1.69 42.02 -10.10
C LEU A 19 1.24 40.58 -9.80
N THR A 20 0.15 40.39 -9.05
CA THR A 20 -0.22 39.00 -8.67
C THR A 20 -0.54 38.17 -9.90
N VAL A 21 -1.27 38.71 -10.88
CA VAL A 21 -1.70 37.86 -12.04
C VAL A 21 -0.47 37.32 -12.78
N GLN A 22 0.54 38.16 -12.98
CA GLN A 22 1.79 37.70 -13.66
C GLN A 22 2.45 36.62 -12.80
N ALA A 23 2.53 36.85 -11.48
CA ALA A 23 3.14 35.84 -10.56
C ALA A 23 2.30 34.56 -10.56
N ARG A 24 0.97 34.70 -10.58
CA ARG A 24 0.07 33.52 -10.54
C ARG A 24 0.28 32.65 -11.79
N LEU A 25 0.39 33.29 -12.96
CA LEU A 25 0.64 32.53 -14.21
C LEU A 25 2.03 31.89 -14.10
N LEU A 26 3.01 32.64 -13.56
CA LEU A 26 4.34 32.04 -13.34
C LEU A 26 4.16 30.81 -12.44
N LEU A 27 3.54 30.97 -11.27
CA LEU A 27 3.40 29.79 -10.38
C LEU A 27 2.67 28.64 -11.08
N SER A 28 1.56 28.90 -11.75
CA SER A 28 0.80 27.74 -12.30
C SER A 28 1.68 26.97 -13.29
N GLY A 29 2.33 27.68 -14.23
CA GLY A 29 3.25 27.01 -15.18
C GLY A 29 4.39 26.32 -14.46
N ILE A 30 4.96 26.94 -13.43
CA ILE A 30 6.14 26.36 -12.72
C ILE A 30 5.69 25.13 -11.91
N VAL A 31 4.66 25.27 -11.07
CA VAL A 31 4.27 24.11 -10.22
C VAL A 31 3.82 22.97 -11.14
N GLN A 32 3.52 23.28 -12.41
CA GLN A 32 3.19 22.16 -13.32
C GLN A 32 4.51 21.61 -13.87
N GLN A 33 5.39 22.50 -14.33
CA GLN A 33 6.63 22.03 -15.00
C GLN A 33 7.48 21.22 -14.01
N GLN A 34 7.78 21.78 -12.84
CA GLN A 34 8.69 21.12 -11.86
C GLN A 34 8.13 19.77 -11.41
N ASN A 35 6.89 19.75 -10.91
CA ASN A 35 6.31 18.50 -10.36
C ASN A 35 6.38 17.39 -11.42
N ASN A 36 5.89 17.67 -12.62
CA ASN A 36 5.82 16.59 -13.66
C ASN A 36 7.21 16.28 -14.23
N LEU A 37 8.14 17.22 -14.18
CA LEU A 37 9.53 16.93 -14.62
C LEU A 37 10.10 15.87 -13.67
N LEU A 38 10.07 16.15 -12.38
CA LEU A 38 10.59 15.19 -11.37
C LEU A 38 9.86 13.85 -11.53
N LYS A 39 8.54 13.90 -11.71
CA LYS A 39 7.75 12.66 -11.87
C LYS A 39 8.31 11.83 -13.04
N ALA A 40 8.37 12.42 -14.23
CA ALA A 40 8.83 11.69 -15.43
C ALA A 40 10.23 11.10 -15.19
N ILE A 41 11.16 11.91 -14.68
CA ILE A 41 12.55 11.42 -14.42
C ILE A 41 12.48 10.19 -13.53
N GLU A 42 11.82 10.30 -12.36
CA GLU A 42 11.77 9.18 -11.39
C GLU A 42 11.05 7.96 -11.99
N ALA A 43 9.97 8.19 -12.74
CA ALA A 43 9.19 7.06 -13.30
C ALA A 43 10.09 6.27 -14.27
N GLN A 44 10.87 6.96 -15.08
CA GLN A 44 11.81 6.29 -16.02
C GLN A 44 12.86 5.51 -15.21
N GLN A 45 13.36 6.11 -14.13
CA GLN A 45 14.36 5.43 -13.27
C GLN A 45 13.76 4.17 -12.64
N HIS A 46 12.45 4.19 -12.35
CA HIS A 46 11.74 3.04 -11.73
C HIS A 46 12.17 2.89 -10.27
N LEU A 47 12.84 3.91 -9.72
CA LEU A 47 13.22 3.87 -8.28
C LEU A 47 11.96 3.85 -7.42
N LEU A 48 10.90 4.53 -7.86
CA LEU A 48 9.60 4.53 -7.13
C LEU A 48 9.14 3.09 -6.92
N LYS A 49 8.73 2.73 -5.70
CA LYS A 49 8.37 1.32 -5.38
C LYS A 49 7.32 1.29 -4.27
N LEU A 50 7.13 0.13 -3.64
CA LEU A 50 6.15 -0.03 -2.53
C LEU A 50 6.83 0.34 -1.22
N THR A 51 8.05 0.90 -1.30
CA THR A 51 8.83 1.26 -0.08
C THR A 51 8.10 2.37 0.69
N VAL A 52 8.42 2.52 1.99
CA VAL A 52 7.72 3.54 2.84
C VAL A 52 7.70 4.89 2.13
N TRP A 53 8.87 5.37 1.70
CA TRP A 53 8.95 6.71 1.05
C TRP A 53 8.12 6.70 -0.24
N GLY A 54 8.12 5.58 -0.97
CA GLY A 54 7.32 5.47 -2.21
C GLY A 54 5.84 5.63 -1.94
N ILE A 55 5.33 5.08 -0.84
CA ILE A 55 3.88 5.24 -0.52
C ILE A 55 3.60 6.67 -0.07
N LYS A 56 4.59 7.35 0.51
CA LYS A 56 4.44 8.78 0.86
C LYS A 56 4.34 9.60 -0.43
N GLN A 57 5.21 9.28 -1.41
CA GLN A 57 5.18 10.01 -2.71
C GLN A 57 3.84 9.75 -3.41
N LEU A 58 3.36 8.50 -3.37
CA LEU A 58 2.07 8.15 -4.04
C LEU A 58 0.94 8.94 -3.37
N GLN A 59 0.98 9.03 -2.03
CA GLN A 59 -0.08 9.75 -1.29
C GLN A 59 -0.06 11.23 -1.69
N ALA A 60 1.14 11.79 -1.82
CA ALA A 60 1.26 13.22 -2.19
C ALA A 60 0.82 13.41 -3.65
N ARG A 61 1.17 12.47 -4.53
CA ARG A 61 0.73 12.56 -5.95
C ARG A 61 -0.79 12.64 -5.99
N VAL A 62 -1.47 11.94 -5.08
CA VAL A 62 -2.96 11.97 -5.02
C VAL A 62 -3.40 13.35 -4.52
N LEU A 63 -2.71 13.89 -3.51
CA LEU A 63 -3.16 15.15 -2.94
C LEU A 63 -3.06 16.27 -3.95
N THR A 64 -1.96 16.31 -4.71
CA THR A 64 -1.84 17.32 -5.75
C THR A 64 -3.00 17.23 -6.72
N VAL A 65 -3.28 16.02 -7.19
CA VAL A 65 -4.36 15.83 -8.13
C VAL A 65 -5.67 16.27 -7.53
N GLU A 66 -5.91 15.88 -6.28
CA GLU A 66 -7.16 16.23 -5.62
C GLU A 66 -7.32 17.74 -5.55
N ARG A 67 -6.29 18.42 -5.09
CA ARG A 67 -6.40 19.86 -4.90
C ARG A 67 -6.62 20.56 -6.23
N TYR A 68 -5.81 20.21 -7.23
CA TYR A 68 -5.94 20.86 -8.56
C TYR A 68 -7.33 20.57 -9.14
N LEU A 69 -7.82 19.34 -9.01
CA LEU A 69 -9.09 18.99 -9.64
C LEU A 69 -10.25 19.65 -8.91
N ARG A 70 -10.21 19.69 -7.58
CA ARG A 70 -11.29 20.38 -6.88
C ARG A 70 -11.32 21.84 -7.26
N ASP A 71 -10.14 22.46 -7.39
CA ASP A 71 -10.11 23.86 -7.76
C ASP A 71 -10.69 24.07 -9.15
N GLN A 72 -10.22 23.30 -10.12
CA GLN A 72 -10.69 23.45 -11.49
C GLN A 72 -12.17 23.16 -11.59
N GLN A 73 -12.61 22.13 -10.87
CA GLN A 73 -14.04 21.77 -10.85
C GLN A 73 -14.81 23.01 -10.40
N LEU A 74 -14.55 23.46 -9.16
CA LEU A 74 -15.21 24.69 -8.64
C LEU A 74 -15.23 25.75 -9.74
N LEU A 75 -14.06 26.10 -10.30
CA LEU A 75 -13.98 27.14 -11.35
C LEU A 75 -14.97 26.83 -12.49
N GLY A 76 -14.91 25.62 -13.06
CA GLY A 76 -15.81 25.23 -14.16
C GLY A 76 -17.26 25.17 -13.71
N ILE A 77 -17.50 24.85 -12.43
CA ILE A 77 -18.88 24.72 -11.89
C ILE A 77 -19.44 26.14 -11.72
N TRP A 78 -18.58 27.15 -11.74
CA TRP A 78 -19.12 28.54 -11.72
C TRP A 78 -18.79 29.26 -13.04
N GLY A 79 -18.52 28.50 -14.12
CA GLY A 79 -18.33 29.12 -15.41
C GLY A 79 -16.95 29.69 -15.64
N CYS A 80 -16.19 29.91 -14.56
CA CYS A 80 -14.87 30.58 -14.72
C CYS A 80 -13.80 29.60 -15.17
N SER A 81 -14.13 28.70 -16.10
CA SER A 81 -13.11 27.80 -16.64
C SER A 81 -12.00 28.57 -17.33
N GLY A 82 -12.19 29.86 -17.58
CA GLY A 82 -11.19 30.66 -18.23
C GLY A 82 -10.06 31.01 -17.30
N LYS A 83 -9.55 32.23 -17.47
CA LYS A 83 -8.36 32.67 -16.69
C LYS A 83 -8.66 32.83 -15.22
N LEU A 84 -7.75 33.49 -14.51
CA LEU A 84 -7.85 33.57 -13.07
C LEU A 84 -8.81 34.66 -12.60
N ILE A 85 -9.21 35.55 -13.50
CA ILE A 85 -10.09 36.70 -13.11
C ILE A 85 -11.40 36.63 -13.89
N CYS A 86 -12.51 36.40 -13.19
CA CYS A 86 -13.84 36.39 -13.86
C CYS A 86 -14.80 37.22 -13.02
N THR A 87 -15.70 37.96 -13.67
CA THR A 87 -16.64 38.83 -12.94
C THR A 87 -18.03 38.19 -12.96
N THR A 88 -18.59 37.87 -11.80
CA THR A 88 -19.92 37.21 -11.73
C THR A 88 -21.03 38.26 -11.72
N ALA A 89 -22.28 37.82 -11.90
CA ALA A 89 -23.44 38.74 -11.90
C ALA A 89 -24.07 38.73 -10.50
N VAL A 90 -23.34 38.24 -9.49
CA VAL A 90 -23.90 38.09 -8.12
C VAL A 90 -23.72 39.42 -7.36
N PRO A 91 -24.75 40.09 -6.78
CA PRO A 91 -24.50 41.34 -6.06
C PRO A 91 -23.80 41.09 -4.71
N TRP A 92 -23.17 42.14 -4.16
CA TRP A 92 -22.51 42.01 -2.83
C TRP A 92 -23.56 42.27 -1.73
N ASN A 93 -23.87 41.24 -0.93
CA ASN A 93 -24.94 41.38 0.10
C ASN A 93 -24.55 42.42 1.14
N ALA A 94 -25.52 43.23 1.58
CA ALA A 94 -25.27 44.28 2.58
C ALA A 94 -24.80 43.65 3.91
N SER A 95 -25.15 42.38 4.14
CA SER A 95 -24.79 41.74 5.43
C SER A 95 -23.28 41.75 5.58
N TRP A 96 -22.53 41.50 4.49
CA TRP A 96 -21.05 41.65 4.57
C TRP A 96 -20.69 42.97 3.88
N SER A 97 -20.29 43.99 4.66
CA SER A 97 -20.00 45.32 4.08
C SER A 97 -19.39 46.26 5.13
N ASN A 98 -19.74 47.55 5.08
CA ASN A 98 -19.20 48.56 6.03
C ASN A 98 -17.72 48.82 5.70
N LYS A 99 -17.23 48.26 4.58
CA LYS A 99 -15.83 48.52 4.16
C LYS A 99 -15.88 49.14 2.76
N THR A 100 -15.23 50.29 2.57
CA THR A 100 -15.25 50.99 1.26
C THR A 100 -14.40 50.21 0.26
N LEU A 101 -14.69 50.36 -1.04
CA LEU A 101 -13.86 49.70 -2.08
C LEU A 101 -12.38 49.88 -1.72
N ASP A 102 -11.99 51.10 -1.33
CA ASP A 102 -10.56 51.38 -1.04
C ASP A 102 -10.14 50.52 0.16
N MET A 103 -10.90 50.57 1.27
CA MET A 103 -10.62 49.70 2.44
C MET A 103 -10.34 48.27 1.96
N ILE A 104 -11.32 47.63 1.32
CA ILE A 104 -11.18 46.22 0.86
C ILE A 104 -9.90 46.06 0.04
N TRP A 105 -9.63 47.00 -0.86
CA TRP A 105 -8.47 46.83 -1.78
C TRP A 105 -7.19 47.43 -1.20
N ASN A 106 -7.04 48.76 -1.23
CA ASN A 106 -5.77 49.43 -0.84
C ASN A 106 -5.45 49.34 0.66
N ASN A 107 -6.35 48.83 1.51
CA ASN A 107 -6.07 48.86 2.97
C ASN A 107 -6.08 47.45 3.57
N MET A 108 -6.80 46.51 2.94
CA MET A 108 -6.92 45.13 3.48
C MET A 108 -6.05 44.16 2.67
N THR A 109 -5.14 43.45 3.35
CA THR A 109 -4.32 42.43 2.65
C THR A 109 -5.19 41.22 2.35
N TRP A 110 -4.89 40.48 1.30
CA TRP A 110 -5.76 39.33 0.91
C TRP A 110 -5.99 38.41 2.10
N MET A 111 -4.93 38.07 2.84
CA MET A 111 -5.07 37.12 3.97
C MET A 111 -6.04 37.69 5.01
N GLU A 112 -5.89 38.98 5.34
CA GLU A 112 -6.77 39.64 6.33
C GLU A 112 -8.20 39.71 5.77
N TRP A 113 -8.34 40.01 4.49
CA TRP A 113 -9.70 40.19 3.89
C TRP A 113 -10.51 38.90 3.98
N GLU A 114 -9.96 37.78 3.50
CA GLU A 114 -10.76 36.53 3.45
C GLU A 114 -11.00 36.02 4.87
N LYS A 115 -10.19 36.48 5.83
CA LYS A 115 -10.31 35.98 7.23
C LYS A 115 -11.55 36.55 7.91
N GLU A 116 -12.20 37.53 7.27
CA GLU A 116 -13.46 38.09 7.82
C GLU A 116 -14.61 37.51 7.01
N ILE A 117 -14.32 36.91 5.86
CA ILE A 117 -15.42 36.43 4.97
C ILE A 117 -15.64 34.93 5.28
N ASP A 118 -14.77 34.34 6.11
CA ASP A 118 -14.85 32.87 6.32
C ASP A 118 -16.26 32.48 6.78
N ASN A 119 -16.91 33.32 7.59
CA ASN A 119 -18.24 32.94 8.12
C ASN A 119 -19.25 32.93 6.99
N TYR A 120 -18.85 33.39 5.81
CA TYR A 120 -19.83 33.52 4.70
C TYR A 120 -19.27 32.85 3.44
N THR A 121 -18.16 32.10 3.57
CA THR A 121 -17.52 31.54 2.35
C THR A 121 -18.47 30.56 1.65
N GLY A 122 -19.10 29.68 2.43
CA GLY A 122 -20.00 28.68 1.83
C GLY A 122 -21.17 29.37 1.14
N LEU A 123 -21.75 30.37 1.80
CA LEU A 123 -22.93 31.06 1.23
C LEU A 123 -22.53 31.74 -0.07
N ILE A 124 -21.40 32.44 -0.08
CA ILE A 124 -21.00 33.20 -1.29
C ILE A 124 -20.73 32.22 -2.43
N TYR A 125 -19.99 31.13 -2.16
CA TYR A 125 -19.62 30.20 -3.25
C TYR A 125 -20.89 29.54 -3.83
N THR A 126 -21.80 29.11 -2.96
CA THR A 126 -23.03 28.44 -3.43
C THR A 126 -23.85 29.43 -4.26
N LEU A 127 -24.05 30.65 -3.75
CA LEU A 127 -24.94 31.62 -4.44
C LEU A 127 -24.28 32.15 -5.71
N ILE A 128 -23.01 31.83 -5.95
CA ILE A 128 -22.37 32.23 -7.23
C ILE A 128 -22.68 31.12 -8.25
N GLU A 129 -22.31 29.88 -7.91
CA GLU A 129 -22.45 28.75 -8.86
C GLU A 129 -23.90 28.60 -9.30
N GLU A 130 -24.84 28.61 -8.35
CA GLU A 130 -26.25 28.37 -8.74
C GLU A 130 -26.81 29.54 -9.55
N SER A 131 -26.57 30.78 -9.13
CA SER A 131 -27.17 31.95 -9.82
C SER A 131 -26.72 32.06 -11.27
N GLN A 132 -25.46 32.47 -11.50
CA GLN A 132 -24.95 32.72 -12.87
C GLN A 132 -25.07 31.51 -13.79
N ASN A 133 -24.68 30.32 -13.31
CA ASN A 133 -24.63 29.14 -14.20
C ASN A 133 -26.04 28.74 -14.68
N GLN A 134 -27.03 28.71 -13.78
CA GLN A 134 -28.39 28.30 -14.19
C GLN A 134 -28.98 29.37 -15.11
N GLN A 135 -28.84 30.63 -14.73
CA GLN A 135 -29.36 31.75 -15.55
C GLN A 135 -28.73 31.70 -16.95
N GLU A 136 -27.43 31.45 -17.04
CA GLU A 136 -26.76 31.47 -18.37
C GLU A 136 -27.23 30.28 -19.20
N LYS A 137 -27.49 29.15 -18.56
CA LYS A 137 -28.02 27.95 -19.28
C LYS A 137 -29.39 28.29 -19.86
N ASN A 138 -30.25 28.94 -19.07
CA ASN A 138 -31.61 29.30 -19.53
C ASN A 138 -31.48 30.25 -20.72
N GLU A 139 -30.55 31.21 -20.65
CA GLU A 139 -30.36 32.20 -21.74
C GLU A 139 -29.94 31.46 -23.02
N LYS A 140 -28.94 30.59 -22.92
CA LYS A 140 -28.44 29.86 -24.11
C LYS A 140 -29.62 29.11 -24.72
N GLU A 141 -30.44 28.47 -23.87
CA GLU A 141 -31.55 27.65 -24.40
C GLU A 141 -32.50 28.59 -25.15
N LEU A 142 -32.81 29.75 -24.56
CA LEU A 142 -33.80 30.67 -25.21
C LEU A 142 -33.24 31.14 -26.55
N LEU A 143 -31.95 31.49 -26.60
CA LEU A 143 -31.36 32.00 -27.86
C LEU A 143 -31.41 30.90 -28.92
N GLU A 144 -31.07 29.67 -28.53
CA GLU A 144 -31.05 28.54 -29.50
C GLU A 144 -32.48 28.30 -30.01
N LEU A 145 -33.48 28.41 -29.12
CA LEU A 145 -34.90 28.23 -29.51
C LEU A 145 -35.31 29.32 -30.50
N ASP A 146 -34.89 30.57 -30.28
CA ASP A 146 -35.37 31.67 -31.16
C ASP A 146 -34.53 31.70 -32.45
N LYS B 2 4.91 35.01 -43.21
CA LYS B 2 4.94 35.29 -41.78
C LYS B 2 4.02 34.33 -41.05
N LEU B 3 4.55 33.69 -40.00
CA LEU B 3 3.88 32.55 -39.39
C LEU B 3 3.86 32.69 -37.88
N TRP B 4 2.92 31.98 -37.26
CA TRP B 4 2.81 31.90 -35.82
C TRP B 4 2.75 30.44 -35.41
N VAL B 5 3.38 30.13 -34.27
CA VAL B 5 3.33 28.74 -33.73
C VAL B 5 1.86 28.42 -33.39
N THR B 6 1.41 27.20 -33.70
CA THR B 6 0.01 26.80 -33.41
C THR B 6 0.04 25.54 -32.54
N VAL B 7 -0.57 25.60 -31.36
CA VAL B 7 -0.58 24.42 -30.44
C VAL B 7 -1.38 23.30 -31.11
N TYR B 8 -0.82 22.10 -31.15
CA TYR B 8 -1.53 20.94 -31.76
C TYR B 8 -1.67 19.85 -30.68
N TYR B 9 -2.91 19.45 -30.38
CA TYR B 9 -3.12 18.36 -29.39
C TYR B 9 -3.50 17.12 -30.20
N GLY B 10 -3.12 15.94 -29.71
CA GLY B 10 -3.36 14.71 -30.50
C GLY B 10 -2.42 14.68 -31.69
N VAL B 11 -1.11 14.75 -31.46
CA VAL B 11 -0.16 14.64 -32.60
C VAL B 11 0.47 13.23 -32.62
N PRO B 12 0.74 12.60 -33.80
CA PRO B 12 1.26 11.23 -33.82
C PRO B 12 2.75 11.19 -33.47
N VAL B 13 3.09 11.40 -32.20
CA VAL B 13 4.49 11.43 -31.77
C VAL B 13 4.62 10.61 -30.50
N TRP B 14 5.60 9.72 -30.48
CA TRP B 14 5.90 8.93 -29.30
C TRP B 14 7.37 9.10 -28.94
N LYS B 15 7.74 8.60 -27.77
CA LYS B 15 9.11 8.62 -27.34
C LYS B 15 9.38 7.41 -26.46
N GLU B 16 10.57 6.84 -26.62
CA GLU B 16 10.94 5.69 -25.82
C GLU B 16 10.90 6.06 -24.35
N ALA B 17 10.26 5.22 -23.56
CA ALA B 17 10.14 5.47 -22.13
C ALA B 17 9.82 4.15 -21.46
N THR B 18 9.94 4.14 -20.13
CA THR B 18 9.62 2.97 -19.34
C THR B 18 8.50 3.34 -18.38
N THR B 19 7.61 2.39 -18.13
CA THR B 19 6.46 2.67 -17.29
C THR B 19 5.92 1.37 -16.73
N THR B 20 5.09 1.51 -15.71
CA THR B 20 4.43 0.36 -15.12
C THR B 20 3.47 -0.27 -16.11
N LEU B 21 3.47 -1.60 -16.19
CA LEU B 21 2.53 -2.31 -17.11
C LEU B 21 1.72 -3.30 -16.27
N PHE B 22 0.46 -3.54 -16.65
CA PHE B 22 -0.39 -4.43 -15.81
C PHE B 22 -0.75 -5.70 -16.59
N CYS B 23 -1.03 -6.80 -15.87
CA CYS B 23 -1.41 -8.04 -16.50
C CYS B 23 -2.87 -8.01 -16.94
N ALA B 24 -3.23 -8.98 -17.77
CA ALA B 24 -4.60 -9.10 -18.26
C ALA B 24 -4.75 -10.52 -18.79
N SER B 25 -5.74 -11.25 -18.27
CA SER B 25 -5.86 -12.67 -18.56
C SER B 25 -7.17 -13.05 -19.24
N ASP B 26 -8.09 -12.08 -19.36
CA ASP B 26 -9.44 -12.33 -19.94
C ASP B 26 -10.31 -13.02 -18.87
N ALA B 27 -9.73 -13.30 -17.70
CA ALA B 27 -10.49 -13.90 -16.57
C ALA B 27 -11.15 -15.22 -16.96
N LYS B 28 -10.70 -15.85 -18.06
CA LYS B 28 -11.25 -17.19 -18.40
C LYS B 28 -10.90 -18.17 -17.28
N ALA B 29 -9.67 -18.11 -16.79
CA ALA B 29 -9.25 -18.99 -15.67
C ALA B 29 -10.05 -18.65 -14.42
N TYR B 30 -10.32 -17.36 -14.18
CA TYR B 30 -11.05 -16.93 -12.96
C TYR B 30 -12.48 -17.51 -12.96
N ASP B 31 -13.15 -17.47 -14.12
CA ASP B 31 -14.52 -18.06 -14.22
C ASP B 31 -14.44 -19.56 -13.97
N THR B 32 -13.39 -20.22 -14.46
CA THR B 32 -13.20 -21.67 -14.24
C THR B 32 -13.08 -21.95 -12.75
N GLU B 33 -12.42 -21.04 -11.99
CA GLU B 33 -12.22 -21.20 -10.52
C GLU B 33 -10.94 -22.00 -10.27
N VAL B 34 -9.81 -21.50 -10.76
CA VAL B 34 -8.50 -22.20 -10.61
C VAL B 34 -7.92 -21.87 -9.23
N HIS B 35 -8.64 -21.07 -8.42
CA HIS B 35 -8.18 -20.72 -7.04
C HIS B 35 -6.92 -19.87 -7.11
N ASN B 36 -6.87 -18.91 -8.04
CA ASN B 36 -5.72 -17.96 -8.16
C ASN B 36 -4.42 -18.67 -8.55
N VAL B 37 -4.09 -18.67 -9.85
CA VAL B 37 -2.80 -19.26 -10.31
C VAL B 37 -1.94 -18.11 -10.85
N TRP B 38 -0.76 -17.87 -10.26
CA TRP B 38 0.10 -16.74 -10.71
C TRP B 38 -0.65 -15.41 -10.57
N ALA B 39 -1.63 -15.32 -9.65
CA ALA B 39 -2.34 -14.05 -9.36
C ALA B 39 -3.31 -13.70 -10.50
N THR B 40 -4.05 -14.68 -11.00
CA THR B 40 -5.05 -14.47 -12.09
C THR B 40 -6.21 -13.61 -11.59
N HIS B 41 -6.40 -13.55 -10.27
CA HIS B 41 -7.57 -12.81 -9.72
C HIS B 41 -7.28 -11.31 -9.72
N ALA B 42 -6.09 -10.93 -10.19
CA ALA B 42 -5.73 -9.53 -10.24
C ALA B 42 -5.63 -9.01 -11.66
N CYS B 43 -5.49 -9.90 -12.64
CA CYS B 43 -5.43 -9.45 -14.02
C CYS B 43 -6.79 -8.93 -14.46
N VAL B 44 -6.80 -7.72 -15.01
CA VAL B 44 -8.01 -7.13 -15.56
C VAL B 44 -8.41 -7.92 -16.80
N PRO B 45 -9.71 -8.20 -17.12
CA PRO B 45 -10.05 -8.88 -18.39
C PRO B 45 -9.50 -8.14 -19.62
N THR B 46 -9.06 -8.90 -20.64
CA THR B 46 -8.48 -8.28 -21.85
C THR B 46 -9.58 -7.78 -22.78
N ASP B 47 -9.18 -6.95 -23.76
CA ASP B 47 -10.12 -6.41 -24.77
C ASP B 47 -10.60 -7.59 -25.64
N PRO B 48 -11.93 -7.78 -25.93
CA PRO B 48 -12.35 -8.87 -26.80
C PRO B 48 -11.55 -8.90 -28.11
N ASN B 49 -11.38 -7.74 -28.75
CA ASN B 49 -10.67 -7.68 -30.05
C ASN B 49 -9.38 -6.85 -29.93
N PRO B 50 -8.19 -7.44 -30.06
CA PRO B 50 -6.93 -6.67 -30.03
C PRO B 50 -6.83 -5.78 -31.29
N GLN B 51 -6.23 -4.60 -31.14
CA GLN B 51 -6.07 -3.68 -32.30
C GLN B 51 -4.58 -3.52 -32.64
N GLU B 52 -4.23 -3.70 -33.91
CA GLU B 52 -2.81 -3.60 -34.35
C GLU B 52 -2.73 -2.65 -35.53
N VAL B 53 -2.85 -1.33 -35.29
CA VAL B 53 -2.84 -0.34 -36.40
C VAL B 53 -1.47 -0.42 -37.09
N VAL B 54 -1.45 -0.45 -38.43
CA VAL B 54 -0.17 -0.59 -39.18
C VAL B 54 0.46 0.80 -39.36
N LEU B 55 1.76 0.92 -39.09
CA LEU B 55 2.44 2.21 -39.20
C LEU B 55 3.23 2.22 -40.50
N GLU B 56 2.55 2.64 -41.57
CA GLU B 56 3.17 2.64 -42.92
C GLU B 56 4.26 3.70 -43.01
N ASN B 57 5.28 3.46 -43.84
CA ASN B 57 6.38 4.44 -44.07
C ASN B 57 7.05 4.77 -42.72
N VAL B 58 7.27 3.76 -41.88
CA VAL B 58 7.90 3.99 -40.59
C VAL B 58 9.11 3.07 -40.47
N THR B 59 10.24 3.62 -39.99
CA THR B 59 11.47 2.79 -39.79
C THR B 59 11.94 2.92 -38.34
N GLU B 60 11.12 2.46 -37.38
CA GLU B 60 11.47 2.63 -35.95
C GLU B 60 12.62 1.70 -35.56
N ASN B 61 13.65 2.23 -34.89
CA ASN B 61 14.77 1.38 -34.40
C ASN B 61 14.25 0.54 -33.22
N PHE B 62 14.66 -0.73 -33.15
CA PHE B 62 14.24 -1.62 -32.03
C PHE B 62 15.48 -2.13 -31.28
N ASN B 63 15.43 -2.18 -29.95
CA ASN B 63 16.56 -2.71 -29.14
C ASN B 63 16.00 -3.70 -28.12
N MET B 64 15.82 -4.96 -28.53
CA MET B 64 15.21 -5.99 -27.64
C MET B 64 16.07 -6.24 -26.40
N TRP B 65 17.40 -6.26 -26.55
CA TRP B 65 18.29 -6.59 -25.41
C TRP B 65 18.18 -5.53 -24.31
N LYS B 66 18.03 -4.26 -24.68
CA LYS B 66 17.98 -3.15 -23.68
C LYS B 66 16.52 -2.87 -23.28
N ASN B 67 15.57 -3.66 -23.77
CA ASN B 67 14.13 -3.36 -23.49
C ASN B 67 13.87 -3.43 -21.98
N ASN B 68 13.17 -2.42 -21.44
CA ASN B 68 12.82 -2.39 -20.00
C ASN B 68 11.83 -3.50 -19.66
N MET B 69 10.96 -3.85 -20.61
CA MET B 69 9.89 -4.85 -20.33
C MET B 69 10.52 -6.16 -19.87
N VAL B 70 11.66 -6.54 -20.45
CA VAL B 70 12.32 -7.82 -20.11
C VAL B 70 12.66 -7.84 -18.61
N GLU B 71 13.05 -6.69 -18.05
CA GLU B 71 13.48 -6.62 -16.64
C GLU B 71 12.25 -6.33 -15.76
N GLN B 72 11.35 -5.46 -16.24
CA GLN B 72 10.09 -5.21 -15.49
C GLN B 72 9.39 -6.56 -15.30
N MET B 73 9.24 -7.33 -16.39
CA MET B 73 8.56 -8.64 -16.29
C MET B 73 9.37 -9.54 -15.36
N HIS B 74 10.69 -9.55 -15.50
CA HIS B 74 11.55 -10.42 -14.65
C HIS B 74 11.20 -10.15 -13.18
N GLU B 75 11.25 -8.89 -12.77
CA GLU B 75 10.97 -8.53 -11.35
C GLU B 75 9.53 -8.88 -10.99
N ASP B 76 8.58 -8.60 -11.88
CA ASP B 76 7.14 -8.87 -11.60
C ASP B 76 6.94 -10.37 -11.42
N ILE B 77 7.59 -11.19 -12.26
CA ILE B 77 7.45 -12.67 -12.16
C ILE B 77 8.11 -13.14 -10.86
N ILE B 78 9.24 -12.52 -10.51
CA ILE B 78 9.91 -12.85 -9.22
C ILE B 78 8.90 -12.57 -8.10
N SER B 79 8.28 -11.38 -8.13
CA SER B 79 7.31 -11.01 -7.07
C SER B 79 6.16 -12.02 -7.04
N LEU B 80 5.71 -12.47 -8.22
CA LEU B 80 4.57 -13.41 -8.28
C LEU B 80 4.94 -14.71 -7.56
N TRP B 81 6.14 -15.24 -7.87
CA TRP B 81 6.58 -16.55 -7.30
C TRP B 81 6.85 -16.37 -5.81
N ASP B 82 7.09 -15.13 -5.39
CA ASP B 82 7.41 -14.88 -3.95
C ASP B 82 6.07 -14.78 -3.23
N GLU B 83 5.14 -14.02 -3.80
CA GLU B 83 3.77 -13.92 -3.22
C GLU B 83 3.17 -15.31 -3.08
N SER B 84 3.36 -16.18 -4.07
CA SER B 84 2.72 -17.51 -4.03
C SER B 84 3.22 -18.32 -2.83
N LEU B 85 4.54 -18.26 -2.54
CA LEU B 85 5.14 -19.09 -1.46
C LEU B 85 5.04 -18.34 -0.13
N LYS B 86 4.77 -17.03 -0.20
CA LYS B 86 4.76 -16.18 1.02
C LYS B 86 3.83 -16.80 2.09
N PRO B 87 2.49 -17.00 1.90
CA PRO B 87 1.67 -17.54 2.98
C PRO B 87 1.85 -19.03 3.19
N CYS B 88 2.64 -19.67 2.32
CA CYS B 88 2.79 -21.14 2.38
C CYS B 88 3.60 -21.58 3.61
N VAL B 89 3.83 -22.89 3.75
CA VAL B 89 4.48 -23.43 4.99
C VAL B 89 6.00 -23.53 4.83
N LYS B 90 6.74 -22.78 5.68
CA LYS B 90 8.19 -22.94 5.72
C LYS B 90 8.54 -24.35 6.18
N LEU B 91 9.62 -24.90 5.62
CA LEU B 91 10.00 -26.30 5.96
C LEU B 91 11.28 -26.29 6.81
N THR B 92 11.38 -25.34 7.75
CA THR B 92 12.55 -25.26 8.65
C THR B 92 12.68 -26.52 9.53
N PRO B 93 11.62 -27.14 10.15
CA PRO B 93 11.84 -28.31 11.02
C PRO B 93 12.30 -29.54 10.28
N LEU B 94 12.03 -29.61 8.96
CA LEU B 94 12.38 -30.85 8.22
C LEU B 94 13.85 -30.82 7.77
N CYS B 95 14.63 -29.86 8.25
CA CYS B 95 16.06 -29.84 7.97
C CYS B 95 16.79 -30.67 9.03
N VAL B 96 16.65 -31.99 8.91
CA VAL B 96 17.20 -32.91 9.90
C VAL B 96 17.91 -34.06 9.21
N THR B 97 18.32 -35.06 9.99
CA THR B 97 18.97 -36.24 9.45
C THR B 97 17.93 -37.26 9.02
N LEU B 98 18.25 -37.98 7.93
CA LEU B 98 17.27 -38.93 7.34
C LEU B 98 17.82 -40.36 7.25
N ASN B 99 17.06 -41.36 7.77
CA ASN B 99 17.41 -42.81 7.66
C ASN B 99 16.67 -43.30 6.43
N CYS B 100 17.36 -43.76 5.40
CA CYS B 100 16.78 -44.01 4.08
C CYS B 100 17.07 -45.43 3.62
N THR B 101 16.10 -46.01 2.92
CA THR B 101 16.22 -47.34 2.34
C THR B 101 16.77 -47.21 0.91
N ASP B 102 16.69 -48.27 0.11
CA ASP B 102 17.25 -48.22 -1.23
C ASP B 102 16.29 -47.55 -2.23
N LEU B 103 15.20 -48.22 -2.58
CA LEU B 103 14.11 -47.57 -3.30
C LEU B 103 12.80 -47.70 -2.54
N ARG B 104 12.28 -48.92 -2.47
CA ARG B 104 11.07 -49.17 -1.64
C ARG B 104 11.23 -50.59 -1.09
N ASN B 105 11.81 -51.48 -1.90
CA ASN B 105 12.02 -52.89 -1.49
C ASN B 105 12.83 -53.58 -2.59
N VAL B 106 13.35 -54.78 -2.33
CA VAL B 106 14.03 -55.54 -3.37
C VAL B 106 13.11 -56.51 -4.07
N THR B 107 11.83 -56.55 -3.71
CA THR B 107 10.87 -57.40 -4.40
C THR B 107 10.50 -56.75 -5.74
N ASN B 108 11.46 -56.68 -6.65
CA ASN B 108 11.28 -56.00 -7.92
C ASN B 108 11.08 -57.00 -9.05
N SER B 113 13.65 -54.35 -16.12
CA SER B 113 13.73 -54.63 -14.68
C SER B 113 13.77 -53.33 -13.88
N GLU B 114 14.46 -53.37 -12.75
CA GLU B 114 14.56 -52.22 -11.86
C GLU B 114 15.87 -51.46 -12.10
N GLY B 115 15.87 -50.69 -13.19
CA GLY B 115 17.04 -49.88 -13.50
C GLY B 115 17.29 -48.76 -12.51
N MET B 116 16.25 -48.32 -11.80
CA MET B 116 16.39 -47.25 -10.83
C MET B 116 17.26 -47.72 -9.68
N ARG B 117 18.16 -46.86 -9.22
CA ARG B 117 19.11 -47.26 -8.18
C ARG B 117 19.02 -46.35 -6.97
N GLY B 118 17.80 -45.99 -6.55
CA GLY B 118 17.64 -45.22 -5.34
C GLY B 118 16.86 -43.93 -5.51
N GLU B 119 16.10 -43.84 -6.61
CA GLU B 119 15.37 -42.58 -6.92
C GLU B 119 14.14 -42.44 -6.00
N ILE B 120 13.86 -43.44 -5.18
CA ILE B 120 12.73 -43.29 -4.20
C ILE B 120 13.35 -43.13 -2.81
N LYS B 121 14.48 -43.77 -2.55
CA LYS B 121 15.19 -43.66 -1.24
C LYS B 121 14.19 -43.40 -0.11
N ASN B 122 13.42 -44.42 0.27
CA ASN B 122 12.40 -44.27 1.33
C ASN B 122 13.06 -43.76 2.62
N CYS B 123 13.06 -42.44 2.86
CA CYS B 123 13.75 -41.87 4.01
C CYS B 123 12.81 -41.75 5.20
N SER B 124 13.31 -42.14 6.37
CA SER B 124 12.59 -42.05 7.63
C SER B 124 13.43 -41.25 8.61
N PHE B 125 12.77 -40.67 9.62
CA PHE B 125 13.45 -39.72 10.50
C PHE B 125 12.58 -39.46 11.72
N ASN B 126 13.08 -38.53 12.54
CA ASN B 126 12.31 -38.09 13.74
C ASN B 126 11.95 -36.62 13.51
N ILE B 127 10.79 -36.19 14.01
CA ILE B 127 10.29 -34.83 13.81
C ILE B 127 9.47 -34.41 15.01
N THR B 128 9.22 -33.10 15.11
CA THR B 128 8.41 -32.51 16.18
C THR B 128 7.23 -31.80 15.53
N THR B 129 6.03 -32.36 15.70
CA THR B 129 4.82 -31.77 15.18
C THR B 129 4.34 -30.65 16.07
N SER B 130 3.06 -30.27 15.92
CA SER B 130 2.46 -29.19 16.76
C SER B 130 2.72 -29.50 18.23
N ILE B 131 2.59 -30.77 18.61
CA ILE B 131 2.85 -31.17 19.98
C ILE B 131 4.36 -31.10 20.19
N LYS B 132 4.83 -29.99 20.73
CA LYS B 132 6.28 -29.81 20.82
C LYS B 132 6.83 -30.50 22.06
N ASP B 133 6.45 -31.76 22.24
CA ASP B 133 7.05 -32.60 23.27
C ASP B 133 7.33 -34.02 22.83
N LYS B 134 6.77 -34.48 21.72
CA LYS B 134 6.89 -35.87 21.32
C LYS B 134 7.51 -35.95 19.93
N VAL B 135 8.52 -36.79 19.78
CA VAL B 135 9.00 -37.11 18.46
C VAL B 135 7.96 -37.97 17.75
N LYS B 136 8.10 -38.07 16.42
CA LYS B 136 7.15 -38.88 15.62
C LYS B 136 7.88 -39.46 14.41
N LYS B 137 8.42 -40.68 14.54
CA LYS B 137 9.07 -41.32 13.41
C LYS B 137 8.07 -41.57 12.30
N ASP B 138 8.51 -41.37 11.06
CA ASP B 138 7.69 -41.61 9.89
C ASP B 138 8.60 -41.63 8.68
N TYR B 139 8.03 -42.13 7.58
CA TYR B 139 8.81 -42.29 6.34
C TYR B 139 8.15 -41.56 5.19
N ALA B 140 8.92 -40.83 4.40
CA ALA B 140 8.46 -40.22 3.17
C ALA B 140 9.50 -40.46 2.09
N LEU B 141 9.09 -40.28 0.84
CA LEU B 141 9.91 -40.68 -0.30
C LEU B 141 10.55 -39.47 -0.96
N PHE B 142 11.78 -39.64 -1.41
CA PHE B 142 12.54 -38.53 -1.98
C PHE B 142 13.40 -39.00 -3.14
N TYR B 143 13.36 -38.25 -4.23
CA TYR B 143 14.30 -38.47 -5.31
C TYR B 143 15.70 -38.03 -4.90
N LYS B 144 16.71 -38.74 -5.44
CA LYS B 144 18.12 -38.47 -5.07
C LYS B 144 18.47 -37.00 -5.27
N LEU B 145 17.86 -36.34 -6.24
CA LEU B 145 18.22 -34.94 -6.54
C LEU B 145 17.93 -34.10 -5.29
N ASP B 146 16.80 -34.38 -4.62
CA ASP B 146 16.42 -33.66 -3.39
C ASP B 146 17.36 -33.93 -2.21
N VAL B 147 17.85 -35.16 -2.03
CA VAL B 147 18.62 -35.50 -0.80
C VAL B 147 20.14 -35.61 -1.04
N VAL B 148 20.95 -34.90 -0.23
CA VAL B 148 22.44 -35.05 -0.33
C VAL B 148 22.89 -35.98 0.83
N PRO B 149 23.79 -36.99 0.66
CA PRO B 149 24.24 -37.80 1.79
C PRO B 149 25.28 -37.06 2.64
N ILE B 150 25.15 -37.13 3.98
CA ILE B 150 26.09 -36.40 4.88
C ILE B 150 26.97 -37.40 5.63
N ASP B 151 28.31 -37.28 5.49
CA ASP B 151 29.29 -38.13 6.22
C ASP B 151 29.58 -39.41 5.42
N ASN B 152 28.68 -39.80 4.51
CA ASN B 152 28.92 -40.96 3.61
C ASN B 152 29.20 -42.24 4.42
N ASP B 153 28.66 -42.36 5.64
CA ASP B 153 28.81 -43.64 6.41
C ASP B 153 27.99 -44.72 5.72
N ASN B 154 27.87 -44.67 4.38
CA ASN B 154 26.98 -45.60 3.61
C ASN B 154 25.54 -45.38 4.09
N THR B 155 25.27 -44.25 4.76
CA THR B 155 23.90 -43.91 5.23
C THR B 155 23.83 -42.42 5.58
N SER B 156 22.81 -41.98 6.33
CA SER B 156 22.67 -40.57 6.81
C SER B 156 22.55 -39.54 5.67
N TYR B 157 21.36 -38.99 5.45
CA TYR B 157 21.16 -38.04 4.32
C TYR B 157 20.55 -36.72 4.83
N ARG B 158 20.57 -35.66 4.01
CA ARG B 158 19.88 -34.41 4.42
C ARG B 158 19.08 -33.89 3.22
N LEU B 159 19.03 -32.58 3.03
CA LEU B 159 18.38 -31.98 1.82
C LEU B 159 19.43 -31.12 1.16
N ILE B 160 19.38 -30.93 -0.16
CA ILE B 160 20.49 -30.22 -0.86
C ILE B 160 20.69 -28.80 -0.33
N ASN B 161 19.61 -28.03 -0.12
CA ASN B 161 19.81 -26.60 0.28
C ASN B 161 19.40 -26.35 1.73
N CYS B 162 19.07 -27.39 2.51
CA CYS B 162 18.55 -27.14 3.88
C CYS B 162 19.50 -26.27 4.72
N ASN B 163 20.79 -26.62 4.80
CA ASN B 163 21.70 -25.87 5.71
C ASN B 163 21.91 -24.43 5.22
N THR B 164 22.08 -24.22 3.91
CA THR B 164 22.41 -22.86 3.41
C THR B 164 21.17 -22.09 2.91
N SER B 165 19.99 -22.70 2.86
CA SER B 165 18.83 -21.99 2.27
C SER B 165 17.49 -22.42 2.89
N THR B 166 16.58 -21.47 3.10
CA THR B 166 15.23 -21.82 3.64
C THR B 166 14.37 -22.40 2.51
N ILE B 167 13.59 -23.44 2.82
CA ILE B 167 12.69 -24.04 1.79
C ILE B 167 11.25 -23.67 2.15
N THR B 168 10.41 -23.41 1.14
CA THR B 168 8.98 -23.12 1.39
C THR B 168 8.15 -24.02 0.48
N GLN B 169 7.26 -24.83 1.05
CA GLN B 169 6.46 -25.77 0.21
C GLN B 169 5.39 -24.99 -0.55
N ALA B 170 5.38 -25.10 -1.88
CA ALA B 170 4.34 -24.40 -2.68
C ALA B 170 2.97 -24.92 -2.25
N CYS B 171 2.01 -24.02 -2.06
CA CYS B 171 0.67 -24.44 -1.58
C CYS B 171 -0.01 -25.28 -2.65
N PRO B 172 -0.62 -26.43 -2.31
CA PRO B 172 -1.21 -27.32 -3.32
C PRO B 172 -2.43 -26.69 -3.99
N LYS B 173 -3.24 -25.95 -3.23
CA LYS B 173 -4.46 -25.31 -3.79
C LYS B 173 -4.07 -24.44 -4.99
N VAL B 174 -2.88 -23.84 -4.94
CA VAL B 174 -2.40 -22.96 -6.05
C VAL B 174 -1.76 -23.82 -7.14
N SER B 175 -2.40 -23.88 -8.32
CA SER B 175 -1.79 -24.63 -9.45
C SER B 175 -0.61 -23.82 -10.02
N PHE B 176 0.29 -24.47 -10.76
CA PHE B 176 1.41 -23.71 -11.38
C PHE B 176 1.30 -23.80 -12.90
N GLU B 177 0.11 -24.15 -13.39
CA GLU B 177 -0.14 -24.21 -14.85
C GLU B 177 0.07 -22.83 -15.49
N PRO B 178 0.91 -22.62 -16.54
CA PRO B 178 1.00 -21.30 -17.16
C PRO B 178 -0.31 -20.81 -17.80
N ILE B 179 -0.62 -19.53 -17.66
CA ILE B 179 -1.85 -18.96 -18.31
C ILE B 179 -1.42 -17.80 -19.23
N PRO B 180 -2.06 -17.53 -20.41
CA PRO B 180 -1.62 -16.40 -21.23
C PRO B 180 -1.78 -15.10 -20.49
N ILE B 181 -0.81 -14.21 -20.66
CA ILE B 181 -0.84 -12.89 -20.06
C ILE B 181 -0.67 -11.87 -21.17
N HIS B 182 -1.50 -10.82 -21.11
CA HIS B 182 -1.40 -9.72 -22.11
C HIS B 182 -0.89 -8.48 -21.38
N TYR B 183 0.42 -8.37 -21.18
CA TYR B 183 1.00 -7.18 -20.49
C TYR B 183 0.47 -5.92 -21.18
N CYS B 184 -0.50 -5.26 -20.56
CA CYS B 184 -1.13 -4.10 -21.23
C CYS B 184 -0.53 -2.79 -20.73
N THR B 185 -0.29 -1.85 -21.66
CA THR B 185 0.29 -0.54 -21.29
C THR B 185 -0.86 0.38 -20.85
N PRO B 186 -0.64 1.32 -19.90
CA PRO B 186 -1.68 2.29 -19.55
C PRO B 186 -1.91 3.30 -20.68
N ALA B 187 -3.02 4.03 -20.63
CA ALA B 187 -3.28 5.06 -21.64
C ALA B 187 -2.18 6.13 -21.58
N GLY B 188 -2.00 6.81 -22.71
CA GLY B 188 -0.88 7.71 -22.84
C GLY B 188 0.43 7.03 -23.15
N PHE B 189 0.43 5.70 -23.25
CA PHE B 189 1.61 4.94 -23.62
C PHE B 189 1.20 3.93 -24.67
N ALA B 190 2.18 3.44 -25.43
CA ALA B 190 1.87 2.50 -26.54
C ALA B 190 3.00 1.46 -26.66
N ILE B 191 2.68 0.29 -27.21
CA ILE B 191 3.73 -0.74 -27.45
C ILE B 191 3.91 -0.87 -28.96
N LEU B 192 5.13 -0.63 -29.45
CA LEU B 192 5.40 -0.76 -30.91
C LEU B 192 5.69 -2.22 -31.22
N LYS B 193 5.13 -2.73 -32.32
CA LYS B 193 5.30 -4.17 -32.67
C LYS B 193 6.05 -4.29 -34.00
N CYS B 194 7.27 -4.84 -33.99
CA CYS B 194 8.07 -4.98 -35.19
C CYS B 194 7.60 -6.23 -35.93
N LYS B 195 7.01 -6.04 -37.11
CA LYS B 195 6.39 -7.12 -37.85
C LYS B 195 7.24 -7.61 -39.00
N ASP B 196 8.55 -7.36 -38.98
CA ASP B 196 9.39 -7.86 -40.04
C ASP B 196 9.43 -9.38 -40.02
N LYS B 197 9.49 -9.98 -41.20
CA LYS B 197 9.57 -11.42 -41.27
C LYS B 197 10.93 -11.95 -40.81
N LYS B 198 11.89 -11.07 -40.60
CA LYS B 198 13.23 -11.47 -40.22
C LYS B 198 13.86 -10.34 -39.44
N PHE B 199 14.50 -10.68 -38.31
CA PHE B 199 15.11 -9.65 -37.43
C PHE B 199 16.49 -10.14 -36.95
N ASN B 200 17.28 -9.26 -36.35
CA ASN B 200 18.60 -9.65 -35.80
C ASN B 200 18.60 -9.28 -34.31
N GLY B 201 17.44 -9.38 -33.66
CA GLY B 201 17.33 -8.96 -32.25
C GLY B 201 17.15 -7.46 -32.15
N THR B 202 18.20 -6.69 -32.39
CA THR B 202 18.08 -5.21 -32.40
C THR B 202 18.25 -4.71 -33.83
N GLY B 203 17.72 -3.52 -34.14
CA GLY B 203 17.95 -2.95 -35.48
C GLY B 203 16.77 -2.16 -36.07
N PRO B 204 16.89 -1.36 -37.16
CA PRO B 204 15.72 -0.71 -37.76
C PRO B 204 14.67 -1.70 -38.24
N CYS B 205 13.40 -1.38 -38.03
CA CYS B 205 12.29 -2.27 -38.46
C CYS B 205 11.44 -1.52 -39.51
N LYS B 206 11.16 -2.15 -40.64
CA LYS B 206 10.42 -1.47 -41.74
C LYS B 206 8.93 -1.80 -41.64
N ASN B 207 8.60 -3.01 -41.17
CA ASN B 207 7.19 -3.41 -41.01
C ASN B 207 6.84 -3.20 -39.52
N VAL B 208 6.26 -2.05 -39.18
CA VAL B 208 5.98 -1.79 -37.73
C VAL B 208 4.47 -1.59 -37.50
N SER B 209 3.97 -2.02 -36.35
CA SER B 209 2.55 -1.78 -35.98
C SER B 209 2.55 -1.29 -34.52
N THR B 210 1.35 -1.11 -33.94
CA THR B 210 1.25 -0.69 -32.51
C THR B 210 0.12 -1.45 -31.82
N VAL B 211 0.31 -1.83 -30.55
CA VAL B 211 -0.73 -2.62 -29.81
C VAL B 211 -1.03 -1.91 -28.48
N GLN B 212 -2.29 -1.94 -28.05
CA GLN B 212 -2.64 -1.37 -26.72
C GLN B 212 -2.16 -2.33 -25.64
N CYS B 213 -2.30 -3.65 -25.87
CA CYS B 213 -1.79 -4.66 -24.92
C CYS B 213 -0.89 -5.61 -25.72
N THR B 214 0.05 -6.29 -25.06
CA THR B 214 0.85 -7.30 -25.80
C THR B 214 -0.02 -8.52 -26.09
N HIS B 215 0.45 -9.41 -26.96
CA HIS B 215 -0.29 -10.65 -27.28
C HIS B 215 -0.19 -11.54 -26.04
N GLY B 216 -1.11 -12.49 -25.90
CA GLY B 216 -1.09 -13.39 -24.77
C GLY B 216 0.24 -14.07 -24.60
N ILE B 217 0.77 -14.08 -23.38
CA ILE B 217 2.10 -14.60 -23.12
C ILE B 217 2.01 -15.59 -21.98
N LYS B 218 2.64 -16.75 -22.17
CA LYS B 218 2.65 -17.78 -21.14
C LYS B 218 4.01 -17.74 -20.46
N PRO B 219 4.09 -17.21 -19.25
CA PRO B 219 5.39 -17.06 -18.60
C PRO B 219 5.91 -18.38 -18.06
N VAL B 220 6.48 -19.17 -18.98
CA VAL B 220 6.98 -20.53 -18.63
C VAL B 220 8.46 -20.40 -18.33
N VAL B 221 8.93 -20.96 -17.22
CA VAL B 221 10.39 -20.96 -16.93
C VAL B 221 10.95 -22.32 -17.39
N SER B 222 11.75 -22.30 -18.46
CA SER B 222 12.30 -23.56 -19.03
C SER B 222 13.78 -23.35 -19.37
N THR B 223 14.57 -24.42 -19.35
CA THR B 223 16.03 -24.28 -19.61
C THR B 223 16.44 -25.12 -20.83
N GLN B 224 17.33 -24.60 -21.67
CA GLN B 224 17.89 -25.34 -22.84
C GLN B 224 16.83 -25.49 -23.92
N LEU B 225 15.57 -25.16 -23.61
CA LEU B 225 14.44 -25.27 -24.59
C LEU B 225 13.49 -24.10 -24.37
N LEU B 226 12.57 -23.89 -25.31
CA LEU B 226 11.44 -22.93 -25.12
C LEU B 226 10.12 -23.67 -25.40
N LEU B 227 9.21 -23.69 -24.43
CA LEU B 227 7.99 -24.47 -24.51
C LEU B 227 6.79 -23.54 -24.61
N ASN B 228 5.74 -24.03 -25.29
CA ASN B 228 4.48 -23.25 -25.34
C ASN B 228 4.80 -21.79 -25.69
N GLY B 229 5.81 -21.56 -26.54
CA GLY B 229 6.16 -20.22 -26.92
C GLY B 229 5.62 -19.85 -28.28
N SER B 230 6.21 -18.81 -28.87
CA SER B 230 5.81 -18.32 -30.18
C SER B 230 6.69 -18.93 -31.27
N LEU B 231 6.21 -18.81 -32.50
CA LEU B 231 6.89 -19.37 -33.66
C LEU B 231 7.37 -18.25 -34.57
N ALA B 232 8.56 -18.44 -35.14
CA ALA B 232 9.08 -17.46 -36.08
C ALA B 232 8.30 -17.53 -37.39
N GLU B 233 8.68 -16.68 -38.34
CA GLU B 233 7.98 -16.57 -39.61
C GLU B 233 8.88 -17.08 -40.73
N GLU B 234 8.45 -18.17 -41.37
CA GLU B 234 9.00 -18.70 -42.61
C GLU B 234 10.44 -19.17 -42.48
N GLU B 235 11.08 -18.94 -41.33
CA GLU B 235 12.53 -19.27 -41.22
C GLU B 235 12.97 -19.25 -39.76
N VAL B 236 13.83 -20.19 -39.35
CA VAL B 236 14.39 -20.16 -37.97
C VAL B 236 15.23 -18.88 -37.85
N VAL B 237 15.15 -18.19 -36.71
CA VAL B 237 15.87 -16.89 -36.57
C VAL B 237 16.81 -16.95 -35.36
N ILE B 238 18.05 -16.49 -35.54
CA ILE B 238 19.03 -16.51 -34.46
C ILE B 238 19.18 -15.09 -33.94
N ARG B 239 19.20 -14.94 -32.62
CA ARG B 239 19.32 -13.62 -32.01
C ARG B 239 20.35 -13.67 -30.90
N SER B 240 21.21 -12.64 -30.86
CA SER B 240 22.24 -12.53 -29.79
C SER B 240 22.78 -11.10 -29.76
N SER B 241 23.08 -10.57 -28.56
CA SER B 241 23.54 -9.16 -28.46
C SER B 241 24.84 -9.00 -29.23
N ASN B 242 25.66 -10.05 -29.19
CA ASN B 242 26.96 -10.04 -29.91
C ASN B 242 27.32 -11.50 -30.20
N PHE B 243 26.92 -12.01 -31.37
CA PHE B 243 27.24 -13.41 -31.76
C PHE B 243 28.76 -13.57 -31.81
N THR B 244 29.47 -12.49 -32.16
CA THR B 244 30.95 -12.55 -32.32
C THR B 244 31.65 -12.79 -30.98
N ASP B 245 31.01 -12.48 -29.84
CA ASP B 245 31.64 -12.83 -28.54
C ASP B 245 31.09 -14.16 -28.06
N ASN B 246 31.85 -14.89 -27.22
CA ASN B 246 31.41 -16.25 -26.83
C ASN B 246 30.60 -16.21 -25.54
N ALA B 247 30.92 -15.31 -24.61
CA ALA B 247 30.23 -15.32 -23.29
C ALA B 247 28.70 -15.14 -23.44
N LYS B 248 28.25 -14.30 -24.38
CA LYS B 248 26.80 -14.02 -24.49
C LYS B 248 26.04 -15.25 -25.00
N ASN B 249 24.82 -15.47 -24.51
CA ASN B 249 24.03 -16.61 -24.92
C ASN B 249 23.44 -16.38 -26.31
N ILE B 250 22.98 -17.47 -26.91
CA ILE B 250 22.43 -17.45 -28.26
C ILE B 250 20.96 -17.82 -28.17
N ILE B 251 20.11 -16.87 -28.49
CA ILE B 251 18.67 -17.12 -28.54
C ILE B 251 18.30 -17.55 -29.94
N VAL B 252 17.63 -18.70 -30.04
CA VAL B 252 17.11 -19.24 -31.33
C VAL B 252 15.58 -19.34 -31.22
N GLN B 253 14.85 -18.99 -32.28
CA GLN B 253 13.38 -19.17 -32.31
C GLN B 253 13.01 -20.03 -33.53
N LEU B 254 12.23 -21.09 -33.32
CA LEU B 254 11.87 -22.04 -34.40
C LEU B 254 10.67 -21.52 -35.19
N LYS B 255 10.58 -21.89 -36.47
CA LYS B 255 9.48 -21.59 -37.36
C LYS B 255 8.34 -22.60 -37.25
N GLU B 256 8.66 -23.81 -36.77
CA GLU B 256 7.64 -24.88 -36.61
C GLU B 256 7.70 -25.37 -35.16
N SER B 257 6.65 -26.07 -34.71
CA SER B 257 6.60 -26.56 -33.30
C SER B 257 6.96 -28.05 -33.25
N VAL B 258 7.75 -28.45 -32.25
CA VAL B 258 8.10 -29.90 -32.08
C VAL B 258 7.38 -30.40 -30.82
N GLU B 259 6.43 -31.32 -30.99
CA GLU B 259 5.63 -31.81 -29.82
C GLU B 259 6.58 -32.53 -28.84
N ILE B 260 6.36 -32.33 -27.54
CA ILE B 260 7.26 -32.94 -26.51
C ILE B 260 6.40 -33.70 -25.49
N ASN B 261 6.01 -34.94 -25.82
CA ASN B 261 5.10 -35.73 -24.95
C ASN B 261 5.84 -36.15 -23.67
N CYS B 262 5.51 -35.52 -22.53
CA CYS B 262 6.20 -35.80 -21.29
C CYS B 262 5.20 -36.21 -20.24
N THR B 263 5.59 -37.19 -19.42
CA THR B 263 4.64 -37.72 -18.42
C THR B 263 5.39 -38.49 -17.33
N ARG B 264 4.89 -38.46 -16.09
CA ARG B 264 5.49 -39.30 -15.03
C ARG B 264 4.59 -40.54 -14.99
N PRO B 265 5.01 -41.71 -15.52
CA PRO B 265 4.12 -42.87 -15.61
C PRO B 265 4.05 -43.66 -14.30
N ASN B 266 3.59 -43.01 -13.22
CA ASN B 266 3.48 -43.69 -11.91
C ASN B 266 2.19 -43.24 -11.22
N ASN B 267 1.53 -44.13 -10.47
CA ASN B 267 0.35 -43.72 -9.66
C ASN B 267 0.90 -43.39 -8.28
N ASN B 268 0.83 -42.13 -7.86
CA ASN B 268 1.50 -41.75 -6.61
C ASN B 268 0.47 -41.41 -5.54
N THR B 269 0.58 -42.09 -4.40
CA THR B 269 -0.21 -41.74 -3.23
C THR B 269 0.38 -40.51 -2.58
N ARG B 270 -0.47 -39.55 -2.26
CA ARG B 270 -0.02 -38.24 -1.77
C ARG B 270 -0.21 -38.19 -0.26
N LYS B 271 0.75 -38.73 0.46
CA LYS B 271 0.74 -38.66 1.91
C LYS B 271 1.00 -37.23 2.38
N SER B 272 0.36 -36.85 3.47
CA SER B 272 0.56 -35.54 4.09
C SER B 272 0.97 -35.73 5.53
N ILE B 273 2.07 -35.10 5.92
CA ILE B 273 2.57 -35.18 7.28
C ILE B 273 2.24 -33.88 7.99
N HIS B 274 1.62 -33.99 9.17
CA HIS B 274 1.24 -32.82 9.95
C HIS B 274 2.46 -32.29 10.70
N ILE B 275 2.86 -31.06 10.41
CA ILE B 275 4.07 -30.47 10.97
C ILE B 275 3.71 -29.13 11.59
N GLY B 276 3.89 -29.02 12.89
CA GLY B 276 3.58 -27.79 13.59
C GLY B 276 2.09 -27.54 13.65
N PRO B 277 1.63 -26.30 13.99
CA PRO B 277 0.19 -26.02 14.17
C PRO B 277 -0.71 -26.07 12.93
N GLY B 278 -1.04 -27.26 12.44
CA GLY B 278 -1.96 -27.40 11.31
C GLY B 278 -1.24 -27.38 9.97
N LYS B 279 0.05 -27.06 9.97
CA LYS B 279 0.77 -26.93 8.72
C LYS B 279 1.11 -28.32 8.22
N ALA B 280 0.48 -28.73 7.11
CA ALA B 280 0.65 -30.11 6.60
C ALA B 280 1.70 -30.17 5.50
N PHE B 281 2.90 -30.71 5.79
CA PHE B 281 3.90 -30.91 4.70
C PHE B 281 3.39 -32.05 3.81
N TYR B 282 3.39 -31.86 2.49
CA TYR B 282 2.85 -32.90 1.57
C TYR B 282 3.99 -33.71 0.96
N THR B 283 3.83 -35.04 0.91
CA THR B 283 4.83 -35.91 0.31
C THR B 283 4.16 -37.03 -0.46
N THR B 284 4.94 -38.01 -0.89
CA THR B 284 4.43 -39.16 -1.61
C THR B 284 4.29 -40.34 -0.67
N GLY B 285 3.09 -40.91 -0.59
CA GLY B 285 2.90 -42.10 0.20
C GLY B 285 3.70 -43.25 -0.37
N ASP B 286 3.33 -43.70 -1.56
CA ASP B 286 4.09 -44.71 -2.29
C ASP B 286 3.71 -44.58 -3.76
N ILE B 287 4.20 -45.54 -4.55
CA ILE B 287 3.95 -45.53 -6.01
C ILE B 287 3.29 -46.86 -6.38
N ILE B 288 1.98 -46.84 -6.63
CA ILE B 288 1.26 -48.09 -7.01
C ILE B 288 1.79 -48.57 -8.35
N GLY B 289 2.12 -49.85 -8.47
CA GLY B 289 2.57 -50.41 -9.76
C GLY B 289 4.05 -50.22 -10.01
N ASP B 290 4.51 -50.55 -11.23
CA ASP B 290 5.96 -50.43 -11.58
C ASP B 290 6.37 -48.96 -11.58
N ILE B 291 7.59 -48.67 -11.11
CA ILE B 291 8.07 -47.26 -11.05
C ILE B 291 8.69 -46.88 -12.40
N ARG B 292 7.86 -46.76 -13.44
CA ARG B 292 8.38 -46.40 -14.78
C ARG B 292 9.01 -45.00 -14.72
N GLN B 293 10.29 -44.88 -15.12
CA GLN B 293 10.98 -43.57 -15.03
C GLN B 293 10.31 -42.55 -15.93
N ALA B 294 10.22 -41.28 -15.49
CA ALA B 294 9.64 -40.21 -16.31
C ALA B 294 10.41 -40.09 -17.63
N HIS B 295 9.71 -39.80 -18.73
CA HIS B 295 10.39 -39.77 -20.05
C HIS B 295 9.66 -38.82 -21.01
N CYS B 296 10.36 -38.31 -22.01
CA CYS B 296 9.75 -37.34 -22.97
C CYS B 296 9.91 -37.89 -24.38
N ASN B 297 8.93 -37.63 -25.25
CA ASN B 297 8.95 -38.20 -26.62
C ASN B 297 9.23 -37.11 -27.65
N ILE B 298 10.29 -37.29 -28.44
CA ILE B 298 10.60 -36.29 -29.51
C ILE B 298 10.61 -37.05 -30.83
N SER B 299 10.12 -36.45 -31.93
CA SER B 299 10.20 -37.13 -33.24
C SER B 299 11.65 -37.09 -33.73
N ARG B 300 12.22 -38.26 -34.06
CA ARG B 300 13.65 -38.31 -34.45
C ARG B 300 13.88 -37.55 -35.76
N THR B 301 13.05 -37.82 -36.76
CA THR B 301 13.16 -37.15 -38.08
C THR B 301 12.96 -35.65 -37.89
N LYS B 302 11.84 -35.25 -37.26
CA LYS B 302 11.45 -33.83 -37.14
C LYS B 302 12.58 -33.06 -36.43
N TRP B 303 13.08 -33.60 -35.32
CA TRP B 303 14.15 -32.91 -34.54
C TRP B 303 15.42 -32.80 -35.39
N ASN B 304 15.74 -33.82 -36.18
CA ASN B 304 16.91 -33.70 -37.08
C ASN B 304 16.68 -32.59 -38.10
N ASN B 305 15.50 -32.59 -38.73
CA ASN B 305 15.22 -31.58 -39.77
C ASN B 305 15.38 -30.19 -39.16
N THR B 306 14.85 -29.99 -37.95
CA THR B 306 14.94 -28.68 -37.26
C THR B 306 16.41 -28.39 -36.94
N LEU B 307 17.16 -29.40 -36.51
CA LEU B 307 18.58 -29.19 -36.14
C LEU B 307 19.38 -28.84 -37.39
N ASN B 308 18.94 -29.27 -38.58
CA ASN B 308 19.72 -29.00 -39.82
C ASN B 308 19.39 -27.56 -40.20
N GLN B 309 18.12 -27.18 -40.05
CA GLN B 309 17.71 -25.78 -40.31
C GLN B 309 18.55 -24.86 -39.41
N ILE B 310 18.59 -25.14 -38.11
CA ILE B 310 19.37 -24.31 -37.16
C ILE B 310 20.83 -24.29 -37.63
N ALA B 311 21.36 -25.45 -38.02
CA ALA B 311 22.78 -25.53 -38.44
C ALA B 311 23.00 -24.60 -39.63
N THR B 312 22.12 -24.64 -40.62
CA THR B 312 22.32 -23.84 -41.85
C THR B 312 22.31 -22.36 -41.46
N LYS B 313 21.40 -21.97 -40.55
CA LYS B 313 21.32 -20.56 -40.09
C LYS B 313 22.63 -20.19 -39.38
N LEU B 314 23.16 -21.09 -38.55
CA LEU B 314 24.42 -20.83 -37.81
C LEU B 314 25.58 -20.73 -38.81
N LYS B 315 25.55 -21.54 -39.87
CA LYS B 315 26.57 -21.44 -40.94
C LYS B 315 26.50 -20.03 -41.53
N GLU B 316 25.31 -19.58 -41.91
CA GLU B 316 25.12 -18.25 -42.48
C GLU B 316 25.73 -17.20 -41.56
N GLN B 317 25.53 -17.35 -40.25
CA GLN B 317 26.11 -16.39 -39.31
C GLN B 317 27.63 -16.41 -39.32
N PHE B 318 28.23 -17.61 -39.33
CA PHE B 318 29.70 -17.68 -39.16
C PHE B 318 30.43 -18.23 -40.40
N GLY B 319 29.92 -17.96 -41.61
CA GLY B 319 30.63 -18.37 -42.83
C GLY B 319 30.35 -19.81 -43.24
N ASN B 320 30.31 -20.08 -44.54
CA ASN B 320 30.08 -21.45 -45.05
C ASN B 320 31.23 -22.37 -44.61
N ASN B 321 32.46 -21.84 -44.59
CA ASN B 321 33.66 -22.67 -44.26
C ASN B 321 33.49 -23.36 -42.89
N LYS B 322 32.90 -22.69 -41.90
CA LYS B 322 32.82 -23.29 -40.54
C LYS B 322 31.79 -24.44 -40.53
N THR B 323 32.10 -25.52 -39.81
CA THR B 323 31.15 -26.65 -39.64
C THR B 323 30.49 -26.53 -38.26
N ILE B 324 29.23 -26.94 -38.13
CA ILE B 324 28.48 -26.73 -36.85
C ILE B 324 28.51 -28.01 -36.02
N VAL B 325 28.92 -27.91 -34.75
CA VAL B 325 28.99 -29.08 -33.84
C VAL B 325 28.01 -28.87 -32.68
N PHE B 326 27.13 -29.83 -32.42
CA PHE B 326 26.23 -29.71 -31.24
C PHE B 326 26.75 -30.63 -30.13
N ASN B 327 27.50 -30.06 -29.18
CA ASN B 327 28.07 -30.85 -28.05
C ASN B 327 27.08 -30.69 -26.88
N GLN B 328 27.17 -31.54 -25.87
CA GLN B 328 26.21 -31.50 -24.72
C GLN B 328 26.64 -30.41 -23.73
N SER B 329 25.75 -30.04 -22.79
CA SER B 329 26.07 -28.94 -21.84
C SER B 329 27.40 -29.20 -21.12
N SER B 330 28.26 -28.18 -21.02
CA SER B 330 29.58 -28.35 -20.42
C SER B 330 29.47 -28.85 -18.99
N GLY B 331 28.66 -28.19 -18.18
CA GLY B 331 28.51 -28.60 -16.80
C GLY B 331 27.97 -27.46 -15.97
N GLY B 332 27.85 -27.68 -14.65
CA GLY B 332 27.42 -26.60 -13.75
C GLY B 332 26.20 -26.98 -12.93
N ASP B 333 25.25 -26.05 -12.78
CA ASP B 333 24.03 -26.30 -11.97
C ASP B 333 23.15 -27.31 -12.71
N PRO B 334 22.24 -28.06 -12.04
CA PRO B 334 21.46 -29.11 -12.69
C PRO B 334 20.60 -28.55 -13.85
N GLU B 335 20.04 -27.35 -13.69
CA GLU B 335 19.14 -26.77 -14.73
C GLU B 335 19.95 -26.49 -15.99
N ILE B 336 21.20 -26.04 -15.85
CA ILE B 336 22.08 -25.78 -17.03
C ILE B 336 22.54 -27.12 -17.62
N VAL B 337 23.04 -28.04 -16.79
CA VAL B 337 23.60 -29.32 -17.33
C VAL B 337 22.49 -30.16 -18.00
N MET B 338 21.29 -30.22 -17.40
CA MET B 338 20.21 -31.08 -17.95
C MET B 338 18.95 -30.24 -18.17
N HIS B 339 18.29 -30.39 -19.33
CA HIS B 339 17.10 -29.57 -19.64
C HIS B 339 16.04 -29.80 -18.56
N SER B 340 15.43 -28.73 -18.05
CA SER B 340 14.46 -28.89 -16.93
C SER B 340 13.29 -27.91 -17.05
N PHE B 341 12.05 -28.41 -16.86
CA PHE B 341 10.86 -27.52 -16.91
C PHE B 341 9.82 -27.94 -15.87
N ASN B 342 8.58 -27.42 -15.95
CA ASN B 342 7.49 -27.81 -15.08
C ASN B 342 6.38 -28.42 -15.92
N CYS B 343 5.92 -29.59 -15.50
CA CYS B 343 4.83 -30.31 -16.16
C CYS B 343 3.66 -30.41 -15.21
N GLY B 344 2.57 -29.73 -15.55
CA GLY B 344 1.34 -29.87 -14.78
C GLY B 344 1.53 -29.59 -13.31
N GLY B 345 2.27 -28.55 -12.99
CA GLY B 345 2.61 -28.29 -11.60
C GLY B 345 3.69 -29.18 -11.05
N GLU B 346 4.42 -29.90 -11.89
CA GLU B 346 5.49 -30.79 -11.43
C GLU B 346 6.73 -30.54 -12.25
N PHE B 347 7.87 -30.37 -11.56
CA PHE B 347 9.15 -30.01 -12.24
C PHE B 347 9.93 -31.23 -12.72
N PHE B 348 10.26 -31.24 -14.01
CA PHE B 348 11.04 -32.31 -14.63
C PHE B 348 12.51 -31.93 -14.72
N TYR B 349 13.33 -32.95 -14.99
CA TYR B 349 14.80 -32.79 -15.19
C TYR B 349 15.18 -33.88 -16.21
N CYS B 350 15.35 -33.55 -17.50
CA CYS B 350 15.49 -34.53 -18.57
C CYS B 350 16.88 -34.44 -19.19
N ASN B 351 17.54 -35.59 -19.29
CA ASN B 351 18.88 -35.65 -19.92
C ASN B 351 18.73 -35.17 -21.37
N SER B 352 19.57 -34.23 -21.82
CA SER B 352 19.42 -33.65 -23.18
C SER B 352 20.55 -34.12 -24.10
N THR B 353 21.31 -35.13 -23.70
CA THR B 353 22.48 -35.55 -24.50
C THR B 353 22.04 -36.00 -25.90
N GLN B 354 20.94 -36.74 -25.99
CA GLN B 354 20.48 -37.28 -27.30
C GLN B 354 20.13 -36.12 -28.24
N LEU B 355 19.45 -35.09 -27.72
CA LEU B 355 19.04 -33.93 -28.55
C LEU B 355 20.27 -33.17 -29.06
N PHE B 356 21.33 -33.09 -28.24
CA PHE B 356 22.53 -32.30 -28.62
C PHE B 356 23.73 -33.23 -28.85
N ASN B 357 23.64 -34.12 -29.84
CA ASN B 357 24.75 -35.04 -30.17
C ASN B 357 24.83 -35.14 -31.70
N SER B 358 24.71 -34.00 -32.39
CA SER B 358 24.70 -34.02 -33.87
C SER B 358 25.78 -33.10 -34.43
N THR B 359 26.73 -33.67 -35.19
CA THR B 359 27.83 -32.87 -35.78
C THR B 359 27.55 -32.69 -37.27
N TRP B 360 27.62 -31.46 -37.80
CA TRP B 360 27.26 -31.20 -39.22
C TRP B 360 28.47 -30.64 -39.98
N ASN B 361 28.92 -31.31 -41.05
CA ASN B 361 30.07 -30.88 -41.89
C ASN B 361 29.49 -30.08 -43.06
N PHE B 362 30.10 -28.93 -43.40
CA PHE B 362 29.51 -28.08 -44.46
C PHE B 362 29.51 -28.84 -45.79
N ASN B 363 30.56 -29.62 -46.06
CA ASN B 363 30.60 -30.44 -47.29
C ASN B 363 29.49 -31.47 -47.26
N GLY B 364 29.22 -32.08 -46.10
CA GLY B 364 28.22 -33.17 -46.02
C GLY B 364 26.80 -32.71 -45.70
N THR B 365 26.57 -31.39 -45.56
CA THR B 365 25.23 -30.87 -45.16
C THR B 365 24.13 -31.59 -45.95
N TRP B 366 24.33 -31.76 -47.27
CA TRP B 366 23.34 -32.46 -48.12
C TRP B 366 21.93 -31.95 -47.89
N ASN B 367 20.98 -32.85 -47.63
CA ASN B 367 19.56 -32.43 -47.50
C ASN B 367 18.98 -32.84 -46.14
N LEU B 368 17.65 -32.95 -46.05
CA LEU B 368 16.96 -33.30 -44.77
C LEU B 368 16.67 -34.79 -44.81
N THR B 369 16.78 -35.47 -43.67
CA THR B 369 16.60 -36.95 -43.70
C THR B 369 15.27 -37.32 -43.05
N GLN B 370 14.37 -37.92 -43.82
CA GLN B 370 13.04 -38.34 -43.30
C GLN B 370 12.98 -39.87 -43.33
N SER B 371 11.78 -40.45 -43.20
CA SER B 371 11.67 -41.92 -43.15
C SER B 371 10.37 -42.40 -43.81
N ASN B 372 10.47 -43.20 -44.89
CA ASN B 372 9.26 -43.79 -45.52
C ASN B 372 8.55 -44.65 -44.47
N GLY B 373 9.31 -45.41 -43.68
CA GLY B 373 8.70 -46.20 -42.60
C GLY B 373 8.19 -45.29 -41.50
N THR B 374 6.99 -45.56 -40.98
CA THR B 374 6.41 -44.70 -39.92
C THR B 374 6.48 -45.45 -38.59
N GLU B 375 7.07 -46.65 -38.59
CA GLU B 375 7.13 -47.47 -37.36
C GLU B 375 8.58 -47.65 -36.91
N GLY B 376 8.90 -47.21 -35.69
CA GLY B 376 10.27 -47.39 -35.15
C GLY B 376 11.17 -46.21 -35.46
N ASN B 377 12.14 -45.93 -34.59
CA ASN B 377 13.13 -44.84 -34.83
C ASN B 377 12.41 -43.50 -35.02
N ASP B 378 11.25 -43.32 -34.40
CA ASP B 378 10.51 -42.04 -34.49
C ASP B 378 10.39 -41.41 -33.10
N THR B 379 10.88 -42.11 -32.07
CA THR B 379 10.74 -41.61 -30.68
C THR B 379 12.12 -41.45 -30.04
N ILE B 380 12.43 -40.25 -29.54
CA ILE B 380 13.71 -40.07 -28.79
C ILE B 380 13.26 -39.98 -27.33
N THR B 381 13.53 -41.03 -26.54
CA THR B 381 13.01 -41.01 -25.15
C THR B 381 14.02 -40.28 -24.26
N LEU B 382 13.61 -39.15 -23.68
CA LEU B 382 14.51 -38.36 -22.83
C LEU B 382 14.50 -38.97 -21.41
N PRO B 383 15.58 -39.58 -20.88
CA PRO B 383 15.54 -40.07 -19.50
C PRO B 383 15.35 -38.89 -18.54
N CYS B 384 14.15 -38.72 -17.99
CA CYS B 384 13.87 -37.57 -17.10
C CYS B 384 13.86 -38.00 -15.63
N LYS B 385 14.61 -37.30 -14.77
CA LYS B 385 14.56 -37.56 -13.31
C LYS B 385 13.65 -36.48 -12.72
N ILE B 386 13.33 -36.55 -11.43
CA ILE B 386 12.36 -35.58 -10.85
C ILE B 386 12.99 -34.86 -9.66
N LYS B 387 12.88 -33.54 -9.61
CA LYS B 387 13.39 -32.76 -8.45
C LYS B 387 12.27 -31.84 -7.96
N GLN B 388 12.00 -31.82 -6.66
CA GLN B 388 10.94 -30.97 -6.07
C GLN B 388 11.57 -29.70 -5.49
N ILE B 389 12.70 -29.86 -4.80
CA ILE B 389 13.31 -28.68 -4.13
C ILE B 389 14.00 -27.88 -5.22
N ILE B 390 13.33 -26.82 -5.69
CA ILE B 390 13.90 -25.97 -6.78
C ILE B 390 14.79 -24.92 -6.11
N ASN B 391 16.06 -24.84 -6.49
CA ASN B 391 16.92 -23.76 -5.95
C ASN B 391 16.49 -22.44 -6.62
N MET B 392 16.60 -21.33 -5.91
CA MET B 392 16.29 -20.02 -6.54
C MET B 392 17.32 -19.79 -7.65
N TRP B 393 16.96 -19.06 -8.70
CA TRP B 393 17.87 -18.89 -9.86
C TRP B 393 18.76 -17.67 -9.66
N GLN B 394 18.29 -16.70 -8.87
CA GLN B 394 19.09 -15.47 -8.63
C GLN B 394 19.83 -15.52 -7.29
N GLU B 395 19.21 -16.05 -6.22
CA GLU B 395 19.87 -15.98 -4.88
C GLU B 395 20.06 -17.38 -4.29
N VAL B 396 21.14 -17.57 -3.52
CA VAL B 396 21.42 -18.88 -2.87
C VAL B 396 20.20 -19.27 -2.02
N GLY B 397 19.60 -18.31 -1.30
CA GLY B 397 18.49 -18.67 -0.40
C GLY B 397 17.14 -18.74 -1.10
N LYS B 398 16.05 -18.79 -0.33
CA LYS B 398 14.67 -18.80 -0.89
C LYS B 398 14.44 -20.01 -1.82
N ALA B 399 14.96 -21.19 -1.48
CA ALA B 399 14.65 -22.40 -2.27
C ALA B 399 13.18 -22.78 -2.06
N MET B 400 12.54 -23.41 -3.04
CA MET B 400 11.09 -23.74 -2.92
C MET B 400 10.91 -25.27 -2.93
N TYR B 401 9.80 -25.77 -2.36
CA TYR B 401 9.52 -27.23 -2.40
C TYR B 401 8.24 -27.47 -3.21
N ALA B 402 8.29 -28.40 -4.17
CA ALA B 402 7.11 -28.74 -4.95
C ALA B 402 6.44 -29.96 -4.32
N PRO B 403 5.20 -29.85 -3.85
CA PRO B 403 4.51 -31.02 -3.35
C PRO B 403 4.23 -31.98 -4.49
N PRO B 404 4.25 -33.28 -4.24
CA PRO B 404 3.98 -34.25 -5.31
C PRO B 404 2.54 -34.13 -5.78
N ILE B 405 2.33 -34.41 -7.06
CA ILE B 405 1.01 -34.41 -7.65
C ILE B 405 0.50 -35.83 -7.68
N ARG B 406 -0.68 -36.06 -7.08
CA ARG B 406 -1.22 -37.44 -6.97
C ARG B 406 -1.55 -38.00 -8.36
N GLY B 407 -1.21 -39.26 -8.61
CA GLY B 407 -1.50 -39.90 -9.91
C GLY B 407 -0.43 -39.62 -10.96
N GLN B 408 -0.71 -39.92 -12.23
CA GLN B 408 0.25 -39.68 -13.33
C GLN B 408 0.07 -38.24 -13.83
N ILE B 409 1.18 -37.52 -14.02
CA ILE B 409 1.08 -36.14 -14.57
C ILE B 409 1.51 -36.22 -16.04
N ARG B 410 0.62 -35.88 -16.97
CA ARG B 410 0.93 -36.01 -18.42
C ARG B 410 0.83 -34.64 -19.09
N CYS B 411 1.87 -34.26 -19.84
CA CYS B 411 1.84 -32.94 -20.55
C CYS B 411 2.33 -33.09 -21.98
N SER B 412 2.10 -32.07 -22.82
CA SER B 412 2.59 -32.10 -24.23
C SER B 412 2.85 -30.68 -24.70
N SER B 413 4.09 -30.22 -24.63
CA SER B 413 4.40 -28.81 -24.99
C SER B 413 4.72 -28.68 -26.47
N ASN B 414 5.26 -27.52 -26.84
CA ASN B 414 5.67 -27.30 -28.25
C ASN B 414 7.06 -26.66 -28.22
N ILE B 415 8.09 -27.42 -28.62
CA ILE B 415 9.46 -26.86 -28.70
C ILE B 415 9.44 -25.73 -29.73
N THR B 416 9.72 -24.50 -29.28
CA THR B 416 9.50 -23.28 -30.10
C THR B 416 10.80 -22.48 -30.16
N GLY B 417 11.90 -23.05 -29.65
CA GLY B 417 13.22 -22.40 -29.78
C GLY B 417 14.25 -22.96 -28.81
N LEU B 418 15.45 -22.37 -28.82
CA LEU B 418 16.62 -22.88 -28.06
C LEU B 418 17.30 -21.72 -27.34
N ILE B 419 18.17 -22.06 -26.37
CA ILE B 419 19.07 -21.06 -25.73
C ILE B 419 20.43 -21.74 -25.88
N LEU B 420 21.39 -21.14 -26.59
CA LEU B 420 22.66 -21.86 -26.86
C LEU B 420 23.86 -21.08 -26.31
N THR B 421 25.04 -21.72 -26.25
CA THR B 421 26.29 -21.07 -25.78
C THR B 421 27.44 -21.44 -26.73
N ARG B 422 28.04 -20.44 -27.39
CA ARG B 422 29.20 -20.68 -28.27
C ARG B 422 30.45 -20.60 -27.39
N ASP B 423 31.34 -21.59 -27.45
CA ASP B 423 32.52 -21.59 -26.54
C ASP B 423 33.77 -21.11 -27.29
N GLY B 424 34.75 -20.56 -26.55
CA GLY B 424 36.02 -20.14 -27.18
C GLY B 424 36.98 -21.30 -27.25
N GLY B 425 36.72 -22.27 -28.14
CA GLY B 425 37.55 -23.48 -28.23
C GLY B 425 38.86 -23.25 -28.96
N ASN B 426 39.79 -24.20 -28.84
CA ASN B 426 41.09 -24.12 -29.57
C ASN B 426 40.84 -24.71 -30.96
N ASN B 427 39.59 -25.04 -31.27
CA ASN B 427 39.21 -25.64 -32.58
C ASN B 427 38.89 -24.52 -33.55
N HIS B 428 39.21 -23.27 -33.19
CA HIS B 428 38.99 -22.12 -34.11
C HIS B 428 39.83 -22.34 -35.38
N ASN B 429 41.07 -22.84 -35.24
CA ASN B 429 41.88 -23.17 -36.44
C ASN B 429 41.15 -24.26 -37.23
N ASN B 430 40.63 -25.27 -36.52
CA ASN B 430 39.81 -26.34 -37.16
C ASN B 430 38.66 -25.70 -37.93
N ASP B 431 38.08 -24.61 -37.40
CA ASP B 431 36.91 -23.93 -38.04
C ASP B 431 35.63 -24.71 -37.74
N THR B 432 35.38 -24.99 -36.46
CA THR B 432 34.14 -25.69 -36.05
C THR B 432 33.41 -24.82 -35.01
N GLU B 433 32.10 -24.60 -35.20
CA GLU B 433 31.33 -23.83 -34.20
C GLU B 433 30.72 -24.81 -33.21
N THR B 434 31.22 -24.83 -31.97
CA THR B 434 30.69 -25.77 -30.94
C THR B 434 29.57 -25.06 -30.17
N PHE B 435 28.32 -25.44 -30.42
CA PHE B 435 27.17 -24.79 -29.76
C PHE B 435 26.59 -25.73 -28.70
N ARG B 436 26.44 -25.22 -27.47
CA ARG B 436 25.97 -26.06 -26.35
C ARG B 436 24.72 -25.44 -25.68
N PRO B 437 23.69 -26.19 -25.19
CA PRO B 437 22.48 -25.63 -24.61
C PRO B 437 22.79 -24.76 -23.38
N GLY B 438 22.06 -23.65 -23.25
CA GLY B 438 22.24 -22.73 -22.17
C GLY B 438 20.94 -22.55 -21.39
N GLY B 439 21.06 -21.84 -20.27
CA GLY B 439 19.91 -21.60 -19.42
C GLY B 439 20.35 -20.91 -18.14
N GLY B 440 19.45 -20.93 -17.17
CA GLY B 440 19.71 -20.33 -15.88
C GLY B 440 19.38 -18.85 -15.77
N ASP B 441 18.90 -18.23 -16.84
CA ASP B 441 18.53 -16.82 -16.81
C ASP B 441 17.13 -16.66 -17.39
N MET B 442 16.18 -16.26 -16.52
CA MET B 442 14.77 -16.11 -16.94
C MET B 442 14.66 -14.96 -17.94
N ARG B 443 15.55 -13.98 -17.86
CA ARG B 443 15.45 -12.78 -18.73
C ARG B 443 15.54 -13.23 -20.20
N ASP B 444 16.40 -14.21 -20.49
CA ASP B 444 16.52 -14.75 -21.88
C ASP B 444 15.19 -15.40 -22.27
N ASN B 445 14.52 -16.07 -21.33
CA ASN B 445 13.21 -16.70 -21.61
C ASN B 445 12.21 -15.61 -22.01
N TRP B 446 12.28 -14.43 -21.38
CA TRP B 446 11.30 -13.35 -21.68
C TRP B 446 11.77 -12.56 -22.91
N ARG B 447 13.08 -12.48 -23.15
CA ARG B 447 13.60 -11.76 -24.34
C ARG B 447 13.08 -12.51 -25.57
N SER B 448 12.79 -13.81 -25.41
CA SER B 448 12.34 -14.62 -26.57
C SER B 448 10.89 -14.26 -26.91
N GLU B 449 10.16 -13.60 -26.00
CA GLU B 449 8.82 -13.13 -26.30
C GLU B 449 8.76 -11.63 -26.55
N LEU B 450 9.40 -10.83 -25.70
CA LEU B 450 9.20 -9.36 -25.81
C LEU B 450 10.14 -8.70 -26.84
N TYR B 451 10.89 -9.49 -27.62
CA TYR B 451 11.78 -8.89 -28.59
C TYR B 451 11.02 -8.02 -29.59
N LYS B 452 9.83 -8.47 -30.00
CA LYS B 452 9.09 -7.76 -31.03
C LYS B 452 8.43 -6.49 -30.51
N TYR B 453 8.53 -6.23 -29.20
CA TYR B 453 7.79 -5.07 -28.62
C TYR B 453 8.72 -4.00 -28.07
N LYS B 454 8.35 -2.73 -28.23
CA LYS B 454 9.13 -1.61 -27.62
C LYS B 454 8.13 -0.62 -26.99
N VAL B 455 8.39 -0.15 -25.76
CA VAL B 455 7.41 0.73 -25.06
C VAL B 455 7.71 2.20 -25.34
N VAL B 456 6.72 2.97 -25.81
CA VAL B 456 6.89 4.39 -26.07
C VAL B 456 5.71 5.13 -25.47
N LYS B 457 6.00 6.24 -24.80
CA LYS B 457 4.94 7.09 -24.30
C LYS B 457 4.32 7.88 -25.43
N ILE B 458 3.15 8.44 -25.16
CA ILE B 458 2.42 9.23 -26.14
C ILE B 458 2.38 10.66 -25.66
N GLU B 459 2.88 11.56 -26.53
CA GLU B 459 2.92 13.00 -26.22
C GLU B 459 1.96 13.72 -27.18
N PRO B 460 0.63 13.90 -26.87
CA PRO B 460 -0.29 14.52 -27.83
C PRO B 460 0.08 15.99 -28.05
N LEU B 461 0.92 16.56 -27.18
CA LEU B 461 1.29 17.99 -27.31
C LEU B 461 2.20 18.20 -28.52
N GLY B 462 1.96 19.29 -29.27
CA GLY B 462 2.80 19.61 -30.45
C GLY B 462 2.76 21.08 -30.79
N VAL B 463 3.75 21.57 -31.55
CA VAL B 463 3.76 22.99 -31.99
C VAL B 463 4.04 23.01 -33.50
N ALA B 464 3.58 24.03 -34.22
CA ALA B 464 3.71 24.04 -35.69
C ALA B 464 3.54 25.47 -36.24
N PRO B 465 4.48 26.10 -37.00
CA PRO B 465 4.17 27.42 -37.57
C PRO B 465 3.03 27.38 -38.62
N THR B 466 2.04 28.26 -38.49
CA THR B 466 0.95 28.34 -39.50
C THR B 466 0.68 29.81 -39.85
N LYS B 467 0.00 30.07 -40.97
CA LYS B 467 -0.37 31.46 -41.34
C LYS B 467 -1.46 31.96 -40.40
N ALA B 468 -2.07 31.06 -39.63
CA ALA B 468 -3.16 31.43 -38.70
C ALA B 468 -2.61 32.28 -37.56
N LYS B 469 -3.39 33.28 -37.11
CA LYS B 469 -2.97 34.14 -35.97
C LYS B 469 -4.17 34.28 -35.01
N ARG B 470 -3.91 34.60 -33.74
CA ARG B 470 -5.00 34.72 -32.73
C ARG B 470 -6.11 35.62 -33.25
N ARG B 471 -7.37 35.18 -33.11
CA ARG B 471 -8.52 35.97 -33.54
C ARG B 471 -8.90 37.00 -32.48
N VAL B 472 -7.95 37.89 -32.20
CA VAL B 472 -8.16 38.95 -31.21
C VAL B 472 -9.03 40.04 -31.78
N LEU C 2 -7.93 1.44 -30.14
CA LEU C 2 -8.39 1.81 -31.50
C LEU C 2 -7.99 3.25 -31.81
N GLY C 3 -8.02 3.65 -33.08
CA GLY C 3 -7.69 5.04 -33.48
C GLY C 3 -6.28 5.43 -33.10
N PHE C 4 -5.33 4.48 -33.15
CA PHE C 4 -3.93 4.76 -32.77
C PHE C 4 -3.22 5.58 -33.86
N LEU C 5 -2.05 6.13 -33.56
CA LEU C 5 -1.30 6.99 -34.52
C LEU C 5 -0.96 6.24 -35.82
N GLY C 6 -1.96 6.02 -36.69
CA GLY C 6 -1.72 5.38 -38.00
C GLY C 6 -1.05 6.32 -38.98
N ALA C 7 -1.28 7.62 -38.84
CA ALA C 7 -0.75 8.60 -39.82
C ALA C 7 0.59 9.15 -39.34
N ALA C 8 1.29 8.42 -38.47
CA ALA C 8 2.54 8.98 -37.92
C ALA C 8 3.63 8.86 -38.99
N GLY C 9 3.50 7.86 -39.88
CA GLY C 9 4.46 7.76 -41.00
C GLY C 9 4.24 8.85 -42.03
N SER C 10 3.02 9.39 -42.10
CA SER C 10 2.71 10.44 -43.05
C SER C 10 3.32 11.77 -42.62
N THR C 11 3.38 12.71 -43.56
CA THR C 11 3.98 14.04 -43.29
C THR C 11 3.05 14.89 -42.42
N MET C 12 3.57 16.00 -41.87
CA MET C 12 2.78 16.86 -40.95
C MET C 12 1.46 17.28 -41.60
N GLY C 13 1.48 17.62 -42.90
CA GLY C 13 0.26 18.14 -43.55
C GLY C 13 -0.68 17.02 -43.88
N ALA C 14 -0.21 15.99 -44.58
CA ALA C 14 -1.02 14.80 -44.82
C ALA C 14 -1.75 14.39 -43.55
N ALA C 15 -0.99 14.18 -42.48
CA ALA C 15 -1.60 13.75 -41.20
C ALA C 15 -2.62 14.78 -40.72
N SER C 16 -2.26 16.07 -40.75
CA SER C 16 -3.15 17.14 -40.21
C SER C 16 -4.49 17.19 -40.96
N ILE C 17 -4.47 17.22 -42.29
CA ILE C 17 -5.74 17.41 -43.05
C ILE C 17 -6.69 16.23 -42.80
N THR C 18 -6.20 15.15 -42.17
CA THR C 18 -7.08 13.96 -42.02
C THR C 18 -7.17 13.44 -40.58
N LEU C 19 -6.26 12.54 -40.19
CA LEU C 19 -6.38 11.85 -38.87
C LEU C 19 -6.18 12.75 -37.64
N THR C 20 -5.23 13.68 -37.66
CA THR C 20 -4.97 14.43 -36.39
C THR C 20 -6.23 15.17 -35.95
N VAL C 21 -6.93 15.83 -36.88
CA VAL C 21 -8.13 16.62 -36.50
C VAL C 21 -9.26 15.72 -36.00
N GLN C 22 -9.52 14.59 -36.67
CA GLN C 22 -10.71 13.78 -36.30
C GLN C 22 -10.36 12.46 -35.58
N ALA C 23 -9.44 11.66 -36.14
CA ALA C 23 -9.14 10.34 -35.55
C ALA C 23 -8.57 10.48 -34.14
N ARG C 24 -7.71 11.47 -33.92
CA ARG C 24 -7.12 11.70 -32.57
C ARG C 24 -8.23 12.08 -31.58
N LEU C 25 -9.21 12.89 -32.01
CA LEU C 25 -10.35 13.20 -31.11
C LEU C 25 -11.03 11.87 -30.74
N LEU C 26 -11.24 11.01 -31.73
CA LEU C 26 -11.84 9.68 -31.45
C LEU C 26 -10.90 8.90 -30.53
N LEU C 27 -9.59 9.03 -30.71
CA LEU C 27 -8.61 8.27 -29.90
C LEU C 27 -8.74 8.66 -28.43
N SER C 28 -8.87 9.97 -28.14
CA SER C 28 -9.07 10.41 -26.74
C SER C 28 -10.39 9.84 -26.21
N GLY C 29 -11.45 9.85 -27.04
CA GLY C 29 -12.73 9.24 -26.62
C GLY C 29 -12.58 7.75 -26.40
N ILE C 30 -11.85 7.05 -27.27
CA ILE C 30 -11.61 5.59 -27.11
C ILE C 30 -10.80 5.35 -25.84
N VAL C 31 -9.79 6.19 -25.59
CA VAL C 31 -8.99 6.07 -24.34
C VAL C 31 -9.98 6.08 -23.16
N GLN C 32 -10.95 7.00 -23.21
CA GLN C 32 -11.98 7.09 -22.14
C GLN C 32 -12.85 5.83 -22.20
N GLN C 33 -13.24 5.38 -23.40
CA GLN C 33 -14.18 4.23 -23.52
C GLN C 33 -13.57 2.97 -22.89
N GLN C 34 -12.30 2.69 -23.17
CA GLN C 34 -11.72 1.44 -22.63
C GLN C 34 -11.58 1.61 -21.12
N ASN C 35 -11.16 2.81 -20.68
CA ASN C 35 -11.06 3.10 -19.22
C ASN C 35 -12.45 3.00 -18.59
N ASN C 36 -13.49 3.53 -19.24
CA ASN C 36 -14.84 3.52 -18.65
C ASN C 36 -15.31 2.08 -18.47
N LEU C 37 -15.05 1.24 -19.48
CA LEU C 37 -15.48 -0.18 -19.40
C LEU C 37 -14.61 -0.89 -18.37
N LEU C 38 -13.29 -0.76 -18.47
CA LEU C 38 -12.39 -1.53 -17.57
C LEU C 38 -12.59 -1.08 -16.12
N LYS C 39 -12.44 0.23 -15.84
CA LYS C 39 -12.55 0.74 -14.45
C LYS C 39 -13.92 0.39 -13.84
N ALA C 40 -14.94 0.18 -14.67
CA ALA C 40 -16.24 -0.25 -14.11
C ALA C 40 -16.22 -1.74 -13.82
N ILE C 41 -15.89 -2.58 -14.81
CA ILE C 41 -15.99 -4.02 -14.64
C ILE C 41 -15.13 -4.48 -13.47
N GLU C 42 -13.89 -3.98 -13.38
CA GLU C 42 -13.07 -4.38 -12.25
C GLU C 42 -13.66 -3.89 -10.94
N ALA C 43 -14.30 -2.73 -10.94
CA ALA C 43 -15.01 -2.28 -9.76
C ALA C 43 -16.12 -3.23 -9.39
N GLN C 44 -16.63 -4.01 -10.36
CA GLN C 44 -17.53 -5.09 -10.04
C GLN C 44 -16.80 -6.40 -9.77
N GLN C 45 -15.52 -6.33 -9.38
CA GLN C 45 -14.81 -7.58 -9.01
C GLN C 45 -14.46 -7.52 -7.51
N HIS C 46 -13.68 -6.52 -7.10
CA HIS C 46 -13.26 -6.35 -5.67
C HIS C 46 -12.12 -7.32 -5.36
N LEU C 47 -11.72 -8.14 -6.34
CA LEU C 47 -10.53 -9.03 -6.14
C LEU C 47 -9.34 -8.18 -6.57
N LEU C 48 -9.61 -7.01 -7.13
CA LEU C 48 -8.54 -6.06 -7.54
C LEU C 48 -8.17 -5.21 -6.33
N LYS C 49 -7.29 -4.22 -6.51
CA LYS C 49 -6.93 -3.28 -5.41
C LYS C 49 -6.12 -4.02 -4.34
N LEU C 50 -5.26 -4.96 -4.75
CA LEU C 50 -4.36 -5.69 -3.82
C LEU C 50 -2.98 -5.03 -3.83
N THR C 51 -1.94 -5.86 -3.99
CA THR C 51 -0.53 -5.38 -4.00
C THR C 51 0.20 -5.98 -5.20
N VAL C 52 0.31 -7.32 -5.27
CA VAL C 52 1.17 -7.96 -6.32
C VAL C 52 0.82 -7.45 -7.72
N TRP C 53 -0.45 -7.21 -8.01
CA TRP C 53 -0.82 -6.60 -9.31
C TRP C 53 -1.76 -5.45 -9.01
N GLY C 54 -2.32 -5.45 -7.80
CA GLY C 54 -3.22 -4.36 -7.39
C GLY C 54 -2.51 -3.03 -7.37
N ILE C 55 -1.28 -3.00 -6.85
CA ILE C 55 -0.47 -1.74 -6.86
C ILE C 55 -0.08 -1.42 -8.30
N LYS C 56 0.32 -2.43 -9.08
CA LYS C 56 0.76 -2.17 -10.48
C LYS C 56 -0.34 -1.42 -11.23
N GLN C 57 -1.57 -1.95 -11.22
CA GLN C 57 -2.68 -1.29 -11.96
C GLN C 57 -2.97 0.07 -11.32
N LEU C 58 -2.91 0.16 -9.99
CA LEU C 58 -3.20 1.44 -9.29
C LEU C 58 -2.18 2.48 -9.72
N GLN C 59 -0.90 2.11 -9.80
CA GLN C 59 0.16 3.06 -10.20
C GLN C 59 -0.11 3.51 -11.64
N ALA C 60 -0.45 2.55 -12.52
CA ALA C 60 -0.76 2.87 -13.90
C ALA C 60 -1.92 3.84 -13.99
N ARG C 61 -2.97 3.60 -13.21
CA ARG C 61 -4.11 4.51 -13.23
C ARG C 61 -3.68 5.90 -12.80
N VAL C 62 -2.87 5.98 -11.75
CA VAL C 62 -2.31 7.26 -11.34
C VAL C 62 -1.60 7.90 -12.53
N LEU C 63 -0.57 7.24 -13.03
CA LEU C 63 0.23 7.79 -14.12
C LEU C 63 -0.63 8.31 -15.25
N THR C 64 -1.67 7.58 -15.62
CA THR C 64 -2.60 8.10 -16.61
C THR C 64 -3.21 9.41 -16.12
N VAL C 65 -3.64 9.44 -14.87
CA VAL C 65 -4.32 10.63 -14.35
C VAL C 65 -3.43 11.85 -14.48
N GLU C 66 -2.26 11.81 -13.84
CA GLU C 66 -1.43 13.02 -13.91
C GLU C 66 -0.90 13.26 -15.31
N ARG C 67 -0.60 12.20 -16.06
CA ARG C 67 -0.02 12.43 -17.41
C ARG C 67 -1.06 13.14 -18.27
N TYR C 68 -2.35 12.95 -17.97
CA TYR C 68 -3.37 13.67 -18.72
C TYR C 68 -3.57 15.07 -18.15
N LEU C 69 -3.60 15.18 -16.83
CA LEU C 69 -3.79 16.50 -16.18
C LEU C 69 -2.65 17.45 -16.57
N ARG C 70 -1.40 16.97 -16.54
CA ARG C 70 -0.26 17.87 -16.82
C ARG C 70 -0.44 18.52 -18.19
N ASP C 71 -1.18 17.87 -19.09
CA ASP C 71 -1.44 18.44 -20.40
C ASP C 71 -2.61 19.39 -20.35
N GLN C 72 -3.65 19.01 -19.60
CA GLN C 72 -4.74 19.95 -19.36
C GLN C 72 -4.22 21.23 -18.73
N GLN C 73 -3.32 21.08 -17.76
CA GLN C 73 -2.73 22.25 -17.06
C GLN C 73 -2.07 23.14 -18.11
N LEU C 74 -1.20 22.56 -18.95
CA LEU C 74 -0.51 23.32 -20.02
C LEU C 74 -1.56 24.06 -20.83
N LEU C 75 -2.63 23.36 -21.20
CA LEU C 75 -3.69 24.00 -22.01
C LEU C 75 -4.27 25.15 -21.21
N GLY C 76 -4.49 24.96 -19.91
CA GLY C 76 -4.99 26.04 -19.04
C GLY C 76 -4.03 27.21 -18.94
N ILE C 77 -2.73 26.94 -18.78
CA ILE C 77 -1.74 28.05 -18.59
C ILE C 77 -1.69 28.91 -19.85
N TRP C 78 -1.86 28.33 -21.04
CA TRP C 78 -1.91 29.18 -22.26
C TRP C 78 -3.35 29.38 -22.75
N GLY C 79 -4.33 29.05 -21.91
CA GLY C 79 -5.75 29.33 -22.26
C GLY C 79 -6.35 28.35 -23.24
N CYS C 80 -5.56 27.45 -23.83
CA CYS C 80 -6.15 26.58 -24.85
C CYS C 80 -6.77 25.35 -24.20
N SER C 81 -7.60 25.56 -23.19
CA SER C 81 -8.30 24.46 -22.55
C SER C 81 -9.41 23.90 -23.42
N GLY C 82 -9.72 24.58 -24.52
CA GLY C 82 -10.86 24.15 -25.37
C GLY C 82 -10.45 23.30 -26.55
N LYS C 83 -10.60 23.82 -27.77
CA LYS C 83 -10.32 23.03 -29.00
C LYS C 83 -8.89 22.48 -28.96
N LEU C 84 -8.69 21.26 -29.46
CA LEU C 84 -7.34 20.63 -29.50
C LEU C 84 -6.44 21.50 -30.38
N ILE C 85 -6.99 22.03 -31.47
CA ILE C 85 -6.19 22.91 -32.38
C ILE C 85 -6.48 24.37 -32.01
N CYS C 86 -5.44 25.12 -31.63
CA CYS C 86 -5.62 26.56 -31.30
C CYS C 86 -4.35 27.32 -31.70
N THR C 87 -4.49 28.50 -32.29
CA THR C 87 -3.30 29.28 -32.75
C THR C 87 -2.78 30.13 -31.57
N THR C 88 -1.63 30.80 -31.76
CA THR C 88 -1.07 31.67 -30.70
C THR C 88 -0.67 33.03 -31.27
N ALA C 89 -0.62 34.08 -30.44
CA ALA C 89 -0.16 35.40 -30.93
C ALA C 89 1.35 35.41 -31.02
N VAL C 90 2.01 34.36 -30.50
CA VAL C 90 3.50 34.29 -30.49
C VAL C 90 3.99 34.14 -31.93
N PRO C 91 4.77 35.07 -32.55
CA PRO C 91 5.28 34.84 -33.90
C PRO C 91 6.28 33.69 -33.94
N TRP C 92 6.18 32.84 -34.96
CA TRP C 92 7.20 31.77 -35.10
C TRP C 92 8.52 32.42 -35.51
N ASN C 93 9.48 32.51 -34.58
CA ASN C 93 10.81 33.14 -34.85
C ASN C 93 11.52 32.30 -35.93
N ALA C 94 12.02 32.96 -36.98
CA ALA C 94 12.77 32.25 -38.05
C ALA C 94 13.95 31.52 -37.43
N SER C 95 14.51 32.06 -36.34
CA SER C 95 15.63 31.39 -35.64
C SER C 95 15.25 29.92 -35.38
N TRP C 96 14.02 29.68 -34.91
CA TRP C 96 13.57 28.29 -34.75
C TRP C 96 13.31 27.69 -36.13
N SER C 97 14.23 26.87 -36.65
CA SER C 97 14.05 26.19 -37.96
C SER C 97 13.67 27.16 -39.08
N ASN C 98 14.64 27.84 -39.69
CA ASN C 98 14.39 28.76 -40.81
C ASN C 98 14.08 27.96 -42.08
N LYS C 99 12.96 27.23 -42.09
CA LYS C 99 12.57 26.43 -43.23
C LYS C 99 11.19 26.84 -43.70
N THR C 100 10.95 26.75 -45.02
CA THR C 100 9.65 27.15 -45.61
C THR C 100 8.53 26.20 -45.16
N LEU C 101 7.28 26.65 -45.23
CA LEU C 101 6.12 25.83 -44.79
C LEU C 101 6.05 24.53 -45.60
N ASP C 102 6.55 24.53 -46.84
CA ASP C 102 6.58 23.29 -47.65
C ASP C 102 7.45 22.25 -46.94
N MET C 103 8.66 22.65 -46.53
CA MET C 103 9.59 21.72 -45.83
C MET C 103 9.02 21.38 -44.45
N ILE C 104 8.21 22.27 -43.89
CA ILE C 104 7.67 22.05 -42.51
C ILE C 104 6.54 21.03 -42.58
N TRP C 105 5.58 21.22 -43.49
CA TRP C 105 4.39 20.34 -43.52
C TRP C 105 4.53 19.21 -44.55
N ASN C 106 4.66 19.54 -45.83
CA ASN C 106 4.66 18.51 -46.90
C ASN C 106 5.92 17.62 -46.86
N ASN C 107 6.92 18.05 -46.12
CA ASN C 107 8.18 17.25 -46.01
C ASN C 107 8.24 16.63 -44.62
N MET C 108 8.67 17.40 -43.62
CA MET C 108 8.89 16.82 -42.26
C MET C 108 7.66 16.08 -41.75
N THR C 109 7.86 14.94 -41.08
CA THR C 109 6.74 14.22 -40.42
C THR C 109 6.78 14.63 -38.95
N TRP C 110 5.67 14.48 -38.22
CA TRP C 110 5.60 14.93 -36.80
C TRP C 110 6.75 14.34 -35.98
N MET C 111 7.07 13.06 -36.17
CA MET C 111 8.11 12.39 -35.34
C MET C 111 9.49 13.03 -35.58
N GLU C 112 9.88 13.28 -36.84
CA GLU C 112 11.18 13.95 -37.07
C GLU C 112 11.10 15.45 -36.77
N TRP C 113 9.93 16.06 -36.95
CA TRP C 113 9.75 17.50 -36.64
C TRP C 113 10.11 17.78 -35.17
N GLU C 114 9.62 16.96 -34.24
CA GLU C 114 9.86 17.27 -32.81
C GLU C 114 11.37 17.22 -32.52
N LYS C 115 12.10 16.30 -33.16
CA LYS C 115 13.56 16.14 -32.86
C LYS C 115 14.33 17.42 -33.20
N GLU C 116 14.05 18.05 -34.34
CA GLU C 116 14.72 19.34 -34.68
C GLU C 116 14.26 20.44 -33.72
N ILE C 117 12.99 20.43 -33.30
CA ILE C 117 12.44 21.52 -32.43
C ILE C 117 12.65 21.14 -30.95
N ASP C 118 13.38 20.06 -30.67
CA ASP C 118 13.50 19.61 -29.26
C ASP C 118 14.10 20.71 -28.38
N ASN C 119 15.08 21.47 -28.88
CA ASN C 119 15.68 22.57 -28.10
C ASN C 119 14.67 23.70 -27.96
N TYR C 120 13.89 23.96 -29.00
CA TYR C 120 12.86 25.03 -28.99
C TYR C 120 11.65 24.66 -28.13
N THR C 121 11.23 23.38 -28.12
CA THR C 121 10.00 22.96 -27.38
C THR C 121 9.77 23.79 -26.11
N GLY C 122 10.58 23.56 -25.06
CA GLY C 122 10.32 24.27 -23.80
C GLY C 122 10.30 25.78 -23.98
N LEU C 123 11.25 26.31 -24.76
CA LEU C 123 11.33 27.78 -24.97
C LEU C 123 9.97 28.27 -25.49
N ILE C 124 9.47 27.66 -26.56
CA ILE C 124 8.18 28.12 -27.18
C ILE C 124 7.05 27.94 -26.17
N TYR C 125 6.99 26.81 -25.48
CA TYR C 125 5.85 26.54 -24.55
C TYR C 125 5.77 27.67 -23.52
N THR C 126 6.93 28.10 -23.01
CA THR C 126 6.96 29.17 -21.98
C THR C 126 6.64 30.52 -22.64
N LEU C 127 7.09 30.73 -23.88
CA LEU C 127 6.75 31.98 -24.61
C LEU C 127 5.23 32.07 -24.80
N ILE C 128 4.57 30.94 -25.07
CA ILE C 128 3.11 30.99 -25.36
C ILE C 128 2.38 31.50 -24.11
N GLU C 129 2.73 30.98 -22.93
CA GLU C 129 2.01 31.38 -21.70
C GLU C 129 2.28 32.86 -21.39
N GLU C 130 3.53 33.32 -21.56
CA GLU C 130 3.85 34.75 -21.24
C GLU C 130 3.09 35.66 -22.20
N SER C 131 2.96 35.26 -23.47
CA SER C 131 2.16 36.05 -24.44
C SER C 131 0.71 36.11 -23.97
N GLN C 132 0.21 34.99 -23.42
CA GLN C 132 -1.18 34.94 -22.90
C GLN C 132 -1.34 35.97 -21.78
N ASN C 133 -0.31 36.14 -20.94
CA ASN C 133 -0.38 37.14 -19.83
C ASN C 133 -0.56 38.53 -20.43
N GLN C 134 0.17 38.84 -21.50
CA GLN C 134 0.05 40.16 -22.15
C GLN C 134 -1.37 40.33 -22.69
N GLN C 135 -1.92 39.28 -23.30
CA GLN C 135 -3.30 39.34 -23.83
C GLN C 135 -4.28 39.53 -22.67
N GLU C 136 -4.05 38.84 -21.54
CA GLU C 136 -4.94 38.95 -20.36
C GLU C 136 -4.91 40.39 -19.83
N LYS C 137 -3.74 41.02 -19.81
CA LYS C 137 -3.63 42.43 -19.38
C LYS C 137 -4.44 43.31 -20.34
N ASN C 138 -4.35 43.02 -21.65
CA ASN C 138 -5.15 43.77 -22.66
C ASN C 138 -6.64 43.56 -22.38
N GLU C 139 -7.03 42.34 -22.00
CA GLU C 139 -8.46 42.03 -21.71
C GLU C 139 -8.90 42.85 -20.50
N LYS C 140 -8.04 42.99 -19.49
CA LYS C 140 -8.37 43.82 -18.30
C LYS C 140 -8.58 45.26 -18.74
N GLU C 141 -7.73 45.76 -19.66
CA GLU C 141 -7.87 47.15 -20.17
C GLU C 141 -9.22 47.29 -20.88
N LEU C 142 -9.60 46.29 -21.68
CA LEU C 142 -10.92 46.33 -22.38
C LEU C 142 -12.04 46.32 -21.34
N LEU C 143 -11.88 45.51 -20.28
CA LEU C 143 -12.93 45.42 -19.22
C LEU C 143 -13.02 46.77 -18.49
N LYS D 2 -38.71 19.50 -34.84
CA LYS D 2 -37.47 18.73 -34.78
C LYS D 2 -36.69 19.08 -33.52
N LEU D 3 -36.01 18.08 -32.96
CA LEU D 3 -35.33 18.22 -31.69
C LEU D 3 -33.86 17.84 -31.84
N TRP D 4 -33.07 18.29 -30.88
CA TRP D 4 -31.64 18.01 -30.86
C TRP D 4 -31.23 17.48 -29.50
N VAL D 5 -30.21 16.62 -29.49
CA VAL D 5 -29.68 16.07 -28.20
C VAL D 5 -29.14 17.24 -27.37
N THR D 6 -29.28 17.20 -26.05
CA THR D 6 -28.69 18.25 -25.19
C THR D 6 -27.97 17.56 -24.03
N VAL D 7 -26.64 17.65 -24.00
CA VAL D 7 -25.85 16.96 -22.93
C VAL D 7 -26.08 17.69 -21.61
N TYR D 8 -26.58 16.98 -20.60
CA TYR D 8 -26.84 17.59 -19.26
C TYR D 8 -25.80 17.06 -18.28
N TYR D 9 -25.31 17.92 -17.37
CA TYR D 9 -24.25 17.51 -16.40
C TYR D 9 -24.72 17.78 -14.97
N GLY D 10 -24.46 16.86 -14.04
CA GLY D 10 -24.93 17.01 -12.65
C GLY D 10 -26.35 16.53 -12.47
N VAL D 11 -26.91 15.86 -13.48
CA VAL D 11 -28.32 15.38 -13.43
C VAL D 11 -28.47 14.33 -12.31
N PRO D 12 -29.54 14.38 -11.47
CA PRO D 12 -29.67 13.42 -10.38
C PRO D 12 -30.12 12.03 -10.85
N VAL D 13 -29.29 11.31 -11.59
CA VAL D 13 -29.61 9.91 -12.00
C VAL D 13 -28.60 8.97 -11.35
N TRP D 14 -29.08 7.92 -10.67
CA TRP D 14 -28.17 6.98 -9.97
C TRP D 14 -28.38 5.56 -10.50
N LYS D 15 -27.32 4.75 -10.51
CA LYS D 15 -27.47 3.33 -10.91
C LYS D 15 -26.89 2.47 -9.79
N GLU D 16 -27.59 1.40 -9.40
CA GLU D 16 -27.06 0.50 -8.40
C GLU D 16 -25.65 0.11 -8.77
N ALA D 17 -24.74 0.22 -7.81
CA ALA D 17 -23.33 -0.04 -8.09
C ALA D 17 -22.68 -0.63 -6.84
N THR D 18 -21.52 -1.24 -7.07
CA THR D 18 -20.71 -1.80 -6.00
C THR D 18 -19.38 -1.06 -6.00
N THR D 19 -19.01 -0.52 -4.85
CA THR D 19 -17.77 0.24 -4.76
C THR D 19 -17.19 0.09 -3.36
N THR D 20 -15.91 0.39 -3.26
CA THR D 20 -15.25 0.36 -1.97
C THR D 20 -15.76 1.50 -1.10
N LEU D 21 -15.89 1.27 0.20
CA LEU D 21 -16.35 2.32 1.15
C LEU D 21 -15.29 2.50 2.23
N PHE D 22 -15.31 3.63 2.95
CA PHE D 22 -14.26 3.88 3.98
C PHE D 22 -14.96 4.09 5.31
N CYS D 23 -14.21 3.97 6.41
CA CYS D 23 -14.87 4.09 7.73
C CYS D 23 -14.60 5.49 8.24
N ALA D 24 -15.57 6.07 8.97
CA ALA D 24 -15.37 7.46 9.45
C ALA D 24 -15.85 7.59 10.90
N SER D 25 -15.12 7.03 11.87
CA SER D 25 -15.61 7.07 13.27
C SER D 25 -15.65 8.51 13.80
N ASP D 26 -16.27 8.72 14.97
CA ASP D 26 -16.42 10.09 15.53
C ASP D 26 -15.06 10.66 15.98
N ALA D 27 -14.95 11.98 16.05
CA ALA D 27 -13.70 12.66 16.49
C ALA D 27 -13.40 12.28 17.94
N LYS D 28 -14.43 12.07 18.76
CA LYS D 28 -14.23 11.78 20.21
C LYS D 28 -13.38 10.52 20.39
N ALA D 29 -13.56 9.52 19.54
CA ALA D 29 -12.80 8.25 19.69
C ALA D 29 -11.30 8.53 19.56
N TYR D 30 -10.90 9.36 18.60
CA TYR D 30 -9.47 9.74 18.47
C TYR D 30 -9.04 10.58 19.68
N ASP D 31 -9.95 11.41 20.21
CA ASP D 31 -9.62 12.32 21.35
C ASP D 31 -9.16 11.52 22.55
N THR D 32 -9.71 10.31 22.76
CA THR D 32 -9.32 9.47 23.91
C THR D 32 -7.82 9.17 23.84
N GLU D 33 -7.27 9.01 22.63
CA GLU D 33 -5.82 8.74 22.43
C GLU D 33 -5.55 7.28 22.81
N VAL D 34 -6.57 6.59 23.33
CA VAL D 34 -6.44 5.13 23.61
C VAL D 34 -6.01 4.46 22.31
N HIS D 35 -5.08 3.50 22.38
CA HIS D 35 -4.61 2.78 21.18
C HIS D 35 -5.79 2.26 20.35
N ASN D 36 -5.69 2.27 19.02
CA ASN D 36 -6.72 1.74 18.14
C ASN D 36 -7.46 0.58 18.77
N VAL D 37 -8.80 0.62 18.68
CA VAL D 37 -9.63 -0.50 19.17
C VAL D 37 -9.85 -1.47 18.02
N TRP D 38 -8.85 -2.25 17.62
CA TRP D 38 -8.92 -3.28 16.54
C TRP D 38 -9.36 -2.76 15.16
N ALA D 39 -9.87 -1.51 15.07
CA ALA D 39 -10.35 -0.90 13.81
C ALA D 39 -10.78 0.52 14.17
N THR D 40 -9.90 1.54 14.13
CA THR D 40 -10.32 2.88 14.63
C THR D 40 -9.52 4.08 14.11
N HIS D 41 -8.21 4.13 14.35
CA HIS D 41 -7.41 5.35 14.02
C HIS D 41 -7.45 5.71 12.54
N ALA D 42 -7.33 4.70 11.67
CA ALA D 42 -7.33 4.90 10.20
C ALA D 42 -8.56 5.70 9.77
N CYS D 43 -9.68 5.54 10.49
CA CYS D 43 -10.96 6.16 10.05
C CYS D 43 -10.81 7.68 10.00
N VAL D 44 -11.60 8.32 9.12
CA VAL D 44 -11.53 9.80 8.99
C VAL D 44 -12.58 10.35 9.96
N PRO D 45 -12.56 11.63 10.42
CA PRO D 45 -13.51 12.03 11.45
C PRO D 45 -14.93 12.28 10.93
N THR D 46 -15.95 11.91 11.71
CA THR D 46 -17.34 12.07 11.32
C THR D 46 -17.64 13.54 11.09
N ASP D 47 -18.32 13.83 9.98
CA ASP D 47 -18.74 15.23 9.69
C ASP D 47 -19.76 15.66 10.75
N PRO D 48 -19.56 16.78 11.51
CA PRO D 48 -20.45 17.15 12.61
C PRO D 48 -21.92 16.75 12.42
N ASN D 49 -22.58 17.32 11.40
CA ASN D 49 -23.99 16.95 11.11
C ASN D 49 -24.05 16.20 9.78
N PRO D 50 -24.56 14.95 9.74
CA PRO D 50 -24.73 14.22 8.48
C PRO D 50 -25.86 14.87 7.69
N GLN D 51 -25.80 14.83 6.36
CA GLN D 51 -26.92 15.38 5.54
C GLN D 51 -27.87 14.23 5.21
N GLU D 52 -29.10 14.28 5.70
CA GLU D 52 -30.08 13.20 5.46
C GLU D 52 -31.14 13.72 4.48
N VAL D 53 -30.70 14.31 3.36
CA VAL D 53 -31.64 14.86 2.40
C VAL D 53 -32.64 13.80 1.99
N VAL D 54 -33.91 14.14 2.04
CA VAL D 54 -34.98 13.21 1.73
C VAL D 54 -35.28 13.28 0.24
N LEU D 55 -35.73 12.17 -0.31
CA LEU D 55 -36.01 12.06 -1.74
C LEU D 55 -37.52 11.89 -1.89
N GLU D 56 -38.22 13.02 -1.95
CA GLU D 56 -39.66 12.98 -2.06
C GLU D 56 -40.09 12.52 -3.45
N ASN D 57 -41.30 11.97 -3.54
CA ASN D 57 -41.84 11.48 -4.84
C ASN D 57 -40.94 10.38 -5.40
N VAL D 58 -40.30 9.60 -4.53
CA VAL D 58 -39.40 8.54 -4.97
C VAL D 58 -39.85 7.22 -4.35
N THR D 59 -39.81 6.16 -5.14
CA THR D 59 -40.27 4.84 -4.74
C THR D 59 -39.19 3.79 -5.01
N GLU D 60 -37.96 4.09 -4.56
CA GLU D 60 -36.80 3.22 -4.88
C GLU D 60 -36.94 1.81 -4.30
N ASN D 61 -36.70 0.77 -5.12
CA ASN D 61 -36.72 -0.62 -4.63
C ASN D 61 -35.41 -0.92 -3.89
N PHE D 62 -35.43 -1.82 -2.92
CA PHE D 62 -34.22 -2.17 -2.12
C PHE D 62 -34.01 -3.69 -2.14
N ASN D 63 -32.78 -4.15 -1.91
CA ASN D 63 -32.50 -5.61 -1.84
C ASN D 63 -31.47 -5.86 -0.73
N MET D 64 -31.93 -5.89 0.52
CA MET D 64 -30.99 -6.07 1.66
C MET D 64 -30.27 -7.42 1.57
N TRP D 65 -30.86 -8.41 0.89
CA TRP D 65 -30.24 -9.77 0.87
C TRP D 65 -29.15 -9.86 -0.21
N LYS D 66 -29.16 -8.96 -1.20
CA LYS D 66 -28.13 -8.96 -2.22
C LYS D 66 -27.23 -7.73 -2.14
N ASN D 67 -27.27 -7.00 -1.04
CA ASN D 67 -26.46 -5.81 -0.92
C ASN D 67 -24.98 -6.17 -0.89
N ASN D 68 -24.19 -5.43 -1.65
CA ASN D 68 -22.74 -5.62 -1.61
C ASN D 68 -22.17 -5.22 -0.27
N MET D 69 -22.66 -4.12 0.30
CA MET D 69 -22.04 -3.56 1.49
C MET D 69 -21.90 -4.59 2.59
N VAL D 70 -22.89 -5.49 2.69
CA VAL D 70 -22.80 -6.53 3.71
C VAL D 70 -21.54 -7.36 3.52
N GLU D 71 -21.32 -7.83 2.29
CA GLU D 71 -20.13 -8.63 2.03
C GLU D 71 -18.86 -7.81 2.22
N GLN D 72 -18.89 -6.57 1.73
CA GLN D 72 -17.70 -5.72 1.83
C GLN D 72 -17.27 -5.54 3.27
N MET D 73 -18.24 -5.16 4.12
CA MET D 73 -17.96 -4.95 5.57
C MET D 73 -17.59 -6.29 6.21
N HIS D 74 -18.28 -7.37 5.84
CA HIS D 74 -17.94 -8.72 6.38
C HIS D 74 -16.45 -8.95 6.16
N GLU D 75 -15.96 -8.76 4.94
CA GLU D 75 -14.54 -8.92 4.64
C GLU D 75 -13.71 -7.91 5.41
N ASP D 76 -14.21 -6.69 5.52
CA ASP D 76 -13.47 -5.62 6.23
C ASP D 76 -13.24 -6.06 7.68
N ILE D 77 -14.31 -6.46 8.38
CA ILE D 77 -14.18 -6.80 9.83
C ILE D 77 -13.23 -8.00 9.97
N ILE D 78 -13.33 -9.00 9.08
CA ILE D 78 -12.37 -10.14 9.12
C ILE D 78 -10.95 -9.60 8.96
N SER D 79 -10.69 -8.84 7.90
CA SER D 79 -9.31 -8.37 7.65
C SER D 79 -8.82 -7.48 8.80
N LEU D 80 -9.71 -6.64 9.34
CA LEU D 80 -9.32 -5.71 10.43
C LEU D 80 -8.87 -6.49 11.67
N TRP D 81 -9.63 -7.53 12.05
CA TRP D 81 -9.16 -8.36 13.18
C TRP D 81 -7.82 -8.99 12.80
N ASP D 82 -7.70 -9.53 11.58
CA ASP D 82 -6.46 -10.26 11.21
C ASP D 82 -5.27 -9.30 11.34
N GLU D 83 -5.39 -8.09 10.80
CA GLU D 83 -4.25 -7.14 10.83
C GLU D 83 -3.94 -6.76 12.27
N SER D 84 -4.96 -6.54 13.10
CA SER D 84 -4.75 -6.11 14.51
C SER D 84 -4.04 -7.19 15.33
N LEU D 85 -4.41 -8.46 15.16
CA LEU D 85 -3.82 -9.52 16.04
C LEU D 85 -2.63 -10.19 15.37
N LYS D 86 -2.32 -9.83 14.12
CA LYS D 86 -1.21 -10.52 13.39
C LYS D 86 0.15 -10.10 13.97
N PRO D 87 0.46 -8.82 14.33
CA PRO D 87 1.76 -8.51 14.93
C PRO D 87 1.93 -9.07 16.32
N CYS D 88 0.87 -9.56 16.94
CA CYS D 88 0.95 -9.97 18.33
C CYS D 88 1.65 -11.33 18.44
N VAL D 89 1.70 -11.85 19.68
CA VAL D 89 2.47 -13.11 19.95
C VAL D 89 1.70 -14.36 19.53
N LYS D 90 2.37 -15.29 18.85
CA LYS D 90 1.73 -16.59 18.54
C LYS D 90 1.91 -17.49 19.76
N LEU D 91 0.86 -18.19 20.19
CA LEU D 91 0.95 -19.05 21.41
C LEU D 91 1.24 -20.49 20.98
N THR D 92 1.86 -20.66 19.81
CA THR D 92 2.23 -22.02 19.33
C THR D 92 3.24 -22.70 20.28
N PRO D 93 4.29 -22.02 20.82
CA PRO D 93 5.19 -22.68 21.77
C PRO D 93 4.46 -23.27 22.99
N LEU D 94 3.28 -22.75 23.32
CA LEU D 94 2.58 -23.21 24.52
C LEU D 94 1.83 -24.51 24.32
N CYS D 95 1.82 -25.07 23.10
CA CYS D 95 1.05 -26.32 22.89
C CYS D 95 1.82 -27.45 23.56
N VAL D 96 1.69 -27.61 24.89
CA VAL D 96 2.49 -28.61 25.64
C VAL D 96 1.54 -29.36 26.57
N THR D 97 1.93 -30.54 27.04
CA THR D 97 1.20 -31.27 28.05
C THR D 97 1.02 -30.40 29.28
N LEU D 98 -0.18 -30.44 29.86
CA LEU D 98 -0.53 -29.58 30.98
C LEU D 98 -0.94 -30.43 32.18
N ASN D 99 -0.32 -30.12 33.33
CA ASN D 99 -0.66 -30.78 34.62
C ASN D 99 -1.59 -29.80 35.32
N CYS D 100 -2.82 -30.20 35.65
CA CYS D 100 -3.82 -29.28 36.16
C CYS D 100 -4.53 -29.87 37.38
N THR D 101 -4.83 -29.00 38.35
CA THR D 101 -5.63 -29.43 39.53
C THR D 101 -7.02 -28.82 39.32
N ASP D 102 -8.09 -29.56 39.61
CA ASP D 102 -9.44 -29.03 39.29
C ASP D 102 -9.65 -27.71 40.04
N LEU D 103 -9.25 -27.66 41.32
CA LEU D 103 -9.35 -26.40 42.09
C LEU D 103 -8.10 -26.30 42.97
N ARG D 104 -7.52 -25.11 43.09
CA ARG D 104 -6.26 -24.97 43.86
C ARG D 104 -6.52 -25.40 45.31
N ASN D 105 -7.63 -24.95 45.90
CA ASN D 105 -7.99 -25.40 47.26
C ASN D 105 -9.43 -25.95 47.26
N VAL D 106 -9.66 -27.08 47.92
CA VAL D 106 -11.07 -27.60 48.08
C VAL D 106 -11.73 -26.73 49.15
N THR D 107 -12.11 -25.51 48.79
CA THR D 107 -12.67 -24.54 49.78
C THR D 107 -14.16 -24.81 49.96
N ASN D 108 -14.52 -26.07 50.21
CA ASN D 108 -15.96 -26.44 50.38
C ASN D 108 -16.28 -26.52 51.87
N SER D 113 -19.35 -22.92 49.94
CA SER D 113 -18.57 -23.71 48.96
C SER D 113 -18.36 -22.91 47.68
N GLU D 114 -17.92 -23.57 46.61
CA GLU D 114 -17.70 -22.88 45.30
C GLU D 114 -18.64 -23.50 44.26
N GLY D 115 -19.31 -22.67 43.46
CA GLY D 115 -20.19 -23.18 42.38
C GLY D 115 -19.40 -23.97 41.36
N MET D 116 -18.19 -23.52 41.04
CA MET D 116 -17.35 -24.19 40.01
C MET D 116 -17.03 -25.62 40.48
N ARG D 117 -17.13 -26.59 39.58
CA ARG D 117 -16.77 -27.99 39.92
C ARG D 117 -15.27 -28.18 39.61
N GLY D 118 -14.73 -27.30 38.75
CA GLY D 118 -13.29 -27.38 38.39
C GLY D 118 -12.97 -26.35 37.33
N GLU D 119 -13.76 -25.28 37.25
CA GLU D 119 -13.55 -24.22 36.22
C GLU D 119 -12.14 -23.65 36.28
N ILE D 120 -11.60 -23.40 37.48
CA ILE D 120 -10.24 -22.79 37.66
C ILE D 120 -9.18 -23.62 36.94
N LYS D 121 -9.18 -24.95 37.12
CA LYS D 121 -8.19 -25.85 36.46
C LYS D 121 -6.79 -25.21 36.48
N ASN D 122 -6.18 -25.13 37.66
CA ASN D 122 -4.80 -24.56 37.80
C ASN D 122 -3.82 -25.43 36.99
N CYS D 123 -3.51 -25.03 35.76
CA CYS D 123 -2.64 -25.85 34.86
C CYS D 123 -1.18 -25.38 34.90
N SER D 124 -0.27 -26.24 35.37
CA SER D 124 1.17 -25.91 35.41
C SER D 124 1.90 -26.66 34.30
N PHE D 125 2.69 -25.96 33.47
CA PHE D 125 3.37 -26.59 32.31
C PHE D 125 4.88 -26.32 32.37
N ASN D 126 5.65 -26.92 31.46
CA ASN D 126 7.11 -26.63 31.39
C ASN D 126 7.39 -25.95 30.04
N ILE D 127 7.85 -24.70 30.05
CA ILE D 127 8.05 -23.97 28.76
C ILE D 127 9.46 -23.40 28.66
N THR D 128 10.12 -23.57 27.50
CA THR D 128 11.41 -22.93 27.29
C THR D 128 11.21 -21.43 27.17
N THR D 129 11.97 -20.67 27.95
CA THR D 129 11.84 -19.22 27.99
C THR D 129 12.55 -18.61 26.78
N SER D 130 12.75 -17.29 26.83
CA SER D 130 13.63 -16.66 25.85
C SER D 130 15.01 -17.31 25.88
N ILE D 131 15.54 -17.54 27.06
CA ILE D 131 16.78 -18.30 27.19
C ILE D 131 16.48 -19.73 26.79
N LYS D 132 16.97 -20.13 25.61
CA LYS D 132 16.66 -21.46 25.10
C LYS D 132 17.58 -22.49 25.74
N ASP D 133 17.66 -22.45 27.06
CA ASP D 133 18.50 -23.39 27.82
C ASP D 133 17.82 -23.97 29.04
N LYS D 134 16.82 -23.31 29.61
CA LYS D 134 16.17 -23.75 30.84
C LYS D 134 14.71 -24.02 30.57
N VAL D 135 14.22 -25.15 31.07
CA VAL D 135 12.78 -25.36 31.14
C VAL D 135 12.28 -24.78 32.47
N LYS D 136 11.26 -23.93 32.38
CA LYS D 136 10.73 -23.26 33.59
C LYS D 136 9.27 -23.66 33.83
N LYS D 137 9.01 -24.51 34.83
CA LYS D 137 7.61 -24.87 35.15
C LYS D 137 6.85 -23.61 35.55
N ASP D 138 5.78 -23.28 34.81
CA ASP D 138 4.99 -22.06 35.12
C ASP D 138 3.50 -22.44 35.21
N TYR D 139 2.82 -21.98 36.27
CA TYR D 139 1.36 -22.26 36.40
C TYR D 139 0.54 -21.18 35.69
N ALA D 140 -0.66 -21.53 35.24
CA ALA D 140 -1.57 -20.58 34.57
C ALA D 140 -3.00 -21.06 34.77
N LEU D 141 -3.99 -20.17 34.71
CA LEU D 141 -5.38 -20.60 35.01
C LEU D 141 -6.21 -20.61 33.72
N PHE D 142 -7.02 -21.67 33.50
CA PHE D 142 -7.82 -21.76 32.30
C PHE D 142 -9.21 -22.27 32.65
N TYR D 143 -10.15 -22.00 31.76
CA TYR D 143 -11.49 -22.52 31.89
C TYR D 143 -11.62 -23.82 31.11
N LYS D 144 -12.58 -24.66 31.51
CA LYS D 144 -12.74 -25.99 30.87
C LYS D 144 -12.86 -25.85 29.36
N LEU D 145 -13.48 -24.75 28.89
CA LEU D 145 -13.71 -24.56 27.43
C LEU D 145 -12.38 -24.39 26.70
N ASP D 146 -11.27 -24.22 27.42
CA ASP D 146 -9.96 -23.96 26.76
C ASP D 146 -9.04 -25.19 26.82
N VAL D 147 -9.34 -26.17 27.68
CA VAL D 147 -8.41 -27.31 27.84
C VAL D 147 -9.10 -28.63 27.46
N VAL D 148 -8.53 -29.38 26.51
CA VAL D 148 -9.10 -30.72 26.14
C VAL D 148 -8.49 -31.82 27.01
N PRO D 149 -9.25 -32.69 27.74
CA PRO D 149 -8.61 -33.77 28.47
C PRO D 149 -8.04 -34.77 27.45
N ILE D 150 -6.74 -35.07 27.57
CA ILE D 150 -6.09 -36.00 26.60
C ILE D 150 -5.57 -37.22 27.35
N ASP D 151 -5.23 -38.30 26.62
CA ASP D 151 -4.63 -39.48 27.24
C ASP D 151 -5.56 -40.14 28.26
N ASN D 152 -6.74 -39.59 28.48
CA ASN D 152 -7.71 -40.12 29.43
C ASN D 152 -7.18 -40.11 30.87
N ASP D 153 -6.01 -39.54 31.07
CA ASP D 153 -5.50 -39.36 32.43
C ASP D 153 -6.22 -38.23 33.12
N ASN D 154 -6.31 -38.32 34.45
CA ASN D 154 -7.15 -37.39 35.24
C ASN D 154 -6.58 -35.96 35.14
N THR D 155 -5.28 -35.82 34.88
CA THR D 155 -4.64 -34.52 34.89
C THR D 155 -3.96 -34.13 33.58
N SER D 156 -3.95 -35.04 32.61
CA SER D 156 -3.36 -34.74 31.28
C SER D 156 -4.29 -33.82 30.48
N TYR D 157 -3.85 -32.59 30.21
CA TYR D 157 -4.69 -31.61 29.46
C TYR D 157 -3.87 -30.89 28.40
N ARG D 158 -4.51 -30.32 27.38
CA ARG D 158 -3.74 -29.51 26.39
C ARG D 158 -4.52 -28.23 26.10
N LEU D 159 -4.65 -27.88 24.82
CA LEU D 159 -5.44 -26.68 24.43
C LEU D 159 -6.43 -27.10 23.36
N ILE D 160 -7.57 -26.42 23.25
CA ILE D 160 -8.63 -26.87 22.29
C ILE D 160 -8.08 -26.84 20.86
N ASN D 161 -7.31 -25.80 20.51
CA ASN D 161 -6.83 -25.67 19.11
C ASN D 161 -5.30 -25.72 19.07
N CYS D 162 -4.71 -26.91 18.92
CA CYS D 162 -3.23 -26.98 18.76
C CYS D 162 -2.93 -27.60 17.39
N ASN D 163 -3.08 -28.92 17.23
CA ASN D 163 -2.89 -29.59 15.91
C ASN D 163 -3.94 -29.03 14.95
N THR D 164 -5.14 -28.75 15.45
CA THR D 164 -6.28 -28.21 14.68
C THR D 164 -5.96 -26.81 14.12
N SER D 165 -5.41 -25.93 14.96
CA SER D 165 -5.25 -24.50 14.56
C SER D 165 -4.09 -23.83 15.31
N THR D 166 -3.59 -22.71 14.77
CA THR D 166 -2.49 -21.94 15.42
C THR D 166 -3.10 -20.83 16.29
N ILE D 167 -2.74 -20.79 17.58
CA ILE D 167 -3.32 -19.77 18.50
C ILE D 167 -2.50 -18.49 18.45
N THR D 168 -3.15 -17.33 18.37
CA THR D 168 -2.43 -16.02 18.45
C THR D 168 -3.14 -15.14 19.46
N GLN D 169 -2.41 -14.62 20.46
CA GLN D 169 -3.07 -13.81 21.52
C GLN D 169 -3.31 -12.39 20.99
N ALA D 170 -4.30 -11.67 21.55
CA ALA D 170 -4.48 -10.30 21.14
C ALA D 170 -3.51 -9.40 21.91
N CYS D 171 -3.05 -8.35 21.25
CA CYS D 171 -2.17 -7.40 21.91
C CYS D 171 -2.91 -6.71 23.02
N PRO D 172 -2.44 -6.77 24.26
CA PRO D 172 -3.22 -6.25 25.39
C PRO D 172 -3.56 -4.78 25.28
N LYS D 173 -2.66 -3.98 24.70
CA LYS D 173 -2.92 -2.55 24.61
C LYS D 173 -4.16 -2.27 23.77
N VAL D 174 -4.33 -3.01 22.67
CA VAL D 174 -5.52 -2.85 21.86
C VAL D 174 -6.73 -3.30 22.66
N SER D 175 -7.68 -2.40 22.87
CA SER D 175 -8.89 -2.73 23.58
C SER D 175 -9.91 -3.33 22.61
N PHE D 176 -11.12 -3.57 23.08
CA PHE D 176 -12.14 -4.19 22.26
C PHE D 176 -13.48 -3.48 22.29
N GLU D 177 -13.58 -2.46 23.16
CA GLU D 177 -14.84 -1.68 23.28
C GLU D 177 -15.24 -1.17 21.89
N PRO D 178 -16.26 -1.74 21.19
CA PRO D 178 -16.59 -1.29 19.85
C PRO D 178 -17.06 0.16 19.85
N ILE D 179 -16.83 0.83 18.73
CA ILE D 179 -17.17 2.25 18.63
C ILE D 179 -17.99 2.47 17.37
N PRO D 180 -18.90 3.45 17.35
CA PRO D 180 -19.73 3.65 16.18
C PRO D 180 -18.90 3.98 14.96
N ILE D 181 -19.26 3.41 13.79
CA ILE D 181 -18.45 3.59 12.56
C ILE D 181 -19.34 4.13 11.44
N HIS D 182 -18.85 5.09 10.66
CA HIS D 182 -19.65 5.63 9.53
C HIS D 182 -19.08 5.18 8.18
N TYR D 183 -19.84 4.39 7.42
CA TYR D 183 -19.41 3.99 6.05
C TYR D 183 -19.84 5.10 5.09
N CYS D 184 -18.89 5.77 4.47
CA CYS D 184 -19.14 6.90 3.59
C CYS D 184 -18.72 6.53 2.18
N THR D 185 -19.39 7.04 1.28
CA THR D 185 -18.92 6.64 -0.03
C THR D 185 -18.03 7.72 -0.62
N PRO D 186 -17.12 7.32 -1.50
CA PRO D 186 -16.43 8.30 -2.33
C PRO D 186 -17.44 9.09 -3.14
N ALA D 187 -17.09 10.37 -3.35
CA ALA D 187 -18.00 11.27 -4.07
C ALA D 187 -18.39 10.66 -5.41
N GLY D 188 -19.49 11.12 -6.00
CA GLY D 188 -20.05 10.44 -7.13
C GLY D 188 -20.79 9.16 -6.77
N PHE D 189 -20.88 8.85 -5.48
CA PHE D 189 -21.62 7.71 -5.00
C PHE D 189 -22.46 8.17 -3.81
N ALA D 190 -23.51 7.41 -3.52
CA ALA D 190 -24.42 7.81 -2.46
C ALA D 190 -25.04 6.58 -1.83
N ILE D 191 -25.56 6.78 -0.63
CA ILE D 191 -26.25 5.74 0.13
C ILE D 191 -27.70 6.17 0.29
N LEU D 192 -28.61 5.27 -0.03
CA LEU D 192 -30.04 5.55 0.06
C LEU D 192 -30.60 4.91 1.32
N LYS D 193 -31.34 5.69 2.10
CA LYS D 193 -31.87 5.18 3.40
C LYS D 193 -33.39 5.04 3.31
N CYS D 194 -33.91 3.82 3.44
CA CYS D 194 -35.38 3.63 3.46
C CYS D 194 -35.94 4.35 4.70
N LYS D 195 -36.99 5.14 4.51
CA LYS D 195 -37.60 5.88 5.66
C LYS D 195 -38.91 5.21 6.07
N ASP D 196 -39.22 4.04 5.49
CA ASP D 196 -40.52 3.39 5.80
C ASP D 196 -40.49 2.85 7.24
N LYS D 197 -41.40 3.32 8.08
CA LYS D 197 -41.49 2.90 9.51
C LYS D 197 -41.34 1.39 9.61
N LYS D 198 -41.97 0.64 8.70
CA LYS D 198 -41.87 -0.84 8.69
C LYS D 198 -41.37 -1.31 7.32
N PHE D 199 -40.25 -2.04 7.28
CA PHE D 199 -39.67 -2.46 5.98
C PHE D 199 -39.48 -3.99 5.94
N ASN D 200 -39.90 -4.64 4.86
CA ASN D 200 -39.67 -6.10 4.71
C ASN D 200 -38.17 -6.31 4.44
N GLY D 201 -37.47 -5.28 3.97
CA GLY D 201 -36.02 -5.37 3.72
C GLY D 201 -35.75 -5.62 2.25
N THR D 202 -36.76 -6.09 1.51
CA THR D 202 -36.62 -6.30 0.05
C THR D 202 -37.88 -5.78 -0.65
N GLY D 203 -37.72 -4.89 -1.64
CA GLY D 203 -38.88 -4.37 -2.39
C GLY D 203 -38.95 -2.85 -2.40
N PRO D 204 -40.03 -2.25 -2.94
CA PRO D 204 -40.13 -0.78 -3.08
C PRO D 204 -40.26 -0.01 -1.75
N CYS D 205 -39.72 1.20 -1.68
CA CYS D 205 -39.71 1.97 -0.41
C CYS D 205 -40.65 3.17 -0.55
N LYS D 206 -41.58 3.33 0.41
CA LYS D 206 -42.55 4.45 0.39
C LYS D 206 -41.76 5.77 0.42
N ASN D 207 -40.97 5.99 1.47
CA ASN D 207 -40.16 7.23 1.58
C ASN D 207 -38.68 6.86 1.51
N VAL D 208 -37.90 7.57 0.69
CA VAL D 208 -36.44 7.27 0.53
C VAL D 208 -35.64 8.52 0.90
N SER D 209 -34.45 8.37 1.48
CA SER D 209 -33.57 9.53 1.76
C SER D 209 -32.16 9.16 1.31
N THR D 210 -31.22 10.11 1.32
CA THR D 210 -29.85 9.78 0.97
C THR D 210 -28.89 10.35 2.01
N VAL D 211 -27.80 9.63 2.23
CA VAL D 211 -26.74 10.08 3.10
C VAL D 211 -25.41 9.74 2.43
N GLN D 212 -24.47 10.66 2.51
CA GLN D 212 -23.12 10.36 2.00
C GLN D 212 -22.43 9.46 3.03
N CYS D 213 -23.00 9.32 4.23
CA CYS D 213 -22.37 8.56 5.30
C CYS D 213 -23.43 7.78 6.04
N THR D 214 -23.14 6.51 6.32
CA THR D 214 -24.05 5.71 7.13
C THR D 214 -24.14 6.28 8.54
N HIS D 215 -25.25 6.00 9.20
CA HIS D 215 -25.31 6.29 10.62
C HIS D 215 -24.28 5.45 11.35
N GLY D 216 -23.85 5.93 12.51
CA GLY D 216 -22.87 5.22 13.29
C GLY D 216 -23.30 3.81 13.59
N ILE D 217 -22.46 2.83 13.22
CA ILE D 217 -22.71 1.43 13.53
C ILE D 217 -21.57 0.94 14.40
N LYS D 218 -21.93 0.29 15.51
CA LYS D 218 -20.93 -0.34 16.35
C LYS D 218 -20.79 -1.78 15.88
N PRO D 219 -19.65 -2.20 15.27
CA PRO D 219 -19.54 -3.56 14.73
C PRO D 219 -19.42 -4.64 15.82
N VAL D 220 -20.35 -4.64 16.77
CA VAL D 220 -20.36 -5.66 17.85
C VAL D 220 -20.60 -7.04 17.21
N VAL D 221 -19.88 -8.07 17.66
CA VAL D 221 -20.16 -9.44 17.14
C VAL D 221 -20.89 -10.19 18.24
N SER D 222 -22.13 -10.61 17.98
CA SER D 222 -22.95 -11.30 19.02
C SER D 222 -23.72 -12.45 18.39
N THR D 223 -24.04 -13.48 19.19
CA THR D 223 -24.77 -14.66 18.66
C THR D 223 -26.14 -14.76 19.34
N GLN D 224 -27.14 -15.29 18.63
CA GLN D 224 -28.51 -15.47 19.18
C GLN D 224 -29.09 -14.13 19.66
N LEU D 225 -28.33 -13.03 19.53
CA LEU D 225 -28.80 -11.72 20.03
C LEU D 225 -28.12 -10.64 19.22
N LEU D 226 -28.65 -9.42 19.23
CA LEU D 226 -27.97 -8.27 18.57
C LEU D 226 -27.81 -7.23 19.67
N LEU D 227 -26.57 -6.97 20.11
CA LEU D 227 -26.40 -6.06 21.28
C LEU D 227 -25.92 -4.68 20.88
N ASN D 228 -26.30 -3.65 21.65
CA ASN D 228 -25.93 -2.25 21.29
C ASN D 228 -26.24 -2.00 19.81
N GLY D 229 -27.31 -2.62 19.30
CA GLY D 229 -27.70 -2.45 17.88
C GLY D 229 -28.76 -1.38 17.66
N SER D 230 -29.16 -1.16 16.40
CA SER D 230 -30.21 -0.17 16.06
C SER D 230 -31.60 -0.71 16.41
N LEU D 231 -32.60 0.18 16.54
CA LEU D 231 -33.98 -0.25 16.93
C LEU D 231 -34.96 -0.07 15.77
N ALA D 232 -36.16 -0.65 15.88
CA ALA D 232 -37.21 -0.50 14.89
C ALA D 232 -38.11 0.67 15.29
N GLU D 233 -39.24 0.80 14.61
CA GLU D 233 -40.16 1.92 14.83
C GLU D 233 -41.56 1.40 15.06
N GLU D 234 -42.05 1.56 16.30
CA GLU D 234 -43.44 1.28 16.69
C GLU D 234 -43.83 -0.18 16.57
N GLU D 235 -42.94 -1.03 16.03
CA GLU D 235 -43.34 -2.44 15.80
C GLU D 235 -42.09 -3.31 15.55
N VAL D 236 -42.00 -4.44 16.23
CA VAL D 236 -40.87 -5.39 15.97
C VAL D 236 -41.01 -5.88 14.52
N VAL D 237 -39.91 -5.87 13.77
CA VAL D 237 -39.95 -6.25 12.33
C VAL D 237 -39.22 -7.58 12.14
N ILE D 238 -39.74 -8.46 11.27
CA ILE D 238 -39.12 -9.79 11.03
C ILE D 238 -38.76 -9.91 9.54
N ARG D 239 -37.48 -10.14 9.23
CA ARG D 239 -37.02 -10.21 7.81
C ARG D 239 -36.30 -11.52 7.53
N SER D 240 -36.60 -12.15 6.38
CA SER D 240 -35.88 -13.38 5.96
C SER D 240 -36.04 -13.50 4.45
N SER D 241 -34.98 -13.92 3.74
CA SER D 241 -35.09 -13.94 2.25
C SER D 241 -36.27 -14.86 1.93
N ASN D 242 -36.37 -16.01 2.59
CA ASN D 242 -37.48 -16.96 2.32
C ASN D 242 -38.02 -17.47 3.65
N PHE D 243 -39.18 -16.95 4.07
CA PHE D 243 -39.75 -17.31 5.39
C PHE D 243 -40.27 -18.73 5.28
N THR D 244 -40.67 -19.10 4.06
CA THR D 244 -41.23 -20.46 3.82
C THR D 244 -40.07 -21.45 3.68
N ASP D 245 -38.83 -20.96 3.74
CA ASP D 245 -37.65 -21.87 3.74
C ASP D 245 -37.33 -22.20 5.20
N ASN D 246 -36.28 -23.00 5.44
CA ASN D 246 -35.97 -23.41 6.83
C ASN D 246 -34.54 -23.01 7.19
N ALA D 247 -33.56 -23.38 6.36
CA ALA D 247 -32.14 -23.09 6.64
C ALA D 247 -31.93 -21.57 6.74
N LYS D 248 -32.70 -20.80 5.97
CA LYS D 248 -32.58 -19.31 5.99
C LYS D 248 -32.67 -18.82 7.43
N ASN D 249 -31.64 -18.12 7.92
CA ASN D 249 -31.75 -17.54 9.28
C ASN D 249 -32.77 -16.39 9.25
N ILE D 250 -33.57 -16.27 10.33
CA ILE D 250 -34.63 -15.22 10.44
C ILE D 250 -34.09 -14.04 11.24
N ILE D 251 -34.00 -12.85 10.64
CA ILE D 251 -33.52 -11.63 11.34
C ILE D 251 -34.72 -10.99 12.06
N VAL D 252 -34.56 -10.55 13.30
CA VAL D 252 -35.65 -9.81 13.99
C VAL D 252 -35.08 -8.51 14.54
N GLN D 253 -35.67 -7.37 14.21
CA GLN D 253 -35.21 -6.09 14.79
C GLN D 253 -36.25 -5.65 15.81
N LEU D 254 -35.82 -5.38 17.05
CA LEU D 254 -36.81 -5.05 18.11
C LEU D 254 -37.19 -3.58 18.06
N LYS D 255 -38.35 -3.21 18.61
CA LYS D 255 -38.77 -1.78 18.67
C LYS D 255 -38.42 -1.23 20.06
N GLU D 256 -38.25 -2.12 21.05
CA GLU D 256 -37.95 -1.68 22.44
C GLU D 256 -36.65 -2.34 22.91
N SER D 257 -35.70 -1.55 23.42
CA SER D 257 -34.40 -2.10 23.90
C SER D 257 -34.58 -2.77 25.26
N VAL D 258 -34.00 -3.97 25.42
CA VAL D 258 -34.08 -4.68 26.74
C VAL D 258 -32.68 -4.62 27.38
N GLU D 259 -32.56 -4.00 28.55
CA GLU D 259 -31.22 -3.85 29.19
C GLU D 259 -30.71 -5.22 29.64
N ILE D 260 -29.42 -5.50 29.43
CA ILE D 260 -28.82 -6.78 29.90
C ILE D 260 -27.56 -6.46 30.72
N ASN D 261 -27.60 -6.65 32.03
CA ASN D 261 -26.45 -6.29 32.90
C ASN D 261 -25.55 -7.50 33.08
N CYS D 262 -24.31 -7.45 32.59
CA CYS D 262 -23.46 -8.62 32.63
C CYS D 262 -22.14 -8.26 33.29
N THR D 263 -21.60 -9.19 34.09
CA THR D 263 -20.37 -8.91 34.85
C THR D 263 -19.66 -10.22 35.19
N ARG D 264 -18.32 -10.25 35.16
CA ARG D 264 -17.58 -11.44 35.64
C ARG D 264 -17.21 -11.11 37.09
N PRO D 265 -17.94 -11.57 38.14
CA PRO D 265 -17.63 -11.08 39.50
C PRO D 265 -16.43 -11.78 40.14
N ASN D 266 -15.25 -11.64 39.53
CA ASN D 266 -14.01 -12.22 40.10
C ASN D 266 -12.92 -11.14 40.07
N ASN D 267 -12.32 -10.79 41.21
CA ASN D 267 -11.16 -9.86 41.18
C ASN D 267 -9.99 -10.72 40.69
N ASN D 268 -9.41 -10.42 39.53
CA ASN D 268 -8.42 -11.32 38.97
C ASN D 268 -7.08 -10.62 38.78
N THR D 269 -5.98 -11.32 39.03
CA THR D 269 -4.64 -10.73 38.79
C THR D 269 -4.07 -11.36 37.52
N ARG D 270 -3.49 -10.55 36.62
CA ARG D 270 -3.01 -11.10 35.32
C ARG D 270 -1.52 -11.41 35.40
N LYS D 271 -1.16 -12.68 35.62
CA LYS D 271 0.28 -13.06 35.57
C LYS D 271 0.76 -12.96 34.12
N SER D 272 1.92 -12.33 33.89
CA SER D 272 2.44 -12.29 32.54
C SER D 272 3.67 -13.18 32.46
N ILE D 273 3.48 -14.37 31.87
CA ILE D 273 4.60 -15.34 31.69
C ILE D 273 5.36 -14.93 30.42
N HIS D 274 6.68 -15.00 30.45
CA HIS D 274 7.51 -14.60 29.32
C HIS D 274 7.97 -15.85 28.58
N ILE D 275 7.62 -15.94 27.30
CA ILE D 275 7.88 -17.12 26.49
C ILE D 275 8.57 -16.67 25.21
N GLY D 276 9.85 -16.99 25.08
CA GLY D 276 10.58 -16.66 23.89
C GLY D 276 11.12 -15.25 23.91
N PRO D 277 11.68 -14.83 22.79
CA PRO D 277 12.46 -13.58 22.76
C PRO D 277 11.61 -12.34 22.81
N GLY D 278 11.25 -11.90 24.01
CA GLY D 278 10.46 -10.70 24.16
C GLY D 278 8.97 -10.90 24.01
N LYS D 279 8.52 -12.10 23.69
CA LYS D 279 7.11 -12.39 23.57
C LYS D 279 6.59 -12.81 24.94
N ALA D 280 5.71 -12.01 25.52
CA ALA D 280 5.17 -12.27 26.84
C ALA D 280 3.72 -12.69 26.69
N PHE D 281 3.40 -13.91 27.15
CA PHE D 281 1.99 -14.41 27.10
C PHE D 281 1.29 -13.97 28.37
N TYR D 282 0.04 -13.50 28.26
CA TYR D 282 -0.64 -12.96 29.45
C TYR D 282 -1.68 -13.97 29.94
N THR D 283 -1.67 -14.32 31.23
CA THR D 283 -2.60 -15.36 31.76
C THR D 283 -3.30 -14.80 33.00
N THR D 284 -3.60 -15.65 33.99
CA THR D 284 -4.19 -15.16 35.26
C THR D 284 -3.29 -15.62 36.41
N GLY D 285 -2.77 -14.69 37.21
CA GLY D 285 -1.99 -15.07 38.40
C GLY D 285 -2.87 -15.76 39.43
N ASP D 286 -4.06 -15.19 39.72
CA ASP D 286 -5.01 -15.78 40.70
C ASP D 286 -6.31 -14.98 40.78
N ILE D 287 -7.28 -15.47 41.56
CA ILE D 287 -8.54 -14.71 41.77
C ILE D 287 -8.55 -14.22 43.22
N ILE D 288 -8.64 -12.90 43.43
CA ILE D 288 -8.68 -12.33 44.80
C ILE D 288 -10.09 -12.51 45.35
N GLY D 289 -10.22 -12.98 46.60
CA GLY D 289 -11.54 -13.11 47.23
C GLY D 289 -12.30 -14.34 46.74
N ASP D 290 -13.62 -14.37 46.99
CA ASP D 290 -14.46 -15.54 46.60
C ASP D 290 -14.62 -15.56 45.07
N ILE D 291 -14.85 -16.76 44.52
CA ILE D 291 -15.01 -16.91 43.03
C ILE D 291 -16.49 -17.03 42.71
N ARG D 292 -17.03 -16.09 41.94
CA ARG D 292 -18.46 -16.11 41.56
C ARG D 292 -18.58 -16.23 40.03
N GLN D 293 -19.40 -17.17 39.55
CA GLN D 293 -19.52 -17.40 38.09
C GLN D 293 -20.14 -16.16 37.43
N ALA D 294 -19.74 -15.84 36.19
CA ALA D 294 -20.31 -14.71 35.50
C ALA D 294 -21.79 -14.95 35.21
N HIS D 295 -22.56 -13.88 35.21
CA HIS D 295 -24.00 -13.98 35.00
C HIS D 295 -24.48 -12.74 34.28
N CYS D 296 -25.77 -12.74 33.95
CA CYS D 296 -26.42 -11.60 33.32
C CYS D 296 -27.82 -11.48 33.88
N ASN D 297 -28.23 -10.22 34.10
CA ASN D 297 -29.54 -9.93 34.70
C ASN D 297 -30.52 -9.51 33.60
N ILE D 298 -31.74 -10.06 33.62
CA ILE D 298 -32.74 -9.79 32.60
C ILE D 298 -34.11 -9.71 33.25
N SER D 299 -34.87 -8.67 32.91
CA SER D 299 -36.22 -8.53 33.43
C SER D 299 -37.13 -9.63 32.93
N ARG D 300 -37.93 -10.19 33.85
CA ARG D 300 -38.94 -11.17 33.45
C ARG D 300 -39.95 -10.55 32.50
N THR D 301 -40.73 -9.61 33.03
CA THR D 301 -41.84 -9.00 32.24
C THR D 301 -41.33 -8.48 30.90
N LYS D 302 -40.25 -7.70 30.90
CA LYS D 302 -39.76 -7.12 29.67
C LYS D 302 -39.57 -8.19 28.61
N TRP D 303 -38.85 -9.26 28.96
CA TRP D 303 -38.61 -10.34 28.03
C TRP D 303 -39.91 -11.01 27.61
N ASN D 304 -40.82 -11.24 28.56
CA ASN D 304 -42.08 -11.97 28.20
C ASN D 304 -42.84 -11.10 27.19
N ASN D 305 -43.01 -9.82 27.51
CA ASN D 305 -43.82 -8.94 26.62
C ASN D 305 -43.13 -8.82 25.26
N THR D 306 -41.80 -8.85 25.23
CA THR D 306 -41.08 -8.82 23.96
C THR D 306 -41.36 -10.08 23.16
N LEU D 307 -41.35 -11.23 23.83
CA LEU D 307 -41.70 -12.48 23.18
C LEU D 307 -43.13 -12.46 22.70
N ASN D 308 -44.01 -11.81 23.48
CA ASN D 308 -45.43 -11.68 23.05
C ASN D 308 -45.47 -10.96 21.69
N GLN D 309 -44.79 -9.81 21.59
CA GLN D 309 -44.82 -9.02 20.32
C GLN D 309 -44.20 -9.82 19.18
N ILE D 310 -43.08 -10.50 19.45
CA ILE D 310 -42.40 -11.30 18.39
C ILE D 310 -43.33 -12.44 17.97
N ALA D 311 -43.98 -13.09 18.93
CA ALA D 311 -44.89 -14.21 18.63
C ALA D 311 -46.07 -13.72 17.78
N THR D 312 -46.61 -12.54 18.11
CA THR D 312 -47.70 -11.98 17.25
C THR D 312 -47.15 -11.79 15.84
N LYS D 313 -46.00 -11.13 15.71
CA LYS D 313 -45.42 -10.88 14.36
C LYS D 313 -45.22 -12.21 13.63
N LEU D 314 -44.85 -13.27 14.33
CA LEU D 314 -44.56 -14.57 13.67
C LEU D 314 -45.87 -15.25 13.24
N LYS D 315 -46.93 -15.06 14.03
CA LYS D 315 -48.25 -15.61 13.62
C LYS D 315 -48.72 -14.82 12.40
N GLU D 316 -48.51 -13.51 12.39
CA GLU D 316 -48.87 -12.74 11.21
C GLU D 316 -48.15 -13.28 9.98
N GLN D 317 -46.88 -13.64 10.11
CA GLN D 317 -46.12 -14.06 8.90
C GLN D 317 -46.31 -15.55 8.63
N PHE D 318 -46.93 -16.29 9.55
CA PHE D 318 -47.21 -17.73 9.30
C PHE D 318 -48.66 -18.09 9.63
N GLY D 319 -49.66 -17.36 9.11
CA GLY D 319 -51.07 -17.74 9.36
C GLY D 319 -51.56 -17.25 10.70
N ASN D 320 -52.69 -16.54 10.73
CA ASN D 320 -53.27 -16.02 11.99
C ASN D 320 -53.37 -17.14 13.04
N ASN D 321 -53.99 -18.27 12.68
CA ASN D 321 -54.21 -19.38 13.66
C ASN D 321 -52.91 -20.17 13.82
N LYS D 322 -52.04 -19.75 14.74
CA LYS D 322 -50.72 -20.43 14.91
C LYS D 322 -50.34 -20.49 16.39
N THR D 323 -49.48 -21.46 16.75
CA THR D 323 -48.98 -21.56 18.15
C THR D 323 -47.45 -21.61 18.07
N ILE D 324 -46.78 -20.53 18.47
CA ILE D 324 -45.30 -20.51 18.28
C ILE D 324 -44.60 -21.01 19.55
N VAL D 325 -43.86 -22.12 19.45
CA VAL D 325 -43.08 -22.63 20.61
C VAL D 325 -41.67 -22.05 20.51
N PHE D 326 -41.19 -21.36 21.56
CA PHE D 326 -39.81 -20.85 21.54
C PHE D 326 -38.89 -21.91 22.18
N ASN D 327 -37.95 -22.48 21.42
CA ASN D 327 -37.06 -23.53 21.97
C ASN D 327 -35.61 -23.07 21.88
N GLN D 328 -34.68 -23.92 22.33
CA GLN D 328 -33.25 -23.57 22.33
C GLN D 328 -32.55 -24.23 21.13
N SER D 329 -31.26 -23.93 20.91
CA SER D 329 -30.53 -24.46 19.73
C SER D 329 -30.43 -25.98 19.78
N SER D 330 -30.49 -26.64 18.63
CA SER D 330 -30.45 -28.10 18.56
C SER D 330 -29.11 -28.63 19.05
N GLY D 331 -28.01 -28.03 18.59
CA GLY D 331 -26.70 -28.52 18.99
C GLY D 331 -25.65 -28.00 18.04
N GLY D 332 -24.40 -28.36 18.37
CA GLY D 332 -23.28 -27.96 17.54
C GLY D 332 -22.25 -27.12 18.28
N ASP D 333 -21.61 -26.22 17.55
CA ASP D 333 -20.54 -25.42 18.11
C ASP D 333 -21.07 -24.52 19.23
N PRO D 334 -20.26 -24.28 20.26
CA PRO D 334 -20.72 -23.40 21.35
C PRO D 334 -21.06 -22.00 20.88
N GLU D 335 -20.52 -21.57 19.74
CA GLU D 335 -20.81 -20.23 19.24
C GLU D 335 -22.30 -20.04 18.98
N ILE D 336 -22.93 -21.04 18.38
CA ILE D 336 -24.32 -20.86 17.97
C ILE D 336 -25.26 -21.63 18.87
N VAL D 337 -24.74 -22.62 19.61
CA VAL D 337 -25.61 -23.34 20.59
C VAL D 337 -25.85 -22.43 21.80
N MET D 338 -24.78 -21.93 22.40
CA MET D 338 -24.90 -21.10 23.63
C MET D 338 -24.70 -19.64 23.26
N HIS D 339 -25.70 -18.77 23.52
CA HIS D 339 -25.47 -17.32 23.27
C HIS D 339 -24.09 -16.90 23.80
N SER D 340 -23.35 -16.15 22.99
CA SER D 340 -22.00 -15.68 23.38
C SER D 340 -21.81 -14.23 22.90
N PHE D 341 -20.92 -13.48 23.56
CA PHE D 341 -20.64 -12.08 23.16
C PHE D 341 -19.30 -11.68 23.80
N ASN D 342 -18.85 -10.44 23.60
CA ASN D 342 -17.61 -9.98 24.27
C ASN D 342 -17.96 -8.90 25.30
N CYS D 343 -17.57 -9.10 26.57
CA CYS D 343 -17.79 -8.08 27.61
C CYS D 343 -16.44 -7.58 28.11
N GLY D 344 -16.15 -6.30 27.91
CA GLY D 344 -14.87 -5.72 28.37
C GLY D 344 -13.67 -6.45 27.81
N GLY D 345 -13.76 -6.93 26.56
CA GLY D 345 -12.62 -7.61 25.91
C GLY D 345 -12.51 -9.08 26.29
N GLU D 346 -13.44 -9.59 27.10
CA GLU D 346 -13.45 -11.04 27.46
C GLU D 346 -14.73 -11.68 26.92
N PHE D 347 -14.58 -12.87 26.33
CA PHE D 347 -15.73 -13.57 25.70
C PHE D 347 -16.59 -14.25 26.77
N PHE D 348 -17.90 -14.03 26.72
CA PHE D 348 -18.85 -14.61 27.72
C PHE D 348 -19.75 -15.63 27.01
N TYR D 349 -19.79 -16.88 27.45
CA TYR D 349 -20.76 -17.86 26.86
C TYR D 349 -21.89 -18.11 27.86
N CYS D 350 -23.09 -17.57 27.60
CA CYS D 350 -24.16 -17.66 28.56
C CYS D 350 -25.24 -18.61 28.08
N ASN D 351 -25.58 -19.59 28.92
CA ASN D 351 -26.59 -20.62 28.59
C ASN D 351 -27.98 -19.98 28.56
N SER D 352 -28.42 -19.47 27.40
CA SER D 352 -29.71 -18.82 27.33
C SER D 352 -30.84 -19.83 27.14
N THR D 353 -30.84 -20.88 27.95
CA THR D 353 -31.94 -21.88 27.89
C THR D 353 -33.19 -21.26 28.54
N GLN D 354 -32.99 -20.43 29.56
CA GLN D 354 -34.11 -19.78 30.28
C GLN D 354 -34.88 -18.86 29.33
N LEU D 355 -34.19 -18.17 28.41
CA LEU D 355 -34.85 -17.20 27.51
C LEU D 355 -35.90 -17.87 26.63
N PHE D 356 -35.64 -19.10 26.14
CA PHE D 356 -36.59 -19.73 25.19
C PHE D 356 -37.02 -21.10 25.71
N ASN D 357 -37.91 -21.10 26.73
CA ASN D 357 -38.43 -22.34 27.40
C ASN D 357 -39.96 -22.22 27.48
N SER D 358 -40.61 -21.63 26.47
CA SER D 358 -42.08 -21.42 26.57
C SER D 358 -42.82 -22.21 25.48
N THR D 359 -43.89 -22.91 25.86
CA THR D 359 -44.70 -23.70 24.90
C THR D 359 -45.77 -22.78 24.30
N TRP D 360 -46.31 -21.84 25.08
CA TRP D 360 -47.31 -20.83 24.59
C TRP D 360 -48.72 -21.39 24.42
N ASN D 361 -49.74 -20.50 24.31
CA ASN D 361 -51.17 -20.89 24.11
C ASN D 361 -51.72 -20.16 22.89
N PHE D 362 -52.73 -20.73 22.24
CA PHE D 362 -53.37 -20.08 21.07
C PHE D 362 -53.87 -18.70 21.48
N ASN D 363 -54.60 -18.62 22.60
CA ASN D 363 -55.18 -17.33 23.04
C ASN D 363 -54.57 -16.91 24.38
N GLY D 364 -53.52 -17.58 24.82
CA GLY D 364 -52.83 -17.17 26.07
C GLY D 364 -52.16 -15.83 25.87
N THR D 365 -51.71 -15.53 24.64
CA THR D 365 -51.13 -14.21 24.27
C THR D 365 -52.12 -13.07 24.52
N TRP D 366 -51.65 -11.82 24.49
CA TRP D 366 -52.51 -10.60 24.65
C TRP D 366 -52.45 -10.03 26.08
N ASN D 367 -52.52 -10.89 27.11
CA ASN D 367 -52.54 -10.36 28.50
C ASN D 367 -51.07 -10.18 28.93
N LEU D 368 -50.54 -8.96 28.76
CA LEU D 368 -49.11 -8.69 29.08
C LEU D 368 -48.93 -8.77 30.60
N THR D 369 -47.88 -9.45 31.06
CA THR D 369 -47.72 -9.65 32.53
C THR D 369 -47.17 -8.36 33.17
N GLN D 370 -47.51 -8.13 34.44
CA GLN D 370 -47.11 -6.86 35.09
C GLN D 370 -46.04 -7.08 36.17
N SER D 371 -45.19 -6.08 36.42
CA SER D 371 -44.15 -6.15 37.42
C SER D 371 -44.75 -5.82 38.78
N ASN D 372 -45.01 -6.84 39.57
CA ASN D 372 -45.50 -6.65 40.94
C ASN D 372 -44.36 -6.68 41.94
N GLY D 373 -43.41 -5.78 41.74
CA GLY D 373 -42.27 -5.68 42.62
C GLY D 373 -41.08 -6.47 42.10
N THR D 374 -39.90 -6.12 42.62
CA THR D 374 -38.68 -6.82 42.21
C THR D 374 -38.69 -8.28 42.65
N GLU D 375 -39.38 -8.58 43.75
CA GLU D 375 -39.54 -9.98 44.16
C GLU D 375 -40.30 -10.76 43.12
N GLY D 376 -41.34 -10.15 42.54
CA GLY D 376 -42.03 -10.76 41.43
C GLY D 376 -41.11 -10.87 40.22
N ASN D 377 -40.70 -9.74 39.67
CA ASN D 377 -39.74 -9.72 38.57
C ASN D 377 -38.32 -9.88 39.11
N ASP D 378 -38.08 -11.02 39.73
CA ASP D 378 -36.72 -11.43 39.99
C ASP D 378 -35.99 -11.53 38.65
N THR D 379 -34.97 -10.69 38.46
CA THR D 379 -34.31 -10.62 37.18
C THR D 379 -33.72 -11.97 36.80
N ILE D 380 -33.83 -12.29 35.51
CA ILE D 380 -33.35 -13.59 35.03
C ILE D 380 -31.83 -13.62 35.11
N THR D 381 -31.30 -14.68 35.70
CA THR D 381 -29.87 -14.87 35.83
C THR D 381 -29.39 -15.80 34.73
N LEU D 382 -28.34 -15.38 34.02
CA LEU D 382 -27.82 -16.14 32.90
C LEU D 382 -26.59 -16.92 33.34
N PRO D 383 -26.56 -18.28 33.39
CA PRO D 383 -25.31 -18.98 33.73
C PRO D 383 -24.28 -18.70 32.64
N CYS D 384 -23.26 -17.89 32.93
CA CYS D 384 -22.30 -17.51 31.87
C CYS D 384 -20.95 -18.21 32.08
N LYS D 385 -20.21 -18.45 30.99
CA LYS D 385 -18.89 -19.12 31.08
C LYS D 385 -17.86 -18.19 30.43
N ILE D 386 -16.59 -18.59 30.39
CA ILE D 386 -15.58 -17.77 29.65
C ILE D 386 -14.75 -18.70 28.76
N LYS D 387 -14.63 -18.39 27.46
CA LYS D 387 -13.76 -19.20 26.56
C LYS D 387 -12.63 -18.27 26.10
N GLN D 388 -11.44 -18.39 26.68
CA GLN D 388 -10.39 -17.45 26.33
C GLN D 388 -9.92 -17.64 24.89
N ILE D 389 -9.90 -18.89 24.42
CA ILE D 389 -9.47 -19.18 23.02
C ILE D 389 -10.69 -19.14 22.11
N ILE D 390 -10.78 -18.14 21.22
CA ILE D 390 -11.94 -18.00 20.30
C ILE D 390 -11.49 -18.42 18.89
N ASN D 391 -12.33 -19.15 18.16
CA ASN D 391 -11.93 -19.67 16.81
C ASN D 391 -12.47 -18.74 15.73
N MET D 392 -11.80 -18.69 14.57
CA MET D 392 -12.32 -17.88 13.44
C MET D 392 -13.65 -18.47 13.00
N TRP D 393 -14.65 -17.61 12.72
CA TRP D 393 -16.01 -18.11 12.38
C TRP D 393 -16.00 -18.88 11.05
N GLN D 394 -15.30 -18.36 10.03
CA GLN D 394 -15.35 -19.02 8.69
C GLN D 394 -14.07 -19.82 8.42
N GLU D 395 -13.12 -19.81 9.36
CA GLU D 395 -11.82 -20.50 9.10
C GLU D 395 -11.51 -21.51 10.21
N VAL D 396 -11.11 -22.73 9.84
CA VAL D 396 -10.74 -23.76 10.85
C VAL D 396 -9.51 -23.27 11.61
N GLY D 397 -8.47 -22.82 10.88
CA GLY D 397 -7.24 -22.34 11.53
C GLY D 397 -7.34 -20.89 11.99
N LYS D 398 -6.20 -20.28 12.34
CA LYS D 398 -6.18 -18.86 12.80
C LYS D 398 -7.05 -18.66 14.04
N ALA D 399 -6.89 -19.50 15.08
CA ALA D 399 -7.60 -19.25 16.36
C ALA D 399 -6.92 -18.09 17.09
N MET D 400 -7.65 -17.37 17.95
CA MET D 400 -7.07 -16.20 18.66
C MET D 400 -7.24 -16.36 20.17
N TYR D 401 -6.20 -16.04 20.94
CA TYR D 401 -6.32 -16.09 22.42
C TYR D 401 -6.70 -14.71 22.97
N ALA D 402 -7.71 -14.66 23.83
CA ALA D 402 -8.13 -13.40 24.50
C ALA D 402 -7.32 -13.25 25.79
N PRO D 403 -6.42 -12.25 25.94
CA PRO D 403 -5.74 -12.03 27.21
C PRO D 403 -6.74 -11.76 28.31
N PRO D 404 -6.55 -12.25 29.57
CA PRO D 404 -7.47 -11.90 30.66
C PRO D 404 -7.48 -10.40 31.01
N ILE D 405 -8.56 -9.92 31.63
CA ILE D 405 -8.65 -8.50 32.04
C ILE D 405 -8.52 -8.41 33.56
N ARG D 406 -7.63 -7.56 34.06
CA ARG D 406 -7.41 -7.42 35.52
C ARG D 406 -8.67 -6.86 36.19
N GLY D 407 -8.94 -7.25 37.44
CA GLY D 407 -10.10 -6.70 38.18
C GLY D 407 -11.41 -7.37 37.79
N GLN D 408 -12.54 -6.74 38.14
CA GLN D 408 -13.88 -7.31 37.82
C GLN D 408 -14.46 -6.55 36.62
N ILE D 409 -14.93 -7.27 35.61
CA ILE D 409 -15.46 -6.59 34.39
C ILE D 409 -16.92 -6.20 34.64
N ARG D 410 -17.38 -5.09 34.07
CA ARG D 410 -18.81 -4.68 34.20
C ARG D 410 -19.33 -4.29 32.81
N CYS D 411 -20.48 -4.83 32.42
CA CYS D 411 -21.08 -4.50 31.09
C CYS D 411 -22.58 -4.27 31.24
N SER D 412 -23.16 -3.47 30.33
CA SER D 412 -24.62 -3.21 30.35
C SER D 412 -25.11 -2.86 28.94
N SER D 413 -25.07 -3.84 28.03
CA SER D 413 -25.52 -3.60 26.63
C SER D 413 -27.05 -3.61 26.57
N ASN D 414 -27.62 -3.26 25.42
CA ASN D 414 -29.09 -3.30 25.26
C ASN D 414 -29.45 -4.35 24.21
N ILE D 415 -30.32 -5.30 24.56
CA ILE D 415 -30.78 -6.29 23.55
C ILE D 415 -31.54 -5.48 22.50
N THR D 416 -31.25 -5.70 21.21
CA THR D 416 -31.88 -4.87 20.16
C THR D 416 -32.32 -5.78 18.99
N GLY D 417 -32.07 -7.09 19.07
CA GLY D 417 -32.39 -7.95 17.94
C GLY D 417 -32.26 -9.43 18.26
N LEU D 418 -32.91 -10.29 17.46
CA LEU D 418 -32.85 -11.75 17.67
C LEU D 418 -32.57 -12.47 16.35
N ILE D 419 -31.75 -13.53 16.37
CA ILE D 419 -31.52 -14.34 15.14
C ILE D 419 -32.24 -15.68 15.37
N LEU D 420 -33.04 -16.15 14.40
CA LEU D 420 -33.86 -17.36 14.66
C LEU D 420 -33.74 -18.35 13.50
N THR D 421 -34.03 -19.63 13.75
CA THR D 421 -33.98 -20.68 12.69
C THR D 421 -35.29 -21.47 12.73
N ARG D 422 -36.14 -21.28 11.73
CA ARG D 422 -37.43 -22.02 11.65
C ARG D 422 -37.12 -23.48 11.28
N ASP D 423 -37.28 -24.41 12.23
CA ASP D 423 -37.12 -25.81 11.93
C ASP D 423 -38.31 -26.33 11.13
N GLY D 424 -38.04 -27.18 10.15
CA GLY D 424 -39.10 -27.77 9.36
C GLY D 424 -39.53 -29.12 9.90
N GLY D 425 -39.88 -29.18 11.18
CA GLY D 425 -40.26 -30.44 11.78
C GLY D 425 -41.58 -30.96 11.25
N ASN D 426 -41.73 -32.28 11.33
CA ASN D 426 -42.93 -32.95 10.84
C ASN D 426 -44.07 -32.69 11.82
N ASN D 427 -44.58 -31.46 11.82
CA ASN D 427 -45.64 -31.07 12.79
C ASN D 427 -46.54 -30.03 12.12
N HIS D 428 -46.69 -30.13 10.79
CA HIS D 428 -47.54 -29.17 10.03
C HIS D 428 -48.98 -29.28 10.51
N ASN D 429 -49.45 -30.52 10.76
CA ASN D 429 -50.84 -30.72 11.28
C ASN D 429 -50.94 -30.07 12.67
N ASN D 430 -49.89 -30.19 13.49
CA ASN D 430 -49.88 -29.57 14.84
C ASN D 430 -49.94 -28.04 14.70
N ASP D 431 -49.28 -27.48 13.68
CA ASP D 431 -49.20 -26.00 13.47
C ASP D 431 -48.35 -25.37 14.59
N THR D 432 -47.49 -26.18 15.23
CA THR D 432 -46.59 -25.67 16.31
C THR D 432 -45.30 -25.14 15.68
N GLU D 433 -45.32 -23.91 15.17
CA GLU D 433 -44.10 -23.31 14.59
C GLU D 433 -43.04 -23.15 15.70
N THR D 434 -41.80 -23.54 15.41
CA THR D 434 -40.71 -23.46 16.42
C THR D 434 -39.58 -22.63 15.81
N PHE D 435 -38.97 -21.77 16.63
CA PHE D 435 -37.92 -20.85 16.11
C PHE D 435 -36.70 -20.94 17.01
N ARG D 436 -35.74 -21.76 16.62
CA ARG D 436 -34.53 -21.96 17.46
C ARG D 436 -33.61 -20.74 17.30
N PRO D 437 -32.83 -20.25 18.32
CA PRO D 437 -31.90 -19.14 18.09
C PRO D 437 -30.88 -19.51 17.03
N GLY D 438 -30.45 -18.50 16.27
CA GLY D 438 -29.48 -18.67 15.24
C GLY D 438 -28.22 -17.87 15.48
N GLY D 439 -27.47 -17.63 14.41
CA GLY D 439 -26.26 -16.85 14.49
C GLY D 439 -25.13 -17.43 13.68
N GLY D 440 -23.90 -17.30 14.17
CA GLY D 440 -22.78 -17.96 13.54
C GLY D 440 -22.31 -17.34 12.25
N ASP D 441 -22.74 -16.12 11.97
CA ASP D 441 -22.40 -15.49 10.66
C ASP D 441 -22.35 -13.99 10.85
N MET D 442 -21.15 -13.41 10.74
CA MET D 442 -20.99 -11.93 10.88
C MET D 442 -21.96 -11.26 9.92
N ARG D 443 -22.14 -11.84 8.73
CA ARG D 443 -23.03 -11.24 7.70
C ARG D 443 -24.44 -11.03 8.26
N ASP D 444 -24.95 -11.98 9.05
CA ASP D 444 -26.36 -11.88 9.51
C ASP D 444 -26.47 -10.60 10.34
N ASN D 445 -25.46 -10.34 11.19
CA ASN D 445 -25.46 -9.12 12.02
C ASN D 445 -25.40 -7.88 11.13
N TRP D 446 -24.56 -7.93 10.08
CA TRP D 446 -24.41 -6.76 9.18
C TRP D 446 -25.73 -6.49 8.44
N ARG D 447 -26.42 -7.56 8.01
CA ARG D 447 -27.70 -7.41 7.26
C ARG D 447 -28.72 -6.69 8.15
N SER D 448 -28.73 -7.02 9.44
CA SER D 448 -29.71 -6.41 10.37
C SER D 448 -29.54 -4.89 10.42
N GLU D 449 -28.30 -4.41 10.38
CA GLU D 449 -28.07 -2.94 10.51
C GLU D 449 -27.99 -2.25 9.15
N LEU D 450 -27.73 -2.98 8.07
CA LEU D 450 -27.54 -2.33 6.73
C LEU D 450 -28.79 -2.47 5.86
N TYR D 451 -29.88 -3.03 6.39
CA TYR D 451 -31.08 -3.30 5.54
C TYR D 451 -31.59 -2.00 4.91
N LYS D 452 -31.47 -0.87 5.62
CA LYS D 452 -32.06 0.37 5.13
C LYS D 452 -31.15 1.11 4.17
N TYR D 453 -29.92 0.64 3.99
CA TYR D 453 -28.94 1.33 3.16
C TYR D 453 -28.70 0.58 1.86
N LYS D 454 -28.44 1.33 0.81
CA LYS D 454 -27.96 0.76 -0.44
C LYS D 454 -27.11 1.81 -1.14
N VAL D 455 -26.06 1.35 -1.82
CA VAL D 455 -25.09 2.29 -2.45
C VAL D 455 -25.34 2.36 -3.96
N VAL D 456 -25.46 3.58 -4.49
CA VAL D 456 -25.74 3.75 -5.94
C VAL D 456 -24.72 4.73 -6.54
N LYS D 457 -24.11 4.38 -7.67
CA LYS D 457 -23.21 5.35 -8.35
C LYS D 457 -24.08 6.48 -8.89
N ILE D 458 -23.62 7.72 -8.81
CA ILE D 458 -24.40 8.85 -9.39
C ILE D 458 -23.80 9.17 -10.77
N GLU D 459 -24.61 9.04 -11.82
CA GLU D 459 -24.13 9.37 -13.19
C GLU D 459 -24.54 10.80 -13.53
N PRO D 460 -23.61 11.80 -13.54
CA PRO D 460 -24.01 13.19 -13.75
C PRO D 460 -24.29 13.44 -15.25
N LEU D 461 -23.96 12.46 -16.10
CA LEU D 461 -24.10 12.68 -17.55
C LEU D 461 -25.56 12.38 -17.93
N GLY D 462 -26.16 13.23 -18.76
CA GLY D 462 -27.58 13.06 -19.09
C GLY D 462 -27.86 13.41 -20.55
N VAL D 463 -28.94 12.88 -21.13
CA VAL D 463 -29.31 13.17 -22.54
C VAL D 463 -30.74 13.70 -22.54
N ALA D 464 -31.11 14.57 -23.49
CA ALA D 464 -32.51 15.04 -23.62
C ALA D 464 -32.74 15.76 -24.96
N PRO D 465 -33.81 15.46 -25.76
CA PRO D 465 -34.10 16.23 -26.96
C PRO D 465 -34.56 17.65 -26.60
N THR D 466 -34.03 18.66 -27.29
CA THR D 466 -34.48 20.06 -27.06
C THR D 466 -34.51 20.77 -28.41
N LYS D 467 -35.35 21.79 -28.57
CA LYS D 467 -35.44 22.56 -29.83
C LYS D 467 -34.10 23.28 -30.06
N ALA D 468 -33.32 23.47 -28.99
CA ALA D 468 -32.03 24.20 -29.07
C ALA D 468 -31.08 23.53 -30.06
N LYS D 469 -30.36 24.32 -30.87
CA LYS D 469 -29.38 23.77 -31.84
C LYS D 469 -28.04 24.47 -31.63
N ARG D 470 -26.96 24.01 -32.29
CA ARG D 470 -25.64 24.60 -32.13
C ARG D 470 -25.50 25.89 -32.92
N ARG D 471 -24.34 26.53 -32.74
CA ARG D 471 -24.05 27.82 -33.42
C ARG D 471 -22.97 27.58 -34.49
N VAL D 472 -23.37 27.58 -35.76
CA VAL D 472 -22.46 27.38 -36.88
C VAL D 472 -21.79 28.69 -37.26
N GLU E 1 -22.33 52.84 -8.10
CA GLU E 1 -22.20 52.41 -6.69
C GLU E 1 -22.71 50.98 -6.54
N LYS E 2 -22.53 50.15 -7.58
CA LYS E 2 -22.98 48.73 -7.52
C LYS E 2 -21.74 47.84 -7.45
N LEU E 3 -21.68 46.96 -6.45
CA LEU E 3 -20.52 46.05 -6.30
C LEU E 3 -20.97 44.61 -6.53
N TRP E 4 -20.27 43.89 -7.41
CA TRP E 4 -20.64 42.49 -7.72
C TRP E 4 -19.51 41.57 -7.25
N VAL E 5 -19.81 40.29 -7.04
CA VAL E 5 -18.78 39.34 -6.49
C VAL E 5 -17.89 38.89 -7.64
N THR E 6 -16.58 39.01 -7.48
CA THR E 6 -15.62 38.66 -8.57
C THR E 6 -14.69 37.56 -8.05
N VAL E 7 -14.58 36.45 -8.78
CA VAL E 7 -13.70 35.33 -8.34
C VAL E 7 -12.27 35.57 -8.82
N TYR E 8 -11.31 35.56 -7.90
CA TYR E 8 -9.88 35.70 -8.29
C TYR E 8 -9.15 34.40 -7.93
N TYR E 9 -8.48 33.78 -8.89
CA TYR E 9 -7.69 32.56 -8.60
C TYR E 9 -6.25 33.00 -8.30
N GLY E 10 -5.50 32.17 -7.56
CA GLY E 10 -4.14 32.49 -7.20
C GLY E 10 -4.02 33.68 -6.27
N VAL E 11 -4.89 33.76 -5.27
CA VAL E 11 -4.71 34.84 -4.26
C VAL E 11 -3.56 34.42 -3.35
N PRO E 12 -2.68 35.33 -2.88
CA PRO E 12 -1.62 34.97 -1.94
C PRO E 12 -2.21 34.64 -0.56
N VAL E 13 -2.97 33.54 -0.47
CA VAL E 13 -3.65 33.19 0.81
C VAL E 13 -3.28 31.75 1.19
N TRP E 14 -2.85 31.54 2.43
CA TRP E 14 -2.52 30.18 2.91
C TRP E 14 -3.18 29.97 4.28
N LYS E 15 -3.34 28.73 4.73
CA LYS E 15 -3.82 28.50 6.07
C LYS E 15 -3.04 27.36 6.68
N GLU E 16 -3.07 27.31 8.01
CA GLU E 16 -2.40 26.24 8.73
C GLU E 16 -2.94 24.90 8.28
N ALA E 17 -2.04 23.98 7.99
CA ALA E 17 -2.47 22.67 7.52
C ALA E 17 -1.34 21.67 7.72
N THR E 18 -1.73 20.42 7.89
CA THR E 18 -0.81 19.32 8.02
C THR E 18 -1.00 18.38 6.85
N THR E 19 0.11 17.88 6.29
CA THR E 19 0.01 17.07 5.05
C THR E 19 1.12 16.03 4.99
N THR E 20 1.16 15.23 3.92
CA THR E 20 2.24 14.24 3.73
C THR E 20 3.49 14.96 3.26
N LEU E 21 4.68 14.46 3.59
CA LEU E 21 5.93 15.07 3.06
C LEU E 21 6.69 13.95 2.32
N PHE E 22 7.50 14.30 1.32
CA PHE E 22 8.29 13.29 0.65
C PHE E 22 9.74 13.74 0.54
N CYS E 23 10.64 12.77 0.64
CA CYS E 23 12.06 13.06 0.69
C CYS E 23 12.61 13.35 -0.70
N ALA E 24 13.67 14.15 -0.73
CA ALA E 24 14.44 14.40 -1.93
C ALA E 24 15.89 14.57 -1.50
N SER E 25 16.80 13.73 -2.00
CA SER E 25 18.19 13.72 -1.46
C SER E 25 19.28 14.20 -2.42
N ASP E 26 19.84 13.31 -3.24
CA ASP E 26 20.84 13.76 -4.25
C ASP E 26 20.96 12.77 -5.41
N ALA E 27 21.26 13.27 -6.61
CA ALA E 27 21.53 12.38 -7.77
C ALA E 27 22.82 11.62 -7.48
N LYS E 28 23.79 12.29 -6.86
CA LYS E 28 25.11 11.67 -6.56
C LYS E 28 24.94 10.45 -5.65
N ALA E 29 24.01 10.52 -4.71
CA ALA E 29 23.75 9.38 -3.79
C ALA E 29 23.32 8.17 -4.63
N TYR E 30 22.46 8.38 -5.62
CA TYR E 30 22.05 7.28 -6.53
C TYR E 30 23.28 6.78 -7.30
N ASP E 31 24.16 7.69 -7.71
CA ASP E 31 25.37 7.31 -8.49
C ASP E 31 26.26 6.39 -7.66
N THR E 32 26.95 5.44 -8.29
CA THR E 32 27.86 4.47 -7.61
C THR E 32 27.05 3.34 -6.96
N GLU E 33 25.72 3.34 -7.14
CA GLU E 33 24.88 2.22 -6.64
C GLU E 33 25.19 1.91 -5.17
N VAL E 34 25.19 2.93 -4.31
CA VAL E 34 25.57 2.70 -2.88
C VAL E 34 24.58 1.69 -2.29
N HIS E 35 23.28 1.85 -2.57
CA HIS E 35 22.23 0.88 -2.12
C HIS E 35 22.15 0.79 -0.59
N ASN E 36 23.19 0.26 0.07
CA ASN E 36 23.16 0.08 1.54
C ASN E 36 22.51 1.27 2.25
N VAL E 37 22.74 2.51 1.81
CA VAL E 37 22.07 3.70 2.42
C VAL E 37 20.58 3.41 2.57
N TRP E 38 20.09 3.37 3.80
CA TRP E 38 18.69 2.93 4.03
C TRP E 38 17.64 4.03 3.82
N ALA E 39 18.01 5.22 3.34
CA ALA E 39 17.00 6.30 3.26
C ALA E 39 16.85 6.93 1.86
N THR E 40 17.85 6.79 0.96
CA THR E 40 17.79 7.50 -0.35
C THR E 40 17.15 6.65 -1.45
N HIS E 41 16.72 5.42 -1.15
CA HIS E 41 16.23 4.54 -2.25
C HIS E 41 15.02 5.13 -2.96
N ALA E 42 14.04 5.68 -2.24
CA ALA E 42 12.81 6.17 -2.90
C ALA E 42 12.77 7.69 -3.00
N CYS E 43 13.87 8.37 -2.63
CA CYS E 43 13.86 9.86 -2.63
C CYS E 43 13.85 10.39 -4.07
N VAL E 44 13.12 11.49 -4.31
CA VAL E 44 13.04 12.09 -5.68
C VAL E 44 14.30 12.96 -5.90
N PRO E 45 14.63 13.54 -7.09
CA PRO E 45 15.87 14.32 -7.20
C PRO E 45 15.69 15.71 -6.61
N THR E 46 16.67 16.14 -5.83
CA THR E 46 16.65 17.50 -5.34
C THR E 46 16.74 18.48 -6.50
N ASP E 47 15.91 19.50 -6.45
CA ASP E 47 15.99 20.55 -7.44
C ASP E 47 17.31 21.29 -7.25
N PRO E 48 18.19 21.32 -8.25
CA PRO E 48 19.47 22.01 -8.05
C PRO E 48 19.33 23.48 -7.73
N ASN E 49 18.30 24.13 -8.26
CA ASN E 49 18.07 25.54 -7.96
C ASN E 49 16.94 25.66 -6.97
N PRO E 50 17.21 25.97 -5.70
CA PRO E 50 16.14 26.11 -4.72
C PRO E 50 15.29 27.33 -5.01
N GLN E 51 14.05 27.28 -4.52
CA GLN E 51 13.14 28.44 -4.71
C GLN E 51 12.82 29.02 -3.33
N GLU E 52 13.32 30.23 -3.05
CA GLU E 52 13.12 30.84 -1.71
C GLU E 52 12.53 32.23 -1.90
N VAL E 53 11.27 32.30 -2.32
CA VAL E 53 10.60 33.61 -2.48
C VAL E 53 10.51 34.24 -1.09
N VAL E 54 10.86 35.53 -0.97
CA VAL E 54 10.88 36.19 0.37
C VAL E 54 9.50 36.83 0.57
N LEU E 55 9.02 36.87 1.82
CA LEU E 55 7.75 37.50 2.12
C LEU E 55 7.99 38.83 2.79
N GLU E 56 7.31 39.86 2.32
CA GLU E 56 7.54 41.22 2.79
C GLU E 56 6.34 41.68 3.59
N ASN E 57 6.58 42.46 4.65
CA ASN E 57 5.48 43.02 5.49
C ASN E 57 4.66 41.87 6.09
N VAL E 58 5.30 40.76 6.44
CA VAL E 58 4.60 39.61 7.00
C VAL E 58 5.16 39.32 8.38
N THR E 59 4.27 39.00 9.33
CA THR E 59 4.69 38.63 10.71
C THR E 59 4.00 37.31 11.09
N GLU E 60 4.29 36.23 10.36
CA GLU E 60 3.59 34.93 10.59
C GLU E 60 3.90 34.37 11.98
N ASN E 61 2.88 33.88 12.69
CA ASN E 61 3.09 33.23 14.02
C ASN E 61 3.67 31.83 13.80
N PHE E 62 4.52 31.35 14.72
CA PHE E 62 5.17 30.03 14.58
C PHE E 62 5.15 29.28 15.93
N ASN E 63 4.88 27.98 15.93
CA ASN E 63 4.98 27.19 17.16
C ASN E 63 5.72 25.91 16.80
N MET E 64 7.04 25.94 16.97
CA MET E 64 7.84 24.75 16.73
C MET E 64 7.51 23.64 17.72
N TRP E 65 7.01 23.99 18.90
CA TRP E 65 6.59 22.96 19.84
C TRP E 65 5.30 22.27 19.40
N LYS E 66 4.54 22.88 18.51
CA LYS E 66 3.33 22.28 17.96
C LYS E 66 3.47 22.06 16.46
N ASN E 67 4.65 21.61 16.04
CA ASN E 67 4.90 21.39 14.63
C ASN E 67 4.45 20.00 14.22
N ASN E 68 3.62 19.93 13.18
CA ASN E 68 3.27 18.65 12.60
C ASN E 68 4.49 17.92 12.08
N MET E 69 5.26 18.59 11.21
CA MET E 69 6.43 17.95 10.56
C MET E 69 7.24 17.15 11.59
N VAL E 70 7.49 17.72 12.77
CA VAL E 70 8.32 17.02 13.75
C VAL E 70 7.83 15.59 13.94
N GLU E 71 6.58 15.45 14.37
CA GLU E 71 6.03 14.13 14.61
C GLU E 71 5.97 13.32 13.32
N GLN E 72 5.56 13.98 12.24
CA GLN E 72 5.49 13.30 10.93
C GLN E 72 6.82 12.58 10.66
N MET E 73 7.91 13.34 10.53
CA MET E 73 9.17 12.74 10.17
C MET E 73 9.73 11.88 11.28
N HIS E 74 9.35 12.13 12.53
CA HIS E 74 9.77 11.26 13.62
C HIS E 74 9.29 9.84 13.39
N GLU E 75 7.99 9.69 13.18
CA GLU E 75 7.50 8.35 12.90
C GLU E 75 7.96 7.88 11.54
N ASP E 76 8.18 8.80 10.61
CA ASP E 76 8.75 8.38 9.29
C ASP E 76 10.09 7.68 9.49
N ILE E 77 11.04 8.31 10.20
CA ILE E 77 12.39 7.69 10.35
C ILE E 77 12.31 6.51 11.32
N ILE E 78 11.35 6.51 12.23
CA ILE E 78 11.18 5.34 13.14
C ILE E 78 10.78 4.13 12.28
N SER E 79 9.76 4.30 11.43
CA SER E 79 9.34 3.23 10.50
C SER E 79 10.44 2.93 9.47
N LEU E 80 11.12 3.97 8.97
CA LEU E 80 12.13 3.79 7.91
C LEU E 80 13.26 2.88 8.43
N TRP E 81 13.70 3.10 9.67
CA TRP E 81 14.72 2.20 10.24
C TRP E 81 14.13 0.79 10.36
N ASP E 82 12.87 0.69 10.79
CA ASP E 82 12.25 -0.65 10.99
C ASP E 82 12.21 -1.39 9.67
N GLU E 83 11.82 -0.72 8.59
CA GLU E 83 11.70 -1.40 7.28
C GLU E 83 13.09 -1.85 6.83
N SER E 84 14.12 -1.04 7.08
CA SER E 84 15.49 -1.37 6.64
C SER E 84 15.99 -2.65 7.33
N LEU E 85 15.72 -2.80 8.63
CA LEU E 85 16.24 -3.98 9.38
C LEU E 85 15.23 -5.13 9.36
N LYS E 86 14.04 -4.88 8.79
CA LYS E 86 12.97 -5.92 8.77
C LYS E 86 13.40 -7.16 7.97
N PRO E 87 14.03 -7.06 6.77
CA PRO E 87 14.49 -8.25 6.06
C PRO E 87 15.80 -8.83 6.62
N CYS E 88 16.41 -8.16 7.60
CA CYS E 88 17.68 -8.65 8.09
C CYS E 88 17.47 -9.75 9.13
N VAL E 89 18.57 -10.42 9.48
CA VAL E 89 18.50 -11.61 10.39
C VAL E 89 17.93 -11.25 11.76
N LYS E 90 17.06 -12.09 12.31
CA LYS E 90 16.58 -11.87 13.70
C LYS E 90 17.46 -12.75 14.60
N LEU E 91 18.26 -12.14 15.48
CA LEU E 91 19.22 -12.91 16.30
C LEU E 91 18.52 -13.56 17.50
N THR E 92 17.36 -14.17 17.27
CA THR E 92 16.63 -14.87 18.36
C THR E 92 17.41 -16.07 18.92
N PRO E 93 18.07 -16.95 18.14
CA PRO E 93 18.73 -18.15 18.70
C PRO E 93 19.96 -17.84 19.58
N LEU E 94 20.54 -16.64 19.47
CA LEU E 94 21.73 -16.30 20.23
C LEU E 94 21.46 -16.18 21.72
N CYS E 95 20.21 -16.18 22.15
CA CYS E 95 19.88 -15.99 23.56
C CYS E 95 20.26 -17.25 24.33
N VAL E 96 21.55 -17.41 24.57
CA VAL E 96 22.11 -18.60 25.18
C VAL E 96 23.09 -18.17 26.26
N THR E 97 23.31 -19.07 27.23
CA THR E 97 24.36 -18.86 28.21
C THR E 97 25.72 -18.80 27.51
N LEU E 98 26.58 -17.91 27.99
CA LEU E 98 27.86 -17.64 27.36
C LEU E 98 29.01 -17.88 28.32
N ASN E 99 30.00 -18.66 27.88
CA ASN E 99 31.25 -18.87 28.66
C ASN E 99 32.24 -17.84 28.16
N CYS E 100 32.53 -16.80 28.93
CA CYS E 100 33.32 -15.65 28.50
C CYS E 100 34.63 -15.60 29.27
N THR E 101 35.73 -15.42 28.53
CA THR E 101 37.10 -15.37 29.10
C THR E 101 37.39 -13.97 29.65
N ASP E 102 38.66 -13.70 29.95
CA ASP E 102 39.12 -12.39 30.48
C ASP E 102 38.98 -11.32 29.39
N LEU E 103 40.02 -11.14 28.58
CA LEU E 103 39.91 -10.47 27.27
C LEU E 103 39.63 -11.56 26.23
N ARG E 104 40.67 -11.94 25.47
CA ARG E 104 40.75 -13.28 24.85
C ARG E 104 41.84 -14.08 25.59
N ASN E 105 42.88 -13.37 26.05
CA ASN E 105 44.16 -13.98 26.50
C ASN E 105 44.75 -13.11 27.61
N VAL E 106 45.90 -13.51 28.16
CA VAL E 106 46.59 -12.71 29.16
C VAL E 106 47.94 -12.28 28.60
N THR E 107 48.03 -12.18 27.27
CA THR E 107 49.28 -11.82 26.63
C THR E 107 49.58 -10.35 26.92
N ASN E 108 50.01 -10.08 28.13
CA ASN E 108 50.10 -8.71 28.63
C ASN E 108 51.53 -8.21 28.66
N SER E 113 50.34 -1.59 28.29
CA SER E 113 50.03 -2.50 29.38
C SER E 113 48.69 -3.19 29.15
N GLU E 114 47.68 -2.81 29.93
CA GLU E 114 46.34 -3.38 29.85
C GLU E 114 45.33 -2.29 30.19
N GLY E 115 44.81 -1.63 29.16
CA GLY E 115 43.71 -0.69 29.33
C GLY E 115 42.34 -1.30 29.24
N MET E 116 42.26 -2.61 29.06
CA MET E 116 41.01 -3.33 28.86
C MET E 116 40.74 -4.22 30.07
N ARG E 117 39.46 -4.45 30.35
CA ARG E 117 39.08 -5.28 31.53
C ARG E 117 37.95 -6.24 31.15
N GLY E 118 37.77 -6.54 29.85
CA GLY E 118 36.64 -7.39 29.45
C GLY E 118 36.00 -6.95 28.14
N GLU E 119 36.56 -5.94 27.47
CA GLU E 119 35.90 -5.42 26.24
C GLU E 119 35.82 -6.53 25.18
N ILE E 120 36.86 -7.34 25.05
CA ILE E 120 36.80 -8.46 24.07
C ILE E 120 35.80 -9.51 24.58
N LYS E 121 35.94 -9.93 25.84
CA LYS E 121 35.03 -10.92 26.49
C LYS E 121 35.25 -12.34 25.96
N ASN E 122 35.31 -12.53 24.64
CA ASN E 122 35.47 -13.89 24.05
C ASN E 122 34.37 -14.80 24.62
N CYS E 123 33.10 -14.40 24.47
CA CYS E 123 31.96 -15.25 24.93
C CYS E 123 31.78 -16.48 24.04
N SER E 124 31.99 -17.68 24.60
CA SER E 124 31.79 -18.92 23.88
C SER E 124 30.51 -19.58 24.38
N PHE E 125 29.95 -20.47 23.54
CA PHE E 125 28.61 -20.98 23.80
C PHE E 125 28.34 -22.15 22.88
N ASN E 126 27.17 -22.78 23.06
CA ASN E 126 26.74 -23.88 22.16
C ASN E 126 25.45 -23.40 21.48
N ILE E 127 25.43 -23.31 20.15
CA ILE E 127 24.22 -22.74 19.48
C ILE E 127 23.76 -23.69 18.37
N THR E 128 22.47 -23.61 18.00
CA THR E 128 21.91 -24.49 16.94
C THR E 128 21.57 -23.68 15.69
N THR E 129 22.09 -24.08 14.52
CA THR E 129 21.79 -23.41 13.27
C THR E 129 20.50 -24.00 12.68
N SER E 130 20.28 -23.75 11.39
CA SER E 130 19.14 -24.36 10.71
C SER E 130 19.19 -25.87 10.83
N ILE E 131 20.38 -26.45 10.95
CA ILE E 131 20.48 -27.89 11.20
C ILE E 131 20.01 -28.13 12.62
N LYS E 132 18.79 -28.63 12.76
CA LYS E 132 18.22 -28.85 14.08
C LYS E 132 18.49 -30.26 14.58
N ASP E 133 19.74 -30.67 14.46
CA ASP E 133 20.20 -31.96 14.99
C ASP E 133 21.51 -31.88 15.75
N LYS E 134 22.36 -30.88 15.48
CA LYS E 134 23.70 -30.82 16.03
C LYS E 134 23.88 -29.48 16.73
N VAL E 135 24.23 -29.54 18.01
CA VAL E 135 24.72 -28.34 18.66
C VAL E 135 26.05 -27.94 18.02
N LYS E 136 26.35 -26.65 18.02
CA LYS E 136 27.52 -26.14 17.31
C LYS E 136 28.24 -25.13 18.20
N LYS E 137 29.19 -25.62 18.98
CA LYS E 137 29.97 -24.76 19.84
C LYS E 137 30.83 -23.82 19.02
N ASP E 138 30.94 -22.58 19.48
CA ASP E 138 31.78 -21.57 18.84
C ASP E 138 31.88 -20.40 19.82
N TYR E 139 32.48 -19.31 19.34
CA TYR E 139 32.69 -18.15 20.19
C TYR E 139 32.65 -16.87 19.36
N ALA E 140 32.35 -15.76 20.03
CA ALA E 140 32.32 -14.43 19.37
C ALA E 140 32.81 -13.39 20.39
N LEU E 141 33.01 -12.13 19.99
CA LEU E 141 33.54 -11.10 20.93
C LEU E 141 32.48 -10.02 21.19
N PHE E 142 32.29 -9.64 22.47
CA PHE E 142 31.30 -8.57 22.83
C PHE E 142 31.81 -7.63 23.93
N TYR E 143 31.67 -6.30 23.76
CA TYR E 143 32.01 -5.32 24.83
C TYR E 143 31.09 -5.58 26.02
N LYS E 144 31.56 -5.31 27.24
CA LYS E 144 30.76 -5.61 28.46
C LYS E 144 29.38 -4.95 28.37
N LEU E 145 29.26 -3.86 27.62
CA LEU E 145 27.97 -3.12 27.51
C LEU E 145 26.87 -4.03 26.94
N ASP E 146 27.24 -5.07 26.18
CA ASP E 146 26.23 -5.94 25.54
C ASP E 146 26.04 -7.24 26.34
N VAL E 147 26.93 -7.53 27.28
CA VAL E 147 26.83 -8.83 28.02
C VAL E 147 26.36 -8.59 29.46
N VAL E 148 25.12 -8.95 29.77
CA VAL E 148 24.60 -8.83 31.13
C VAL E 148 25.06 -10.03 31.94
N PRO E 149 25.61 -9.83 33.13
CA PRO E 149 25.99 -10.98 33.97
C PRO E 149 24.76 -11.74 34.43
N ILE E 150 24.84 -13.07 34.36
CA ILE E 150 23.76 -13.95 34.77
C ILE E 150 24.33 -15.01 35.69
N ASP E 151 23.49 -15.47 36.62
CA ASP E 151 23.75 -16.66 37.42
C ASP E 151 24.92 -16.45 38.39
N ASN E 152 25.61 -15.31 38.26
CA ASN E 152 26.72 -14.96 39.18
C ASN E 152 27.64 -16.17 39.40
N ASP E 153 27.66 -17.13 38.46
CA ASP E 153 28.47 -18.36 38.66
C ASP E 153 29.94 -18.00 38.48
N ASN E 154 30.23 -16.84 37.84
CA ASN E 154 31.62 -16.33 37.57
C ASN E 154 31.67 -15.89 36.11
N THR E 155 31.60 -16.86 35.19
CA THR E 155 31.64 -16.53 33.74
C THR E 155 30.30 -16.85 33.06
N SER E 156 29.17 -16.79 33.79
CA SER E 156 27.90 -16.99 33.10
C SER E 156 27.37 -15.64 32.64
N TYR E 157 26.91 -15.59 31.39
CA TYR E 157 26.51 -14.33 30.79
C TYR E 157 25.45 -14.59 29.73
N ARG E 158 24.70 -13.53 29.43
CA ARG E 158 23.69 -13.63 28.35
C ARG E 158 23.61 -12.24 27.70
N LEU E 159 22.97 -12.16 26.54
CA LEU E 159 22.79 -10.90 25.85
C LEU E 159 21.88 -9.99 26.66
N ILE E 160 22.07 -8.68 26.50
CA ILE E 160 21.49 -7.73 27.44
C ILE E 160 19.96 -7.77 27.40
N ASN E 161 19.38 -7.82 26.19
CA ASN E 161 17.90 -7.69 26.09
C ASN E 161 17.26 -8.98 25.58
N CYS E 162 17.77 -10.14 26.02
CA CYS E 162 17.12 -11.43 25.64
C CYS E 162 15.76 -11.58 26.31
N ASN E 163 15.64 -11.22 27.59
CA ASN E 163 14.37 -11.45 28.31
C ASN E 163 13.48 -10.21 28.23
N THR E 164 13.85 -9.21 27.42
CA THR E 164 12.95 -8.04 27.26
C THR E 164 12.64 -7.71 25.81
N SER E 165 13.36 -8.31 24.84
CA SER E 165 13.12 -7.88 23.44
C SER E 165 13.51 -8.96 22.44
N THR E 166 13.49 -8.60 21.15
CA THR E 166 14.00 -9.52 20.10
C THR E 166 15.13 -8.76 19.42
N ILE E 167 16.33 -9.34 19.32
CA ILE E 167 17.47 -8.56 18.77
C ILE E 167 17.63 -8.91 17.30
N THR E 168 17.52 -7.92 16.41
CA THR E 168 17.73 -8.16 14.95
C THR E 168 19.03 -7.45 14.51
N GLN E 169 19.96 -8.18 13.88
CA GLN E 169 21.13 -7.48 13.40
C GLN E 169 20.81 -6.72 12.12
N ALA E 170 21.46 -5.57 11.96
CA ALA E 170 21.37 -4.88 10.69
C ALA E 170 22.05 -5.71 9.61
N CYS E 171 21.58 -5.57 8.39
CA CYS E 171 22.24 -6.26 7.29
C CYS E 171 23.63 -5.67 7.13
N PRO E 172 24.72 -6.48 7.28
CA PRO E 172 26.08 -5.95 7.27
C PRO E 172 26.29 -4.92 6.15
N LYS E 173 25.77 -5.21 4.96
CA LYS E 173 25.99 -4.30 3.85
C LYS E 173 25.43 -2.91 4.15
N VAL E 174 24.30 -2.84 4.88
CA VAL E 174 23.63 -1.53 5.15
C VAL E 174 24.60 -0.51 5.75
N SER E 175 24.86 0.58 5.03
CA SER E 175 25.74 1.67 5.53
C SER E 175 24.87 2.66 6.31
N PHE E 176 25.42 3.27 7.36
CA PHE E 176 24.59 4.17 8.23
C PHE E 176 25.14 5.58 8.19
N GLU E 177 25.46 6.09 7.00
CA GLU E 177 25.88 7.51 6.90
C GLU E 177 24.68 8.33 6.42
N PRO E 178 24.16 9.25 7.25
CA PRO E 178 23.04 10.11 6.84
C PRO E 178 23.45 11.04 5.70
N ILE E 179 22.55 11.26 4.75
CA ILE E 179 22.82 12.22 3.63
C ILE E 179 21.75 13.31 3.72
N PRO E 180 21.99 14.54 3.22
CA PRO E 180 21.00 15.60 3.38
C PRO E 180 19.65 15.20 2.76
N ILE E 181 18.56 15.42 3.50
CA ILE E 181 17.21 15.04 3.00
C ILE E 181 16.37 16.31 2.93
N HIS E 182 15.84 16.63 1.75
CA HIS E 182 15.06 17.89 1.59
C HIS E 182 13.57 17.54 1.56
N TYR E 183 12.86 17.73 2.69
CA TYR E 183 11.43 17.49 2.63
C TYR E 183 10.78 18.44 1.64
N CYS E 184 9.92 17.89 0.80
CA CYS E 184 9.23 18.67 -0.19
C CYS E 184 7.74 18.43 -0.05
N THR E 185 6.96 19.40 -0.42
CA THR E 185 5.54 19.30 -0.22
C THR E 185 4.82 19.11 -1.53
N PRO E 186 3.68 18.43 -1.52
CA PRO E 186 2.83 18.39 -2.70
C PRO E 186 2.38 19.79 -3.07
N ALA E 187 2.15 20.00 -4.36
CA ALA E 187 1.70 21.30 -4.84
C ALA E 187 0.43 21.73 -4.12
N GLY E 188 0.18 23.04 -4.13
CA GLY E 188 -0.86 23.60 -3.30
C GLY E 188 -0.48 23.73 -1.85
N PHE E 189 0.74 23.37 -1.49
CA PHE E 189 1.24 23.47 -0.13
C PHE E 189 2.59 24.17 -0.16
N ALA E 190 2.94 24.79 0.94
CA ALA E 190 4.21 25.51 1.00
C ALA E 190 4.79 25.41 2.39
N ILE E 191 6.11 25.55 2.45
CA ILE E 191 6.83 25.61 3.71
C ILE E 191 7.23 27.05 3.95
N LEU E 192 6.87 27.57 5.12
CA LEU E 192 7.22 28.92 5.50
C LEU E 192 8.49 28.91 6.31
N LYS E 193 9.46 29.73 5.92
CA LYS E 193 10.76 29.77 6.57
C LYS E 193 10.85 31.00 7.45
N CYS E 194 11.16 30.79 8.72
CA CYS E 194 11.33 31.89 9.67
C CYS E 194 12.78 32.34 9.57
N LYS E 195 13.03 33.27 8.64
CA LYS E 195 14.43 33.67 8.36
C LYS E 195 14.89 34.80 9.27
N ASP E 196 14.42 34.82 10.52
CA ASP E 196 14.95 35.85 11.45
C ASP E 196 16.27 35.33 12.06
N LYS E 197 17.23 36.23 12.29
CA LYS E 197 18.56 35.79 12.81
C LYS E 197 18.45 35.48 14.30
N LYS E 198 17.24 35.58 14.86
CA LYS E 198 17.08 35.37 16.34
C LYS E 198 15.61 35.03 16.62
N PHE E 199 15.31 33.73 16.80
CA PHE E 199 13.90 33.32 17.05
C PHE E 199 13.80 32.54 18.37
N ASN E 200 12.82 32.91 19.20
CA ASN E 200 12.55 32.23 20.50
C ASN E 200 11.88 30.88 20.20
N GLY E 201 11.53 30.64 18.93
CA GLY E 201 10.83 29.40 18.53
C GLY E 201 9.34 29.54 18.79
N THR E 202 8.92 30.63 19.44
CA THR E 202 7.49 30.86 19.74
C THR E 202 7.16 32.33 19.43
N GLY E 203 5.90 32.63 19.14
CA GLY E 203 5.49 34.02 18.85
C GLY E 203 5.70 34.36 17.39
N PRO E 204 5.35 35.59 16.95
CA PRO E 204 5.45 35.96 15.54
C PRO E 204 6.88 36.05 14.99
N CYS E 205 7.09 35.64 13.74
CA CYS E 205 8.42 35.76 13.10
C CYS E 205 8.30 36.81 12.01
N LYS E 206 9.08 37.90 12.09
CA LYS E 206 8.95 39.01 11.12
C LYS E 206 9.67 38.66 9.82
N ASN E 207 11.00 38.76 9.79
CA ASN E 207 11.78 38.37 8.58
C ASN E 207 11.33 36.96 8.19
N VAL E 208 10.71 36.81 7.03
CA VAL E 208 10.09 35.49 6.71
C VAL E 208 10.13 35.22 5.21
N SER E 209 10.58 34.03 4.82
CA SER E 209 10.55 33.61 3.44
C SER E 209 9.85 32.26 3.38
N THR E 210 9.85 31.65 2.20
CA THR E 210 9.22 30.36 2.02
C THR E 210 10.00 29.52 1.02
N VAL E 211 9.79 28.21 1.13
CA VAL E 211 10.44 27.24 0.25
C VAL E 211 9.46 26.12 -0.02
N GLN E 212 9.54 25.56 -1.22
CA GLN E 212 8.79 24.36 -1.53
C GLN E 212 9.48 23.11 -1.01
N CYS E 213 10.73 23.22 -0.61
CA CYS E 213 11.49 22.09 -0.09
C CYS E 213 12.35 22.56 1.06
N THR E 214 12.40 21.78 2.12
CA THR E 214 13.30 22.09 3.22
C THR E 214 14.74 22.01 2.76
N HIS E 215 15.61 22.70 3.48
CA HIS E 215 17.02 22.55 3.25
C HIS E 215 17.47 21.15 3.64
N GLY E 216 18.67 20.79 3.20
CA GLY E 216 19.19 19.46 3.46
C GLY E 216 19.24 19.16 4.94
N ILE E 217 18.69 18.01 5.34
CA ILE E 217 18.64 17.65 6.80
C ILE E 217 19.11 16.20 6.96
N LYS E 218 20.34 16.01 7.45
CA LYS E 218 20.80 14.63 7.74
C LYS E 218 20.06 14.14 8.99
N PRO E 219 19.37 12.97 8.96
CA PRO E 219 18.61 12.51 10.13
C PRO E 219 19.61 11.95 11.14
N VAL E 220 20.69 12.70 11.41
CA VAL E 220 21.65 12.25 12.44
C VAL E 220 20.89 12.19 13.75
N VAL E 221 20.97 11.05 14.46
CA VAL E 221 20.33 10.95 15.80
C VAL E 221 21.46 10.89 16.84
N SER E 222 21.46 11.81 17.80
CA SER E 222 22.54 11.86 18.82
C SER E 222 21.99 12.39 20.15
N THR E 223 22.60 11.99 21.26
CA THR E 223 22.08 12.42 22.60
C THR E 223 23.05 13.44 23.20
N GLN E 224 22.54 14.44 23.91
CA GLN E 224 23.37 15.48 24.58
C GLN E 224 23.97 16.44 23.54
N LEU E 225 24.75 15.93 22.58
CA LEU E 225 25.42 16.80 21.60
C LEU E 225 24.76 16.63 20.23
N LEU E 226 24.31 17.73 19.61
CA LEU E 226 23.75 17.63 18.23
C LEU E 226 24.93 17.65 17.26
N LEU E 227 24.97 16.72 16.31
CA LEU E 227 26.15 16.62 15.40
C LEU E 227 25.72 16.78 13.94
N ASN E 228 26.53 17.48 13.13
CA ASN E 228 26.23 17.62 11.68
C ASN E 228 24.79 18.13 11.48
N GLY E 229 24.34 19.09 12.29
CA GLY E 229 22.97 19.61 12.17
C GLY E 229 22.93 20.94 11.46
N SER E 230 22.59 22.02 12.17
CA SER E 230 22.52 23.37 11.56
C SER E 230 23.09 24.41 12.55
N LEU E 231 23.74 25.45 12.03
CA LEU E 231 24.37 26.46 12.92
C LEU E 231 23.45 27.65 13.13
N ALA E 232 23.53 28.28 14.31
CA ALA E 232 22.71 29.48 14.60
C ALA E 232 23.36 30.69 13.93
N GLU E 233 22.63 31.80 13.78
CA GLU E 233 23.19 32.95 13.01
C GLU E 233 23.64 34.09 13.93
N GLU E 234 24.96 34.33 14.03
CA GLU E 234 25.53 35.47 14.80
C GLU E 234 25.51 35.21 16.32
N GLU E 235 24.44 34.63 16.86
CA GLU E 235 24.35 34.46 18.33
C GLU E 235 23.84 33.07 18.69
N VAL E 236 24.31 32.51 19.81
CA VAL E 236 23.76 31.20 20.28
C VAL E 236 22.30 31.44 20.69
N VAL E 237 21.39 30.55 20.30
CA VAL E 237 19.95 30.78 20.58
C VAL E 237 19.41 29.60 21.41
N ILE E 238 18.65 29.89 22.47
CA ILE E 238 18.13 28.81 23.36
C ILE E 238 16.61 28.77 23.25
N ARG E 239 16.04 27.59 22.97
CA ARG E 239 14.57 27.45 22.82
C ARG E 239 14.04 26.41 23.81
N SER E 240 13.01 26.74 24.61
CA SER E 240 12.39 25.70 25.47
C SER E 240 10.86 25.80 25.37
N SER E 241 10.14 24.72 25.71
CA SER E 241 8.65 24.84 25.76
C SER E 241 8.37 25.82 26.90
N ASN E 242 8.88 25.50 28.08
CA ASN E 242 8.59 26.29 29.29
C ASN E 242 9.88 26.36 30.08
N PHE E 243 10.64 27.46 29.96
CA PHE E 243 11.97 27.57 30.60
C PHE E 243 11.87 27.31 32.11
N THR E 244 10.83 27.84 32.76
CA THR E 244 10.73 27.72 34.24
C THR E 244 10.29 26.31 34.64
N ASP E 245 9.75 25.51 33.72
CA ASP E 245 9.40 24.10 34.05
C ASP E 245 10.67 23.25 33.95
N ASN E 246 10.92 22.39 34.95
CA ASN E 246 12.17 21.58 34.95
C ASN E 246 12.09 20.44 33.94
N ALA E 247 10.91 19.82 33.79
CA ALA E 247 10.77 18.63 32.92
C ALA E 247 11.09 18.98 31.46
N LYS E 248 10.73 20.19 31.02
CA LYS E 248 10.94 20.57 29.60
C LYS E 248 12.43 20.52 29.26
N ASN E 249 12.81 19.80 28.21
CA ASN E 249 14.19 19.83 27.77
C ASN E 249 14.53 21.18 27.18
N ILE E 250 15.83 21.50 27.10
CA ILE E 250 16.30 22.84 26.65
C ILE E 250 17.13 22.69 25.37
N ILE E 251 16.63 23.17 24.23
CA ILE E 251 17.35 23.17 22.97
C ILE E 251 18.34 24.32 22.98
N VAL E 252 19.61 24.03 22.71
CA VAL E 252 20.65 25.10 22.66
C VAL E 252 21.39 25.01 21.32
N GLN E 253 21.11 25.93 20.39
CA GLN E 253 21.73 25.82 19.04
C GLN E 253 22.99 26.70 19.01
N LEU E 254 24.17 26.08 18.87
CA LEU E 254 25.45 26.84 18.86
C LEU E 254 25.60 27.63 17.56
N LYS E 255 26.31 28.76 17.60
CA LYS E 255 26.59 29.53 16.37
C LYS E 255 27.96 29.10 15.84
N GLU E 256 28.69 28.28 16.61
CA GLU E 256 30.06 27.85 16.21
C GLU E 256 30.11 26.34 16.04
N SER E 257 30.65 25.86 14.92
CA SER E 257 30.84 24.39 14.76
C SER E 257 32.10 23.96 15.50
N VAL E 258 32.00 22.90 16.32
CA VAL E 258 33.19 22.41 17.08
C VAL E 258 33.55 21.02 16.55
N GLU E 259 34.81 20.82 16.13
CA GLU E 259 35.20 19.52 15.54
C GLU E 259 35.34 18.49 16.67
N ILE E 260 34.73 17.31 16.49
CA ILE E 260 34.91 16.21 17.50
C ILE E 260 35.55 15.03 16.77
N ASN E 261 36.85 14.77 17.02
CA ASN E 261 37.55 13.71 16.26
C ASN E 261 37.40 12.35 16.96
N CYS E 262 36.36 11.59 16.58
CA CYS E 262 36.11 10.31 17.22
C CYS E 262 36.65 9.21 16.32
N THR E 263 37.25 8.19 16.94
CA THR E 263 37.85 7.11 16.18
C THR E 263 37.76 5.82 17.00
N ARG E 264 37.89 4.70 16.31
CA ARG E 264 37.93 3.39 17.03
C ARG E 264 39.31 2.84 16.71
N PRO E 265 40.37 3.17 17.48
CA PRO E 265 41.74 2.80 17.10
C PRO E 265 42.07 1.34 17.38
N ASN E 266 41.26 0.42 16.85
CA ASN E 266 41.54 -1.03 16.97
C ASN E 266 41.42 -1.62 15.57
N ASN E 267 42.45 -2.28 15.06
CA ASN E 267 42.30 -2.99 13.75
C ASN E 267 41.51 -4.26 14.05
N ASN E 268 40.34 -4.45 13.44
CA ASN E 268 39.49 -5.61 13.84
C ASN E 268 39.28 -6.58 12.69
N THR E 269 39.57 -7.86 12.90
CA THR E 269 39.23 -8.87 11.87
C THR E 269 37.78 -9.26 12.15
N ARG E 270 36.95 -9.40 11.12
CA ARG E 270 35.51 -9.67 11.37
C ARG E 270 35.15 -11.09 10.95
N LYS E 271 34.44 -11.84 11.81
CA LYS E 271 34.10 -13.26 11.53
C LYS E 271 32.59 -13.41 11.36
N SER E 272 32.14 -14.10 10.31
CA SER E 272 30.68 -14.25 10.06
C SER E 272 30.25 -15.68 10.41
N ILE E 273 29.69 -15.91 11.61
CA ILE E 273 29.21 -17.25 11.91
C ILE E 273 27.86 -17.45 11.25
N HIS E 274 27.65 -18.62 10.67
CA HIS E 274 26.38 -18.96 10.04
C HIS E 274 25.46 -19.61 11.07
N ILE E 275 24.27 -19.06 11.22
CA ILE E 275 23.28 -19.57 12.15
C ILE E 275 21.91 -19.48 11.48
N GLY E 276 21.33 -20.63 11.15
CA GLY E 276 20.08 -20.65 10.46
C GLY E 276 20.26 -20.79 8.96
N PRO E 277 19.17 -20.85 8.15
CA PRO E 277 19.33 -21.11 6.72
C PRO E 277 19.76 -19.84 5.97
N GLY E 278 21.04 -19.76 5.60
CA GLY E 278 21.55 -18.57 4.90
C GLY E 278 21.59 -17.35 5.81
N LYS E 279 21.06 -17.46 7.03
CA LYS E 279 21.18 -16.31 7.96
C LYS E 279 22.58 -16.36 8.56
N ALA E 280 23.27 -15.22 8.60
CA ALA E 280 24.65 -15.20 9.13
C ALA E 280 24.76 -14.15 10.24
N PHE E 281 25.25 -14.54 11.41
CA PHE E 281 25.46 -13.56 12.50
C PHE E 281 26.88 -13.01 12.37
N TYR E 282 27.02 -11.76 11.94
CA TYR E 282 28.36 -11.13 11.80
C TYR E 282 28.87 -10.67 13.17
N THR E 283 30.10 -11.06 13.53
CA THR E 283 30.67 -10.69 14.84
C THR E 283 32.16 -10.39 14.66
N THR E 284 32.80 -9.76 15.65
CA THR E 284 34.26 -9.53 15.55
C THR E 284 35.00 -10.87 15.59
N GLY E 285 36.06 -11.03 14.80
CA GLY E 285 36.88 -12.25 14.86
C GLY E 285 37.87 -12.03 15.97
N ASP E 286 38.78 -11.05 15.81
CA ASP E 286 39.82 -10.65 16.80
C ASP E 286 40.23 -9.20 16.57
N ILE E 287 41.17 -8.71 17.38
CA ILE E 287 41.75 -7.34 17.19
C ILE E 287 43.24 -7.50 16.87
N ILE E 288 43.67 -6.95 15.73
CA ILE E 288 45.11 -6.98 15.33
C ILE E 288 45.84 -5.92 16.17
N GLY E 289 46.99 -6.28 16.75
CA GLY E 289 47.79 -5.32 17.52
C GLY E 289 47.19 -5.05 18.89
N ASP E 290 47.61 -3.94 19.51
CA ASP E 290 47.08 -3.50 20.82
C ASP E 290 45.67 -2.92 20.62
N ILE E 291 44.82 -3.08 21.63
CA ILE E 291 43.48 -2.44 21.66
C ILE E 291 43.62 -1.10 22.39
N ARG E 292 43.25 -0.01 21.73
CA ARG E 292 43.25 1.32 22.38
C ARG E 292 41.81 1.80 22.52
N GLN E 293 41.42 2.29 23.72
CA GLN E 293 40.00 2.66 23.94
C GLN E 293 39.62 3.78 22.97
N ALA E 294 38.40 3.74 22.43
CA ALA E 294 37.95 4.79 21.53
C ALA E 294 37.89 6.12 22.25
N HIS E 295 38.40 7.14 21.56
CA HIS E 295 38.49 8.48 22.18
C HIS E 295 37.99 9.55 21.21
N CYS E 296 37.63 10.72 21.72
CA CYS E 296 37.19 11.85 20.86
C CYS E 296 37.99 13.09 21.24
N ASN E 297 38.39 13.90 20.26
CA ASN E 297 39.26 15.08 20.56
C ASN E 297 38.41 16.35 20.64
N ILE E 298 38.50 17.08 21.76
CA ILE E 298 37.72 18.33 21.95
C ILE E 298 38.66 19.47 22.35
N SER E 299 38.75 20.53 21.52
CA SER E 299 39.51 21.71 21.91
C SER E 299 39.01 22.28 23.24
N ARG E 300 39.92 22.48 24.19
CA ARG E 300 39.53 23.01 25.52
C ARG E 300 39.02 24.45 25.39
N THR E 301 39.79 25.35 24.76
CA THR E 301 39.42 26.76 24.74
C THR E 301 38.15 26.98 23.94
N LYS E 302 38.07 26.33 22.77
CA LYS E 302 36.88 26.50 21.90
C LYS E 302 35.65 26.05 22.70
N TRP E 303 35.72 24.87 23.32
CA TRP E 303 34.58 24.38 24.14
C TRP E 303 34.32 25.36 25.30
N ASN E 304 35.34 25.83 25.99
CA ASN E 304 35.11 26.72 27.17
C ASN E 304 34.51 28.04 26.68
N ASN E 305 34.95 28.49 25.51
CA ASN E 305 34.36 29.76 24.98
C ASN E 305 32.88 29.51 24.69
N THR E 306 32.55 28.36 24.11
CA THR E 306 31.12 28.05 23.84
C THR E 306 30.38 27.96 25.18
N LEU E 307 31.04 27.41 26.20
CA LEU E 307 30.42 27.29 27.54
C LEU E 307 30.13 28.71 28.04
N ASN E 308 31.12 29.59 28.03
CA ASN E 308 30.91 31.01 28.43
C ASN E 308 29.68 31.56 27.70
N GLN E 309 29.63 31.40 26.37
CA GLN E 309 28.50 31.93 25.57
C GLN E 309 27.17 31.40 26.12
N ILE E 310 27.00 30.08 26.16
CA ILE E 310 25.67 29.52 26.57
C ILE E 310 25.35 29.94 28.01
N ALA E 311 26.37 30.10 28.86
CA ALA E 311 26.17 30.49 30.27
C ALA E 311 25.60 31.91 30.32
N THR E 312 26.25 32.84 29.61
CA THR E 312 25.71 34.22 29.54
C THR E 312 24.27 34.15 29.01
N LYS E 313 24.04 33.31 27.99
CA LYS E 313 22.68 33.28 27.37
C LYS E 313 21.64 32.81 28.39
N LEU E 314 21.97 31.79 29.18
CA LEU E 314 21.00 31.24 30.16
C LEU E 314 20.83 32.25 31.30
N LYS E 315 21.90 32.99 31.61
CA LYS E 315 21.77 34.06 32.64
C LYS E 315 20.81 35.13 32.10
N GLU E 316 21.02 35.58 30.87
CA GLU E 316 20.11 36.57 30.24
C GLU E 316 18.67 36.06 30.32
N GLN E 317 18.46 34.78 29.97
CA GLN E 317 17.10 34.19 29.99
C GLN E 317 16.55 34.22 31.42
N PHE E 318 17.28 33.66 32.38
CA PHE E 318 16.78 33.58 33.77
C PHE E 318 17.17 34.86 34.53
N GLY E 319 18.21 34.78 35.35
CA GLY E 319 18.69 35.97 36.09
C GLY E 319 20.15 36.26 35.78
N ASN E 320 20.45 37.49 35.36
CA ASN E 320 21.84 37.86 34.97
C ASN E 320 22.71 37.90 36.23
N ASN E 321 22.05 37.91 37.39
CA ASN E 321 22.75 37.90 38.70
C ASN E 321 22.64 36.51 39.33
N LYS E 322 22.58 35.45 38.51
CA LYS E 322 22.53 34.07 39.01
C LYS E 322 23.90 33.40 38.81
N THR E 323 24.24 32.45 39.69
CA THR E 323 25.36 31.51 39.45
C THR E 323 24.86 30.42 38.48
N ILE E 324 25.65 30.06 37.48
CA ILE E 324 25.34 28.89 36.60
C ILE E 324 26.18 27.68 37.00
N VAL E 325 25.58 26.50 37.01
CA VAL E 325 26.28 25.25 37.44
C VAL E 325 26.09 24.24 36.30
N PHE E 326 27.13 23.47 35.96
CA PHE E 326 26.95 22.43 34.92
C PHE E 326 27.33 21.07 35.52
N ASN E 327 26.32 20.23 35.77
CA ASN E 327 26.58 18.87 36.29
C ASN E 327 26.37 17.87 35.15
N GLN E 328 26.59 16.59 35.43
CA GLN E 328 26.35 15.54 34.41
C GLN E 328 24.97 14.92 34.69
N SER E 329 24.44 14.13 33.77
CA SER E 329 23.08 13.55 33.93
C SER E 329 22.96 12.78 35.25
N SER E 330 21.88 12.99 36.00
CA SER E 330 21.66 12.34 37.29
C SER E 330 21.76 10.83 37.16
N GLY E 331 21.03 10.25 36.23
CA GLY E 331 21.02 8.80 36.08
C GLY E 331 19.91 8.36 35.16
N GLY E 332 19.85 7.05 34.91
CA GLY E 332 18.82 6.51 33.99
C GLY E 332 19.45 5.64 32.91
N ASP E 333 18.94 5.73 31.68
CA ASP E 333 19.44 4.88 30.57
C ASP E 333 20.75 5.46 30.02
N PRO E 334 21.74 4.61 29.66
CA PRO E 334 23.05 5.10 29.17
C PRO E 334 22.96 6.25 28.16
N GLU E 335 21.99 6.19 27.24
CA GLU E 335 21.86 7.23 26.19
C GLU E 335 21.89 8.62 26.82
N ILE E 336 21.14 8.83 27.91
CA ILE E 336 21.05 10.18 28.52
C ILE E 336 22.27 10.44 29.41
N VAL E 337 22.76 9.41 30.11
CA VAL E 337 23.89 9.61 31.07
C VAL E 337 25.17 10.03 30.34
N MET E 338 25.45 9.45 29.16
CA MET E 338 26.73 9.75 28.47
C MET E 338 26.46 10.07 26.98
N HIS E 339 27.29 10.92 26.39
CA HIS E 339 27.07 11.32 24.96
C HIS E 339 27.20 10.08 24.07
N SER E 340 26.08 9.66 23.47
CA SER E 340 26.13 8.53 22.54
C SER E 340 25.74 8.99 21.16
N PHE E 341 26.25 8.27 20.14
CA PHE E 341 26.00 8.62 18.71
C PHE E 341 26.62 7.53 17.82
N ASN E 342 26.25 7.48 16.53
CA ASN E 342 26.82 6.49 15.58
C ASN E 342 28.03 7.08 14.82
N CYS E 343 29.08 6.27 14.59
CA CYS E 343 30.24 6.76 13.86
C CYS E 343 30.60 5.69 12.84
N GLY E 344 30.44 6.02 11.54
CA GLY E 344 30.69 5.02 10.49
C GLY E 344 29.82 3.79 10.70
N GLY E 345 28.86 3.87 11.64
CA GLY E 345 27.92 2.77 11.89
C GLY E 345 28.06 2.22 13.31
N GLU E 346 29.29 2.07 13.81
CA GLU E 346 29.48 1.63 15.22
C GLU E 346 29.01 2.76 16.16
N PHE E 347 28.45 2.40 17.33
CA PHE E 347 27.90 3.42 18.26
C PHE E 347 28.87 3.63 19.42
N PHE E 348 29.21 4.89 19.72
CA PHE E 348 30.21 5.17 20.79
C PHE E 348 29.55 5.83 22.00
N TYR E 349 29.68 5.25 23.19
CA TYR E 349 29.15 5.86 24.42
C TYR E 349 30.29 6.57 25.17
N CYS E 350 30.41 7.90 25.00
CA CYS E 350 31.52 8.63 25.58
C CYS E 350 31.09 9.29 26.88
N ASN E 351 31.84 9.00 27.95
CA ASN E 351 31.55 9.56 29.30
C ASN E 351 31.87 11.05 29.26
N SER E 352 30.91 11.88 28.82
CA SER E 352 31.15 13.34 28.70
C SER E 352 31.11 14.03 30.06
N THR E 353 31.71 13.43 31.09
CA THR E 353 31.76 14.09 32.39
C THR E 353 32.50 15.42 32.28
N GLN E 354 33.67 15.40 31.64
CA GLN E 354 34.48 16.64 31.59
C GLN E 354 33.74 17.75 30.83
N LEU E 355 32.87 17.38 29.89
CA LEU E 355 32.24 18.44 29.09
C LEU E 355 31.38 19.35 29.95
N PHE E 356 30.74 18.76 30.96
CA PHE E 356 29.85 19.53 31.86
C PHE E 356 30.36 19.39 33.30
N ASN E 357 31.39 20.14 33.66
CA ASN E 357 32.01 20.01 35.00
C ASN E 357 32.42 21.42 35.44
N SER E 358 32.15 22.42 34.60
CA SER E 358 32.57 23.81 34.91
C SER E 358 31.37 24.64 35.39
N THR E 359 31.54 25.35 36.51
CA THR E 359 30.46 26.23 37.05
C THR E 359 30.93 27.68 36.94
N TRP E 360 30.09 28.54 36.36
CA TRP E 360 30.48 29.96 36.15
C TRP E 360 29.78 30.82 37.20
N ASN E 361 29.82 32.15 37.10
CA ASN E 361 29.24 33.05 38.14
C ASN E 361 28.68 34.32 37.50
N PHE E 362 27.66 34.93 38.11
CA PHE E 362 27.19 36.23 37.61
C PHE E 362 28.35 37.21 37.78
N ASN E 363 29.05 37.10 38.91
CA ASN E 363 30.26 37.93 39.14
C ASN E 363 31.29 37.53 38.08
N GLY E 364 31.38 36.23 37.75
CA GLY E 364 32.34 35.73 36.75
C GLY E 364 31.79 35.85 35.33
N THR E 365 32.23 34.98 34.41
CA THR E 365 31.82 35.06 32.97
C THR E 365 32.27 36.42 32.42
N TRP E 366 33.45 36.89 32.83
CA TRP E 366 33.94 38.23 32.40
C TRP E 366 34.86 38.08 31.20
N ASN E 367 35.69 37.03 31.16
CA ASN E 367 36.69 36.93 30.05
C ASN E 367 36.48 35.64 29.27
N LEU E 368 37.24 35.46 28.19
CA LEU E 368 37.19 34.17 27.44
C LEU E 368 38.49 33.39 27.65
N THR E 369 38.69 32.28 26.93
CA THR E 369 39.92 31.45 27.07
C THR E 369 40.78 31.61 25.81
N GLN E 370 42.09 31.85 26.00
CA GLN E 370 43.02 31.99 24.84
C GLN E 370 44.13 30.94 24.98
N SER E 371 44.28 30.08 23.97
CA SER E 371 45.30 28.99 24.03
C SER E 371 46.70 29.56 23.79
N ASN E 372 47.69 29.11 24.58
CA ASN E 372 49.07 29.53 24.35
C ASN E 372 49.85 28.37 23.74
N GLY E 373 49.49 28.04 22.51
CA GLY E 373 50.11 26.95 21.79
C GLY E 373 49.29 25.68 21.84
N THR E 374 49.70 24.71 21.02
CA THR E 374 48.97 23.45 20.91
C THR E 374 49.02 22.66 22.22
N GLU E 375 50.20 22.59 22.85
CA GLU E 375 50.30 21.89 24.11
C GLU E 375 49.62 22.63 25.25
N GLY E 376 49.33 23.91 25.07
CA GLY E 376 48.50 24.61 26.03
C GLY E 376 47.11 24.02 26.03
N ASN E 377 46.39 24.17 24.92
CA ASN E 377 45.10 23.51 24.73
C ASN E 377 45.35 22.08 24.23
N ASP E 378 45.85 21.22 25.13
CA ASP E 378 45.95 19.81 24.67
C ASP E 378 44.50 19.32 24.61
N THR E 379 44.07 18.79 23.47
CA THR E 379 42.64 18.40 23.29
C THR E 379 42.20 17.40 24.36
N ILE E 380 41.03 17.63 24.97
CA ILE E 380 40.49 16.66 25.96
C ILE E 380 40.18 15.36 25.22
N THR E 381 40.48 14.21 25.83
CA THR E 381 40.14 12.90 25.21
C THR E 381 38.97 12.30 26.00
N LEU E 382 37.91 11.88 25.32
CA LEU E 382 36.71 11.41 26.04
C LEU E 382 36.76 9.88 26.14
N PRO E 383 36.63 9.28 27.35
CA PRO E 383 36.59 7.83 27.49
C PRO E 383 35.34 7.34 26.74
N CYS E 384 35.52 6.67 25.60
CA CYS E 384 34.34 6.22 24.80
C CYS E 384 34.25 4.69 24.83
N LYS E 385 33.01 4.17 24.79
CA LYS E 385 32.80 2.70 24.83
C LYS E 385 32.12 2.30 23.52
N ILE E 386 31.83 1.02 23.31
CA ILE E 386 31.06 0.63 22.10
C ILE E 386 29.89 -0.27 22.55
N LYS E 387 28.66 0.07 22.17
CA LYS E 387 27.49 -0.78 22.50
C LYS E 387 26.93 -1.35 21.20
N GLN E 388 27.10 -2.66 20.97
CA GLN E 388 26.66 -3.23 19.67
C GLN E 388 25.13 -3.31 19.65
N ILE E 389 24.49 -3.56 20.79
CA ILE E 389 23.01 -3.75 20.82
C ILE E 389 22.33 -2.45 21.24
N ILE E 390 21.38 -1.95 20.44
CA ILE E 390 20.62 -0.72 20.84
C ILE E 390 19.12 -1.04 20.84
N ASN E 391 18.42 -0.84 21.97
CA ASN E 391 16.95 -1.03 22.00
C ASN E 391 16.29 0.21 21.38
N MET E 392 15.11 0.09 20.76
CA MET E 392 14.54 1.33 20.19
C MET E 392 14.27 2.31 21.32
N TRP E 393 14.49 3.61 21.07
CA TRP E 393 14.29 4.64 22.13
C TRP E 393 12.87 4.52 22.68
N GLN E 394 11.88 4.39 21.79
CA GLN E 394 10.44 4.34 22.20
C GLN E 394 10.10 3.05 22.95
N GLU E 395 10.59 1.89 22.49
CA GLU E 395 10.17 0.61 23.12
C GLU E 395 11.38 -0.30 23.38
N VAL E 396 11.44 -0.93 24.55
CA VAL E 396 12.56 -1.88 24.86
C VAL E 396 12.56 -2.98 23.80
N GLY E 397 11.41 -3.22 23.18
CA GLY E 397 11.27 -4.30 22.18
C GLY E 397 11.98 -3.99 20.87
N LYS E 398 12.21 -5.03 20.04
CA LYS E 398 12.85 -4.84 18.71
C LYS E 398 14.23 -4.18 18.85
N ALA E 399 15.04 -4.65 19.79
CA ALA E 399 16.42 -4.13 19.92
C ALA E 399 17.20 -4.47 18.64
N MET E 400 18.10 -3.57 18.22
CA MET E 400 18.83 -3.79 16.93
C MET E 400 20.30 -4.05 17.22
N TYR E 401 20.85 -5.14 16.65
CA TYR E 401 22.31 -5.42 16.80
C TYR E 401 23.07 -4.69 15.71
N ALA E 402 24.27 -4.20 16.02
CA ALA E 402 25.10 -3.49 15.06
C ALA E 402 26.24 -4.38 14.63
N PRO E 403 26.30 -4.78 13.36
CA PRO E 403 27.43 -5.58 12.89
C PRO E 403 28.72 -4.81 13.07
N PRO E 404 29.84 -5.48 13.49
CA PRO E 404 31.12 -4.83 13.73
C PRO E 404 31.83 -4.47 12.43
N ILE E 405 32.38 -3.26 12.36
CA ILE E 405 33.05 -2.74 11.19
C ILE E 405 34.50 -3.15 11.24
N ARG E 406 34.98 -3.73 10.13
CA ARG E 406 36.35 -4.29 10.12
C ARG E 406 37.43 -3.22 10.05
N GLY E 407 38.46 -3.36 10.87
CA GLY E 407 39.60 -2.45 10.84
C GLY E 407 39.34 -1.12 11.52
N GLN E 408 39.91 -0.07 10.94
CA GLN E 408 39.95 1.24 11.56
C GLN E 408 38.69 2.04 11.27
N ILE E 409 38.20 2.77 12.28
CA ILE E 409 37.02 3.64 12.09
C ILE E 409 37.37 5.01 12.68
N ARG E 410 37.02 6.08 11.96
CA ARG E 410 37.33 7.47 12.40
C ARG E 410 36.32 8.44 11.78
N CYS E 411 35.73 9.32 12.60
CA CYS E 411 34.74 10.32 12.11
C CYS E 411 35.20 11.71 12.55
N SER E 412 34.62 12.76 11.96
CA SER E 412 34.98 14.16 12.32
C SER E 412 33.72 15.02 12.32
N SER E 413 32.82 14.77 13.28
CA SER E 413 31.53 15.51 13.32
C SER E 413 31.72 16.96 13.74
N ASN E 414 30.78 17.84 13.37
CA ASN E 414 30.86 19.24 13.85
C ASN E 414 29.70 19.46 14.83
N ILE E 415 30.02 19.68 16.11
CA ILE E 415 28.97 19.95 17.14
C ILE E 415 28.24 21.23 16.74
N THR E 416 26.97 21.12 16.36
CA THR E 416 26.16 22.32 16.02
C THR E 416 25.13 22.63 17.11
N GLY E 417 24.98 21.77 18.12
CA GLY E 417 23.90 22.01 19.11
C GLY E 417 24.09 21.27 20.43
N LEU E 418 23.27 21.62 21.44
CA LEU E 418 23.34 20.97 22.78
C LEU E 418 21.92 20.72 23.30
N ILE E 419 21.72 19.71 24.16
CA ILE E 419 20.39 19.47 24.80
C ILE E 419 20.56 19.54 26.32
N LEU E 420 19.75 20.33 27.02
CA LEU E 420 19.92 20.57 28.44
C LEU E 420 18.62 20.34 29.20
N THR E 421 18.78 20.01 30.48
CA THR E 421 17.68 19.84 31.41
C THR E 421 17.99 20.65 32.66
N ARG E 422 17.04 21.51 33.06
CA ARG E 422 17.21 22.28 34.31
C ARG E 422 16.63 21.43 35.45
N ASP E 423 17.35 21.33 36.58
CA ASP E 423 16.81 20.60 37.76
C ASP E 423 16.40 21.63 38.82
N GLY E 424 15.14 21.58 39.26
CA GLY E 424 14.64 22.55 40.25
C GLY E 424 14.96 22.12 41.67
N GLY E 425 16.24 21.92 41.99
CA GLY E 425 16.61 21.55 43.34
C GLY E 425 16.47 22.71 44.31
N ASN E 426 16.59 22.38 45.59
CA ASN E 426 16.44 23.37 46.65
C ASN E 426 17.69 24.24 46.69
N ASN E 427 17.71 25.25 45.83
CA ASN E 427 18.75 26.26 45.83
C ASN E 427 18.13 27.63 45.63
N HIS E 428 16.99 27.86 46.27
CA HIS E 428 16.22 29.08 46.07
C HIS E 428 17.06 30.32 46.36
N ASN E 429 17.47 30.49 47.60
CA ASN E 429 18.37 31.58 47.96
C ASN E 429 19.82 31.19 47.73
N ASN E 430 20.08 30.65 46.54
CA ASN E 430 21.42 30.28 46.12
C ASN E 430 21.69 30.84 44.73
N ASP E 431 20.59 30.94 43.96
CA ASP E 431 20.51 31.32 42.51
C ASP E 431 21.32 30.33 41.65
N THR E 432 21.83 29.26 42.24
CA THR E 432 22.81 28.37 41.57
C THR E 432 22.05 27.47 40.59
N GLU E 433 21.92 27.91 39.33
CA GLU E 433 21.14 27.17 38.37
C GLU E 433 21.97 26.06 37.75
N THR E 434 21.50 24.83 37.89
CA THR E 434 22.17 23.66 37.35
C THR E 434 21.44 23.20 36.10
N PHE E 435 22.21 22.93 35.05
CA PHE E 435 21.66 22.38 33.82
C PHE E 435 22.38 21.09 33.50
N ARG E 436 21.59 20.05 33.28
CA ARG E 436 22.18 18.71 33.01
C ARG E 436 21.89 18.32 31.56
N PRO E 437 22.83 17.66 30.83
CA PRO E 437 22.56 17.22 29.45
C PRO E 437 21.37 16.26 29.37
N GLY E 438 20.51 16.47 28.37
CA GLY E 438 19.33 15.61 28.20
C GLY E 438 19.28 15.04 26.80
N GLY E 439 18.49 14.00 26.58
CA GLY E 439 18.33 13.43 25.23
C GLY E 439 17.26 12.37 25.23
N GLY E 440 17.53 11.22 24.62
CA GLY E 440 16.57 10.13 24.66
C GLY E 440 15.33 10.33 23.82
N ASP E 441 15.19 11.52 23.22
CA ASP E 441 13.99 11.84 22.43
C ASP E 441 14.41 12.27 21.02
N MET E 442 14.07 11.47 20.01
CA MET E 442 14.41 11.87 18.62
C MET E 442 13.68 13.18 18.30
N ARG E 443 12.43 13.33 18.76
CA ARG E 443 11.63 14.52 18.39
C ARG E 443 12.39 15.80 18.75
N ASP E 444 13.07 15.81 19.90
CA ASP E 444 13.83 17.01 20.34
C ASP E 444 14.93 17.31 19.32
N ASN E 445 15.53 16.26 18.74
CA ASN E 445 16.68 16.44 17.81
C ASN E 445 16.15 16.84 16.43
N TRP E 446 14.82 16.87 16.27
CA TRP E 446 14.22 17.28 14.99
C TRP E 446 13.67 18.69 15.20
N ARG E 447 13.10 18.93 16.38
CA ARG E 447 12.65 20.30 16.73
C ARG E 447 13.80 21.29 16.50
N SER E 448 15.05 20.81 16.61
CA SER E 448 16.23 21.71 16.46
C SER E 448 16.55 21.98 14.99
N GLU E 449 15.78 21.40 14.06
CA GLU E 449 16.01 21.61 12.61
C GLU E 449 14.72 22.09 11.95
N LEU E 450 13.57 21.73 12.50
CA LEU E 450 12.30 22.06 11.86
C LEU E 450 11.70 23.35 12.36
N TYR E 451 12.31 23.99 13.37
CA TYR E 451 11.68 25.15 13.98
C TYR E 451 11.45 26.27 12.98
N LYS E 452 12.43 26.51 12.11
CA LYS E 452 12.29 27.61 11.16
C LYS E 452 11.24 27.35 10.12
N TYR E 453 10.79 26.11 9.95
CA TYR E 453 9.85 25.75 8.91
C TYR E 453 8.45 25.58 9.48
N LYS E 454 7.46 25.65 8.58
CA LYS E 454 6.03 25.48 8.98
C LYS E 454 5.20 25.17 7.71
N VAL E 455 4.39 24.11 7.73
CA VAL E 455 3.65 23.71 6.50
C VAL E 455 2.28 24.38 6.45
N VAL E 456 1.94 25.06 5.35
CA VAL E 456 0.65 25.69 5.15
C VAL E 456 0.13 25.33 3.77
N LYS E 457 -1.10 24.82 3.70
CA LYS E 457 -1.74 24.60 2.43
C LYS E 457 -2.06 25.94 1.78
N ILE E 458 -2.17 25.93 0.47
CA ILE E 458 -2.47 27.14 -0.30
C ILE E 458 -3.87 26.99 -0.87
N GLU E 459 -4.71 27.96 -0.58
CA GLU E 459 -6.04 28.00 -1.17
C GLU E 459 -6.11 29.19 -2.11
N PRO E 460 -5.76 29.01 -3.36
CA PRO E 460 -5.60 30.15 -4.27
C PRO E 460 -6.92 30.74 -4.73
N LEU E 461 -8.03 30.34 -4.12
CA LEU E 461 -9.33 30.90 -4.46
C LEU E 461 -9.63 32.09 -3.58
N GLY E 462 -10.18 33.14 -4.19
CA GLY E 462 -10.53 34.32 -3.44
C GLY E 462 -11.64 35.08 -4.14
N VAL E 463 -12.45 35.77 -3.31
CA VAL E 463 -13.59 36.57 -3.85
C VAL E 463 -13.56 37.94 -3.20
N ALA E 464 -13.90 39.00 -3.94
CA ALA E 464 -13.89 40.38 -3.42
C ALA E 464 -14.91 41.19 -4.23
N PRO E 465 -15.56 42.27 -3.70
CA PRO E 465 -16.47 43.07 -4.54
C PRO E 465 -15.74 43.93 -5.60
N THR E 466 -16.31 44.03 -6.79
CA THR E 466 -15.73 44.90 -7.86
C THR E 466 -16.89 45.46 -8.68
N LYS E 467 -16.77 46.71 -9.16
CA LYS E 467 -17.87 47.35 -9.92
C LYS E 467 -18.16 46.56 -11.21
N ALA E 468 -17.29 45.63 -11.56
CA ALA E 468 -17.48 44.81 -12.78
C ALA E 468 -18.68 43.86 -12.60
N LYS E 469 -19.29 43.42 -13.71
CA LYS E 469 -20.46 42.51 -13.68
C LYS E 469 -20.48 41.64 -14.94
N ARG E 470 -20.84 40.36 -14.79
CA ARG E 470 -20.90 39.41 -15.94
C ARG E 470 -21.90 39.93 -16.98
N ARG E 471 -21.55 39.84 -18.26
CA ARG E 471 -22.50 40.25 -19.33
C ARG E 471 -23.67 39.24 -19.36
N VAL E 472 -24.89 39.74 -19.53
CA VAL E 472 -26.10 38.85 -19.57
C VAL E 472 -26.14 38.16 -20.94
N PHE F 1 -31.89 25.11 -1.81
CA PHE F 1 -33.12 24.36 -1.45
C PHE F 1 -32.76 22.92 -1.07
N LEU F 2 -32.99 21.98 -1.99
CA LEU F 2 -32.67 20.55 -1.72
C LEU F 2 -31.16 20.41 -1.52
N GLY F 3 -30.73 19.72 -0.47
CA GLY F 3 -29.29 19.59 -0.18
C GLY F 3 -28.54 18.81 -1.26
N PHE F 4 -29.14 17.72 -1.74
CA PHE F 4 -28.46 16.79 -2.67
C PHE F 4 -29.33 16.52 -3.89
N LEU F 5 -29.61 15.25 -4.16
CA LEU F 5 -30.47 14.83 -5.29
C LEU F 5 -31.94 14.87 -4.87
N GLY F 6 -32.42 16.02 -4.39
CA GLY F 6 -33.85 16.16 -4.06
C GLY F 6 -34.69 16.08 -5.31
N ALA F 7 -34.21 16.68 -6.41
CA ALA F 7 -34.99 16.72 -7.66
C ALA F 7 -35.05 15.35 -8.33
N ALA F 8 -34.66 14.29 -7.61
CA ALA F 8 -34.77 12.92 -8.16
C ALA F 8 -36.24 12.60 -8.45
N GLY F 9 -37.15 12.99 -7.55
CA GLY F 9 -38.59 12.75 -7.74
C GLY F 9 -39.20 13.83 -8.62
N SER F 10 -38.42 14.84 -8.98
CA SER F 10 -38.91 15.92 -9.81
C SER F 10 -38.64 15.63 -11.29
N THR F 11 -39.33 16.37 -12.14
CA THR F 11 -39.30 16.13 -13.58
C THR F 11 -38.04 16.75 -14.19
N MET F 12 -37.98 16.75 -15.53
CA MET F 12 -36.78 17.28 -16.21
C MET F 12 -36.59 18.77 -15.90
N GLY F 13 -37.65 19.60 -15.97
CA GLY F 13 -37.46 21.02 -15.75
C GLY F 13 -37.07 21.36 -14.33
N ALA F 14 -37.71 20.71 -13.36
CA ALA F 14 -37.43 21.01 -11.94
C ALA F 14 -36.00 20.58 -11.60
N ALA F 15 -35.50 19.50 -12.19
CA ALA F 15 -34.17 19.02 -11.76
C ALA F 15 -33.06 19.87 -12.38
N SER F 16 -33.37 20.64 -13.43
CA SER F 16 -32.34 21.43 -14.14
C SER F 16 -31.74 22.49 -13.20
N ILE F 17 -32.56 23.14 -12.38
CA ILE F 17 -32.08 24.27 -11.51
C ILE F 17 -31.04 23.78 -10.49
N THR F 18 -31.19 22.57 -9.94
CA THR F 18 -30.30 22.11 -8.86
C THR F 18 -29.10 21.34 -9.43
N LEU F 19 -28.91 21.38 -10.74
CA LEU F 19 -27.82 20.58 -11.38
C LEU F 19 -26.47 21.01 -10.81
N THR F 20 -26.26 22.31 -10.61
CA THR F 20 -24.93 22.81 -10.15
C THR F 20 -24.60 22.23 -8.77
N VAL F 21 -25.59 22.19 -7.86
CA VAL F 21 -25.34 21.66 -6.48
C VAL F 21 -24.95 20.18 -6.58
N GLN F 22 -25.65 19.42 -7.42
CA GLN F 22 -25.37 17.98 -7.58
C GLN F 22 -24.05 17.76 -8.31
N ALA F 23 -23.56 18.78 -9.04
CA ALA F 23 -22.32 18.64 -9.83
C ALA F 23 -21.12 19.11 -9.01
N ARG F 24 -21.35 19.96 -8.00
CA ARG F 24 -20.26 20.42 -7.10
C ARG F 24 -19.77 19.23 -6.26
N LEU F 25 -20.69 18.38 -5.79
CA LEU F 25 -20.31 17.28 -4.86
C LEU F 25 -19.74 16.07 -5.61
N LEU F 26 -19.64 16.15 -6.94
CA LEU F 26 -19.09 15.03 -7.76
C LEU F 26 -17.64 14.77 -7.36
N LEU F 27 -16.84 15.83 -7.29
CA LEU F 27 -15.40 15.70 -6.89
C LEU F 27 -15.15 16.47 -5.58
N SER F 28 -16.18 16.99 -4.94
CA SER F 28 -15.92 17.83 -3.73
C SER F 28 -15.22 16.98 -2.66
N GLY F 29 -15.71 15.76 -2.41
CA GLY F 29 -15.03 14.88 -1.45
C GLY F 29 -14.80 15.58 -0.13
N ILE F 30 -15.79 16.31 0.39
CA ILE F 30 -15.58 17.13 1.63
C ILE F 30 -15.21 16.21 2.79
N VAL F 31 -15.88 15.07 2.92
CA VAL F 31 -15.61 14.12 4.04
C VAL F 31 -14.16 13.63 3.94
N GLN F 32 -13.71 13.35 2.72
CA GLN F 32 -12.34 12.78 2.54
C GLN F 32 -11.29 13.90 2.55
N GLN F 33 -11.61 15.07 1.99
CA GLN F 33 -10.63 16.19 1.90
C GLN F 33 -9.95 16.37 3.25
N GLN F 34 -10.70 16.81 4.28
CA GLN F 34 -10.11 16.89 5.63
C GLN F 34 -9.64 15.48 6.04
N ASN F 35 -8.38 15.36 6.47
CA ASN F 35 -7.89 14.07 7.01
C ASN F 35 -8.08 14.14 8.52
N ASN F 36 -7.10 13.70 9.33
CA ASN F 36 -7.24 13.87 10.79
C ASN F 36 -6.72 15.27 11.16
N LEU F 37 -7.28 16.32 10.54
CA LEU F 37 -6.81 17.71 10.78
C LEU F 37 -7.08 18.13 12.23
N LEU F 38 -8.21 17.71 12.80
CA LEU F 38 -8.58 18.12 14.17
C LEU F 38 -7.51 17.61 15.14
N LYS F 39 -7.00 16.40 14.91
CA LYS F 39 -5.94 15.82 15.79
C LYS F 39 -4.57 16.18 15.22
N ALA F 40 -4.52 16.95 14.13
CA ALA F 40 -3.24 17.37 13.50
C ALA F 40 -2.43 16.15 13.04
N ILE F 41 -3.11 15.11 12.55
CA ILE F 41 -2.38 13.92 11.99
C ILE F 41 -2.72 13.83 10.51
N GLU F 42 -1.72 13.69 9.64
CA GLU F 42 -2.03 13.69 8.19
C GLU F 42 -2.48 12.31 7.74
N ALA F 43 -3.65 12.21 7.12
CA ALA F 43 -4.15 10.93 6.57
C ALA F 43 -4.11 9.86 7.66
N GLN F 44 -4.44 10.24 8.91
CA GLN F 44 -4.37 9.28 10.04
C GLN F 44 -3.02 8.54 9.97
N GLN F 45 -1.92 9.26 10.19
CA GLN F 45 -0.55 8.67 10.17
C GLN F 45 -0.24 8.09 8.79
N HIS F 46 -0.47 8.86 7.72
CA HIS F 46 -0.20 8.39 6.33
C HIS F 46 -0.90 7.05 6.14
N LEU F 47 -2.18 6.97 6.52
CA LEU F 47 -2.98 5.73 6.38
C LEU F 47 -2.35 4.62 7.23
N LEU F 48 -1.71 5.00 8.35
CA LEU F 48 -1.04 3.99 9.23
C LEU F 48 -0.18 3.10 8.33
N LYS F 49 0.71 3.70 7.53
CA LYS F 49 1.47 2.89 6.53
C LYS F 49 0.45 2.35 5.53
N LEU F 50 0.29 1.03 5.44
CA LEU F 50 -0.77 0.48 4.55
C LEU F 50 -1.70 -0.42 5.36
N THR F 51 -2.56 0.19 6.20
CA THR F 51 -3.56 -0.59 6.98
C THR F 51 -4.75 -0.91 6.08
N VAL F 52 -5.65 -1.78 6.54
CA VAL F 52 -6.79 -2.21 5.67
C VAL F 52 -7.60 -0.97 5.28
N TRP F 53 -7.89 -0.09 6.24
CA TRP F 53 -8.67 1.14 5.93
C TRP F 53 -7.82 2.07 5.07
N GLY F 54 -6.54 2.22 5.40
CA GLY F 54 -5.64 3.02 4.56
C GLY F 54 -5.82 2.71 3.09
N ILE F 55 -5.69 1.44 2.72
CA ILE F 55 -5.88 0.99 1.31
C ILE F 55 -7.28 1.43 0.85
N LYS F 56 -8.32 1.07 1.61
CA LYS F 56 -9.72 1.35 1.20
C LYS F 56 -9.89 2.84 0.88
N GLN F 57 -9.42 3.70 1.78
CA GLN F 57 -9.61 5.17 1.63
C GLN F 57 -8.83 5.64 0.40
N LEU F 58 -7.56 5.25 0.27
CA LEU F 58 -6.74 5.67 -0.89
C LEU F 58 -7.44 5.23 -2.18
N GLN F 59 -7.97 4.00 -2.21
CA GLN F 59 -8.62 3.50 -3.45
C GLN F 59 -9.87 4.34 -3.72
N ALA F 60 -10.62 4.68 -2.68
CA ALA F 60 -11.86 5.46 -2.85
C ALA F 60 -11.51 6.84 -3.45
N ARG F 61 -10.36 7.39 -3.06
CA ARG F 61 -9.91 8.70 -3.61
C ARG F 61 -9.68 8.61 -5.13
N VAL F 62 -8.95 7.59 -5.60
CA VAL F 62 -8.62 7.50 -7.05
C VAL F 62 -9.91 7.40 -7.88
N LEU F 63 -10.90 6.65 -7.40
CA LEU F 63 -12.20 6.48 -8.09
C LEU F 63 -12.90 7.83 -8.19
N THR F 64 -12.88 8.63 -7.11
CA THR F 64 -13.52 9.96 -7.28
C THR F 64 -12.74 10.76 -8.32
N VAL F 65 -11.43 10.59 -8.40
CA VAL F 65 -10.58 11.45 -9.28
C VAL F 65 -10.74 10.97 -10.72
N GLU F 66 -10.65 9.66 -10.95
CA GLU F 66 -10.78 9.10 -12.32
C GLU F 66 -12.22 9.29 -12.81
N ARG F 67 -13.22 9.09 -11.94
CA ARG F 67 -14.63 9.16 -12.41
C ARG F 67 -14.91 10.58 -12.90
N TYR F 68 -14.55 11.60 -12.10
CA TYR F 68 -14.74 13.00 -12.54
C TYR F 68 -13.86 13.28 -13.77
N LEU F 69 -12.59 12.85 -13.73
CA LEU F 69 -11.67 13.06 -14.87
C LEU F 69 -12.32 12.50 -16.13
N ARG F 70 -12.87 11.28 -16.05
CA ARG F 70 -13.48 10.63 -17.24
C ARG F 70 -14.66 11.47 -17.72
N ASP F 71 -15.51 11.92 -16.78
CA ASP F 71 -16.70 12.74 -17.13
C ASP F 71 -16.22 14.00 -17.84
N GLN F 72 -15.21 14.68 -17.29
CA GLN F 72 -14.68 15.92 -17.89
C GLN F 72 -14.07 15.62 -19.27
N GLN F 73 -13.39 14.48 -19.40
CA GLN F 73 -12.79 14.10 -20.70
C GLN F 73 -13.92 13.93 -21.73
N LEU F 74 -15.02 13.28 -21.32
CA LEU F 74 -16.19 13.12 -22.22
C LEU F 74 -16.68 14.51 -22.64
N LEU F 75 -16.85 15.40 -21.67
CA LEU F 75 -17.30 16.79 -21.97
C LEU F 75 -16.31 17.40 -22.97
N GLY F 76 -15.01 17.21 -22.73
CA GLY F 76 -13.96 17.78 -23.61
C GLY F 76 -14.04 17.22 -25.01
N ILE F 77 -14.24 15.89 -25.15
CA ILE F 77 -14.25 15.27 -26.51
C ILE F 77 -15.44 15.82 -27.30
N TRP F 78 -16.59 16.02 -26.64
CA TRP F 78 -17.70 16.63 -27.41
C TRP F 78 -17.69 18.16 -27.37
N GLY F 79 -16.60 18.79 -26.94
CA GLY F 79 -16.55 20.24 -27.07
C GLY F 79 -17.01 21.05 -25.88
N CYS F 80 -18.21 20.78 -25.38
CA CYS F 80 -18.73 21.56 -24.26
C CYS F 80 -18.09 21.12 -22.95
N SER F 81 -16.76 21.26 -22.90
CA SER F 81 -16.00 20.88 -21.67
C SER F 81 -16.46 21.72 -20.47
N GLY F 82 -16.17 23.02 -20.48
CA GLY F 82 -16.52 23.89 -19.35
C GLY F 82 -18.02 23.99 -19.13
N LYS F 83 -18.79 24.09 -20.21
CA LYS F 83 -20.27 24.26 -20.10
C LYS F 83 -20.91 23.01 -19.50
N LEU F 84 -21.64 23.17 -18.39
CA LEU F 84 -22.37 22.01 -17.80
C LEU F 84 -23.45 21.56 -18.79
N ILE F 85 -24.17 22.52 -19.38
CA ILE F 85 -25.25 22.18 -20.36
C ILE F 85 -24.83 22.70 -21.73
N CYS F 86 -24.96 21.88 -22.78
CA CYS F 86 -24.55 22.28 -24.11
C CYS F 86 -25.51 21.71 -25.13
N THR F 87 -25.89 22.54 -26.10
CA THR F 87 -26.62 22.04 -27.24
C THR F 87 -25.68 21.25 -28.15
N THR F 88 -26.26 20.34 -28.94
CA THR F 88 -25.46 19.53 -29.90
C THR F 88 -26.12 19.65 -31.27
N ALA F 89 -25.34 19.50 -32.35
CA ALA F 89 -25.88 19.66 -33.72
C ALA F 89 -26.56 18.34 -34.11
N VAL F 90 -26.48 17.34 -33.24
CA VAL F 90 -27.10 16.04 -33.47
C VAL F 90 -28.61 16.19 -33.46
N PRO F 91 -29.28 16.07 -34.59
CA PRO F 91 -30.74 16.07 -34.57
C PRO F 91 -31.24 14.88 -33.77
N TRP F 92 -32.27 15.09 -32.98
CA TRP F 92 -32.81 14.00 -32.19
C TRP F 92 -33.63 13.10 -33.12
N ASN F 93 -33.03 11.98 -33.47
CA ASN F 93 -33.76 11.01 -34.31
C ASN F 93 -35.07 10.65 -33.60
N ALA F 94 -36.21 10.75 -34.28
CA ALA F 94 -37.51 10.55 -33.60
C ALA F 94 -37.71 9.11 -33.10
N SER F 95 -36.87 8.17 -33.51
CA SER F 95 -37.12 6.75 -33.14
C SER F 95 -37.01 6.53 -31.62
N TRP F 96 -36.09 7.23 -30.96
CA TRP F 96 -35.88 6.98 -29.51
C TRP F 96 -37.03 7.56 -28.69
N SER F 97 -37.99 6.74 -28.26
CA SER F 97 -39.13 7.16 -27.41
C SER F 97 -39.97 8.29 -28.04
N ASN F 98 -41.02 7.94 -28.78
CA ASN F 98 -41.86 8.97 -29.45
C ASN F 98 -42.73 9.68 -28.41
N LYS F 99 -42.20 10.69 -27.73
CA LYS F 99 -42.96 11.42 -26.67
C LYS F 99 -42.92 12.93 -26.90
N THR F 100 -43.96 13.64 -26.47
CA THR F 100 -44.00 15.13 -26.61
C THR F 100 -43.16 15.75 -25.50
N LEU F 101 -42.64 16.97 -25.73
CA LEU F 101 -41.73 17.61 -24.74
C LEU F 101 -42.49 17.79 -23.41
N ASP F 102 -43.78 18.12 -23.50
CA ASP F 102 -44.62 18.35 -22.29
C ASP F 102 -44.53 17.12 -21.38
N MET F 103 -44.75 15.93 -21.93
CA MET F 103 -44.76 14.70 -21.10
C MET F 103 -43.37 14.54 -20.47
N ILE F 104 -42.32 14.88 -21.21
CA ILE F 104 -40.93 14.68 -20.71
C ILE F 104 -40.60 15.69 -19.61
N TRP F 105 -40.65 16.99 -19.91
CA TRP F 105 -40.21 18.01 -18.93
C TRP F 105 -41.24 18.22 -17.81
N ASN F 106 -42.48 17.76 -17.98
CA ASN F 106 -43.51 18.05 -16.94
C ASN F 106 -43.94 16.77 -16.22
N ASN F 107 -43.73 15.60 -16.81
CA ASN F 107 -44.24 14.35 -16.17
C ASN F 107 -43.09 13.35 -15.90
N MET F 108 -42.19 13.14 -16.86
CA MET F 108 -41.13 12.10 -16.70
C MET F 108 -39.97 12.61 -15.84
N THR F 109 -39.64 11.90 -14.76
CA THR F 109 -38.46 12.27 -13.93
C THR F 109 -37.17 11.85 -14.63
N TRP F 110 -36.03 12.45 -14.27
CA TRP F 110 -34.74 12.12 -14.90
C TRP F 110 -34.38 10.66 -14.65
N MET F 111 -34.60 10.17 -13.43
CA MET F 111 -34.21 8.78 -13.07
C MET F 111 -35.02 7.79 -13.92
N GLU F 112 -36.32 8.04 -14.08
CA GLU F 112 -37.19 7.12 -14.85
C GLU F 112 -36.89 7.27 -16.34
N TRP F 113 -36.47 8.47 -16.76
CA TRP F 113 -36.25 8.72 -18.21
C TRP F 113 -34.99 8.00 -18.68
N GLU F 114 -33.98 7.92 -17.81
CA GLU F 114 -32.73 7.18 -18.16
C GLU F 114 -32.89 5.72 -17.74
N LYS F 115 -34.01 5.11 -18.15
CA LYS F 115 -34.14 3.64 -18.30
C LYS F 115 -34.53 3.35 -19.75
N GLU F 116 -35.35 4.24 -20.33
CA GLU F 116 -35.69 4.16 -21.77
C GLU F 116 -34.40 4.32 -22.58
N ILE F 117 -33.64 5.39 -22.29
CA ILE F 117 -32.58 5.89 -23.21
C ILE F 117 -31.33 5.01 -23.07
N ASP F 118 -31.31 4.14 -22.05
CA ASP F 118 -30.14 3.28 -21.76
C ASP F 118 -29.76 2.46 -23.01
N ASN F 119 -30.76 2.03 -23.76
CA ASN F 119 -30.55 1.19 -24.97
C ASN F 119 -29.67 1.95 -25.98
N TYR F 120 -29.88 3.26 -26.11
CA TYR F 120 -29.32 4.05 -27.23
C TYR F 120 -28.26 5.03 -26.69
N THR F 121 -27.85 4.86 -25.43
CA THR F 121 -26.95 5.84 -24.77
C THR F 121 -25.63 5.93 -25.54
N GLY F 122 -24.97 4.79 -25.75
CA GLY F 122 -23.69 4.76 -26.48
C GLY F 122 -23.85 5.24 -27.91
N LEU F 123 -24.91 4.78 -28.59
CA LEU F 123 -25.25 5.26 -29.96
C LEU F 123 -25.26 6.79 -29.95
N ILE F 124 -26.07 7.38 -29.08
CA ILE F 124 -26.20 8.87 -29.00
C ILE F 124 -24.80 9.48 -28.77
N TYR F 125 -24.05 8.95 -27.79
CA TYR F 125 -22.75 9.58 -27.43
C TYR F 125 -21.83 9.62 -28.66
N THR F 126 -21.76 8.51 -29.40
CA THR F 126 -20.88 8.45 -30.62
C THR F 126 -21.41 9.42 -31.68
N LEU F 127 -22.75 9.53 -31.81
CA LEU F 127 -23.32 10.50 -32.77
C LEU F 127 -22.78 11.90 -32.45
N ILE F 128 -22.72 12.25 -31.17
CA ILE F 128 -22.24 13.61 -30.77
C ILE F 128 -20.77 13.75 -31.21
N GLU F 129 -19.96 12.72 -30.99
CA GLU F 129 -18.51 12.81 -31.32
C GLU F 129 -18.34 12.99 -32.84
N GLU F 130 -19.09 12.24 -33.64
CA GLU F 130 -18.97 12.34 -35.12
C GLU F 130 -19.46 13.72 -35.58
N SER F 131 -20.51 14.25 -34.95
CA SER F 131 -21.01 15.60 -35.32
C SER F 131 -19.93 16.64 -35.03
N GLN F 132 -19.18 16.47 -33.93
CA GLN F 132 -18.06 17.40 -33.63
C GLN F 132 -16.96 17.22 -34.68
N ASN F 133 -16.68 15.97 -35.08
CA ASN F 133 -15.68 15.72 -36.14
C ASN F 133 -16.15 16.37 -37.45
N GLN F 134 -17.45 16.27 -37.74
CA GLN F 134 -18.01 16.89 -38.96
C GLN F 134 -17.83 18.42 -38.86
N GLN F 135 -18.06 18.98 -37.67
CA GLN F 135 -17.91 20.44 -37.46
C GLN F 135 -16.45 20.81 -37.72
N GLU F 136 -15.51 20.00 -37.22
CA GLU F 136 -14.06 20.29 -37.42
C GLU F 136 -13.70 20.23 -38.91
N LYS F 137 -14.24 19.24 -39.63
CA LYS F 137 -13.96 19.12 -41.09
C LYS F 137 -14.55 20.33 -41.81
N ASN F 138 -15.74 20.78 -41.39
CA ASN F 138 -16.37 21.98 -42.00
C ASN F 138 -15.49 23.21 -41.74
N GLU F 139 -14.91 23.31 -40.54
CA GLU F 139 -14.00 24.43 -40.20
C GLU F 139 -12.78 24.39 -41.12
N LYS F 140 -12.25 23.18 -41.38
CA LYS F 140 -11.08 23.02 -42.29
C LYS F 140 -11.49 23.46 -43.70
N GLU F 141 -12.71 23.13 -44.13
CA GLU F 141 -13.21 23.55 -45.47
C GLU F 141 -13.28 25.08 -45.52
N LEU F 142 -13.73 25.72 -44.44
CA LEU F 142 -13.79 27.21 -44.38
C LEU F 142 -12.38 27.78 -44.50
N LEU F 143 -11.41 27.14 -43.84
CA LEU F 143 -9.99 27.60 -43.91
C LEU F 143 -9.40 27.19 -45.26
C1 NAG G . -28.14 38.94 2.94
C2 NAG G . -29.40 38.43 2.25
C3 NAG G . -30.58 38.69 3.17
C4 NAG G . -30.33 38.00 4.52
C5 NAG G . -29.02 38.54 5.12
C6 NAG G . -28.65 37.88 6.44
C7 NAG G . -29.23 38.60 -0.17
C8 NAG G . -29.20 39.56 -1.33
N2 NAG G . -29.63 39.10 0.99
O3 NAG G . -31.77 38.19 2.56
O4 NAG G . -31.43 38.30 5.38
O5 NAG G . -27.96 38.30 4.20
O6 NAG G . -29.51 38.35 7.49
O7 NAG G . -28.90 37.43 -0.29
C1 NAG G . -32.13 37.09 5.73
C2 NAG G . -33.28 37.43 6.69
C3 NAG G . -33.99 36.15 7.10
C4 NAG G . -34.48 35.43 5.84
C5 NAG G . -33.30 35.16 4.92
C6 NAG G . -33.73 34.50 3.62
C7 NAG G . -32.81 39.43 7.99
C8 NAG G . -32.25 39.97 9.27
N2 NAG G . -32.78 38.10 7.87
O3 NAG G . -35.07 36.47 7.97
O4 NAG G . -35.10 34.19 6.20
O5 NAG G . -32.65 36.40 4.60
O6 NAG G . -34.53 35.41 2.87
O7 NAG G . -33.25 40.15 7.12
C1 BMA G . -36.53 34.29 5.99
C2 BMA G . -37.06 32.97 5.44
C3 BMA G . -38.56 33.09 5.21
C4 BMA G . -39.23 33.49 6.51
C5 BMA G . -38.62 34.79 7.03
C6 BMA G . -39.23 35.19 8.37
O2 BMA G . -36.78 31.91 6.37
O3 BMA G . -39.07 31.82 4.77
O4 BMA G . -40.63 33.67 6.29
O5 BMA G . -37.21 34.63 7.20
O6 BMA G . -38.61 36.39 8.83
C1 NAG H . -20.47 50.30 10.47
C2 NAG H . -21.91 50.20 10.96
C3 NAG H . -22.20 51.42 11.81
C4 NAG H . -21.22 51.47 12.99
C5 NAG H . -19.81 51.52 12.41
C6 NAG H . -18.70 51.50 13.47
C7 NAG H . -23.32 48.97 9.42
C8 NAG H . -23.73 48.95 7.97
N2 NAG H . -22.85 50.13 9.86
O3 NAG H . -23.55 51.41 12.26
O4 NAG H . -21.60 52.61 13.79
O5 NAG H . -19.61 50.37 11.59
O6 NAG H . -18.97 50.50 14.44
O7 NAG H . -23.41 47.99 10.14
C1 NAG H . -21.72 52.39 15.21
C2 NAG H . -22.21 51.01 15.68
C3 NAG H . -22.30 51.00 17.20
C4 NAG H . -20.97 51.41 17.83
C5 NAG H . -20.53 52.76 17.28
C6 NAG H . -19.17 53.20 17.81
C7 NAG H . -23.76 49.36 14.80
C8 NAG H . -25.07 49.10 14.12
N2 NAG H . -23.49 50.63 15.12
O3 NAG H . -22.65 49.70 17.68
O4 NAG H . -21.13 51.46 19.24
O5 NAG H . -20.48 52.72 15.86
O6 NAG H . -19.22 53.38 19.24
O7 NAG H . -22.97 48.46 15.03
C1 FUC H . -18.05 49.40 14.33
C2 FUC H . -17.76 48.86 15.73
C3 FUC H . -19.03 48.31 16.33
C4 FUC H . -19.58 47.22 15.43
C5 FUC H . -19.80 47.83 14.05
C6 FUC H . -20.47 46.87 13.08
O2 FUC H . -17.24 49.91 16.55
O3 FUC H . -18.76 47.77 17.64
O4 FUC H . -18.64 46.13 15.35
O5 FUC H . -18.58 48.35 13.52
C1 NAG I . -6.63 50.72 7.31
C2 NAG I . -7.34 51.79 8.11
C3 NAG I . -6.30 52.57 8.88
C4 NAG I . -5.55 51.63 9.82
C5 NAG I . -4.90 50.54 8.95
C6 NAG I . -4.16 49.46 9.75
C7 NAG I . -9.37 52.54 7.01
C8 NAG I . -9.88 53.06 5.70
N2 NAG I . -8.08 52.69 7.24
O3 NAG I . -6.90 53.64 9.60
O4 NAG I . -4.62 52.43 10.58
O5 NAG I . -5.92 49.87 8.22
O6 NAG I . -4.96 49.03 10.85
O7 NAG I . -10.11 51.99 7.82
C1 NAG I . -4.60 52.23 12.00
C2 NAG I . -5.92 51.85 12.68
C3 NAG I . -5.69 51.71 14.19
C4 NAG I . -4.57 50.73 14.48
C5 NAG I . -3.31 51.15 13.73
C6 NAG I . -2.15 50.18 13.93
C7 NAG I . -8.27 52.39 12.30
C8 NAG I . -9.27 53.44 11.94
N2 NAG I . -7.00 52.80 12.45
O3 NAG I . -6.88 51.25 14.85
O4 NAG I . -4.34 50.70 15.90
O5 NAG I . -3.58 51.27 12.34
O6 NAG I . -1.76 50.13 15.31
O7 NAG I . -8.59 51.22 12.44
C1 FUC I . -5.44 47.69 10.64
C2 FUC I . -5.49 46.97 11.98
C3 FUC I . -6.49 47.66 12.89
C4 FUC I . -7.84 47.66 12.23
C5 FUC I . -7.71 48.36 10.87
C6 FUC I . -9.04 48.55 10.16
O2 FUC I . -4.20 46.98 12.58
O3 FUC I . -6.56 46.98 14.15
O4 FUC I . -8.30 46.32 12.05
O5 FUC I . -6.74 47.68 10.06
C1 NAG J . -17.57 34.03 12.64
C2 NAG J . -17.08 35.17 13.52
C3 NAG J . -16.23 34.61 14.64
C4 NAG J . -17.01 33.56 15.43
C5 NAG J . -17.49 32.48 14.46
C6 NAG J . -18.37 31.41 15.11
C7 NAG J . -15.51 36.08 11.78
C8 NAG J . -15.83 36.96 10.60
N2 NAG J . -16.35 36.22 12.81
O3 NAG J . -15.82 35.69 15.50
O4 NAG J . -16.15 32.97 16.40
O5 NAG J . -18.26 33.06 13.41
O6 NAG J . -18.55 30.32 14.20
O7 NAG J . -14.55 35.32 11.76
C1 NAG J . -16.64 33.23 17.74
C2 NAG J . -16.10 32.17 18.68
C3 NAG J . -16.65 32.43 20.08
C4 NAG J . -16.27 33.84 20.50
C5 NAG J . -16.79 34.84 19.49
C6 NAG J . -16.37 36.25 19.86
C7 NAG J . -15.68 30.04 17.59
C8 NAG J . -16.25 28.70 17.22
N2 NAG J . -16.50 30.84 18.27
O3 NAG J . -16.08 31.49 20.99
O4 NAG J . -16.83 34.11 21.79
O5 NAG J . -16.28 34.53 18.19
O6 NAG J . -14.94 36.34 19.76
O7 NAG J . -14.54 30.37 17.30
C1 BMA J . -15.85 34.45 22.79
C2 BMA J . -16.54 35.31 23.83
C3 BMA J . -15.58 35.68 24.98
C4 BMA J . -14.66 34.55 25.43
C5 BMA J . -14.20 33.62 24.30
C6 BMA J . -13.63 32.33 24.88
O2 BMA J . -17.93 34.95 23.94
O3 BMA J . -16.35 36.13 26.11
O4 BMA J . -13.51 35.13 26.09
O5 BMA J . -15.29 33.29 23.42
O6 BMA J . -13.25 31.45 23.83
C1 NAG K . 3.33 6.10 -47.49
C2 NAG K . 1.89 6.51 -47.27
C3 NAG K . 1.09 6.20 -48.52
C4 NAG K . 1.72 6.88 -49.72
C5 NAG K . 3.18 6.45 -49.85
C6 NAG K . 3.92 7.17 -50.98
C7 NAG K . 1.20 6.30 -44.93
C8 NAG K . -0.14 6.12 -44.29
N2 NAG K . 1.32 5.79 -46.14
O3 NAG K . -0.26 6.65 -48.34
O4 NAG K . 0.98 6.52 -50.90
O5 NAG K . 3.87 6.75 -48.64
O6 NAG K . 3.98 8.57 -50.69
O7 NAG K . 2.12 6.88 -44.35
C1 NAG K . 0.49 7.71 -51.54
C2 NAG K . 0.25 7.48 -53.03
C3 NAG K . -0.13 8.80 -53.66
C4 NAG K . -1.36 9.34 -52.97
C5 NAG K . -1.07 9.50 -51.47
C6 NAG K . -2.27 10.02 -50.67
C7 NAG K . 1.58 5.63 -53.88
C8 NAG K . 0.48 4.96 -54.65
N2 NAG K . 1.43 6.94 -53.67
O3 NAG K . -0.36 8.59 -55.06
O4 NAG K . -1.75 10.59 -53.55
O5 NAG K . -0.69 8.24 -50.94
O6 NAG K . -2.51 11.39 -50.98
O7 NAG K . 2.55 5.02 -53.46
C1 BMA K . -2.99 10.45 -54.28
C2 BMA K . -2.90 11.25 -55.58
C3 BMA K . -4.18 11.09 -56.37
C4 BMA K . -4.45 9.61 -56.61
C5 BMA K . -4.50 8.87 -55.29
C6 BMA K . -4.66 7.37 -55.52
O2 BMA K . -1.78 10.80 -56.35
O3 BMA K . -4.04 11.76 -57.64
O4 BMA K . -5.71 9.46 -57.29
O5 BMA K . -3.29 9.08 -54.56
O6 BMA K . -3.50 6.89 -56.20
C1 NAG L . 17.23 -47.16 10.14
C2 NAG L . 17.22 -47.43 11.64
C3 NAG L . 17.86 -48.77 11.89
C4 NAG L . 17.17 -49.87 11.07
C5 NAG L . 16.91 -49.45 9.63
C6 NAG L . 15.92 -50.40 8.97
C7 NAG L . 17.29 -45.29 12.80
C8 NAG L . 17.90 -43.98 12.41
N2 NAG L . 17.91 -46.38 12.35
O3 NAG L . 17.76 -49.08 13.28
O4 NAG L . 18.01 -51.03 11.00
O5 NAG L . 16.39 -48.12 9.52
O6 NAG L . 14.62 -50.15 9.50
O7 NAG L . 16.30 -45.35 13.50
C1 NAG L . 18.25 -51.57 12.32
C2 NAG L . 18.11 -53.08 12.25
C3 NAG L . 18.53 -53.74 13.56
C4 NAG L . 19.91 -53.25 13.95
C5 NAG L . 19.88 -51.72 14.07
C6 NAG L . 21.24 -51.18 14.50
C7 NAG L . 15.68 -52.79 12.31
C8 NAG L . 14.40 -53.09 11.58
N2 NAG L . 16.75 -53.46 11.91
O3 NAG L . 18.57 -55.16 13.39
O4 NAG L . 20.29 -53.81 15.21
O5 NAG L . 19.53 -51.16 12.80
O6 NAG L . 21.14 -49.76 14.65
O7 NAG L . 15.74 -51.97 13.21
C1 BMA L . 21.58 -54.43 15.08
C2 BMA L . 22.22 -54.49 16.49
C3 BMA L . 23.53 -55.29 16.45
C4 BMA L . 23.36 -56.64 15.72
C5 BMA L . 22.76 -56.40 14.32
C6 BMA L . 22.53 -57.68 13.53
O2 BMA L . 21.36 -55.12 17.42
O3 BMA L . 24.04 -55.52 17.76
O4 BMA L . 24.61 -57.29 15.60
O5 BMA L . 21.49 -55.73 14.49
O6 BMA L . 23.76 -58.05 12.88
C1 NAG M . 9.55 -47.52 3.82
C2 NAG M . 8.42 -48.39 3.30
C3 NAG M . 7.38 -48.60 4.38
C4 NAG M . 8.02 -49.12 5.67
C5 NAG M . 9.25 -48.29 6.05
C6 NAG M . 10.05 -48.92 7.17
C7 NAG M . 7.51 -48.52 1.02
C8 NAG M . 6.90 -47.77 -0.12
N2 NAG M . 7.81 -47.81 2.11
O3 NAG M . 6.42 -49.54 3.90
O4 NAG M . 7.10 -48.99 6.75
O5 NAG M . 10.14 -48.14 4.93
O6 NAG M . 9.72 -50.28 7.36
O7 NAG M . 7.74 -49.74 0.95
C1 NAG M . 6.20 -50.12 6.84
C2 NAG M . 5.89 -50.34 8.31
C3 NAG M . 4.89 -51.48 8.46
C4 NAG M . 3.65 -51.22 7.60
C5 NAG M . 4.06 -50.91 6.16
C6 NAG M . 2.91 -50.47 5.30
C7 NAG M . 7.73 -49.68 9.79
C8 NAG M . 8.95 -50.14 10.53
N2 NAG M . 7.10 -50.62 9.08
O3 NAG M . 4.55 -51.53 9.84
O4 NAG M . 2.72 -52.29 7.53
O5 NAG M . 5.01 -49.83 6.14
O6 NAG M . 3.29 -49.43 4.41
O7 NAG M . 7.32 -48.53 9.85
C1 BMA M . 2.88 -53.47 8.36
C2 BMA M . 2.06 -53.26 9.63
C3 BMA M . 2.32 -54.42 10.57
C4 BMA M . 1.93 -55.78 9.87
C5 BMA M . 2.56 -55.86 8.44
C6 BMA M . 1.95 -56.96 7.60
O2 BMA M . 0.67 -53.28 9.33
O3 BMA M . 1.71 -54.14 11.86
O4 BMA M . 2.40 -56.89 10.60
O5 BMA M . 2.40 -54.62 7.70
O6 BMA M . 2.05 -58.19 8.30
C1 NAG N . 14.06 -41.55 16.69
C2 NAG N . 14.86 -42.53 15.84
C3 NAG N . 14.75 -43.91 16.49
C4 NAG N . 15.28 -43.86 17.93
C5 NAG N . 14.46 -42.81 18.68
C6 NAG N . 14.89 -42.57 20.12
C7 NAG N . 14.91 -42.09 13.44
C8 NAG N . 14.90 -42.93 12.21
N2 NAG N . 14.32 -42.62 14.50
O3 NAG N . 15.45 -44.86 15.70
O4 NAG N . 15.16 -45.19 18.46
O5 NAG N . 14.56 -41.55 18.02
O6 NAG N . 16.24 -42.08 20.14
O7 NAG N . 15.42 -40.97 13.46
C1 NAG N . 16.34 -45.71 19.14
C2 NAG N . 17.65 -45.28 18.47
C3 NAG N . 18.85 -45.72 19.30
C4 NAG N . 18.71 -45.34 20.77
C5 NAG N . 17.37 -45.76 21.34
C6 NAG N . 17.18 -45.18 22.73
C7 NAG N . 18.60 -45.54 16.21
C8 NAG N . 19.47 -46.66 15.70
N2 NAG N . 17.72 -45.89 17.15
O3 NAG N . 20.05 -45.10 18.83
O4 NAG N . 19.76 -45.96 21.52
O5 NAG N . 16.29 -45.34 20.52
O6 NAG N . 15.99 -45.71 23.32
O7 NAG N . 18.69 -44.40 15.80
C1 NAG O . 30.55 -48.75 2.29
C2 NAG O . 31.60 -49.15 3.32
C3 NAG O . 32.92 -49.41 2.59
C4 NAG O . 32.71 -50.49 1.53
C5 NAG O . 31.61 -50.02 0.57
C6 NAG O . 31.27 -51.07 -0.49
C7 NAG O . 31.18 -48.10 5.48
C8 NAG O . 31.55 -46.97 6.39
N2 NAG O . 31.81 -48.11 4.30
O3 NAG O . 33.90 -49.81 3.55
O4 NAG O . 33.93 -50.78 0.85
O5 NAG O . 30.41 -49.77 1.32
O6 NAG O . 31.47 -52.37 0.06
O7 NAG O . 30.37 -48.96 5.79
C1 NAG O . 34.37 -52.09 1.23
C2 NAG O . 35.11 -52.82 0.11
C3 NAG O . 35.35 -54.26 0.55
C4 NAG O . 36.11 -54.26 1.86
C5 NAG O . 35.33 -53.48 2.91
C6 NAG O . 36.10 -53.43 4.23
C7 NAG O . 34.54 -51.95 -2.08
C8 NAG O . 33.78 -52.20 -3.35
N2 NAG O . 34.33 -52.82 -1.11
O3 NAG O . 36.11 -54.94 -0.46
O4 NAG O . 36.29 -55.61 2.31
O5 NAG O . 35.11 -52.14 2.46
O6 NAG O . 37.29 -52.66 4.06
O7 NAG O . 35.29 -50.99 -1.95
C1 FUC O . 30.26 -53.15 0.06
C2 FUC O . 30.67 -54.60 -0.01
C3 FUC O . 31.46 -54.99 1.24
C4 FUC O . 30.62 -54.71 2.47
C5 FUC O . 30.20 -53.24 2.46
C6 FUC O . 29.33 -52.90 3.67
O2 FUC O . 31.49 -54.81 -1.17
O3 FUC O . 31.81 -56.38 1.19
O4 FUC O . 29.45 -55.55 2.46
O5 FUC O . 29.49 -52.93 1.25
C1 NAG P . 26.30 -27.23 4.21
C2 NAG P . 27.57 -26.43 4.40
C3 NAG P . 28.32 -26.44 3.08
C4 NAG P . 28.48 -27.89 2.67
C5 NAG P . 27.11 -28.50 2.39
C6 NAG P . 27.13 -29.91 1.81
C7 NAG P . 27.16 -24.70 6.07
C8 NAG P . 28.32 -24.98 6.96
N2 NAG P . 27.28 -25.07 4.80
O3 NAG P . 29.58 -25.78 3.22
O4 NAG P . 29.49 -28.03 1.62
O5 NAG P . 26.46 -28.54 3.65
O6 NAG P . 25.79 -30.36 1.60
O7 NAG P . 26.13 -24.17 6.49
C1 NAG P . 30.62 -28.97 1.80
C2 NAG P . 31.29 -29.10 3.16
C3 NAG P . 32.49 -30.04 3.09
C4 NAG P . 32.16 -31.34 2.39
C5 NAG P . 31.45 -31.12 1.06
C6 NAG P . 30.93 -32.44 0.51
C7 NAG P . 31.70 -27.53 4.97
C8 NAG P . 32.71 -26.52 5.44
N2 NAG P . 31.75 -27.83 3.67
O3 NAG P . 32.93 -30.33 4.43
O4 NAG P . 33.38 -32.08 2.15
O5 NAG P . 30.35 -30.23 1.18
O6 NAG P . 30.49 -32.25 -0.84
O7 NAG P . 30.90 -28.04 5.72
C1 BMA P . 34.45 -31.22 1.67
C2 BMA P . 35.76 -31.57 2.37
C3 BMA P . 36.56 -32.66 1.66
C4 BMA P . 36.62 -32.47 0.15
C5 BMA P . 35.28 -32.10 -0.48
C6 BMA P . 34.35 -33.28 -0.74
O2 BMA P . 35.50 -31.98 3.73
O3 BMA P . 36.09 -33.96 2.02
O4 BMA P . 37.59 -31.47 -0.16
O5 BMA P . 34.57 -31.10 0.25
O6 BMA P . 35.05 -34.42 -1.24
C1 NAG Q . 22.35 -7.74 -36.84
C2 NAG Q . 23.64 -7.33 -36.14
C3 NAG Q . 24.06 -5.91 -36.56
C4 NAG Q . 23.98 -5.70 -38.07
C5 NAG Q . 22.69 -6.27 -38.64
C6 NAG Q . 22.64 -6.27 -40.15
C7 NAG Q . 22.66 -6.68 -33.97
C8 NAG Q . 22.69 -6.93 -32.49
N2 NAG Q . 23.51 -7.42 -34.70
O3 NAG Q . 25.39 -5.67 -36.12
O4 NAG Q . 23.93 -4.30 -38.28
O5 NAG Q . 22.51 -7.63 -38.23
O6 NAG Q . 21.38 -6.69 -40.63
O7 NAG Q . 21.90 -5.86 -34.48
C1 NAG Q . 25.03 -3.66 -38.94
C2 NAG Q . 24.55 -2.21 -38.98
C3 NAG Q . 25.61 -1.30 -39.61
C4 NAG Q . 26.94 -1.47 -38.89
C5 NAG Q . 27.34 -2.94 -38.91
C6 NAG Q . 28.61 -3.22 -38.14
C7 NAG Q . 23.08 -2.40 -40.96
C8 NAG Q . 21.69 -2.19 -41.47
N2 NAG Q . 23.28 -2.09 -39.67
O3 NAG Q . 25.15 0.04 -39.47
O4 NAG Q . 27.97 -0.61 -39.39
O5 NAG Q . 26.31 -3.73 -38.29
O6 NAG Q . 28.32 -3.72 -36.85
O7 NAG Q . 23.99 -2.82 -41.68
C1 BMA Q . 28.17 -0.36 -40.81
C2 BMA Q . 27.41 0.90 -41.27
C3 BMA Q . 27.75 1.15 -42.73
C4 BMA Q . 29.20 1.53 -42.82
C5 BMA Q . 29.98 0.26 -42.47
C6 BMA Q . 31.48 0.49 -42.53
O2 BMA Q . 27.85 2.01 -40.49
O3 BMA Q . 26.88 2.05 -43.47
O4 BMA Q . 29.52 1.98 -44.13
O5 BMA Q . 29.59 -0.25 -41.12
O6 BMA Q . 31.77 1.16 -43.76
C1 NAG R . 7.56 -7.44 -44.07
C2 NAG R . 6.56 -7.35 -45.23
C3 NAG R . 6.88 -8.45 -46.22
C4 NAG R . 8.33 -8.38 -46.66
C5 NAG R . 9.24 -8.42 -45.43
C6 NAG R . 10.72 -8.28 -45.79
C7 NAG R . 4.60 -8.34 -44.05
C8 NAG R . 3.52 -9.13 -44.75
N2 NAG R . 5.18 -7.39 -44.79
O3 NAG R . 6.01 -8.31 -47.36
O4 NAG R . 8.61 -9.54 -47.45
O5 NAG R . 8.92 -7.38 -44.51
O6 NAG R . 11.52 -8.53 -44.61
O7 NAG R . 4.89 -8.57 -42.89
C1 NAG R . 8.99 -9.18 -48.80
C2 NAG R . 9.02 -10.43 -49.66
C3 NAG R . 9.42 -10.08 -51.08
C4 NAG R . 8.46 -9.03 -51.62
C5 NAG R . 8.46 -7.82 -50.69
C6 NAG R . 7.48 -6.74 -51.13
C7 NAG R . 9.57 -12.35 -48.26
C8 NAG R . 10.61 -12.80 -47.28
N2 NAG R . 9.94 -11.41 -49.12
O3 NAG R . 9.37 -11.26 -51.89
O4 NAG R . 8.87 -8.63 -52.95
O5 NAG R . 8.11 -8.22 -49.36
O6 NAG R . 7.59 -5.61 -50.26
O7 NAG R . 8.44 -12.82 -48.27
C1 BMA R . 7.87 -9.02 -53.90
C2 BMA R . 8.55 -9.56 -55.16
C3 BMA R . 7.50 -9.96 -56.18
C4 BMA R . 6.53 -10.95 -55.56
C5 BMA R . 5.93 -10.37 -54.29
C6 BMA R . 5.02 -11.38 -53.61
O2 BMA R . 9.36 -10.70 -54.82
O3 BMA R . 8.14 -10.56 -57.32
O4 BMA R . 5.50 -11.26 -56.49
O5 BMA R . 6.95 -9.98 -53.38
O6 BMA R . 5.81 -12.51 -53.21
C1 NAG S . 3.32 -26.89 -22.31
C2 NAG S . 2.97 -26.76 -20.79
C3 NAG S . 2.00 -27.77 -20.17
C4 NAG S . 0.72 -27.96 -20.94
C5 NAG S . 1.07 -28.07 -22.42
C6 NAG S . -0.16 -27.76 -23.26
C7 NAG S . 4.90 -25.87 -19.80
C8 NAG S . 6.30 -26.17 -19.40
N2 NAG S . 4.16 -26.92 -20.02
O3 NAG S . 1.68 -27.36 -18.84
O4 NAG S . 0.20 -29.21 -20.47
O5 NAG S . 2.02 -27.13 -22.88
O6 NAG S . -0.47 -26.36 -23.12
O7 NAG S . 4.45 -24.75 -19.93
C1 NAG S . -1.23 -29.31 -20.44
C2 NAG S . -1.61 -30.76 -20.73
C3 NAG S . -3.13 -30.91 -20.75
C4 NAG S . -3.69 -30.39 -19.43
C5 NAG S . -3.23 -28.96 -19.19
C6 NAG S . -3.75 -28.41 -17.87
C7 NAG S . -1.31 -32.06 -22.84
C8 NAG S . -1.80 -31.62 -24.19
N2 NAG S . -0.97 -31.09 -22.00
O3 NAG S . -3.51 -32.28 -20.88
O4 NAG S . -5.12 -30.48 -19.44
O5 NAG S . -1.81 -28.87 -19.21
O6 NAG S . -3.16 -29.15 -16.79
O7 NAG S . -1.22 -33.24 -22.54
C1 BMA S . -5.55 -31.46 -18.48
C2 BMA S . -6.32 -30.78 -17.36
C3 BMA S . -6.71 -31.80 -16.30
C4 BMA S . -7.51 -32.91 -16.97
C5 BMA S . -6.70 -33.52 -18.11
C6 BMA S . -7.56 -34.55 -18.83
O2 BMA S . -7.50 -30.16 -17.88
O3 BMA S . -7.49 -31.15 -15.29
O4 BMA S . -7.84 -33.91 -16.01
O5 BMA S . -6.34 -32.51 -19.04
O6 BMA S . -8.87 -33.99 -19.01
C1 MAN S . -6.73 -31.11 -14.07
C2 MAN S . -7.67 -30.96 -12.89
C3 MAN S . -8.26 -29.56 -12.86
C4 MAN S . -7.15 -28.53 -12.86
C5 MAN S . -6.21 -28.76 -14.04
C6 MAN S . -5.05 -27.79 -14.01
O2 MAN S . -6.97 -31.21 -11.68
O3 MAN S . -9.07 -29.40 -11.69
O4 MAN S . -7.70 -27.22 -12.93
O5 MAN S . -5.72 -30.10 -14.03
O6 MAN S . -4.29 -27.99 -12.80
C1 MAN S . -6.95 -32.62 -11.44
C2 MAN S . -8.29 -33.07 -10.87
C3 MAN S . -8.46 -32.49 -9.47
C4 MAN S . -7.28 -32.92 -8.60
C5 MAN S . -5.98 -32.48 -9.25
C6 MAN S . -4.76 -32.96 -8.46
O2 MAN S . -8.35 -34.50 -10.83
O3 MAN S . -9.67 -32.99 -8.89
O4 MAN S . -7.42 -32.31 -7.31
O5 MAN S . -5.88 -33.01 -10.57
O6 MAN S . -4.68 -32.28 -7.20
C1 MAN S . -9.30 -34.13 -20.38
C2 MAN S . -8.92 -32.89 -21.17
C3 MAN S . -9.67 -31.69 -20.62
C4 MAN S . -11.16 -31.98 -20.68
C5 MAN S . -11.47 -33.25 -19.91
C6 MAN S . -12.94 -33.59 -19.98
O2 MAN S . -9.25 -33.08 -22.55
O3 MAN S . -9.37 -30.53 -21.39
O4 MAN S . -11.89 -30.89 -20.11
O5 MAN S . -10.71 -34.34 -20.45
O6 MAN S . -13.32 -33.79 -21.35
C1 NAG T . 31.64 -8.31 -29.17
C2 NAG T . 32.23 -8.19 -27.76
C3 NAG T . 33.64 -7.61 -27.82
C4 NAG T . 34.50 -8.28 -28.88
C5 NAG T . 33.74 -8.44 -30.20
C6 NAG T . 34.48 -9.27 -31.21
C7 NAG T . 31.10 -6.08 -27.12
C8 NAG T . 30.20 -5.42 -26.11
N2 NAG T . 31.37 -7.38 -26.91
O3 NAG T . 34.25 -7.76 -26.54
O4 NAG T . 35.58 -7.39 -29.16
O5 NAG T . 32.48 -9.08 -29.97
O6 NAG T . 33.79 -9.29 -32.46
O7 NAG T . 31.56 -5.46 -28.08
C1 NAG T . 36.92 -7.79 -28.80
C2 NAG T . 37.72 -6.58 -29.27
C3 NAG T . 39.20 -6.75 -28.96
C4 NAG T . 39.39 -7.06 -27.48
C5 NAG T . 38.56 -8.28 -27.09
C6 NAG T . 38.60 -8.57 -25.61
C7 NAG T . 37.85 -7.19 -31.67
C8 NAG T . 37.55 -6.74 -33.07
N2 NAG T . 37.51 -6.33 -30.70
O3 NAG T . 39.86 -5.54 -29.30
O4 NAG T . 40.76 -7.17 -27.09
O5 NAG T . 37.17 -8.03 -27.41
O6 NAG T . 37.46 -8.07 -24.94
O7 NAG T . 38.36 -8.29 -31.43
C1 BMA T . 41.75 -7.88 -27.88
C2 BMA T . 42.49 -6.93 -28.84
C3 BMA T . 43.57 -7.72 -29.55
C4 BMA T . 44.60 -8.13 -28.55
C5 BMA T . 43.92 -9.17 -27.65
C6 BMA T . 44.86 -9.68 -26.57
O2 BMA T . 43.09 -5.90 -28.07
O3 BMA T . 44.14 -7.13 -30.75
O4 BMA T . 45.73 -8.70 -29.19
O5 BMA T . 42.70 -8.59 -27.03
O6 BMA T . 46.09 -10.03 -27.21
C1 MAN T . 44.65 -5.80 -30.59
C2 MAN T . 43.87 -4.93 -31.60
C3 MAN T . 44.28 -5.32 -33.02
C4 MAN T . 45.81 -5.35 -33.20
C5 MAN T . 46.43 -6.26 -32.13
C6 MAN T . 47.94 -6.28 -32.17
O2 MAN T . 44.21 -3.55 -31.48
O3 MAN T . 43.69 -4.46 -34.00
O4 MAN T . 46.15 -5.83 -34.48
O5 MAN T . 46.04 -5.77 -30.83
O6 MAN T . 48.39 -7.32 -31.30
C1 MAN T . 43.46 -2.89 -30.43
C2 MAN T . 41.97 -2.82 -30.81
C3 MAN T . 41.85 -2.05 -32.11
C4 MAN T . 42.50 -0.66 -31.98
C5 MAN T . 43.95 -0.79 -31.47
C6 MAN T . 44.58 0.54 -31.13
O2 MAN T . 41.23 -2.01 -29.88
O3 MAN T . 40.49 -1.92 -32.51
O4 MAN T . 42.48 0.00 -33.23
O5 MAN T . 43.98 -1.60 -30.27
O6 MAN T . 43.93 1.06 -29.97
C1 NAG U . 2.23 -37.21 -28.64
C2 NAG U . 2.71 -37.91 -29.92
C3 NAG U . 1.79 -37.51 -31.07
C4 NAG U . 0.35 -37.83 -30.73
C5 NAG U . -0.04 -37.14 -29.43
C6 NAG U . -1.44 -37.48 -28.97
C7 NAG U . 5.13 -38.20 -29.91
C8 NAG U . 6.43 -37.67 -30.42
N2 NAG U . 4.05 -37.50 -30.25
O3 NAG U . 2.20 -38.23 -32.24
O4 NAG U . -0.48 -37.37 -31.80
O5 NAG U . 0.86 -37.52 -28.39
O6 NAG U . -1.50 -38.87 -28.63
O7 NAG U . 5.07 -39.21 -29.22
C1 NAG U . -1.23 -38.46 -32.35
C2 NAG U . -2.40 -37.93 -33.18
C3 NAG U . -3.20 -39.11 -33.69
C4 NAG U . -2.30 -40.04 -34.48
C5 NAG U . -1.14 -40.49 -33.60
C6 NAG U . -0.17 -41.39 -34.37
C7 NAG U . -3.05 -35.74 -32.36
C8 NAG U . -3.71 -35.01 -31.23
N2 NAG U . -3.24 -37.06 -32.39
O3 NAG U . -4.26 -38.63 -34.53
O4 NAG U . -3.06 -41.16 -34.94
O5 NAG U . -0.43 -39.35 -33.13
O6 NAG U . -0.78 -42.65 -34.66
O7 NAG U . -2.38 -35.16 -33.20
C1 NAG V . -4.41 -44.76 -8.88
C2 NAG V . -5.46 -45.41 -9.77
C3 NAG V . -6.85 -44.97 -9.31
C4 NAG V . -7.04 -45.36 -7.85
C5 NAG V . -5.92 -44.71 -7.03
C6 NAG V . -5.98 -45.06 -5.55
C7 NAG V . -4.55 -45.69 -12.02
C8 NAG V . -3.80 -44.88 -13.03
N2 NAG V . -5.29 -45.00 -11.15
O3 NAG V . -7.82 -45.60 -10.16
O4 NAG V . -8.32 -44.93 -7.34
O5 NAG V . -4.65 -45.13 -7.53
O6 NAG V . -4.99 -44.30 -4.84
O7 NAG V . -4.50 -46.91 -11.98
C1 NAG V . -9.21 -46.06 -7.26
C2 NAG V . -10.13 -45.92 -6.04
C3 NAG V . -11.10 -47.10 -5.97
C4 NAG V . -11.87 -47.21 -7.28
C5 NAG V . -10.90 -47.31 -8.45
C6 NAG V . -11.59 -47.31 -9.81
C7 NAG V . -8.79 -46.83 -4.15
C8 NAG V . -9.07 -46.88 -2.69
N2 NAG V . -9.37 -45.81 -4.80
O3 NAG V . -11.99 -46.89 -4.87
O4 NAG V . -12.70 -48.38 -7.23
O5 NAG V . -10.00 -46.20 -8.44
O6 NAG V . -12.25 -48.57 -10.03
O7 NAG V . -8.08 -47.66 -4.69
C1 BMA V . -14.10 -48.01 -7.20
C2 BMA V . -14.94 -49.22 -7.58
C3 BMA V . -16.41 -48.84 -7.57
C4 BMA V . -16.78 -48.28 -6.21
C5 BMA V . -15.87 -47.10 -5.88
C6 BMA V . -16.17 -46.55 -4.48
O2 BMA V . -14.69 -50.29 -6.65
O3 BMA V . -17.20 -50.00 -7.85
O4 BMA V . -18.14 -47.84 -6.22
O5 BMA V . -14.50 -47.50 -5.92
O6 BMA V . -15.26 -45.49 -4.21
C1 NAG W . 6.44 -42.25 -25.72
C2 NAG W . 5.03 -42.81 -25.52
C3 NAG W . 5.10 -44.24 -24.97
C4 NAG W . 6.01 -45.11 -25.83
C5 NAG W . 7.36 -44.43 -26.06
C6 NAG W . 8.23 -45.16 -27.05
C7 NAG W . 3.38 -41.04 -25.04
C8 NAG W . 2.68 -40.26 -23.97
N2 NAG W . 4.27 -41.96 -24.62
O3 NAG W . 3.77 -44.76 -24.97
O4 NAG W . 6.28 -46.35 -25.18
O5 NAG W . 7.16 -43.11 -26.59
O6 NAG W . 7.81 -44.91 -28.38
O7 NAG W . 3.15 -40.86 -26.23
C1 NAG W . 5.23 -47.31 -25.44
C2 NAG W . 5.79 -48.72 -25.45
C3 NAG W . 4.67 -49.71 -25.74
C4 NAG W . 3.51 -49.53 -24.77
C5 NAG W . 3.10 -48.05 -24.65
C6 NAG W . 2.13 -47.80 -23.52
C7 NAG W . 6.77 -48.77 -27.72
C8 NAG W . 8.03 -48.97 -28.52
N2 NAG W . 6.89 -48.87 -26.40
O3 NAG W . 5.21 -51.04 -25.65
O4 NAG W . 2.37 -50.21 -25.27
O5 NAG W . 4.24 -47.21 -24.42
O6 NAG W . 2.24 -46.47 -23.04
O7 NAG W . 5.70 -48.52 -28.27
C1 BMA W . 2.35 -51.57 -24.82
C2 BMA W . 0.90 -51.92 -24.52
C3 BMA W . 0.73 -53.41 -24.26
C4 BMA W . 1.50 -54.27 -25.30
C5 BMA W . 2.92 -53.75 -25.54
C6 BMA W . 3.60 -54.40 -26.72
O2 BMA W . 0.08 -51.62 -25.64
O3 BMA W . -0.65 -53.73 -24.27
O4 BMA W . 1.57 -55.61 -24.84
O5 BMA W . 2.85 -52.37 -25.85
O6 BMA W . 2.85 -54.07 -27.90
C1 MAN W . -1.00 -54.75 -23.30
C2 MAN W . -2.55 -54.90 -23.35
C3 MAN W . -3.21 -53.75 -22.60
C4 MAN W . -2.66 -53.69 -21.18
C5 MAN W . -1.16 -53.39 -21.24
C6 MAN W . -0.51 -53.33 -19.88
O2 MAN W . -2.99 -56.09 -22.68
O3 MAN W . -4.63 -53.87 -22.58
O4 MAN W . -3.32 -52.67 -20.44
O5 MAN W . -0.51 -54.44 -21.99
O6 MAN W . 0.74 -54.01 -19.96
C1 MAN W . 3.57 -54.47 -29.09
C2 MAN W . 2.72 -54.04 -30.31
C3 MAN W . 1.48 -54.93 -30.41
C4 MAN W . 1.87 -56.41 -30.42
C5 MAN W . 2.67 -56.74 -29.15
C6 MAN W . 3.15 -58.17 -29.07
O2 MAN W . 3.43 -54.22 -31.54
O3 MAN W . 0.69 -54.60 -31.56
O4 MAN W . 0.69 -57.21 -30.45
O5 MAN W . 3.83 -55.87 -29.09
O6 MAN W . 4.08 -58.39 -30.14
C1 NAG X . 20.31 -36.26 -39.50
C2 NAG X . 20.30 -37.76 -39.39
C3 NAG X . 21.69 -38.31 -39.67
C4 NAG X . 22.24 -37.78 -40.99
C5 NAG X . 22.03 -36.26 -41.13
C6 NAG X . 22.22 -35.77 -42.55
C7 NAG X . 18.63 -38.74 -37.88
C8 NAG X . 18.32 -39.14 -36.47
N2 NAG X . 19.83 -38.19 -38.08
O3 NAG X . 21.64 -39.73 -39.70
O4 NAG X . 23.64 -38.10 -41.01
O5 NAG X . 20.69 -35.89 -40.78
O6 NAG X . 21.57 -36.61 -43.48
O7 NAG X . 17.83 -38.91 -38.80
C1 NAG X . 24.23 -38.33 -42.32
C2 NAG X . 25.54 -37.56 -42.32
C3 NAG X . 26.22 -37.70 -43.67
C4 NAG X . 26.38 -39.17 -44.04
C5 NAG X . 25.02 -39.88 -43.93
C6 NAG X . 25.13 -41.38 -44.17
C7 NAG X . 25.54 -35.68 -40.75
C8 NAG X . 25.29 -34.21 -40.57
N2 NAG X . 25.36 -36.16 -41.98
O3 NAG X . 27.49 -37.06 -43.65
O4 NAG X . 26.87 -39.29 -45.37
O5 NAG X . 24.46 -39.70 -42.63
O6 NAG X . 23.85 -42.00 -44.12
O7 NAG X . 25.91 -36.38 -39.81
C1 BMA X . 28.20 -39.85 -45.33
C2 BMA X . 28.43 -40.65 -46.60
C3 BMA X . 29.78 -41.34 -46.43
C4 BMA X . 30.94 -40.31 -46.15
C5 BMA X . 30.54 -39.30 -45.03
C6 BMA X . 31.44 -38.08 -45.02
O2 BMA X . 28.50 -39.82 -47.74
O3 BMA X . 30.10 -42.20 -47.55
O4 BMA X . 32.12 -41.02 -45.75
O5 BMA X . 29.18 -38.82 -45.26
O6 BMA X . 30.70 -37.01 -45.65
C1 MAN X . 30.09 -43.67 -47.34
C2 MAN X . 28.62 -44.18 -47.06
C3 MAN X . 28.23 -44.13 -45.59
C4 MAN X . 29.30 -44.72 -44.67
C5 MAN X . 30.67 -44.05 -44.91
C6 MAN X . 31.76 -44.78 -44.16
O2 MAN X . 28.46 -45.56 -47.49
O3 MAN X . 27.00 -44.83 -45.37
O4 MAN X . 28.90 -44.55 -43.29
O5 MAN X . 31.04 -44.11 -46.30
O6 MAN X . 33.01 -44.09 -44.40
C1 MAN X . 28.49 -45.62 -48.94
C2 MAN X . 27.23 -44.89 -49.52
C3 MAN X . 25.97 -45.73 -49.28
C4 MAN X . 26.18 -47.17 -49.78
C5 MAN X . 27.41 -47.80 -49.10
C6 MAN X . 27.70 -49.21 -49.58
O2 MAN X . 27.32 -44.72 -50.95
O3 MAN X . 24.82 -45.16 -49.88
O4 MAN X . 25.03 -47.96 -49.49
O5 MAN X . 28.57 -46.97 -49.37
O6 MAN X . 28.12 -49.15 -50.94
C1 MAN X . 31.57 -36.12 -46.37
C2 MAN X . 30.62 -35.05 -46.98
C3 MAN X . 29.73 -35.71 -48.01
C4 MAN X . 30.58 -36.39 -49.10
C5 MAN X . 31.57 -37.39 -48.48
C6 MAN X . 32.58 -37.90 -49.47
O2 MAN X . 31.37 -34.07 -47.68
O3 MAN X . 28.83 -34.78 -48.59
O4 MAN X . 29.73 -37.06 -50.00
O5 MAN X . 32.31 -36.78 -47.39
O6 MAN X . 33.43 -36.80 -49.83
C1 MAN X . 34.79 -37.27 -49.97
C2 MAN X . 35.59 -36.78 -48.72
C3 MAN X . 35.90 -35.29 -48.83
C4 MAN X . 36.54 -34.96 -50.18
C5 MAN X . 35.60 -35.40 -51.32
C6 MAN X . 36.18 -35.14 -52.69
O2 MAN X . 36.87 -37.43 -48.64
O3 MAN X . 36.74 -34.84 -47.78
O4 MAN X . 36.78 -33.56 -50.28
O5 MAN X . 35.36 -36.83 -51.20
O6 MAN X . 35.24 -35.59 -53.67
C1 NAG Y . 35.85 -19.62 -45.65
C2 NAG Y . 35.48 -18.54 -46.64
C3 NAG Y . 35.96 -18.93 -48.03
C4 NAG Y . 37.46 -19.17 -47.96
C5 NAG Y . 37.74 -20.24 -46.92
C6 NAG Y . 39.23 -20.59 -46.83
C7 NAG Y . 33.09 -19.05 -47.12
C8 NAG Y . 31.99 -18.33 -47.84
N2 NAG Y . 34.05 -18.26 -46.62
O3 NAG Y . 35.68 -17.87 -48.95
O4 NAG Y . 37.93 -19.59 -49.25
O5 NAG Y . 37.26 -19.84 -45.64
O6 NAG Y . 39.54 -21.61 -47.79
O7 NAG Y . 33.08 -20.28 -47.03
C1 FUC Y . 38.67 -22.74 -47.54
C2 FUC Y . 38.11 -23.29 -48.85
C3 FUC Y . 37.22 -24.49 -48.63
C4 FUC Y . 37.90 -25.50 -47.71
C5 FUC Y . 38.47 -24.89 -46.42
C6 FUC Y . 37.43 -24.57 -45.35
O2 FUC Y . 39.20 -23.66 -49.70
O3 FUC Y . 35.95 -24.07 -48.12
O4 FUC Y . 36.95 -26.51 -47.35
O5 FUC Y . 39.28 -23.73 -46.71
C1 NAG Z . 32.70 -32.08 -26.50
C2 NAG Z . 33.69 -33.01 -27.19
C3 NAG Z . 34.94 -33.20 -26.32
C4 NAG Z . 35.51 -31.84 -25.91
C5 NAG Z . 34.43 -30.97 -25.30
C6 NAG Z . 34.91 -29.58 -24.97
C7 NAG Z . 32.21 -34.48 -28.49
C8 NAG Z . 31.68 -35.88 -28.65
N2 NAG Z . 33.08 -34.30 -27.49
O3 NAG Z . 35.90 -33.94 -27.07
O4 NAG Z . 36.53 -31.89 -24.91
O5 NAG Z . 33.34 -30.84 -26.21
O6 NAG Z . 35.43 -28.94 -26.13
O7 NAG Z . 31.86 -33.57 -29.22
C1 NAG Z . 37.48 -32.92 -24.72
C2 NAG Z . 38.51 -32.24 -23.79
C3 NAG Z . 39.52 -33.24 -23.23
C4 NAG Z . 38.81 -34.44 -22.62
C5 NAG Z . 37.96 -35.06 -23.72
C6 NAG Z . 37.23 -36.30 -23.28
C7 NAG Z . 39.21 -29.90 -24.07
C8 NAG Z . 39.97 -28.93 -24.93
N2 NAG Z . 39.19 -31.17 -24.50
O3 NAG Z . 40.32 -32.59 -22.25
O4 NAG Z . 39.76 -35.35 -22.08
O5 NAG Z . 36.97 -34.10 -24.10
O6 NAG Z . 37.22 -37.28 -24.31
O7 NAG Z . 38.63 -29.55 -23.05
C1 NAG AA . 22.83 -38.68 -20.19
C2 NAG AA . 23.54 -39.09 -18.88
C3 NAG AA . 24.99 -39.49 -19.13
C4 NAG AA . 25.11 -40.46 -20.30
C5 NAG AA . 24.37 -39.89 -21.51
C6 NAG AA . 24.41 -40.82 -22.72
C7 NAG AA . 23.99 -36.83 -17.91
C8 NAG AA . 24.04 -36.13 -16.58
N2 NAG AA . 23.45 -38.06 -17.86
O3 NAG AA . 25.50 -40.09 -17.94
O4 NAG AA . 26.50 -40.63 -20.60
O5 NAG AA . 23.00 -39.69 -21.17
O6 NAG AA . 23.75 -42.04 -22.40
O7 NAG AA . 24.41 -36.27 -18.91
C1 NAG AA . 27.03 -41.96 -20.38
C2 NAG AA . 28.38 -42.04 -21.09
C3 NAG AA . 28.99 -43.41 -20.91
C4 NAG AA . 29.10 -43.71 -19.41
C5 NAG AA . 27.73 -43.57 -18.76
C6 NAG AA . 27.77 -43.78 -17.26
C7 NAG AA . 27.80 -42.39 -23.48
C8 NAG AA . 28.65 -42.46 -24.71
N2 NAG AA . 28.28 -41.65 -22.49
O3 NAG AA . 30.29 -43.43 -21.51
O4 NAG AA . 29.61 -45.04 -19.24
O5 NAG AA . 27.18 -42.28 -19.00
O6 NAG AA . 28.56 -42.73 -16.67
O7 NAG AA . 26.73 -42.99 -23.42
C1 BMA AA . 30.87 -45.02 -18.53
C2 BMA AA . 31.92 -45.84 -19.25
C3 BMA AA . 33.19 -45.87 -18.41
C4 BMA AA . 33.63 -44.43 -18.14
C5 BMA AA . 32.52 -43.66 -17.45
C6 BMA AA . 32.92 -42.21 -17.23
O2 BMA AA . 32.21 -45.27 -20.53
O3 BMA AA . 34.23 -46.56 -19.13
O4 BMA AA . 34.79 -44.44 -17.30
O5 BMA AA . 31.34 -43.70 -18.27
O6 BMA AA . 33.29 -41.64 -18.49
C1 MAN AA . 32.62 -40.37 -18.63
C2 MAN AA . 31.63 -40.44 -19.78
C3 MAN AA . 32.39 -40.61 -21.09
C4 MAN AA . 33.38 -39.48 -21.26
C5 MAN AA . 34.32 -39.43 -20.05
C6 MAN AA . 35.29 -38.27 -20.16
O2 MAN AA . 30.84 -39.26 -19.82
O3 MAN AA . 31.46 -40.60 -22.18
O4 MAN AA . 34.14 -39.68 -22.45
O5 MAN AA . 33.56 -39.30 -18.85
O6 MAN AA . 36.16 -38.27 -19.02
C1 NAG BA . 26.67 -39.56 -29.78
C2 NAG BA . 26.60 -40.66 -28.71
C3 NAG BA . 27.59 -41.78 -28.98
C4 NAG BA . 27.48 -42.27 -30.41
C5 NAG BA . 27.68 -41.07 -31.34
C6 NAG BA . 27.64 -41.47 -32.81
C7 NAG BA . 25.90 -39.63 -26.60
C8 NAG BA . 26.39 -38.82 -25.43
N2 NAG BA . 26.86 -40.11 -27.39
O3 NAG BA . 27.34 -42.85 -28.06
O4 NAG BA . 28.47 -43.29 -30.64
O5 NAG BA . 26.65 -40.14 -31.09
O6 NAG BA . 27.94 -40.34 -33.62
O7 NAG BA . 24.72 -39.82 -26.80
C1 NAG BA . 27.94 -44.62 -30.90
C2 NAG BA . 29.09 -45.54 -31.31
C3 NAG BA . 28.59 -46.95 -31.63
C4 NAG BA . 27.79 -47.48 -30.44
C5 NAG BA . 26.69 -46.49 -30.06
C6 NAG BA . 25.93 -46.95 -28.81
C7 NAG BA . 29.47 -45.00 -33.70
C8 NAG BA . 30.52 -45.48 -34.66
N2 NAG BA . 29.85 -44.99 -32.42
O3 NAG BA . 29.70 -47.79 -31.91
O4 NAG BA . 27.22 -48.74 -30.76
O5 NAG BA . 27.22 -45.19 -29.81
O6 NAG BA . 26.81 -46.89 -27.69
O7 NAG BA . 28.36 -44.66 -34.09
C1 BMA BA . 27.89 -49.79 -30.04
C2 BMA BA . 26.88 -50.82 -29.57
C3 BMA BA . 27.60 -51.92 -28.78
C4 BMA BA . 28.69 -52.52 -29.66
C5 BMA BA . 29.64 -51.42 -30.14
C6 BMA BA . 30.71 -51.98 -31.06
O2 BMA BA . 26.21 -51.39 -30.70
O3 BMA BA . 26.67 -52.93 -28.41
O4 BMA BA . 29.42 -53.49 -28.91
O5 BMA BA . 28.91 -50.41 -30.84
O6 BMA BA . 31.56 -50.92 -31.49
C1 NAG CA . 20.09 -34.38 -51.87
C2 NAG CA . 20.67 -35.75 -52.16
C3 NAG CA . 21.41 -35.66 -53.48
C4 NAG CA . 20.41 -35.28 -54.57
C5 NAG CA . 19.83 -33.91 -54.18
C6 NAG CA . 18.82 -33.32 -55.15
C7 NAG CA . 21.20 -37.03 -50.17
C8 NAG CA . 22.26 -37.44 -49.21
N2 NAG CA . 21.58 -36.18 -51.12
O3 NAG CA . 22.06 -36.90 -53.78
O4 NAG CA . 21.08 -35.32 -55.84
O5 NAG CA . 19.19 -34.04 -52.92
O6 NAG CA . 19.49 -32.76 -56.28
O7 NAG CA . 20.06 -37.47 -50.10
C1 NAG CA . 20.40 -36.09 -56.87
C2 NAG CA . 19.49 -37.21 -56.37
C3 NAG CA . 18.75 -37.86 -57.55
C4 NAG CA . 18.06 -36.82 -58.41
C5 NAG CA . 19.02 -35.72 -58.84
C6 NAG CA . 18.30 -34.58 -59.55
C7 NAG CA . 19.74 -38.89 -54.63
C8 NAG CA . 20.46 -40.15 -54.24
N2 NAG CA . 20.21 -38.27 -55.71
O3 NAG CA . 17.78 -38.79 -57.08
O4 NAG CA . 17.51 -37.48 -59.56
O5 NAG CA . 19.68 -35.18 -57.71
O6 NAG CA . 17.68 -35.04 -60.76
O7 NAG CA . 18.79 -38.47 -53.99
C1 NAG DA . 1.35 -27.14 -30.64
C2 NAG DA . 0.00 -26.54 -30.26
C3 NAG DA . -1.10 -27.16 -31.11
C4 NAG DA . -0.77 -27.02 -32.60
C5 NAG DA . 0.63 -27.56 -32.88
C6 NAG DA . 1.09 -27.34 -34.30
C7 NAG DA . -0.03 -25.79 -27.92
C8 NAG DA . -0.38 -26.16 -26.51
N2 NAG DA . -0.28 -26.73 -28.85
O3 NAG DA . -2.33 -26.51 -30.80
O4 NAG DA . -1.71 -27.74 -33.39
O5 NAG DA . 1.58 -26.92 -32.02
O6 NAG DA . 2.50 -27.16 -34.37
O7 NAG DA . 0.46 -24.71 -28.22
C1 NAG DA . -2.87 -26.92 -33.74
C2 NAG DA . -3.21 -27.11 -35.21
C3 NAG DA . -4.45 -26.29 -35.57
C4 NAG DA . -5.60 -26.58 -34.62
C5 NAG DA . -5.15 -26.50 -33.16
C6 NAG DA . -6.20 -26.97 -32.19
C7 NAG DA . -1.35 -27.63 -36.72
C8 NAG DA . -0.24 -27.07 -37.56
N2 NAG DA . -2.09 -26.74 -36.06
O3 NAG DA . -4.84 -26.58 -36.90
O4 NAG DA . -6.63 -25.62 -34.81
O5 NAG DA . -3.99 -27.31 -32.94
O6 NAG DA . -6.83 -25.89 -31.52
O7 NAG DA . -1.57 -28.84 -36.65
C1 BMA DA . -7.86 -26.02 -35.49
C2 BMA DA . -7.87 -27.50 -35.99
C3 BMA DA . -9.14 -27.67 -36.82
C4 BMA DA . -10.40 -27.34 -35.96
C5 BMA DA . -10.29 -25.96 -35.25
C6 BMA DA . -11.37 -25.79 -34.19
O2 BMA DA . -7.99 -28.44 -34.93
O3 BMA DA . -9.25 -28.97 -37.36
O4 BMA DA . -11.56 -27.35 -36.78
O5 BMA DA . -8.99 -25.84 -34.60
O6 BMA DA . -12.00 -24.52 -34.32
C1 NAG EA . 14.72 34.77 -31.94
C2 NAG EA . 14.89 36.18 -31.27
C3 NAG EA . 16.35 36.60 -31.27
C4 NAG EA . 17.11 35.65 -30.38
C5 NAG EA . 16.92 34.29 -31.03
C6 NAG EA . 17.69 33.16 -30.35
C7 NAG EA . 13.06 37.76 -31.32
C8 NAG EA . 12.35 38.83 -32.09
N2 NAG EA . 14.12 37.23 -31.91
O3 NAG EA . 16.45 37.94 -30.76
O4 NAG EA . 18.49 36.00 -30.39
O5 NAG EA . 15.53 33.98 -31.06
O6 NAG EA . 17.12 32.89 -29.06
O7 NAG EA . 12.68 37.39 -30.21
C1 NAG EA . 18.92 36.40 -29.07
C2 NAG EA . 20.41 36.20 -28.90
C3 NAG EA . 20.81 36.55 -27.48
C4 NAG EA . 20.38 37.99 -27.19
C5 NAG EA . 18.88 38.11 -27.42
C6 NAG EA . 18.37 39.53 -27.19
C7 NAG EA . 21.27 34.45 -30.36
C8 NAG EA . 21.67 33.01 -30.46
N2 NAG EA . 20.81 34.83 -29.18
O3 NAG EA . 22.23 36.40 -27.34
O4 NAG EA . 20.69 38.33 -25.83
O5 NAG EA . 18.56 37.74 -28.76
O6 NAG EA . 16.95 39.55 -27.35
O7 NAG EA . 21.37 35.22 -31.31
C1 BMA EA . 21.75 39.32 -25.80
C2 BMA EA . 22.70 38.98 -24.66
C3 BMA EA . 23.83 40.00 -24.61
C4 BMA EA . 24.52 40.06 -25.96
C5 BMA EA . 23.50 40.37 -27.06
C6 BMA EA . 24.17 40.33 -28.42
O2 BMA EA . 23.24 37.67 -24.86
O3 BMA EA . 24.77 39.62 -23.60
O4 BMA EA . 25.52 41.09 -25.94
O5 BMA EA . 22.45 39.40 -27.04
O6 BMA EA . 24.68 39.01 -28.66
C1 FUC EA . 18.20 32.78 -28.12
C2 FUC EA . 17.74 33.20 -26.73
C3 FUC EA . 16.81 32.14 -26.16
C4 FUC EA . 17.52 30.79 -26.18
C5 FUC EA . 17.98 30.46 -27.58
C6 FUC EA . 18.74 29.14 -27.61
O2 FUC EA . 17.05 34.45 -26.81
O3 FUC EA . 16.46 32.48 -24.81
O4 FUC EA . 18.64 30.82 -25.29
O5 FUC EA . 18.83 31.49 -28.10
C1 NAG FA . 19.04 28.38 -41.22
C2 NAG FA . 19.18 26.85 -41.21
C3 NAG FA . 20.62 26.47 -40.93
C4 NAG FA . 21.55 27.14 -41.93
C5 NAG FA . 21.34 28.64 -41.92
C6 NAG FA . 22.15 29.27 -43.05
C7 NAG FA . 17.26 25.58 -40.53
C8 NAG FA . 16.94 24.39 -39.68
N2 NAG FA . 18.34 26.26 -40.19
O3 NAG FA . 20.77 25.05 -41.03
O4 NAG FA . 22.91 26.85 -41.59
O5 NAG FA . 19.96 28.94 -42.16
O6 NAG FA . 21.85 28.57 -44.26
O7 NAG FA . 16.57 25.90 -41.48
C1 NAG FA . 23.62 26.17 -42.64
C2 NAG FA . 25.11 26.50 -42.46
C3 NAG FA . 25.97 25.76 -43.51
C4 NAG FA . 25.55 24.33 -43.81
C5 NAG FA . 24.04 24.10 -43.75
C6 NAG FA . 23.67 22.66 -44.08
C7 NAG FA . 25.36 28.74 -41.51
C8 NAG FA . 25.45 30.22 -41.81
N2 NAG FA . 25.34 27.92 -42.57
O3 NAG FA . 27.35 25.97 -43.18
O4 NAG FA . 26.18 23.82 -44.99
O5 NAG FA . 23.44 24.76 -42.62
O6 NAG FA . 24.19 21.84 -43.05
O7 NAG FA . 25.30 28.33 -40.36
C1 FUC FA . 21.34 29.48 -45.25
C2 FUC FA . 21.74 28.99 -46.63
C3 FUC FA . 21.03 27.68 -46.95
C4 FUC FA . 19.54 27.89 -46.84
C5 FUC FA . 19.20 28.41 -45.45
C6 FUC FA . 17.70 28.66 -45.31
O2 FUC FA . 23.16 28.79 -46.67
O3 FUC FA . 21.37 27.27 -48.28
O4 FUC FA . 19.09 28.82 -47.84
O5 FUC FA . 19.91 29.62 -45.19
C1 NAG GA . 12.85 17.09 -47.51
C2 NAG GA . 13.93 16.34 -46.73
C3 NAG GA . 15.17 16.16 -47.61
C4 NAG GA . 14.78 15.47 -48.91
C5 NAG GA . 13.67 16.24 -49.61
C6 NAG GA . 13.20 15.43 -50.81
C7 NAG GA . 13.99 16.64 -44.34
C8 NAG GA . 14.99 16.86 -43.26
N2 NAG GA . 14.32 17.08 -45.54
O3 NAG GA . 16.13 15.37 -46.91
O4 NAG GA . 15.92 15.39 -49.76
O5 NAG GA . 12.57 16.40 -48.73
O6 NAG GA . 12.89 14.11 -50.36
O7 NAG GA . 12.91 16.09 -44.14
C1 NAG GA . 16.28 14.04 -50.12
C2 NAG GA . 17.01 14.11 -51.45
C3 NAG GA . 17.50 12.71 -51.89
C4 NAG GA . 18.06 11.83 -50.77
C5 NAG GA . 17.35 12.03 -49.42
C6 NAG GA . 17.93 11.11 -48.35
C7 NAG GA . 16.14 15.96 -52.80
C8 NAG GA . 15.08 16.39 -53.78
N2 NAG GA . 16.16 14.66 -52.48
O3 NAG GA . 18.32 12.85 -53.05
O4 NAG GA . 18.19 10.46 -51.18
O5 NAG GA . 17.12 13.42 -49.14
O6 NAG GA . 19.26 11.52 -48.11
O7 NAG GA . 16.94 16.76 -52.32
C1 FUC GA . 11.52 13.77 -50.65
C2 FUC GA . 11.42 12.28 -50.92
C3 FUC GA . 11.72 11.49 -49.66
C4 FUC GA . 10.76 11.94 -48.56
C5 FUC GA . 10.89 13.44 -48.37
C6 FUC GA . 9.92 13.93 -47.30
O2 FUC GA . 12.35 11.91 -51.95
O3 FUC GA . 11.54 10.09 -49.90
O4 FUC GA . 9.42 11.60 -48.92
O5 FUC GA . 10.63 14.12 -49.59
C1 NAG HA . 20.24 21.23 -29.24
C2 NAG HA . 20.55 20.51 -30.54
C3 NAG HA . 21.60 19.45 -30.26
C4 NAG HA . 22.83 20.08 -29.62
C5 NAG HA . 22.42 20.82 -28.35
C6 NAG HA . 23.58 21.55 -27.68
C7 NAG HA . 18.64 20.40 -32.07
C8 NAG HA . 18.59 19.58 -33.32
N2 NAG HA . 19.36 19.88 -31.07
O3 NAG HA . 21.96 18.82 -31.50
O4 NAG HA . 23.76 19.04 -29.31
O5 NAG HA . 21.42 21.79 -28.66
O6 NAG HA . 24.05 22.58 -28.56
O7 NAG HA . 18.05 21.46 -31.97
C1 NAG HA . 25.01 19.28 -29.97
C2 NAG HA . 26.16 18.61 -29.22
C3 NAG HA . 27.47 18.98 -29.89
C4 NAG HA . 27.42 18.53 -31.34
C5 NAG HA . 26.22 19.18 -32.03
C6 NAG HA . 26.06 18.78 -33.49
C7 NAG HA . 25.64 18.35 -26.85
C8 NAG HA . 25.80 18.92 -25.48
N2 NAG HA . 26.19 19.06 -27.84
O3 NAG HA . 28.54 18.35 -29.18
O4 NAG HA . 28.64 18.89 -32.00
O5 NAG HA . 25.03 18.84 -31.33
O6 NAG HA . 27.06 19.39 -34.30
O7 NAG HA . 25.04 17.31 -27.06
C1 BMA HA . 29.41 17.70 -32.31
C2 BMA HA . 30.30 17.98 -33.51
C3 BMA HA . 31.10 16.74 -33.84
C4 BMA HA . 31.90 16.31 -32.62
C5 BMA HA . 30.96 16.08 -31.44
C6 BMA HA . 31.71 15.74 -30.17
O2 BMA HA . 31.18 19.08 -33.21
O3 BMA HA . 32.00 17.03 -34.93
O4 BMA HA . 32.60 15.10 -32.93
O5 BMA HA . 30.20 17.28 -31.20
O6 BMA HA . 32.29 14.42 -30.27
C1 NAG IA . -44.23 15.70 -5.73
C2 NAG IA . -43.65 17.08 -5.93
C3 NAG IA . -44.60 18.11 -5.35
C4 NAG IA . -45.98 17.96 -5.99
C5 NAG IA . -46.47 16.53 -5.79
C6 NAG IA . -47.81 16.28 -6.45
C7 NAG IA . -41.23 16.92 -5.94
C8 NAG IA . -40.09 16.43 -5.09
N2 NAG IA . -42.36 17.19 -5.29
O3 NAG IA . -44.08 19.43 -5.61
O4 NAG IA . -46.87 18.89 -5.39
O5 NAG IA . -45.53 15.60 -6.33
O6 NAG IA . -47.66 16.40 -7.87
O7 NAG IA . -41.12 17.07 -7.14
C1 NAG IA . -47.41 19.78 -6.38
C2 NAG IA . -47.99 21.02 -5.72
C3 NAG IA . -48.58 21.95 -6.77
C4 NAG IA . -47.52 22.28 -7.82
C5 NAG IA . -46.96 20.99 -8.40
C6 NAG IA . -45.83 21.25 -9.40
C7 NAG IA . -49.84 19.68 -4.73
C8 NAG IA . -51.20 19.95 -5.33
N2 NAG IA . -48.98 20.70 -4.69
O3 NAG IA . -49.06 23.13 -6.13
O4 NAG IA . -48.10 23.06 -8.87
O5 NAG IA . -46.45 20.15 -7.36
O6 NAG IA . -44.72 21.82 -8.70
O7 NAG IA . -49.58 18.59 -4.26
C1 BMA IA . -47.62 24.42 -8.79
C2 BMA IA . -47.35 24.94 -10.20
C3 BMA IA . -46.84 26.37 -10.12
C4 BMA IA . -47.84 27.21 -9.34
C5 BMA IA . -48.08 26.61 -7.97
C6 BMA IA . -49.12 27.40 -7.19
O2 BMA IA . -48.57 24.90 -10.96
O3 BMA IA . -46.69 26.89 -11.44
O4 BMA IA . -47.33 28.55 -9.20
O5 BMA IA . -48.53 25.26 -8.10
O6 BMA IA . -49.34 26.78 -5.92
C1 NAG JA . 1.43 -33.22 38.39
C2 NAG JA . 2.83 -33.76 38.65
C3 NAG JA . 2.80 -34.79 39.77
C4 NAG JA . 2.20 -34.16 41.01
C5 NAG JA . 0.82 -33.61 40.67
C6 NAG JA . 0.15 -32.91 41.85
C7 NAG JA . 2.84 -35.05 36.52
C8 NAG JA . 3.04 -34.59 35.12
N2 NAG JA . 3.45 -34.31 37.46
O3 NAG JA . 4.13 -35.26 40.00
O4 NAG JA . 2.09 -35.12 42.08
O5 NAG JA . 0.91 -32.67 39.60
O6 NAG JA . 0.88 -31.73 42.16
O7 NAG JA . 2.17 -36.05 36.78
C1 NAG JA . 3.12 -34.88 43.07
C2 NAG JA . 2.62 -35.34 44.44
C3 NAG JA . 3.71 -35.16 45.49
C4 NAG JA . 4.98 -35.89 45.06
C5 NAG JA . 5.40 -35.41 43.67
C6 NAG JA . 6.60 -36.16 43.11
C7 NAG JA . 1.35 -33.41 45.32
C8 NAG JA . 0.50 -33.25 46.55
N2 NAG JA . 1.40 -34.65 44.83
O3 NAG JA . 3.24 -35.68 46.73
O4 NAG JA . 6.02 -35.66 46.01
O5 NAG JA . 4.32 -35.58 42.74
O6 NAG JA . 7.79 -35.78 43.80
O7 NAG JA . 1.92 -32.45 44.82
C1 BMA JA . 6.34 -36.87 46.71
C2 BMA JA . 6.57 -36.57 48.18
C3 BMA JA . 6.91 -37.85 48.92
C4 BMA JA . 5.82 -38.88 48.68
C5 BMA JA . 5.63 -39.11 47.19
C6 BMA JA . 4.48 -40.08 46.93
O2 BMA JA . 5.39 -36.00 48.75
O3 BMA JA . 7.03 -37.58 50.32
O4 BMA JA . 6.20 -40.12 49.31
O5 BMA JA . 5.34 -37.87 46.55
O6 BMA JA . 4.29 -40.21 45.52
C1 NAG KA . -1.24 -23.73 41.16
C2 NAG KA . -1.16 -22.93 42.45
C3 NAG KA . 0.29 -22.59 42.78
C4 NAG KA . 1.16 -23.84 42.79
C5 NAG KA . 0.99 -24.61 41.49
C6 NAG KA . 1.69 -25.96 41.57
C7 NAG KA . -2.35 -21.02 43.40
C8 NAG KA . -2.46 -19.53 43.21
N2 NAG KA . -1.96 -21.72 42.33
O3 NAG KA . 0.39 -21.94 44.04
O4 NAG KA . 2.52 -23.42 42.85
O5 NAG KA . -0.38 -24.88 41.22
O6 NAG KA . 1.57 -26.63 40.31
O7 NAG KA . -2.61 -21.55 44.46
C1 NAG KA . 3.17 -23.80 44.08
C2 NAG KA . 4.56 -23.18 44.07
C3 NAG KA . 5.29 -23.53 45.36
C4 NAG KA . 4.45 -23.05 46.54
C5 NAG KA . 3.06 -23.67 46.47
C6 NAG KA . 2.14 -23.18 47.58
C7 NAG KA . 5.50 -22.97 41.82
C8 NAG KA . 6.92 -22.64 41.48
N2 NAG KA . 5.33 -23.68 42.94
O3 NAG KA . 6.57 -22.89 45.35
O4 NAG KA . 5.09 -23.43 47.77
O5 NAG KA . 2.45 -23.34 45.22
O6 NAG KA . 1.87 -21.79 47.38
O7 NAG KA . 4.58 -22.61 41.12
C1 BMA KA . 5.48 -22.24 48.50
C2 BMA KA . 5.78 -22.61 49.94
C3 BMA KA . 6.21 -21.38 50.71
C4 BMA KA . 7.39 -20.72 50.01
C5 BMA KA . 7.02 -20.41 48.56
C6 BMA KA . 8.24 -19.84 47.83
O2 BMA KA . 6.84 -23.58 49.97
O3 BMA KA . 6.57 -21.74 52.04
O4 BMA KA . 7.75 -19.51 50.69
O5 BMA KA . 6.61 -21.60 47.91
O6 BMA KA . 9.36 -20.71 48.04
C1 MAN KA . 5.59 -21.20 52.94
C2 MAN KA . 6.26 -20.82 54.27
C3 MAN KA . 6.68 -22.09 55.00
C4 MAN KA . 5.49 -23.01 55.19
C5 MAN KA . 4.83 -23.31 53.83
C6 MAN KA . 3.57 -24.14 53.98
O2 MAN KA . 5.34 -20.08 55.07
O3 MAN KA . 7.22 -21.74 56.28
O4 MAN KA . 5.91 -24.21 55.81
O5 MAN KA . 4.49 -22.09 53.17
O6 MAN KA . 3.90 -25.47 54.41
C1 MAN KA . 9.74 -21.34 46.81
C2 MAN KA . 9.66 -22.85 46.97
C3 MAN KA . 10.71 -23.32 47.95
C4 MAN KA . 12.08 -22.86 47.47
C5 MAN KA . 12.08 -21.35 47.30
C6 MAN KA . 13.42 -20.86 46.78
O2 MAN KA . 9.85 -23.48 45.69
O3 MAN KA . 10.69 -24.76 48.04
O4 MAN KA . 13.07 -23.23 48.44
O5 MAN KA . 11.05 -20.96 46.38
O6 MAN KA . 13.39 -19.44 46.64
C1 NAG LA . 7.87 -30.30 34.34
C2 NAG LA . 6.56 -30.94 34.77
C3 NAG LA . 6.72 -31.60 36.13
C4 NAG LA . 7.86 -32.61 36.07
C5 NAG LA . 9.12 -31.89 35.60
C6 NAG LA . 10.38 -32.76 35.50
C7 NAG LA . 4.28 -30.07 34.75
C8 NAG LA . 3.75 -30.61 33.45
N2 NAG LA . 5.59 -29.87 34.80
O3 NAG LA . 5.52 -32.29 36.51
O4 NAG LA . 8.03 -33.18 37.38
O5 NAG LA . 8.91 -31.27 34.33
O6 NAG LA . 11.39 -32.20 36.34
O7 NAG LA . 3.57 -29.82 35.70
C1 NAG LA . 8.11 -34.61 37.31
C2 NAG LA . 8.91 -35.16 38.48
C3 NAG LA . 9.11 -36.65 38.25
C4 NAG LA . 7.76 -37.32 38.10
C5 NAG LA . 7.01 -36.68 36.94
C6 NAG LA . 5.65 -37.35 36.76
C7 NAG LA . 10.42 -33.50 39.43
C8 NAG LA . 11.86 -33.21 39.71
N2 NAG LA . 10.19 -34.51 38.59
O3 NAG LA . 9.80 -37.21 39.39
O4 NAG LA . 7.94 -38.72 37.83
O5 NAG LA . 6.85 -35.27 37.16
O6 NAG LA . 4.91 -37.22 37.97
O7 NAG LA . 9.52 -32.85 39.93
C1 NAG MA . -7.88 -41.41 37.72
C2 NAG MA . -6.88 -42.54 37.88
C3 NAG MA . -7.55 -43.83 37.39
C4 NAG MA . -8.81 -44.05 38.20
C5 NAG MA . -9.71 -42.84 38.03
C6 NAG MA . -11.08 -42.94 38.70
C7 NAG MA . -5.35 -41.80 36.00
C8 NAG MA . -4.17 -40.87 35.98
N2 NAG MA . -5.59 -42.34 37.20
O3 NAG MA . -6.61 -44.91 37.52
O4 NAG MA . -9.49 -45.23 37.74
O5 NAG MA . -9.06 -41.66 38.48
O6 NAG MA . -11.77 -41.69 38.59
O7 NAG MA . -5.99 -42.03 34.99
C1 NAG MA . -9.44 -46.28 38.74
C2 NAG MA . -10.66 -47.19 38.61
C3 NAG MA . -10.59 -48.25 39.69
C4 NAG MA . -9.27 -49.01 39.56
C5 NAG MA . -8.12 -48.03 39.65
C6 NAG MA . -6.79 -48.75 39.46
C7 NAG MA . -12.69 -46.18 37.75
C8 NAG MA . -14.15 -46.10 38.10
N2 NAG MA . -11.88 -46.44 38.77
O3 NAG MA . -11.67 -49.16 39.53
O4 NAG MA . -9.17 -49.97 40.61
O5 NAG MA . -8.24 -47.03 38.65
O6 NAG MA . -6.73 -49.26 38.12
O7 NAG MA . -12.28 -46.01 36.62
C1 FUC MA . -12.68 -41.65 37.47
C2 FUC MA . -12.55 -40.26 36.83
C3 FUC MA . -13.36 -40.12 35.55
C4 FUC MA . -13.20 -41.33 34.63
C5 FUC MA . -13.29 -42.70 35.32
C6 FUC MA . -14.74 -43.16 35.56
O2 FUC MA . -11.18 -39.99 36.55
O3 FUC MA . -14.74 -39.86 35.85
O4 FUC MA . -14.18 -41.27 33.58
O5 FUC MA . -12.54 -42.73 36.54
C1 NAG NA . -5.24 -33.86 17.50
C2 NAG NA . -5.83 -35.07 16.80
C3 NAG NA . -7.09 -35.52 17.53
C4 NAG NA . -6.86 -35.65 19.04
C5 NAG NA . -6.03 -34.49 19.61
C6 NAG NA . -5.51 -34.76 21.01
C7 NAG NA . -5.26 -35.02 14.41
C8 NAG NA . -5.73 -34.68 13.03
N2 NAG NA . -6.13 -34.78 15.41
O3 NAG NA . -7.46 -36.77 16.96
O4 NAG NA . -8.11 -35.62 19.72
O5 NAG NA . -4.89 -34.20 18.79
O6 NAG NA . -4.25 -35.40 20.98
O7 NAG NA . -4.15 -35.49 14.62
C1 NAG NA . -8.84 -36.87 19.52
C2 NAG NA . -9.63 -37.24 20.75
C3 NAG NA . -10.26 -38.61 20.53
C4 NAG NA . -11.00 -38.69 19.19
C5 NAG NA . -10.31 -37.96 18.03
C6 NAG NA . -11.25 -37.65 16.89
C7 NAG NA . -8.87 -36.27 22.87
C8 NAG NA . -7.94 -36.40 24.03
N2 NAG NA . -8.80 -37.23 21.94
O3 NAG NA . -11.16 -38.87 21.60
O4 NAG NA . -11.05 -40.05 18.78
O5 NAG NA . -9.72 -36.71 18.43
O6 NAG NA . -11.80 -38.82 16.31
O7 NAG NA . -9.65 -35.32 22.75
C1 BMA NA . -12.13 -40.82 19.33
C2 BMA NA . -13.23 -40.92 18.26
C3 BMA NA . -14.28 -41.96 18.67
C4 BMA NA . -13.61 -43.28 19.07
C5 BMA NA . -12.60 -43.02 20.18
C6 BMA NA . -11.86 -44.29 20.58
O2 BMA NA . -12.69 -41.33 17.01
O3 BMA NA . -15.22 -42.19 17.62
O4 BMA NA . -14.59 -44.21 19.51
O5 BMA NA . -11.62 -42.10 19.69
O6 BMA NA . -10.79 -43.91 21.45
C1 NAG OA . -42.34 -8.30 1.77
C2 NAG OA . -41.68 -9.18 0.73
C3 NAG OA . -41.55 -8.30 -0.49
C4 NAG OA . -42.97 -7.81 -0.79
C5 NAG OA . -43.58 -6.96 0.32
C6 NAG OA . -44.98 -6.46 -0.02
C7 NAG OA . -40.14 -10.71 1.84
C8 NAG OA . -38.99 -10.65 2.80
N2 NAG OA . -40.35 -9.59 1.15
O3 NAG OA . -41.03 -9.05 -1.59
O4 NAG OA . -43.13 -7.33 -2.16
O5 NAG OA . -43.64 -7.83 1.44
O6 NAG OA . -45.86 -7.59 -0.16
O7 NAG OA . -40.82 -11.71 1.69
C1 NAG OA . -43.94 -8.23 -3.02
C2 NAG OA . -43.56 -8.09 -4.49
C3 NAG OA . -44.48 -8.93 -5.36
C4 NAG OA . -44.54 -10.36 -4.85
C5 NAG OA . -44.88 -10.40 -3.36
C6 NAG OA . -44.79 -11.83 -2.81
C7 NAG OA . -44.40 -5.75 -4.54
C8 NAG OA . -45.62 -5.53 -5.37
N2 NAG OA . -43.55 -6.70 -4.94
O3 NAG OA . -43.99 -8.90 -6.70
O4 NAG OA . -45.52 -11.12 -5.58
O5 NAG OA . -44.00 -9.59 -2.61
O6 NAG OA . -45.27 -11.83 -1.47
O7 NAG OA . -44.19 -5.05 -3.55
C1 BMA OA . -46.76 -10.38 -5.71
C2 BMA OA . -47.32 -10.57 -7.11
C3 BMA OA . -48.57 -9.71 -7.23
C4 BMA OA . -49.59 -10.15 -6.18
C5 BMA OA . -48.93 -9.99 -4.80
C6 BMA OA . -49.79 -10.42 -3.62
O2 BMA OA . -47.64 -11.95 -7.34
O3 BMA OA . -49.12 -9.82 -8.55
O4 BMA OA . -50.77 -9.35 -6.36
O5 BMA OA . -47.75 -10.79 -4.76
O6 BMA OA . -50.13 -11.80 -3.75
C1 NAG OA . -52.04 -10.06 -6.37
C2 NAG OA . -51.98 -11.50 -6.93
C3 NAG OA . -53.35 -12.15 -6.83
C4 NAG OA . -53.91 -12.05 -5.41
C5 NAG OA . -53.90 -10.61 -4.93
C6 NAG OA . -54.32 -10.55 -3.47
C7 NAG OA . -50.83 -12.50 -8.82
C8 NAG OA . -50.83 -12.62 -10.32
N2 NAG OA . -51.58 -11.53 -8.32
O3 NAG OA . -53.28 -13.53 -7.19
O4 NAG OA . -55.26 -12.55 -5.40
O5 NAG OA . -52.61 -10.04 -5.07
O6 NAG OA . -53.32 -11.20 -2.67
O7 NAG OA . -50.19 -13.25 -8.12
C1 NAG PA . -43.46 8.57 5.13
C2 NAG PA . -43.54 8.12 6.59
C3 NAG PA . -44.96 8.30 7.11
C4 NAG PA . -45.42 9.74 6.90
C5 NAG PA . -45.28 10.11 5.43
C6 NAG PA . -45.62 11.58 5.14
C7 NAG PA . -43.46 5.70 6.06
C8 NAG PA . -44.46 4.77 6.70
N2 NAG PA . -43.09 6.75 6.79
O3 NAG PA . -45.00 7.97 8.50
O4 NAG PA . -46.81 9.82 7.29
O5 NAG PA . -43.94 9.90 4.99
O6 NAG PA . -47.03 11.77 5.12
O7 NAG PA . -43.02 5.46 4.95
C1 NAG PA . -46.99 10.72 8.39
C2 NAG PA . -48.48 10.98 8.58
C3 NAG PA . -48.68 11.99 9.69
C4 NAG PA . -48.02 11.45 10.96
C5 NAG PA . -46.54 11.18 10.68
C6 NAG PA . -45.84 10.59 11.90
C7 NAG PA . -49.82 10.71 6.56
C8 NAG PA . -50.92 11.41 5.82
N2 NAG PA . -49.09 11.49 7.36
O3 NAG PA . -50.08 12.20 9.90
O4 NAG PA . -48.17 12.39 12.04
O5 NAG PA . -46.42 10.26 9.61
O6 NAG PA . -46.48 9.36 12.25
O7 NAG PA . -49.61 9.51 6.45
C1 BMA PA . -49.01 11.82 13.07
C2 BMA PA . -49.99 12.87 13.58
C3 BMA PA . -50.87 12.26 14.67
C4 BMA PA . -51.55 11.02 14.13
C5 BMA PA . -50.52 10.03 13.60
C6 BMA PA . -51.19 8.82 12.98
O2 BMA PA . -50.82 13.34 12.50
O3 BMA PA . -51.86 13.22 15.07
O4 BMA PA . -52.31 10.40 15.18
O5 BMA PA . -49.70 10.66 12.61
O6 BMA PA . -51.97 9.25 11.85
C1 NAG QA . -22.51 -1.76 24.93
C2 NAG QA . -21.27 -2.63 25.21
C3 NAG QA . -20.90 -2.57 26.68
C4 NAG QA . -20.73 -1.12 27.13
C5 NAG QA . -22.00 -0.34 26.81
C6 NAG QA . -21.89 1.14 27.12
C7 NAG QA . -20.58 -4.68 24.08
C8 NAG QA . -20.94 -6.09 23.72
N2 NAG QA . -21.48 -3.99 24.78
O3 NAG QA . -19.70 -3.29 26.90
O4 NAG QA . -20.44 -1.07 28.52
O5 NAG QA . -22.27 -0.43 25.41
O6 NAG QA . -20.79 1.72 26.45
O7 NAG QA . -19.49 -4.19 23.77
C1 NAG QA . -19.24 -0.29 28.74
C2 NAG QA . -19.32 0.34 30.13
C3 NAG QA . -18.09 1.20 30.37
C4 NAG QA . -16.81 0.39 30.13
C5 NAG QA . -16.86 -0.35 28.79
C6 NAG QA . -15.75 -1.35 28.62
C7 NAG QA . -21.60 0.74 30.95
C8 NAG QA . -22.75 1.70 30.99
N2 NAG QA . -20.53 1.15 30.26
O3 NAG QA . -18.11 1.69 31.71
O4 NAG QA . -15.71 1.31 30.10
O5 NAG QA . -18.08 -1.11 28.68
O6 NAG QA . -16.26 -2.64 28.32
O7 NAG QA . -21.64 -0.35 31.50
C1 BMA QA . -14.67 0.97 31.04
C2 BMA QA . -13.45 1.81 30.68
C3 BMA QA . -12.29 1.45 31.60
C4 BMA QA . -12.70 1.55 33.08
C5 BMA QA . -14.04 0.81 33.34
C6 BMA QA . -14.58 1.04 34.75
O2 BMA QA . -13.71 3.18 30.90
O3 BMA QA . -11.16 2.29 31.37
O4 BMA QA . -11.69 0.96 33.87
O5 BMA QA . -15.04 1.24 32.39
O6 BMA QA . -15.12 2.37 34.86
C1 MAN QA . -9.99 1.48 31.19
C2 MAN QA . -8.91 2.00 32.15
C3 MAN QA . -8.55 3.40 31.72
C4 MAN QA . -7.98 3.36 30.31
C5 MAN QA . -9.03 2.78 29.35
C6 MAN QA . -8.46 2.51 27.97
O2 MAN QA . -7.72 1.19 32.01
O3 MAN QA . -7.61 4.02 32.62
O4 MAN QA . -7.63 4.66 29.90
O5 MAN QA . -9.53 1.51 29.84
O6 MAN QA . -7.37 1.61 28.10
C1 MAN QA . -6.92 1.03 33.21
C2 MAN QA . -6.20 -0.36 33.09
C3 MAN QA . -7.13 -1.49 33.48
C4 MAN QA . -7.76 -1.24 34.86
C5 MAN QA . -8.52 0.09 34.84
C6 MAN QA . -9.08 0.47 36.19
O2 MAN QA . -5.07 -0.44 33.97
O3 MAN QA . -6.44 -2.75 33.51
O4 MAN QA . -8.67 -2.29 35.17
O5 MAN QA . -7.64 1.18 34.44
O6 MAN QA . -9.72 1.74 36.06
C1 MAN QA . -14.28 3.20 35.70
C2 MAN QA . -14.10 2.50 37.07
C3 MAN QA . -15.47 2.52 37.81
C4 MAN QA . -15.97 3.95 38.00
C5 MAN QA . -16.08 4.62 36.61
C6 MAN QA . -16.44 6.10 36.71
O2 MAN QA . -13.17 3.24 37.86
O3 MAN QA . -15.55 1.70 39.03
O4 MAN QA . -17.25 3.95 38.61
O5 MAN QA . -14.83 4.50 35.87
O6 MAN QA . -16.15 6.73 35.45
C1 MAN QA . -14.78 2.20 40.15
C2 MAN QA . -13.60 1.22 40.37
C3 MAN QA . -14.14 -0.14 40.82
C4 MAN QA . -15.03 0.01 42.07
C5 MAN QA . -16.16 1.03 41.80
C6 MAN QA . -16.96 1.35 43.05
O2 MAN QA . -12.74 1.67 41.42
O3 MAN QA . -13.09 -1.07 41.07
O4 MAN QA . -15.61 -1.25 42.39
O5 MAN QA . -15.59 2.28 41.32
O6 MAN QA . -17.87 2.40 42.75
C1 MAN QA . -14.55 8.13 34.81
C2 MAN QA . -15.09 9.59 34.87
C3 MAN QA . -15.63 10.02 33.50
C4 MAN QA . -14.64 9.70 32.38
C5 MAN QA . -14.29 8.21 32.41
C6 MAN QA . -13.30 7.79 31.35
O2 MAN QA . -14.05 10.52 35.18
O3 MAN QA . -15.96 11.42 33.49
O4 MAN QA . -15.22 10.02 31.12
O5 MAN QA . -13.70 7.91 33.69
O6 MAN QA . -13.03 6.40 31.50
C1 NAG RA . -38.50 -20.84 -0.86
C2 NAG RA . -37.54 -21.49 -1.85
C3 NAG RA . -38.28 -22.43 -2.80
C4 NAG RA . -39.24 -23.36 -2.06
C5 NAG RA . -40.06 -22.61 -1.02
C6 NAG RA . -40.87 -23.51 -0.12
C7 NAG RA . -37.39 -19.59 -3.44
C8 NAG RA . -36.46 -18.63 -4.12
N2 NAG RA . -36.81 -20.47 -2.61
O3 NAG RA . -37.33 -23.21 -3.53
O4 NAG RA . -40.17 -23.84 -3.03
O5 NAG RA . -39.19 -21.85 -0.16
O6 NAG RA . -41.70 -22.75 0.75
O7 NAG RA . -38.61 -19.56 -3.63
C1 NAG RA . -40.17 -25.24 -3.36
C2 NAG RA . -41.30 -25.30 -4.37
C3 NAG RA . -41.47 -26.70 -4.93
C4 NAG RA . -40.14 -27.21 -5.49
C5 NAG RA . -39.07 -27.12 -4.41
C6 NAG RA . -37.70 -27.51 -4.90
C7 NAG RA . -43.18 -25.37 -2.77
C8 NAG RA . -44.46 -24.71 -2.34
N2 NAG RA . -42.55 -24.80 -3.81
O3 NAG RA . -42.45 -26.65 -5.97
O4 NAG RA . -40.23 -28.50 -6.08
O5 NAG RA . -38.96 -25.76 -3.95
O6 NAG RA . -36.93 -26.36 -5.22
O7 NAG RA . -42.74 -26.37 -2.20
C1 BMA RA . -40.98 -29.60 -5.48
C2 BMA RA . -42.42 -29.66 -6.04
C3 BMA RA . -43.11 -30.88 -5.45
C4 BMA RA . -42.44 -32.11 -6.00
C5 BMA RA . -41.04 -32.13 -5.36
C6 BMA RA . -40.23 -33.33 -5.81
O2 BMA RA . -42.35 -29.79 -7.45
O3 BMA RA . -44.55 -30.94 -5.55
O4 BMA RA . -43.16 -33.28 -5.63
O5 BMA RA . -40.30 -30.87 -5.68
O6 BMA RA . -41.07 -34.50 -5.68
C1 NAG SA . -28.98 -2.66 35.03
C2 NAG SA . -30.30 -2.73 35.77
C3 NAG SA . -31.03 -1.41 35.65
C4 NAG SA . -30.13 -0.27 36.13
C5 NAG SA . -28.81 -0.29 35.38
C6 NAG SA . -27.82 0.76 35.87
C7 NAG SA . -31.15 -5.03 35.58
C8 NAG SA . -31.90 -5.97 34.70
N2 NAG SA . -31.15 -3.76 35.19
O3 NAG SA . -32.23 -1.44 36.43
O4 NAG SA . -30.81 0.98 35.93
O5 NAG SA . -28.19 -1.56 35.50
O6 NAG SA . -27.43 0.43 37.22
O7 NAG SA . -30.57 -5.41 36.59
C1 NAG SA . -30.91 1.68 37.19
C2 NAG SA . -31.93 2.80 37.10
C3 NAG SA . -31.98 3.56 38.42
C4 NAG SA . -32.28 2.59 39.55
C5 NAG SA . -31.25 1.45 39.55
C6 NAG SA . -31.54 0.40 40.60
C7 NAG SA . -30.41 4.13 35.64
C8 NAG SA . -30.08 3.90 34.18
N2 NAG SA . -31.64 3.72 36.00
O3 NAG SA . -32.98 4.57 38.34
O4 NAG SA . -32.22 3.28 40.80
O5 NAG SA . -31.22 0.81 38.28
O6 NAG SA . -32.76 -0.27 40.26
O7 NAG SA . -29.62 4.65 36.39
C1 BMA SA . -33.51 3.30 41.43
C2 BMA SA . -33.33 3.59 42.92
C3 BMA SA . -34.69 3.60 43.61
C4 BMA SA . -35.59 4.60 42.91
C5 BMA SA . -35.70 4.26 41.43
C6 BMA SA . -36.56 5.29 40.71
O2 BMA SA . -32.69 4.87 43.08
O3 BMA SA . -34.52 3.98 44.99
O4 BMA SA . -36.89 4.55 43.51
O5 BMA SA . -34.40 4.24 40.84
O6 BMA SA . -35.94 6.58 40.82
C1 NAG TA . -8.43 -6.66 43.77
C2 NAG TA . -9.00 -5.29 44.13
C3 NAG TA . -7.87 -4.29 44.26
C4 NAG TA . -6.85 -4.77 45.28
C5 NAG TA . -6.36 -6.17 44.87
C6 NAG TA . -5.39 -6.77 45.89
C7 NAG TA . -11.23 -5.03 43.20
C8 NAG TA . -11.98 -4.94 41.89
N2 NAG TA . -9.93 -4.82 43.12
O3 NAG TA . -8.40 -3.02 44.66
O4 NAG TA . -5.75 -3.86 45.33
O5 NAG TA . -7.47 -7.06 44.74
O6 NAG TA . -4.75 -7.90 45.30
O7 NAG TA . -11.79 -5.29 44.25
C1 NAG TA . -5.67 -3.29 46.66
C2 NAG TA . -4.27 -2.84 46.98
C3 NAG TA . -4.22 -2.31 48.41
C4 NAG TA . -5.24 -1.18 48.54
C5 NAG TA . -6.63 -1.71 48.16
C6 NAG TA . -7.68 -0.61 48.23
C7 NAG TA . -2.61 -4.10 45.72
C8 NAG TA . -1.68 -5.27 45.72
N2 NAG TA . -3.32 -3.92 46.84
O3 NAG TA . -2.90 -1.83 48.68
O4 NAG TA . -5.23 -0.70 49.90
O5 NAG TA . -6.60 -2.22 46.83
O6 NAG TA . -7.38 0.39 47.26
O7 NAG TA . -2.72 -3.36 44.76
C1 BMA TA . -4.81 0.67 49.93
C2 BMA TA . -3.83 0.90 51.07
C3 BMA TA . -3.41 2.37 51.09
C4 BMA TA . -2.84 2.75 49.74
C5 BMA TA . -3.85 2.45 48.64
C6 BMA TA . -3.26 2.76 47.27
O2 BMA TA . -2.67 0.07 50.91
O3 BMA TA . -2.43 2.57 52.11
O4 BMA TA . -2.52 4.14 49.73
O5 BMA TA . -4.23 1.08 48.68
O6 BMA TA . -4.22 2.40 46.27
C1 NAG UA . -27.84 -9.20 39.21
C2 NAG UA . -26.90 -8.24 39.92
C3 NAG UA . -26.20 -9.00 41.04
C4 NAG UA . -27.25 -9.61 41.97
C5 NAG UA . -28.18 -10.51 41.16
C6 NAG UA . -29.30 -11.10 42.00
C7 NAG UA . -26.08 -6.57 38.34
C8 NAG UA . -24.93 -6.13 37.50
N2 NAG UA . -25.91 -7.72 39.00
O3 NAG UA . -25.36 -8.10 41.76
O4 NAG UA . -26.59 -10.39 42.98
O5 NAG UA . -28.79 -9.76 40.11
O6 NAG UA . -30.12 -10.04 42.51
O7 NAG UA . -27.11 -5.92 38.41
C1 NAG UA . -26.77 -9.79 44.27
C2 NAG UA . -26.78 -10.87 45.35
C3 NAG UA . -26.97 -10.24 46.71
C4 NAG UA . -25.90 -9.19 46.95
C5 NAG UA . -25.92 -8.17 45.83
C6 NAG UA . -24.81 -7.14 45.98
C7 NAG UA . -27.61 -13.04 44.63
C8 NAG UA . -28.47 -14.13 45.19
N2 NAG UA . -27.85 -11.83 45.13
O3 NAG UA . -26.91 -11.30 47.68
O4 NAG UA . -26.13 -8.50 48.19
O5 NAG UA . -25.76 -8.82 44.56
O6 NAG UA . -23.55 -7.80 45.86
O7 NAG UA . -26.77 -13.25 43.78
C1 BMA UA . -25.27 -9.02 49.23
C2 BMA UA . -24.70 -7.90 50.07
C3 BMA UA . -23.78 -8.48 51.12
C4 BMA UA . -24.55 -9.51 51.95
C5 BMA UA . -25.13 -10.58 51.04
C6 BMA UA . -25.94 -11.60 51.82
O2 BMA UA . -25.78 -7.18 50.70
O3 BMA UA . -23.30 -7.44 51.98
O4 BMA UA . -23.67 -10.12 52.90
O5 BMA UA . -25.95 -9.97 50.04
O6 BMA UA . -27.13 -11.95 51.09
C1 MAN UA . -28.28 -11.49 51.83
C2 MAN UA . -29.34 -12.60 51.85
C3 MAN UA . -29.83 -12.86 50.43
C4 MAN UA . -30.38 -11.56 49.86
C5 MAN UA . -29.30 -10.49 49.92
C6 MAN UA . -29.75 -9.18 49.29
O2 MAN UA . -30.43 -12.22 52.68
O3 MAN UA . -30.86 -13.86 50.45
O4 MAN UA . -30.79 -11.76 48.51
O5 MAN UA . -28.85 -10.31 51.26
O6 MAN UA . -28.70 -8.21 49.44
C1 NAG VA . -46.11 -14.45 29.71
C2 NAG VA . -46.12 -14.91 31.15
C3 NAG VA . -46.97 -16.17 31.27
C4 NAG VA . -48.36 -15.96 30.67
C5 NAG VA . -48.29 -15.29 29.30
C6 NAG VA . -49.62 -14.75 28.82
C7 NAG VA . -44.15 -14.34 32.51
C8 NAG VA . -42.78 -14.75 32.91
N2 NAG VA . -44.78 -15.16 31.64
O3 NAG VA . -47.09 -16.52 32.66
O4 NAG VA . -48.96 -17.26 30.57
O5 NAG VA . -47.40 -14.16 29.31
O6 NAG VA . -50.28 -14.05 29.86
O7 NAG VA . -44.69 -13.33 32.94
C1 NAG VA . -50.40 -17.31 30.67
C2 NAG VA . -50.87 -18.24 29.56
C3 NAG VA . -52.39 -18.32 29.55
C4 NAG VA . -52.90 -18.73 30.93
C5 NAG VA . -52.33 -17.80 32.01
C6 NAG VA . -52.69 -18.22 33.40
C7 NAG VA . -49.28 -18.34 27.68
C8 NAG VA . -48.91 -17.78 26.34
N2 NAG VA . -50.37 -17.82 28.26
O3 NAG VA . -52.81 -19.26 28.58
O4 NAG VA . -54.32 -18.65 30.95
O5 NAG VA . -50.90 -17.77 31.94
O6 NAG VA . -52.20 -17.29 34.37
O7 NAG VA . -48.63 -19.23 28.22
C1 BMA VA . -54.85 -19.98 31.10
C2 BMA VA . -56.17 -19.90 31.87
C3 BMA VA . -56.61 -21.34 32.12
C4 BMA VA . -56.73 -22.17 30.78
C5 BMA VA . -55.48 -21.98 29.88
C6 BMA VA . -55.72 -22.42 28.45
O2 BMA VA . -57.18 -19.27 31.10
O3 BMA VA . -57.83 -21.42 32.90
O4 BMA VA . -56.89 -23.55 31.10
O5 BMA VA . -55.11 -20.58 29.84
O6 BMA VA . -55.91 -21.23 27.69
C1 MAN VA . -57.75 -21.91 34.29
C2 MAN VA . -56.95 -20.88 35.20
C3 MAN VA . -55.45 -21.12 35.20
C4 MAN VA . -55.08 -22.59 35.42
C5 MAN VA . -55.79 -23.50 34.39
C6 MAN VA . -55.60 -24.96 34.73
O2 MAN VA . -57.38 -20.96 36.57
O3 MAN VA . -54.81 -20.34 36.22
O4 MAN VA . -53.65 -22.75 35.31
O5 MAN VA . -57.21 -23.28 34.39
O6 MAN VA . -56.25 -25.75 33.72
C1 MAN VA . -58.73 -20.42 36.69
C2 MAN VA . -58.70 -18.88 36.39
C3 MAN VA . -58.04 -18.13 37.55
C4 MAN VA . -58.70 -18.52 38.89
C5 MAN VA . -58.61 -20.04 39.10
C6 MAN VA . -59.28 -20.50 40.38
O2 MAN VA . -60.03 -18.34 36.27
O3 MAN VA . -58.09 -16.72 37.37
O4 MAN VA . -58.05 -17.85 39.96
O5 MAN VA . -59.27 -20.70 37.98
O6 MAN VA . -60.69 -20.29 40.26
C1 MAN VA . -56.86 -21.44 26.60
C2 MAN VA . -56.94 -20.08 25.89
C3 MAN VA . -57.59 -19.07 26.82
C4 MAN VA . -58.97 -19.56 27.26
C5 MAN VA . -58.88 -20.95 27.92
C6 MAN VA . -60.24 -21.58 28.15
O2 MAN VA . -57.80 -20.16 24.75
O3 MAN VA . -57.69 -17.79 26.22
O4 MAN VA . -59.52 -18.64 28.21
O5 MAN VA . -58.13 -21.87 27.06
O6 MAN VA . -60.81 -21.86 26.87
C1 MAN VA . -61.52 -23.12 26.93
C2 MAN VA . -60.66 -24.19 26.17
C3 MAN VA . -60.76 -23.99 24.65
C4 MAN VA . -62.22 -23.90 24.21
C5 MAN VA . -62.92 -22.76 24.96
C6 MAN VA . -64.39 -22.63 24.62
O2 MAN VA . -61.14 -25.51 26.41
O3 MAN VA . -60.09 -25.01 23.94
O4 MAN VA . -62.29 -23.67 22.81
O5 MAN VA . -62.83 -23.01 26.39
O6 MAN VA . -64.94 -21.54 25.35
C1 NAG WA . -37.83 -28.62 21.83
C2 NAG WA . -38.43 -29.22 20.55
C3 NAG WA . -38.38 -30.75 20.60
C4 NAG WA . -36.97 -31.22 20.94
C5 NAG WA . -36.46 -30.52 22.19
C6 NAG WA . -35.03 -30.87 22.53
C7 NAG WA . -40.08 -27.53 19.89
C8 NAG WA . -41.54 -27.22 19.72
N2 NAG WA . -39.79 -28.76 20.32
O3 NAG WA . -38.78 -31.25 19.32
O4 NAG WA . -36.86 -32.61 21.25
O5 NAG WA . -36.52 -29.12 22.01
O6 NAG WA . -34.17 -30.57 21.43
O7 NAG WA . -39.21 -26.69 19.66
C1 NAG WA . -37.64 -33.67 20.71
C2 NAG WA . -36.81 -34.91 21.11
C3 NAG WA . -37.57 -36.21 20.86
C4 NAG WA . -38.96 -36.14 21.46
C5 NAG WA . -39.67 -34.95 20.85
C6 NAG WA . -41.09 -34.77 21.31
C7 NAG WA . -34.35 -34.97 21.04
C8 NAG WA . -33.14 -34.97 20.15
N2 NAG WA . -35.53 -34.92 20.41
O3 NAG WA . -36.84 -37.30 21.42
O4 NAG WA . -39.66 -37.36 21.25
O5 NAG WA . -38.95 -33.77 21.24
O6 NAG WA . -41.94 -34.38 20.23
O7 NAG WA . -34.26 -34.99 22.26
C1 BMA WA . -40.16 -38.00 22.47
C2 BMA WA . -39.02 -38.72 23.28
C3 BMA WA . -39.61 -39.40 24.52
C4 BMA WA . -40.56 -38.47 25.31
C5 BMA WA . -41.57 -37.75 24.37
C6 BMA WA . -42.42 -36.73 25.08
O2 BMA WA . -38.02 -37.83 23.77
O3 BMA WA . -38.54 -39.83 25.38
O4 BMA WA . -41.28 -39.21 26.29
O5 BMA WA . -40.83 -37.08 23.33
O6 BMA WA . -43.36 -36.21 24.14
C1 MAN WA . -38.73 -41.19 25.85
C2 MAN WA . -37.42 -41.57 26.60
C3 MAN WA . -36.30 -41.83 25.60
C4 MAN WA . -36.72 -42.89 24.56
C5 MAN WA . -37.98 -42.42 23.83
C6 MAN WA . -38.53 -43.47 22.88
O2 MAN WA . -37.57 -42.79 27.33
O3 MAN WA . -35.09 -42.23 26.24
O4 MAN WA . -35.67 -43.09 23.63
O5 MAN WA . -39.04 -42.11 24.79
O6 MAN WA . -39.78 -43.00 22.38
C1 NAG XA . -27.89 -25.24 29.95
C2 NAG XA . -26.95 -26.36 30.37
C3 NAG XA . -27.59 -27.72 30.13
C4 NAG XA . -28.94 -27.78 30.83
C5 NAG XA . -29.81 -26.62 30.38
C6 NAG XA . -31.13 -26.54 31.13
C7 NAG XA . -25.37 -26.50 28.46
C8 NAG XA . -24.14 -27.34 28.22
N2 NAG XA . -25.65 -26.25 29.74
O3 NAG XA . -26.72 -28.74 30.63
O4 NAG XA . -29.59 -29.01 30.50
O5 NAG XA . -29.14 -25.37 30.61
O6 NAG XA . -30.89 -26.25 32.50
O7 NAG XA . -26.03 -26.09 27.52
C1 NAG XA . -29.76 -29.83 31.68
C2 NAG XA . -30.98 -30.73 31.51
C3 NAG XA . -31.16 -31.57 32.77
C4 NAG XA . -29.89 -32.37 33.02
C5 NAG XA . -28.71 -31.41 33.13
C6 NAG XA . -27.39 -32.15 33.33
C7 NAG XA . -32.68 -29.75 30.07
C8 NAG XA . -34.04 -29.12 30.03
N2 NAG XA . -32.18 -29.95 31.30
O3 NAG XA . -32.28 -32.44 32.58
O4 NAG XA . -30.03 -33.14 34.22
O5 NAG XA . -28.61 -30.63 31.94
O6 NAG XA . -27.13 -32.96 32.17
O7 NAG XA . -32.09 -30.09 29.07
C1 BMA XA . -30.02 -34.54 33.91
C2 BMA XA . -31.09 -35.27 34.71
C3 BMA XA . -31.05 -36.75 34.39
C4 BMA XA . -31.20 -36.94 32.89
C5 BMA XA . -30.11 -36.17 32.15
C6 BMA XA . -30.30 -36.28 30.64
O2 BMA XA . -32.39 -34.73 34.38
O3 BMA XA . -32.13 -37.42 35.06
O4 BMA XA . -31.08 -38.34 32.57
O5 BMA XA . -30.17 -34.79 32.51
O6 BMA XA . -31.56 -35.70 30.29
C1 NAG YA . -39.20 -24.15 32.00
C2 NAG YA . -38.62 -24.56 33.35
C3 NAG YA . -39.37 -25.77 33.89
C4 NAG YA . -40.86 -25.45 33.98
C5 NAG YA . -41.35 -25.01 32.59
C6 NAG YA . -42.83 -24.61 32.58
C7 NAG YA . -36.29 -23.92 33.13
C8 NAG YA . -35.10 -24.25 32.30
N2 NAG YA . -37.21 -24.87 33.22
O3 NAG YA . -38.86 -26.10 35.19
O4 NAG YA . -41.57 -26.63 34.40
O5 NAG YA . -40.59 -23.89 32.13
O6 NAG YA . -43.26 -24.46 31.23
O7 NAG YA . -36.40 -22.84 33.71
C1 NAG YA . -42.28 -26.35 35.62
C2 NAG YA . -42.89 -27.64 36.15
C3 NAG YA . -43.67 -27.36 37.43
C4 NAG YA . -42.73 -26.73 38.45
C5 NAG YA . -42.12 -25.46 37.84
C6 NAG YA . -41.11 -24.80 38.76
C7 NAG YA . -44.59 -27.71 34.32
C8 NAG YA . -44.48 -28.16 32.90
N2 NAG YA . -43.74 -28.31 35.17
O3 NAG YA . -44.22 -28.58 37.92
O4 NAG YA . -43.45 -26.44 39.65
O5 NAG YA . -41.44 -25.79 36.62
O6 NAG YA . -39.98 -25.66 38.92
O7 NAG YA . -45.41 -26.88 34.67
C1 BMA YA . -42.84 -27.14 40.76
C2 BMA YA . -43.86 -27.99 41.52
C3 BMA YA . -43.18 -28.67 42.69
C4 BMA YA . -41.97 -29.47 42.20
C5 BMA YA . -41.03 -28.56 41.41
C6 BMA YA . -39.87 -29.34 40.82
O2 BMA YA . -44.42 -28.98 40.66
O3 BMA YA . -44.10 -29.55 43.34
O4 BMA YA . -41.29 -30.04 43.31
O5 BMA YA . -41.73 -27.93 40.35
O6 BMA YA . -40.18 -29.61 39.44
C1 MAN YA . -40.02 -31.00 39.15
C2 MAN YA . -39.68 -31.18 37.67
C3 MAN YA . -40.88 -30.76 36.83
C4 MAN YA . -42.10 -31.57 37.25
C5 MAN YA . -42.34 -31.38 38.74
C6 MAN YA . -43.54 -32.20 39.23
O2 MAN YA . -39.36 -32.54 37.40
O3 MAN YA . -40.60 -30.96 35.45
O4 MAN YA . -43.23 -31.14 36.48
O5 MAN YA . -41.18 -31.77 39.48
O6 MAN YA . -44.76 -31.59 38.78
C1 NAG ZA . -56.99 -11.51 30.30
C2 NAG ZA . -57.62 -11.64 31.68
C3 NAG ZA . -59.11 -11.75 31.51
C4 NAG ZA . -59.64 -10.55 30.75
C5 NAG ZA . -58.97 -10.46 29.40
C6 NAG ZA . -59.38 -9.22 28.61
C7 NAG ZA . -56.54 -13.87 31.91
C8 NAG ZA . -57.46 -14.98 31.49
N2 NAG ZA . -57.09 -12.78 32.43
O3 NAG ZA . -59.74 -11.87 32.80
O4 NAG ZA . -61.08 -10.71 30.70
O5 NAG ZA . -57.56 -10.39 29.63
O6 NAG ZA . -59.19 -8.07 29.44
O7 NAG ZA . -55.33 -13.99 31.79
C1 NAG ZA . -61.89 -9.55 31.05
C2 NAG ZA . -61.25 -8.58 32.06
C3 NAG ZA . -62.09 -7.31 32.24
C4 NAG ZA . -62.44 -6.68 30.90
C5 NAG ZA . -63.04 -7.71 29.95
C6 NAG ZA . -63.28 -7.12 28.55
C7 NAG ZA . -59.93 -8.96 34.05
C8 NAG ZA . -59.95 -9.39 35.49
N2 NAG ZA . -61.05 -9.18 33.36
O3 NAG ZA . -61.33 -6.37 33.01
O4 NAG ZA . -63.36 -5.59 31.08
O5 NAG ZA . -62.23 -8.87 29.84
O6 NAG ZA . -62.04 -7.03 27.85
O7 NAG ZA . -58.95 -8.45 33.54
C1 BMA ZA . -64.41 -5.91 32.02
C2 BMA ZA . -64.63 -4.74 32.95
C3 BMA ZA . -65.70 -5.10 33.97
C4 BMA ZA . -66.96 -5.53 33.25
C5 BMA ZA . -66.65 -6.68 32.30
C6 BMA ZA . -67.89 -7.09 31.52
O2 BMA ZA . -65.06 -3.60 32.19
O3 BMA ZA . -65.98 -3.97 34.80
O4 BMA ZA . -67.95 -5.93 34.20
O5 BMA ZA . -65.63 -6.30 31.39
O6 BMA ZA . -68.33 -5.98 30.73
C1 FUC ZA . -58.20 -7.18 28.89
C2 FUC ZA . -58.60 -5.75 29.25
C3 FUC ZA . -58.54 -5.55 30.75
C4 FUC ZA . -57.13 -5.88 31.23
C5 FUC ZA . -56.78 -7.30 30.81
C6 FUC ZA . -55.37 -7.67 31.25
O2 FUC ZA . -59.92 -5.46 28.77
O3 FUC ZA . -58.86 -4.20 31.08
O4 FUC ZA . -56.19 -4.95 30.66
O5 FUC ZA . -56.89 -7.43 29.39
C1 NAG AB . -29.90 1.44 26.53
C2 NAG AB . -28.65 2.32 26.44
C3 NAG AB . -28.81 3.52 27.35
C4 NAG AB . -30.07 4.29 26.99
C5 NAG AB . -31.26 3.34 27.07
C6 NAG AB . -32.57 4.00 26.67
C7 NAG AB . -26.66 0.96 25.99
C8 NAG AB . -26.30 1.70 24.74
N2 NAG AB . -27.47 1.59 26.84
O3 NAG AB . -27.63 4.33 27.21
O4 NAG AB . -30.28 5.41 27.87
O5 NAG AB . -31.05 2.21 26.22
O6 NAG AB . -32.57 4.20 25.26
O7 NAG AB . -26.26 -0.17 26.21
C1 NAG AB . -29.83 6.64 27.25
C2 NAG AB . -30.78 7.79 27.52
C3 NAG AB . -30.28 9.07 26.88
C4 NAG AB . -28.86 9.37 27.34
C5 NAG AB . -27.96 8.15 27.07
C6 NAG AB . -26.55 8.32 27.61
C7 NAG AB . -32.57 7.56 25.82
C8 NAG AB . -33.85 8.31 25.61
N2 NAG AB . -32.13 7.50 27.08
O3 NAG AB . -31.14 10.15 27.23
O4 NAG AB . -28.35 10.50 26.62
O5 NAG AB . -28.51 6.99 27.67
O6 NAG AB . -25.82 9.28 26.82
O7 NAG AB . -31.98 7.04 24.88
C1 BMA AB . -28.20 11.65 27.49
C2 BMA AB . -28.55 12.91 26.71
C3 BMA AB . -28.38 14.13 27.60
C4 BMA AB . -29.22 13.95 28.85
C5 BMA AB . -28.84 12.65 29.56
C6 BMA AB . -29.73 12.42 30.78
O2 BMA AB . -29.90 12.83 26.24
O3 BMA AB . -28.81 15.29 26.89
O4 BMA AB . -28.99 15.06 29.73
O5 BMA AB . -28.99 11.55 28.67
O6 BMA AB . -29.39 11.17 31.39
C1 NAG BB . 5.52 47.09 2.74
C2 NAG BB . 5.79 47.36 1.24
C3 NAG BB . 6.29 48.78 1.04
C4 NAG BB . 5.34 49.79 1.66
C5 NAG BB . 5.16 49.45 3.14
C6 NAG BB . 4.18 50.34 3.84
C7 NAG BB . 6.40 45.30 0.06
C8 NAG BB . 7.52 44.44 -0.45
N2 NAG BB . 6.76 46.40 0.71
O3 NAG BB . 6.42 49.04 -0.36
O4 NAG BB . 5.88 51.10 1.56
O5 NAG BB . 4.64 48.10 3.25
O6 NAG BB . 2.84 50.00 3.51
O7 NAG BB . 5.22 45.00 -0.11
C1 NAG BB . 5.11 51.93 0.65
C2 NAG BB . 5.41 53.39 0.99
C3 NAG BB . 4.69 54.31 0.02
C4 NAG BB . 5.03 53.94 -1.43
C5 NAG BB . 4.73 52.46 -1.66
C6 NAG BB . 5.14 51.99 -3.04
C7 NAG BB . 5.79 53.48 3.41
C8 NAG BB . 5.21 53.83 4.75
N2 NAG BB . 5.00 53.67 2.36
O3 NAG BB . 5.09 55.66 0.26
O4 NAG BB . 4.24 54.72 -2.32
O5 NAG BB . 5.49 51.67 -0.72
O6 NAG BB . 6.55 52.02 -3.20
O7 NAG BB . 6.92 53.02 3.30
C1 BMA BB . 5.08 55.64 -3.06
C2 BMA BB . 4.22 56.17 -4.22
C3 BMA BB . 4.99 57.24 -5.00
C4 BMA BB . 5.58 58.29 -4.08
C5 BMA BB . 6.39 57.65 -2.93
C6 BMA BB . 6.84 58.67 -1.91
O2 BMA BB . 3.04 56.80 -3.73
O3 BMA BB . 4.16 57.88 -5.95
O4 BMA BB . 6.44 59.14 -4.84
O5 BMA BB . 5.55 56.70 -2.25
O6 BMA BB . 8.24 58.55 -1.71
C1 NAG CB . 34.60 -22.09 30.23
C2 NAG CB . 34.46 -23.47 30.88
C3 NAG CB . 35.62 -23.70 31.83
C4 NAG CB . 36.93 -23.55 31.06
C5 NAG CB . 36.98 -22.17 30.39
C6 NAG CB . 38.24 -21.98 29.56
C7 NAG CB . 32.58 -22.72 32.34
C8 NAG CB . 31.11 -22.58 32.10
N2 NAG CB . 33.20 -23.64 31.60
O3 NAG CB . 35.52 -25.01 32.39
O4 NAG CB . 38.06 -23.72 31.94
O5 NAG CB . 35.85 -22.01 29.55
O6 NAG CB . 38.23 -22.91 28.47
O7 NAG CB . 33.15 -22.04 33.19
C1 NAG CB . 38.78 -24.91 31.58
C2 NAG CB . 39.29 -25.56 32.85
C3 NAG CB . 40.02 -26.86 32.52
C4 NAG CB . 39.09 -27.78 31.73
C5 NAG CB . 38.58 -27.05 30.50
C6 NAG CB . 37.56 -27.89 29.74
C7 NAG CB . 41.11 -23.89 33.10
C8 NAG CB . 40.98 -22.43 33.43
N2 NAG CB . 40.17 -24.68 33.62
O3 NAG CB . 40.44 -27.47 33.75
O4 NAG CB . 39.78 -28.98 31.34
O5 NAG CB . 37.94 -25.82 30.87
O6 NAG CB . 36.39 -28.06 30.54
O7 NAG CB . 42.04 -24.31 32.42
C1 BMA CB . 39.30 -30.06 32.16
C2 BMA CB . 39.36 -31.36 31.39
C3 BMA CB . 38.81 -32.47 32.27
C4 BMA CB . 39.62 -32.54 33.56
C5 BMA CB . 39.55 -31.18 34.26
C6 BMA CB . 40.44 -31.15 35.50
O2 BMA CB . 40.71 -31.65 31.00
O3 BMA CB . 38.87 -33.74 31.59
O4 BMA CB . 39.08 -33.54 34.42
O5 BMA CB . 40.04 -30.18 33.36
O6 BMA CB . 41.80 -31.30 35.09
C1 NAG DB . 39.05 -17.14 22.64
C2 NAG DB . 40.35 -17.11 21.85
C3 NAG DB . 40.54 -18.43 21.12
C4 NAG DB . 40.43 -19.61 22.08
C5 NAG DB . 39.18 -19.49 22.97
C6 NAG DB . 39.17 -20.50 24.10
C7 NAG DB . 41.42 -15.20 20.74
C8 NAG DB . 41.27 -14.10 19.73
N2 NAG DB . 40.36 -15.99 20.91
O3 NAG DB . 41.82 -18.42 20.50
O4 NAG DB . 40.28 -20.82 21.34
O5 NAG DB . 39.10 -18.19 23.58
O6 NAG DB . 40.46 -21.06 24.31
O7 NAG DB . 42.47 -15.36 21.37
C1 NAG DB . 41.54 -21.37 20.93
C2 NAG DB . 41.40 -22.89 20.93
C3 NAG DB . 42.70 -23.53 20.45
C4 NAG DB . 43.09 -22.95 19.09
C5 NAG DB . 43.11 -21.42 19.15
C6 NAG DB . 43.34 -20.77 17.81
C7 NAG DB . 39.80 -23.71 22.60
C8 NAG DB . 39.62 -24.22 23.99
N2 NAG DB . 41.06 -23.39 22.25
O3 NAG DB . 42.43 -24.92 20.35
O4 NAG DB . 44.37 -23.35 18.60
O5 NAG DB . 41.85 -20.93 19.63
O6 NAG DB . 42.54 -19.61 17.65
O7 NAG DB . 38.87 -23.59 21.82
C1 BMA DB . 45.14 -24.37 19.29
C2 BMA DB . 44.83 -25.70 18.64
C3 BMA DB . 45.52 -26.78 19.44
C4 BMA DB . 47.07 -26.53 19.46
C5 BMA DB . 47.38 -25.06 19.88
C6 BMA DB . 48.82 -24.67 19.58
O2 BMA DB . 45.36 -25.75 17.32
O3 BMA DB . 45.07 -28.10 18.96
O4 BMA DB . 47.71 -27.37 20.40
O5 BMA DB . 46.53 -24.12 19.18
O6 BMA DB . 49.68 -25.59 20.23
C1 MAN DB . 46.09 -29.06 18.60
C2 MAN DB . 45.68 -29.75 17.26
C3 MAN DB . 44.52 -30.71 17.49
C4 MAN DB . 44.84 -31.69 18.63
C5 MAN DB . 45.15 -30.90 19.90
C6 MAN DB . 45.53 -31.79 21.06
O2 MAN DB . 46.77 -30.56 16.80
O3 MAN DB . 44.18 -31.43 16.30
O4 MAN DB . 43.73 -32.54 18.86
O5 MAN DB . 46.27 -30.01 19.65
O6 MAN DB . 45.58 -31.00 22.25
C1 NAG EB . 28.21 -27.27 25.49
C2 NAG EB . 28.20 -26.74 26.92
C3 NAG EB . 29.33 -27.39 27.71
C4 NAG EB . 29.22 -28.92 27.64
C5 NAG EB . 29.18 -29.33 26.18
C6 NAG EB . 28.99 -30.84 26.01
C7 NAG EB . 27.31 -24.47 27.05
C8 NAG EB . 27.64 -23.01 27.03
N2 NAG EB . 28.35 -25.30 26.97
O3 NAG EB . 29.26 -26.92 29.05
O4 NAG EB . 30.37 -29.52 28.24
O5 NAG EB . 28.13 -28.69 25.48
O6 NAG EB . 29.19 -31.20 24.64
O7 NAG EB . 26.16 -24.88 27.12
C1 NAG EB . 30.12 -29.99 29.58
C2 NAG EB . 30.79 -31.35 29.77
C3 NAG EB . 30.57 -31.84 31.20
C4 NAG EB . 31.19 -30.80 32.14
C5 NAG EB . 30.51 -29.45 31.89
C6 NAG EB . 31.04 -28.33 32.77
C7 NAG EB . 31.08 -33.12 28.14
C8 NAG EB . 32.28 -32.47 27.50
N2 NAG EB . 30.27 -32.32 28.83
O3 NAG EB . 31.13 -33.14 31.36
O4 NAG EB . 31.14 -31.20 33.52
O5 NAG EB . 30.72 -29.09 30.53
O6 NAG EB . 30.64 -28.54 34.13
O7 NAG EB . 30.87 -34.32 28.05
C1 BMA EB . 32.43 -31.76 33.86
C2 BMA EB . 33.35 -30.79 34.58
C3 BMA EB . 34.75 -31.40 34.60
C4 BMA EB . 34.69 -32.76 35.25
C5 BMA EB . 33.70 -33.67 34.50
C6 BMA EB . 33.57 -35.04 35.14
O2 BMA EB . 32.89 -30.57 35.91
O3 BMA EB . 35.63 -30.55 35.36
O4 BMA EB . 36.00 -33.34 35.21
O5 BMA EB . 32.41 -33.04 34.49
O6 BMA EB . 34.76 -35.80 34.93
C1 NAG FB . 33.83 -15.46 40.94
C2 NAG FB . 33.22 -16.15 42.16
C3 NAG FB . 33.82 -15.57 43.44
C4 NAG FB . 35.33 -15.68 43.40
C5 NAG FB . 35.86 -15.00 42.13
C6 NAG FB . 37.38 -15.16 41.98
C7 NAG FB . 31.01 -15.00 41.95
C8 NAG FB . 30.40 -14.37 43.17
N2 NAG FB . 31.76 -16.09 42.17
O3 NAG FB . 33.30 -16.29 44.56
O4 NAG FB . 35.88 -15.06 44.56
O5 NAG FB . 35.26 -15.56 40.97
O6 NAG FB . 37.69 -16.54 41.80
O7 NAG FB . 30.80 -14.54 40.83
C1 NAG FB . 36.57 -16.06 45.35
C2 NAG FB . 37.60 -15.41 46.26
C3 NAG FB . 38.32 -16.49 47.05
C4 NAG FB . 37.30 -17.32 47.82
C5 NAG FB . 36.28 -17.90 46.84
C6 NAG FB . 35.22 -18.69 47.59
C7 NAG FB . 38.44 -13.33 45.31
C8 NAG FB . 39.47 -12.70 44.43
N2 NAG FB . 38.56 -14.64 45.50
O3 NAG FB . 39.23 -15.88 47.97
O4 NAG FB . 37.97 -18.38 48.50
O5 NAG FB . 35.66 -16.86 46.11
O6 NAG FB . 34.43 -17.80 48.37
O7 NAG FB . 37.54 -12.69 45.83
C1 NAG GB . 15.66 -10.23 32.94
C2 NAG GB . 14.78 -10.17 34.17
C3 NAG GB . 15.33 -9.18 35.17
C4 NAG GB . 16.77 -9.55 35.51
C5 NAG GB . 17.59 -9.62 34.22
C6 NAG GB . 19.04 -10.05 34.46
C7 NAG GB . 12.47 -10.68 33.54
C8 NAG GB . 11.48 -10.28 32.50
N2 NAG GB . 13.43 -9.78 33.82
O3 NAG GB . 14.53 -9.21 36.35
O4 NAG GB . 17.31 -8.55 36.39
O5 NAG GB . 17.01 -10.55 33.31
O6 NAG GB . 19.06 -11.41 34.91
O7 NAG GB . 12.43 -11.76 34.10
C1 NAG GB . 17.73 -9.18 37.62
C2 NAG GB . 19.04 -8.59 38.13
C3 NAG GB . 18.83 -7.43 39.09
C4 NAG GB . 17.72 -7.69 40.12
C5 NAG GB . 16.45 -8.31 39.54
C6 NAG GB . 15.53 -7.26 38.93
C7 NAG GB . 20.60 -10.45 38.09
C8 NAG GB . 21.89 -9.84 37.61
N2 NAG GB . 19.80 -9.63 38.78
O3 NAG GB . 18.55 -6.23 38.34
O4 NAG GB . 18.23 -8.57 41.13
O5 NAG GB . 16.72 -9.38 38.62
O6 NAG GB . 15.43 -6.14 39.82
O7 NAG GB . 20.30 -11.60 37.85
C1 BMA GB . 19.14 -7.86 41.98
C2 BMA GB . 18.76 -8.08 43.43
C3 BMA GB . 19.72 -7.31 44.32
C4 BMA GB . 21.14 -7.76 44.03
C5 BMA GB . 21.43 -7.55 42.55
C6 BMA GB . 22.84 -8.02 42.17
O2 BMA GB . 18.82 -9.48 43.74
O3 BMA GB . 19.42 -7.59 45.70
O4 BMA GB . 22.06 -6.99 44.81
O5 BMA GB . 20.49 -8.27 41.77
O6 BMA GB . 22.93 -8.06 40.75
C1 NAG HB . 10.23 35.26 23.05
C2 NAG HB . 9.44 34.67 24.22
C3 NAG HB . 7.96 34.88 23.93
C4 NAG HB . 7.67 36.36 23.67
C5 NAG HB . 8.54 36.86 22.53
C6 NAG HB . 8.36 38.35 22.28
C7 NAG HB . 10.60 32.73 25.12
C8 NAG HB . 10.83 31.25 24.94
N2 NAG HB . 9.66 33.25 24.34
O3 NAG HB . 7.19 34.42 25.06
O4 NAG HB . 6.27 36.50 23.36
O5 NAG HB . 9.91 36.63 22.83
O6 NAG HB . 8.79 39.09 23.43
O7 NAG HB . 11.23 33.39 25.94
C1 NAG HB . 5.59 37.37 24.31
C2 NAG HB . 4.40 38.10 23.69
C3 NAG HB . 3.84 39.09 24.70
C4 NAG HB . 3.50 38.37 25.99
C5 NAG HB . 4.72 37.62 26.52
C6 NAG HB . 4.36 36.81 27.76
C7 NAG HB . 4.48 38.31 21.28
C8 NAG HB . 3.64 39.21 20.42
N2 NAG HB . 4.78 38.79 22.48
O3 NAG HB . 2.65 39.67 24.14
O4 NAG HB . 3.05 39.29 27.00
O5 NAG HB . 5.22 36.72 25.54
O6 NAG HB . 5.56 36.27 28.34
O7 NAG HB . 4.86 37.21 20.89
C1 NAG IB . 15.46 41.39 9.78
C2 NAG IB . 16.58 41.25 10.81
C3 NAG IB . 17.45 42.51 10.82
C4 NAG IB . 17.91 42.89 9.41
C5 NAG IB . 16.71 42.93 8.46
C6 NAG IB . 17.10 43.15 7.02
C7 NAG IB . 15.84 39.75 12.60
C8 NAG IB . 15.29 39.66 13.98
N2 NAG IB . 16.05 40.98 12.13
O3 NAG IB . 18.58 42.29 11.65
O4 NAG IB . 18.50 44.18 9.45
O5 NAG IB . 16.02 41.67 8.50
O6 NAG IB . 17.99 42.13 6.56
O7 NAG IB . 16.07 38.75 11.93
C1 NAG IB . 19.86 44.14 8.99
C2 NAG IB . 20.12 45.44 8.23
C3 NAG IB . 21.56 45.47 7.73
C4 NAG IB . 22.52 45.27 8.90
C5 NAG IB . 22.17 43.99 9.66
C6 NAG IB . 22.99 43.79 10.90
C7 NAG IB . 18.29 46.58 7.08
C8 NAG IB . 17.41 46.61 5.86
N2 NAG IB . 19.20 45.61 7.13
O3 NAG IB . 21.81 46.72 7.09
O4 NAG IB . 23.87 45.18 8.43
O5 NAG IB . 20.80 44.02 10.07
O6 NAG IB . 22.43 42.79 11.75
O7 NAG IB . 18.17 47.40 7.98
C1 BMA IB . 24.50 46.47 8.61
C2 BMA IB . 26.00 46.24 8.88
C3 BMA IB . 26.68 47.60 9.03
C4 BMA IB . 26.32 48.57 7.87
C5 BMA IB . 24.80 48.62 7.64
C6 BMA IB . 24.42 49.41 6.40
O2 BMA IB . 26.61 45.58 7.78
O3 BMA IB . 28.09 47.47 9.10
O4 BMA IB . 26.78 49.88 8.17
O5 BMA IB . 24.31 47.28 7.47
O6 BMA IB . 23.04 49.13 6.08
C1 NAG JB . 29.12 13.49 11.31
C2 NAG JB . 28.67 12.14 10.66
C3 NAG JB . 29.82 11.17 10.39
C4 NAG JB . 30.73 11.80 9.36
C5 NAG JB . 31.15 13.11 9.99
C6 NAG JB . 32.02 13.90 9.02
C7 NAG JB . 26.50 11.27 10.84
C8 NAG JB . 25.79 10.06 11.34
N2 NAG JB . 27.65 11.52 11.45
O3 NAG JB . 29.32 9.91 9.94
O4 NAG JB . 31.92 10.99 9.19
O5 NAG JB . 30.03 13.92 10.27
O6 NAG JB . 31.22 14.24 7.89
O7 NAG JB . 26.09 11.97 9.93
C1 NAG JB . 31.96 10.34 7.91
C2 NAG JB . 33.39 10.34 7.39
C3 NAG JB . 33.50 9.60 6.05
C4 NAG JB . 32.94 8.20 6.20
C5 NAG JB . 31.52 8.27 6.76
C6 NAG JB . 30.93 6.89 7.00
C7 NAG JB . 33.69 12.51 6.23
C8 NAG JB . 34.90 13.20 5.68
N2 NAG JB . 33.93 11.68 7.26
O3 NAG JB . 34.87 9.55 5.66
O4 NAG JB . 32.88 7.58 4.90
O5 NAG JB . 31.48 9.00 7.99
O6 NAG JB . 30.42 6.36 5.77
O7 NAG JB . 32.58 12.72 5.77
C1 BMA JB . 33.90 6.57 4.79
C2 BMA JB . 33.27 5.34 4.14
C3 BMA JB . 34.31 4.26 3.93
C4 BMA JB . 35.45 4.82 3.09
C5 BMA JB . 36.02 6.08 3.77
C6 BMA JB . 37.09 6.73 2.93
O2 BMA JB . 32.68 5.70 2.90
O3 BMA JB . 33.68 3.17 3.24
O4 BMA JB . 36.49 3.85 2.96
O5 BMA JB . 34.98 7.04 3.99
O6 BMA JB . 36.47 7.51 1.90
C1 MAN JB . 37.14 7.43 0.60
C2 MAN JB . 38.67 7.65 0.53
C3 MAN JB . 38.95 9.16 0.67
C4 MAN JB . 38.25 9.94 -0.44
C5 MAN JB . 36.72 9.67 -0.36
C6 MAN JB . 35.97 10.29 -1.52
O2 MAN JB . 39.14 7.21 -0.74
O3 MAN JB . 40.36 9.53 0.85
O4 MAN JB . 38.47 11.33 -0.26
O5 MAN JB . 36.46 8.23 -0.38
O6 MAN JB . 34.67 9.69 -1.59
C1 MAN JB . 41.21 9.34 -0.31
C2 MAN JB . 42.16 8.16 0.00
C3 MAN JB . 43.11 8.56 1.12
C4 MAN JB . 43.86 9.87 0.77
C5 MAN JB . 42.85 10.98 0.42
C6 MAN JB . 43.54 12.23 -0.11
O2 MAN JB . 42.99 7.85 -1.12
O3 MAN JB . 44.05 7.53 1.42
O4 MAN JB . 44.65 10.28 1.88
O5 MAN JB . 41.93 10.53 -0.61
O6 MAN JB . 42.53 13.15 -0.54
C1 MAN JB . 34.61 8.88 -2.78
C2 MAN JB . 33.79 9.63 -3.86
C3 MAN JB . 32.30 9.60 -3.54
C4 MAN JB . 31.82 8.18 -3.17
C5 MAN JB . 32.68 7.63 -2.02
C6 MAN JB . 32.31 6.22 -1.61
O2 MAN JB . 33.90 9.00 -5.15
O3 MAN JB . 31.51 10.12 -4.61
O4 MAN JB . 30.46 8.21 -2.77
O5 MAN JB . 34.06 7.60 -2.46
O6 MAN JB . 33.19 5.81 -0.57
C1 MAN JB . 33.63 2.02 4.11
C2 MAN JB . 33.49 0.75 3.28
C3 MAN JB . 32.09 0.70 2.66
C4 MAN JB . 31.05 0.81 3.76
C5 MAN JB . 31.27 2.08 4.57
C6 MAN JB . 30.27 2.16 5.73
O2 MAN JB . 33.70 -0.40 4.11
O3 MAN JB . 31.94 -0.54 1.96
O4 MAN JB . 29.74 0.85 3.16
O5 MAN JB . 32.60 2.09 5.10
O6 MAN JB . 30.52 3.34 6.48
C1 NAG KB . 4.76 26.41 32.47
C2 NAG KB . 3.31 25.96 32.64
C3 NAG KB . 2.65 26.66 33.83
C4 NAG KB . 3.54 26.66 35.07
C5 NAG KB . 4.98 27.01 34.73
C6 NAG KB . 5.94 26.82 35.89
C7 NAG KB . 2.31 27.39 30.89
C8 NAG KB . 1.49 27.41 29.63
N2 NAG KB . 2.55 26.18 31.42
O3 NAG KB . 1.41 26.02 34.12
O4 NAG KB . 3.06 27.69 35.92
O5 NAG KB . 5.46 26.19 33.66
O6 NAG KB . 7.24 27.27 35.55
O7 NAG KB . 2.74 28.43 31.39
C1 NAG KB . 2.47 27.34 37.18
C2 NAG KB . 2.14 28.72 37.73
C3 NAG KB . 1.43 28.61 39.08
C4 NAG KB . 0.22 27.70 38.97
C5 NAG KB . 0.65 26.35 38.41
C6 NAG KB . -0.52 25.43 38.17
C7 NAG KB . 4.39 29.28 38.61
C8 NAG KB . 5.51 30.28 38.57
N2 NAG KB . 3.33 29.56 37.84
O3 NAG KB . 1.03 29.92 39.48
O4 NAG KB . -0.53 27.60 40.18
O5 NAG KB . 1.29 26.54 37.13
O6 NAG KB . -0.91 25.43 36.80
O7 NAG KB . 4.44 28.27 39.30
C1 BMA KB . 0.11 27.44 41.49
C2 BMA KB . 0.30 28.81 42.18
C3 BMA KB . 0.86 28.56 43.57
C4 BMA KB . -0.18 27.87 44.39
C5 BMA KB . -0.32 26.46 43.79
C6 BMA KB . -1.36 25.64 44.53
O2 BMA KB . -0.96 29.44 42.28
O3 BMA KB . 1.47 29.69 44.25
O4 BMA KB . 0.21 27.79 45.75
O5 BMA KB . -0.67 26.55 42.34
O6 BMA KB . -1.09 25.77 45.93
C1 MAN KB . 0.64 30.86 44.34
C2 MAN KB . 1.43 31.99 43.65
C3 MAN KB . 2.67 32.34 44.47
C4 MAN KB . 2.30 32.57 45.95
C5 MAN KB . 1.54 31.37 46.50
C6 MAN KB . 1.08 31.54 47.93
O2 MAN KB . 0.67 33.19 43.58
O3 MAN KB . 3.36 33.46 43.95
O4 MAN KB . 3.49 32.77 46.72
O5 MAN KB . 0.36 31.16 45.69
O6 MAN KB . 0.59 30.29 48.40
C1 NAG LB . 40.56 16.66 13.74
C2 NAG LB . 41.48 17.72 14.31
C3 NAG LB . 41.69 18.83 13.28
C4 NAG LB . 42.17 18.26 11.95
C5 NAG LB . 41.22 17.17 11.48
C6 NAG LB . 41.70 16.48 10.21
C7 NAG LB . 41.08 17.90 16.71
C8 NAG LB . 40.22 18.56 17.75
N2 NAG LB . 40.88 18.33 15.47
O3 NAG LB . 42.65 19.77 13.80
O4 NAG LB . 42.19 19.33 10.99
O5 NAG LB . 41.04 16.17 12.48
O6 NAG LB . 40.66 15.64 9.70
O7 NAG LB . 41.90 17.05 16.99
C1 NAG LB . 43.53 19.53 10.50
C2 NAG LB . 43.47 20.38 9.23
C3 NAG LB . 44.87 20.58 8.69
C4 NAG LB . 45.74 21.21 9.77
C5 NAG LB . 45.71 20.34 11.02
C6 NAG LB . 46.52 20.93 12.18
C7 NAG LB . 41.35 20.02 8.08
C8 NAG LB . 40.58 19.07 7.21
N2 NAG LB . 42.65 19.74 8.21
O3 NAG LB . 44.81 21.41 7.53
O4 NAG LB . 47.08 21.36 9.29
O5 NAG LB . 44.38 20.15 11.46
O6 NAG LB . 45.88 22.14 12.60
O7 NAG LB . 40.84 20.98 8.62
C1 NAG LB . 47.41 22.76 9.20
C2 NAG LB . 48.93 22.95 9.21
C3 NAG LB . 49.26 24.42 9.15
C4 NAG LB . 48.60 25.04 7.93
C5 NAG LB . 47.09 24.78 7.96
C6 NAG LB . 46.39 25.31 6.71
C7 NAG LB . 50.04 21.14 10.41
C8 NAG LB . 50.57 20.67 11.73
N2 NAG LB . 49.52 22.36 10.40
O3 NAG LB . 50.67 24.60 9.08
O4 NAG LB . 48.86 26.44 7.92
O5 NAG LB . 46.85 23.38 8.05
O6 NAG LB . 46.46 26.74 6.66
O7 NAG LB . 50.08 20.45 9.40
C1 NAG MB . 44.65 -5.00 9.91
C2 NAG MB . 45.08 -4.16 8.72
C3 NAG MB . 44.91 -4.98 7.45
C4 NAG MB . 45.70 -6.28 7.57
C5 NAG MB . 45.24 -7.04 8.82
C6 NAG MB . 46.03 -8.31 9.06
C7 NAG MB . 44.64 -1.80 9.14
C8 NAG MB . 43.52 -0.84 9.44
N2 NAG MB . 44.27 -2.96 8.60
O3 NAG MB . 45.36 -4.22 6.33
O4 NAG MB . 45.47 -7.08 6.40
O5 NAG MB . 45.39 -6.21 9.97
O6 NAG MB . 47.39 -7.97 9.38
O7 NAG MB . 45.80 -1.54 9.36
C1 NAG MB . 46.71 -7.29 5.69
C2 NAG MB . 46.40 -7.96 4.35
C3 NAG MB . 47.70 -8.23 3.61
C4 NAG MB . 48.45 -6.93 3.43
C5 NAG MB . 48.69 -6.29 4.81
C6 NAG MB . 49.40 -4.94 4.74
C7 NAG MB . 46.01 -10.31 5.11
C8 NAG MB . 46.00 -11.53 4.24
N2 NAG MB . 45.61 -9.18 4.50
O3 NAG MB . 47.38 -8.81 2.33
O4 NAG MB . 49.70 -7.18 2.78
O5 NAG MB . 47.44 -6.09 5.48
O6 NAG MB . 50.77 -5.11 4.39
O7 NAG MB . 46.36 -10.38 6.28
C1 BMA MB . 49.69 -6.62 1.45
C2 BMA MB . 51.11 -6.31 1.00
C3 BMA MB . 51.09 -5.71 -0.39
C4 BMA MB . 50.37 -6.64 -1.33
C5 BMA MB . 48.97 -6.94 -0.81
C6 BMA MB . 48.24 -7.94 -1.71
O2 BMA MB . 51.88 -7.52 0.99
O3 BMA MB . 52.43 -5.49 -0.85
O4 BMA MB . 50.28 -6.05 -2.63
O5 BMA MB . 49.05 -7.48 0.51
O6 BMA MB . 46.95 -8.22 -1.14
C1 NAG NB . 43.53 13.15 19.39
C2 NAG NB . 44.40 12.60 18.26
C3 NAG NB . 45.38 11.57 18.81
C4 NAG NB . 46.15 12.12 20.01
C5 NAG NB . 45.20 12.72 21.03
C6 NAG NB . 45.92 13.44 22.14
C7 NAG NB . 43.27 12.67 16.08
C8 NAG NB . 42.41 11.90 15.10
N2 NAG NB . 43.58 12.02 17.21
O3 NAG NB . 46.28 11.22 17.75
O4 NAG NB . 46.87 11.07 20.66
O5 NAG NB . 44.36 13.70 20.40
O6 NAG NB . 46.37 14.73 21.73
O7 NAG NB . 43.64 13.81 15.85
C1 NAG NB . 48.15 10.84 20.03
C2 NAG NB . 49.17 10.37 21.06
C3 NAG NB . 50.51 10.14 20.38
C4 NAG NB . 50.36 9.21 19.18
C5 NAG NB . 49.20 9.62 18.27
C6 NAG NB . 48.87 8.56 17.24
C7 NAG NB . 49.77 12.54 22.09
C8 NAG NB . 49.83 13.32 23.37
N2 NAG NB . 49.30 11.29 22.17
O3 NAG NB . 51.42 9.61 21.33
O4 NAG NB . 51.53 9.28 18.38
O5 NAG NB . 47.99 9.84 19.03
O6 NAG NB . 47.50 8.64 16.85
O7 NAG NB . 50.14 13.02 21.02
C1 BMA NB . 52.53 8.35 18.81
C2 BMA NB . 53.19 7.79 17.56
C3 BMA NB . 54.43 6.97 17.94
C4 BMA NB . 55.32 7.68 18.99
C5 BMA NB . 54.46 8.24 20.14
C6 BMA NB . 55.27 9.15 21.07
O2 BMA NB . 53.66 8.85 16.75
O3 BMA NB . 55.18 6.71 16.74
O4 BMA NB . 56.25 6.76 19.51
O5 BMA NB . 53.44 9.05 19.61
O6 BMA NB . 55.71 10.27 20.29
C1 MAN NB . 55.79 5.40 16.75
C2 MAN NB . 56.46 5.23 15.34
C3 MAN NB . 55.41 4.90 14.29
C4 MAN NB . 54.62 3.68 14.72
C5 MAN NB . 53.88 4.01 16.03
C6 MAN NB . 53.07 2.85 16.55
O2 MAN NB . 57.37 4.12 15.33
O3 MAN NB . 55.99 4.70 13.01
O4 MAN NB . 53.68 3.32 13.73
O5 MAN NB . 54.84 4.36 17.04
O6 MAN NB . 53.26 2.79 17.97
C1 NAG OB . 37.00 29.07 31.08
C2 NAG OB . 38.32 28.61 31.65
C3 NAG OB . 38.39 28.96 33.13
C4 NAG OB . 38.08 30.45 33.37
C5 NAG OB . 36.85 30.90 32.59
C6 NAG OB . 36.72 32.41 32.51
C7 NAG OB . 39.37 26.68 30.56
C8 NAG OB . 39.45 25.19 30.49
N2 NAG OB . 38.51 27.19 31.45
O3 NAG OB . 39.68 28.64 33.63
O4 NAG OB . 37.87 30.59 34.77
O5 NAG OB . 36.89 30.45 31.23
O6 NAG OB . 37.96 33.00 32.17
O7 NAG OB . 40.06 27.41 29.84
C1 NAG OB . 38.23 31.88 35.34
C2 NAG OB . 37.07 32.26 36.27
C3 NAG OB . 37.33 33.63 36.87
C4 NAG OB . 38.69 33.66 37.55
C5 NAG OB . 39.79 33.19 36.59
C6 NAG OB . 41.15 33.07 37.25
C7 NAG OB . 34.96 31.19 35.62
C8 NAG OB . 33.69 31.34 34.84
N2 NAG OB . 35.80 32.24 35.56
O3 NAG OB . 36.31 33.94 37.81
O4 NAG OB . 38.99 34.98 37.99
O5 NAG OB . 39.46 31.89 36.07
O6 NAG OB . 42.15 32.70 36.31
O7 NAG OB . 35.21 30.19 36.28
C1 BMA OB . 39.01 35.01 39.43
C2 BMA OB . 39.99 36.07 39.90
C3 BMA OB . 40.07 35.96 41.41
C4 BMA OB . 38.67 36.10 42.10
C5 BMA OB . 37.60 35.21 41.40
C6 BMA OB . 36.19 35.61 41.76
O2 BMA OB . 39.53 37.38 39.59
O3 BMA OB . 41.04 36.87 41.99
O4 BMA OB . 38.77 35.73 43.48
O5 BMA OB . 37.72 35.33 39.96
O6 BMA OB . 35.67 36.35 40.65
C1 MAN OB . 42.30 36.33 42.55
C2 MAN OB . 43.20 35.71 41.39
C3 MAN OB . 42.89 34.26 41.09
C4 MAN OB . 42.78 33.39 42.35
C5 MAN OB . 41.77 33.99 43.35
C6 MAN OB . 41.83 33.25 44.67
O2 MAN OB . 44.61 35.77 41.75
O3 MAN OB . 43.89 33.70 40.24
O4 MAN OB . 42.40 32.05 41.98
O5 MAN OB . 42.07 35.36 43.64
O6 MAN OB . 40.84 33.83 45.54
C1 MAN OB . 45.05 37.16 41.73
C2 MAN OB . 45.01 37.69 40.26
C3 MAN OB . 46.14 37.08 39.44
C4 MAN OB . 47.50 37.24 40.15
C5 MAN OB . 47.43 36.63 41.56
C6 MAN OB . 48.71 36.80 42.35
O2 MAN OB . 45.22 39.12 40.21
O3 MAN OB . 46.22 37.62 38.12
O4 MAN OB . 48.53 36.62 39.40
O5 MAN OB . 46.35 37.26 42.30
O6 MAN OB . 48.88 38.19 42.64
C1 MAN OB . 34.76 37.40 41.06
C2 MAN OB . 34.31 38.08 39.76
C3 MAN OB . 35.49 38.79 39.14
C4 MAN OB . 36.10 39.81 40.13
C5 MAN OB . 36.48 39.11 41.44
C6 MAN OB . 36.85 40.11 42.53
O2 MAN OB . 33.36 39.11 40.03
O3 MAN OB . 35.16 39.44 37.92
O4 MAN OB . 37.26 40.39 39.55
O5 MAN OB . 35.36 38.33 41.96
O6 MAN OB . 35.66 40.83 42.87
C1 MAN OB . 35.64 41.06 44.30
C2 MAN OB . 34.57 40.10 44.92
C3 MAN OB . 33.16 40.60 44.62
C4 MAN OB . 33.01 42.08 45.01
C5 MAN OB . 34.05 42.92 44.26
C6 MAN OB . 33.99 44.39 44.63
O2 MAN OB . 34.67 40.07 46.35
O3 MAN OB . 32.17 39.82 45.29
O4 MAN OB . 31.71 42.53 44.69
O5 MAN OB . 35.37 42.44 44.60
O6 MAN OB . 34.99 45.08 43.89
C1 NAG PB . 26.47 17.91 41.10
C2 NAG PB . 26.91 19.09 41.96
C3 NAG PB . 27.26 18.61 43.38
C4 NAG PB . 26.13 17.77 43.96
C5 NAG PB . 25.74 16.66 42.99
C6 NAG PB . 24.55 15.87 43.47
C7 NAG PB . 27.90 20.60 40.31
C8 NAG PB . 29.16 21.25 39.82
N2 NAG PB . 28.03 19.79 41.36
O3 NAG PB . 27.50 19.76 44.18
O4 NAG PB . 26.45 17.08 45.17
O5 NAG PB . 25.40 17.23 41.73
O6 NAG PB . 23.43 16.71 43.69
O7 NAG PB . 26.82 20.81 39.76
C1 NAG PB . 27.34 17.52 46.18
C2 NAG PB . 26.97 16.58 47.36
C3 NAG PB . 27.96 16.69 48.51
C4 NAG PB . 29.38 16.54 48.00
C5 NAG PB . 29.61 17.63 46.97
C6 NAG PB . 31.02 17.64 46.40
C7 NAG PB . 24.65 15.97 47.87
C8 NAG PB . 23.31 16.44 48.39
N2 NAG PB . 25.61 16.88 47.83
O3 NAG PB . 27.67 15.68 49.47
O4 NAG PB . 30.31 16.61 49.08
O5 NAG PB . 28.72 17.38 45.88
O6 NAG PB . 31.48 18.97 46.22
O7 NAG PB . 24.83 14.80 47.52
C1 NAG QB . 32.56 8.62 34.10
C2 NAG QB . 32.66 7.25 34.77
C3 NAG QB . 32.51 7.39 36.29
C4 NAG QB . 33.54 8.38 36.82
C5 NAG QB . 33.40 9.70 36.09
C6 NAG QB . 34.46 10.73 36.50
C7 NAG QB . 30.39 6.56 34.01
C8 NAG QB . 29.86 5.95 32.75
N2 NAG QB . 31.69 6.30 34.26
O3 NAG QB . 32.68 6.10 36.89
O4 NAG QB . 33.33 8.57 38.22
O5 NAG QB . 33.52 9.50 34.68
O6 NAG QB . 35.75 10.27 36.08
O7 NAG QB . 29.68 7.23 34.74
C1 NAG QB . 34.45 8.05 38.95
C2 NAG QB . 34.95 9.06 39.98
C3 NAG QB . 34.23 8.96 41.31
C4 NAG QB . 34.06 7.52 41.78
C5 NAG QB . 33.58 6.54 40.69
C6 NAG QB . 32.06 6.57 40.50
C7 NAG QB . 37.26 9.38 39.32
C8 NAG QB . 38.37 8.45 38.91
N2 NAG QB . 36.37 8.87 40.16
O3 NAG QB . 32.96 9.62 41.22
O4 NAG QB . 35.29 7.04 42.31
O5 NAG QB . 34.28 6.72 39.44
O6 NAG QB . 31.43 6.58 41.78
O7 NAG QB . 37.17 10.51 38.89
C1 BMA QB . 35.07 6.64 43.67
C2 BMA QB . 36.20 7.16 44.54
C3 BMA QB . 35.97 6.74 45.98
C4 BMA QB . 34.60 7.23 46.44
C5 BMA QB . 33.52 6.71 45.51
C6 BMA QB . 32.16 7.25 45.90
O2 BMA QB . 36.27 8.59 44.45
O3 BMA QB . 36.98 7.30 46.81
O4 BMA QB . 34.36 6.77 47.78
O5 BMA QB . 33.81 7.10 44.17
O6 BMA QB . 32.18 8.68 45.78
C1 MAN QB . 38.05 6.34 46.93
C2 MAN QB . 37.99 5.70 48.31
C3 MAN QB . 38.33 6.74 49.37
C4 MAN QB . 39.69 7.35 49.05
C5 MAN QB . 39.70 7.94 47.64
C6 MAN QB . 41.06 8.49 47.26
O2 MAN QB . 38.93 4.61 48.37
O3 MAN QB . 38.37 6.13 50.65
O4 MAN QB . 39.98 8.37 50.02
O5 MAN QB . 39.34 6.92 46.69
O6 MAN QB . 41.35 9.66 48.03
C1 NAG RB . 35.82 18.32 37.55
C2 NAG RB . 36.55 16.98 37.49
C3 NAG RB . 37.37 16.79 38.76
C4 NAG RB . 38.33 17.96 38.94
C5 NAG RB . 37.52 19.27 38.95
C6 NAG RB . 38.42 20.50 39.01
C7 NAG RB . 35.20 15.41 36.18
C8 NAG RB . 36.26 14.98 35.22
N2 NAG RB . 35.61 15.88 37.36
O3 NAG RB . 38.09 15.56 38.66
O4 NAG RB . 39.04 17.84 40.17
O5 NAG RB . 36.75 19.37 37.76
O6 NAG RB . 37.62 21.66 39.21
O7 NAG RB . 34.01 15.35 35.89
C1 NAG RB . 40.43 17.60 39.90
C2 NAG RB . 41.34 18.24 40.95
C3 NAG RB . 42.79 18.03 40.54
C4 NAG RB . 43.03 16.53 40.42
C5 NAG RB . 42.08 15.97 39.38
C6 NAG RB . 42.25 14.46 39.19
C7 NAG RB . 40.30 20.10 42.11
C8 NAG RB . 40.34 21.59 42.33
N2 NAG RB . 41.08 19.64 41.13
O3 NAG RB . 43.66 18.62 41.50
O4 NAG RB . 44.40 16.29 40.05
O5 NAG RB . 40.74 16.21 39.80
O6 NAG RB . 41.90 13.78 40.40
O7 NAG RB . 39.61 19.36 42.79
C1 BMA RB . 45.07 15.56 41.10
C2 BMA RB . 46.46 16.11 41.34
C3 BMA RB . 47.17 15.27 42.39
C4 BMA RB . 46.32 15.23 43.65
C5 BMA RB . 44.93 14.70 43.33
C6 BMA RB . 44.06 14.71 44.57
O2 BMA RB . 46.37 17.47 41.81
O3 BMA RB . 48.44 15.84 42.68
O4 BMA RB . 46.93 14.38 44.63
O5 BMA RB . 44.32 15.51 42.32
O6 BMA RB . 44.18 16.00 45.20
C1 MAN RB . 49.47 14.98 42.14
C2 MAN RB . 50.69 15.01 43.03
C3 MAN RB . 51.35 16.39 42.95
C4 MAN RB . 51.66 16.71 41.50
C5 MAN RB . 50.40 16.61 40.66
C6 MAN RB . 50.68 16.87 39.18
O2 MAN RB . 51.63 14.02 42.61
O3 MAN RB . 52.55 16.39 43.72
O4 MAN RB . 52.20 18.03 41.40
O5 MAN RB . 49.82 15.31 40.79
O6 MAN RB . 49.46 16.79 38.45
C1 MAN RB . 42.88 16.47 45.58
C2 MAN RB . 42.50 17.63 44.68
C3 MAN RB . 43.44 18.81 44.93
C4 MAN RB . 43.38 19.17 46.41
C5 MAN RB . 43.74 17.94 47.24
C6 MAN RB . 43.66 18.27 48.74
O2 MAN RB . 41.14 18.03 44.94
O3 MAN RB . 43.04 19.94 44.14
O4 MAN RB . 44.32 20.23 46.68
O5 MAN RB . 42.85 16.87 46.95
O6 MAN RB . 44.03 17.10 49.48
C1 NAG SB . 40.55 39.81 31.06
C2 NAG SB . 41.62 39.90 32.15
C3 NAG SB . 42.14 41.32 32.25
C4 NAG SB . 42.62 41.79 30.88
C5 NAG SB . 41.51 41.62 29.84
C6 NAG SB . 42.01 41.98 28.45
C7 NAG SB . 41.18 38.21 33.85
C8 NAG SB . 42.57 37.64 33.87
N2 NAG SB . 41.10 39.47 33.44
O3 NAG SB . 43.23 41.34 33.17
O4 NAG SB . 43.05 43.16 30.90
O5 NAG SB . 41.04 40.28 29.81
O6 NAG SB . 43.01 41.03 28.05
O7 NAG SB . 40.21 37.57 34.20
C1 NAG SB . 42.13 44.00 31.64
C2 NAG SB . 42.92 45.06 32.41
C3 NAG SB . 41.96 45.92 33.21
C4 NAG SB . 40.96 46.55 32.25
C5 NAG SB . 40.23 45.44 31.49
C6 NAG SB . 39.24 45.98 30.47
C7 NAG SB . 45.16 44.26 32.93
C8 NAG SB . 45.92 45.47 32.49
N2 NAG SB . 43.89 44.47 33.30
O3 NAG SB . 42.69 46.93 33.90
O4 NAG SB . 40.02 47.38 32.97
O5 NAG SB . 41.19 44.65 30.79
O6 NAG SB . 39.95 46.72 29.46
O7 NAG SB . 45.66 43.15 32.96
C1 BMA SB . 40.16 48.74 32.53
C2 BMA SB . 40.16 49.69 33.71
C3 BMA SB . 40.28 51.12 33.21
C4 BMA SB . 41.50 51.26 32.33
C5 BMA SB . 41.45 50.25 31.18
C6 BMA SB . 42.70 50.31 30.33
O2 BMA SB . 41.28 49.40 34.57
O3 BMA SB . 40.38 52.02 34.32
O4 BMA SB . 41.57 52.58 31.78
O5 BMA SB . 41.32 48.93 31.72
O6 BMA SB . 42.64 49.29 29.32
C1 NAG TB . 33.36 21.44 10.13
C2 NAG TB . 33.10 20.96 8.71
C3 NAG TB . 34.30 21.23 7.83
C4 NAG TB . 34.61 22.73 7.87
C5 NAG TB . 34.83 23.15 9.32
C6 NAG TB . 35.10 24.65 9.46
C7 NAG TB . 31.56 19.07 8.68
C8 NAG TB . 31.37 17.70 9.23
N2 NAG TB . 32.81 19.55 8.68
O3 NAG TB . 34.02 20.81 6.50
O4 NAG TB . 35.74 23.03 7.06
O5 NAG TB . 33.67 22.83 10.10
O6 NAG TB . 33.94 25.37 9.04
O7 NAG TB . 30.63 19.74 8.25
C1 NAG TB . 35.30 23.88 5.97
C2 NAG TB . 36.47 24.55 5.27
C3 NAG TB . 35.93 25.50 4.20
C4 NAG TB . 35.04 24.73 3.24
C5 NAG TB . 33.93 24.04 4.03
C6 NAG TB . 33.03 23.19 3.14
C7 NAG TB . 38.36 24.77 6.78
C8 NAG TB . 38.85 25.46 8.01
N2 NAG TB . 37.28 25.29 6.21
O3 NAG TB . 37.04 26.09 3.52
O4 NAG TB . 34.45 25.63 2.29
O5 NAG TB . 34.49 23.19 5.03
O6 NAG TB . 31.97 22.64 3.93
O7 NAG TB . 38.91 23.78 6.32
C1 BMA TB . 35.03 25.42 1.00
C2 BMA TB . 33.92 25.53 -0.06
C3 BMA TB . 34.53 25.30 -1.44
C4 BMA TB . 35.66 26.28 -1.66
C5 BMA TB . 36.70 26.15 -0.55
C6 BMA TB . 37.81 27.17 -0.72
O2 BMA TB . 33.33 26.83 0.00
O3 BMA TB . 33.52 25.49 -2.44
O4 BMA TB . 36.28 26.03 -2.93
O5 BMA TB . 36.07 26.34 0.72
O6 BMA TB . 38.74 27.02 0.36
C1 NAG UB . -33.63 6.45 -36.16
C2 NAG UB . -33.31 6.47 -37.70
C3 NAG UB . -33.82 5.20 -38.37
C4 NAG UB . -33.05 4.03 -37.81
C5 NAG UB . -33.36 4.04 -36.33
C6 NAG UB . -32.75 2.88 -35.56
C7 NAG UB . -33.09 8.58 -38.86
C8 NAG UB . -33.80 9.69 -39.55
N2 NAG UB . -33.87 7.60 -38.40
O3 NAG UB . -33.62 5.31 -39.79
O4 NAG UB . -33.53 2.82 -38.39
O5 NAG UB . -32.90 5.27 -35.77
O6 NAG UB . -31.33 3.01 -35.50
O7 NAG UB . -31.88 8.56 -38.69
C1 NAG UB . -32.50 2.20 -39.18
C2 NAG UB . -32.76 0.69 -39.30
C3 NAG UB . -31.60 0.07 -40.06
C4 NAG UB . -31.47 0.74 -41.42
C5 NAG UB . -31.26 2.24 -41.20
C6 NAG UB . -31.15 3.00 -42.52
C7 NAG UB . -34.06 -0.16 -37.44
C8 NAG UB . -34.02 -0.86 -36.12
N2 NAG UB . -32.88 0.07 -38.01
O3 NAG UB . -31.87 -1.33 -40.21
O4 NAG UB . -30.36 0.19 -42.13
O5 NAG UB . -32.35 2.78 -40.46
O6 NAG UB . -30.88 4.37 -42.23
O7 NAG UB . -35.12 0.18 -37.96
C1 BMA UB . -30.81 -0.56 -43.27
C2 BMA UB . -29.98 -1.83 -43.40
C3 BMA UB . -30.45 -2.65 -44.60
C4 BMA UB . -31.94 -2.93 -44.46
C5 BMA UB . -32.71 -1.64 -44.29
C6 BMA UB . -34.19 -1.92 -44.04
O2 BMA UB . -30.09 -2.61 -42.22
O3 BMA UB . -29.73 -3.88 -44.65
O4 BMA UB . -32.41 -3.63 -45.62
O5 BMA UB . -32.20 -0.90 -43.19
O6 BMA UB . -34.32 -2.66 -42.83
C1 FUC UB . -30.74 1.73 -35.83
C2 FUC UB . -29.38 1.92 -36.48
C3 FUC UB . -28.36 2.38 -35.44
C4 FUC UB . -28.35 1.39 -34.28
C5 FUC UB . -29.76 1.23 -33.71
C6 FUC UB . -29.77 0.20 -32.59
O2 FUC UB . -29.47 2.89 -37.53
O3 FUC UB . -27.06 2.45 -36.04
O4 FUC UB . -27.87 0.13 -34.73
O5 FUC UB . -30.66 0.83 -34.73
C1 NAG VB . -45.58 6.10 -30.48
C2 NAG VB . -47.03 6.52 -30.23
C3 NAG VB . -47.87 5.31 -29.88
C4 NAG VB . -47.74 4.26 -30.98
C5 NAG VB . -46.26 3.94 -31.20
C6 NAG VB . -46.04 2.92 -32.30
C7 NAG VB . -47.14 8.79 -29.34
C8 NAG VB . -47.42 9.62 -28.12
N2 NAG VB . -47.10 7.48 -29.14
O3 NAG VB . -49.23 5.74 -29.77
O4 NAG VB . -48.43 3.05 -30.64
O5 NAG VB . -45.51 5.11 -31.49
O6 NAG VB . -44.66 2.54 -32.29
O7 NAG VB . -46.96 9.29 -30.44
C1 NAG VB . -48.29 2.68 -29.26
C2 NAG VB . -49.59 2.13 -28.72
C3 NAG VB . -49.45 1.79 -27.25
C4 NAG VB . -48.29 0.82 -27.08
C5 NAG VB . -47.02 1.42 -27.66
C6 NAG VB . -45.86 0.44 -27.55
C7 NAG VB . -51.52 3.01 -29.93
C8 NAG VB . -52.48 4.16 -30.05
N2 NAG VB . -50.68 3.07 -28.88
O3 NAG VB . -50.66 1.21 -26.76
O4 NAG VB . -48.10 0.54 -25.69
O5 NAG VB . -47.23 1.74 -29.04
O6 NAG VB . -46.05 -0.63 -28.46
O7 NAG VB . -51.49 2.09 -30.72
C1 FUC VB . -44.47 1.43 -31.39
C2 FUC VB . -43.43 0.48 -31.97
C3 FUC VB . -42.06 1.15 -31.94
C4 FUC VB . -41.72 1.58 -30.53
C5 FUC VB . -42.82 2.49 -30.01
C6 FUC VB . -42.57 2.91 -28.57
O2 FUC VB . -43.78 0.12 -33.30
O3 FUC VB . -41.07 0.22 -32.41
O4 FUC VB . -41.60 0.43 -29.69
O5 FUC VB . -44.09 1.83 -30.08
C1 NAG WB . -48.23 11.42 -16.11
C2 NAG WB . -49.62 12.05 -16.05
C3 NAG WB . -50.55 11.16 -15.26
C4 NAG WB . -50.56 9.76 -15.89
C5 NAG WB . -49.14 9.22 -15.94
C6 NAG WB . -49.12 7.85 -16.63
C7 NAG WB . -49.48 14.48 -16.14
C8 NAG WB . -48.90 15.66 -15.40
N2 NAG WB . -49.58 13.36 -15.43
O3 NAG WB . -51.87 11.70 -15.29
O4 NAG WB . -51.37 8.89 -15.10
O5 NAG WB . -48.30 10.11 -16.67
O6 NAG WB . -49.51 8.00 -17.99
O7 NAG WB . -49.81 14.55 -17.30
C1 NAG WB . -52.48 8.32 -15.83
C2 NAG WB . -52.83 7.00 -15.16
C3 NAG WB . -54.05 6.33 -15.84
C4 NAG WB . -55.16 7.29 -16.27
C5 NAG WB . -54.66 8.66 -16.73
C6 NAG WB . -55.80 9.55 -17.16
C7 NAG WB . -50.83 5.99 -14.19
C8 NAG WB . -49.64 5.10 -14.44
N2 NAG WB . -51.71 6.08 -15.18
O3 NAG WB . -54.45 5.19 -15.06
O4 NAG WB . -56.09 6.66 -17.15
O5 NAG WB . -53.62 9.17 -15.87
O6 NAG WB . -56.58 9.85 -16.01
O7 NAG WB . -50.97 6.58 -13.12
C1 NAG XB . -33.87 -2.32 -24.88
C2 NAG XB . -34.89 -2.48 -23.76
C3 NAG XB . -35.13 -3.95 -23.47
C4 NAG XB . -35.53 -4.70 -24.72
C5 NAG XB . -34.47 -4.43 -25.80
C6 NAG XB . -34.70 -5.11 -27.14
C7 NAG XB . -33.24 -1.83 -21.98
C8 NAG XB . -32.72 -0.49 -21.57
N2 NAG XB . -34.47 -1.82 -22.52
O3 NAG XB . -36.16 -4.07 -22.48
O4 NAG XB . -35.47 -6.09 -24.40
O5 NAG XB . -34.26 -3.03 -26.04
O6 NAG XB . -33.47 -5.04 -27.87
O7 NAG XB . -32.58 -2.84 -21.79
C1 NAG XB . -36.74 -6.73 -24.63
C2 NAG XB . -36.49 -8.24 -24.71
C3 NAG XB . -37.80 -8.95 -24.98
C4 NAG XB . -38.79 -8.58 -23.88
C5 NAG XB . -38.95 -7.06 -23.83
C6 NAG XB . -39.89 -6.67 -22.71
C7 NAG XB . -34.28 -8.88 -25.54
C8 NAG XB . -33.72 -9.95 -26.43
N2 NAG XB . -35.54 -8.55 -25.78
O3 NAG XB . -37.59 -10.36 -24.98
O4 NAG XB . -40.06 -9.19 -24.15
O5 NAG XB . -37.68 -6.45 -23.61
O6 NAG XB . -39.26 -6.98 -21.45
O7 NAG XB . -33.61 -8.35 -24.67
C1 FUC XB . -32.70 -6.23 -27.66
C2 FUC XB . -31.85 -6.50 -28.90
C3 FUC XB . -30.78 -5.43 -29.06
C4 FUC XB . -29.92 -5.38 -27.80
C5 FUC XB . -30.82 -5.14 -26.60
C6 FUC XB . -30.03 -5.11 -25.29
O2 FUC XB . -32.70 -6.52 -30.06
O3 FUC XB . -29.97 -5.72 -30.19
O4 FUC XB . -29.21 -6.61 -27.66
O5 FUC XB . -31.82 -6.16 -26.52
C14 83G YB . 12.53 -19.21 -9.48
C11 83G YB . 11.46 -17.21 -8.26
C10 83G YB . 11.24 -15.84 -8.29
C12 83G YB . 11.58 -18.05 -9.42
C01 83G YB . 12.59 -20.97 -6.07
C03 83G YB . 11.71 -18.75 -6.11
C04 83G YB . 11.71 -18.64 -4.74
C05 83G YB . 11.52 -17.40 -4.14
C07 83G YB . 11.35 -16.38 -6.14
C08 83G YB . 11.52 -17.58 -6.86
C17 83G YB . 13.05 -21.31 -10.62
C18 83G YB . 12.63 -21.50 -12.05
C20 83G YB . 10.30 -21.07 -11.42
C21 83G YB . 10.71 -20.83 -9.99
C22 83G YB . 10.48 -22.05 -9.11
C23 83G YB . 10.87 -23.09 -12.74
C25 83G YB . 11.91 -24.14 -13.02
C26 83G YB . 12.35 -24.96 -11.99
C27 83G YB . 13.31 -25.94 -12.24
C28 83G YB . 13.83 -26.08 -13.51
C29 83G YB . 13.40 -25.26 -14.52
C30 83G YB . 12.44 -24.29 -14.29
N06 83G YB . 11.34 -16.26 -4.80
N09 83G YB . 11.17 -15.36 -7.02
N16 83G YB . 12.12 -20.39 -9.98
N19 83G YB . 11.24 -21.96 -12.11
O02 83G YB . 11.89 -19.93 -6.76
O13 83G YB . 10.92 -17.79 -10.44
O15 83G YB . 13.70 -19.07 -9.09
O24 83G YB . 9.73 -23.26 -13.12
C1 NAG ZB . 35.46 -30.01 -46.75
C2 NAG ZB . 36.07 -30.04 -45.35
C3 NAG ZB . 37.36 -29.24 -45.32
C4 NAG ZB . 38.31 -29.77 -46.38
C5 NAG ZB . 37.64 -29.76 -47.74
C6 NAG ZB . 38.55 -30.36 -48.81
C7 NAG ZB . 34.24 -30.21 -43.73
C8 NAG ZB . 34.77 -31.16 -42.70
N2 NAG ZB . 35.15 -29.48 -44.37
O3 NAG ZB . 37.96 -29.34 -44.03
O4 NAG ZB . 39.48 -28.95 -46.42
O5 NAG ZB . 36.41 -30.50 -47.70
O6 NAG ZB . 38.72 -31.76 -48.55
O7 NAG ZB . 33.05 -30.10 -43.96
C14 83G AC . -12.94 -13.56 14.05
C11 83G AC . -10.91 -12.77 12.65
C10 83G AC . -10.48 -12.31 11.42
C12 83G AC . -12.21 -12.57 13.20
C01 83G AC . -10.50 -15.55 16.05
C03 83G AC . -9.48 -14.17 14.40
C04 83G AC . -8.21 -14.72 14.54
C05 83G AC . -7.27 -14.55 13.52
C07 83G AC . -8.74 -13.37 12.26
C08 83G AC . -9.77 -13.47 13.23
C17 83G AC . -14.49 -13.98 15.87
C18 83G AC . -15.67 -13.08 16.13
C20 83G AC . -14.21 -11.20 16.37
C21 83G AC . -12.99 -12.03 16.04
C22 83G AC . -12.25 -12.45 17.30
C23 83G AC . -15.73 -11.72 18.23
C25 83G AC . -16.65 -12.69 18.93
C26 83G AC . -16.37 -14.05 19.03
C27 83G AC . -17.25 -14.90 19.68
C28 83G AC . -18.39 -14.39 20.26
C29 83G AC . -18.67 -13.06 20.18
C30 83G AC . -17.81 -12.20 19.53
N06 83G AC . -7.51 -13.88 12.38
N09 83G AC . -9.20 -12.66 11.19
N16 83G AC . -13.43 -13.21 15.26
N19 83G AC . -15.25 -11.99 17.01
O02 83G AC . -10.44 -14.31 15.35
O13 83G AC . -12.84 -11.53 12.91
O15 83G AC . -13.10 -14.69 13.63
O24 83G AC . -15.43 -10.68 18.82
C1 NAG BC . -59.01 -19.94 12.33
C2 NAG BC . -59.77 -20.82 11.34
C3 NAG BC . -61.21 -20.34 11.16
C4 NAG BC . -61.88 -20.12 12.51
C5 NAG BC . -60.99 -19.25 13.38
C6 NAG BC . -61.62 -18.96 14.73
C7 NAG BC . -58.20 -21.77 9.70
C8 NAG BC . -57.48 -21.54 8.40
N2 NAG BC . -59.10 -20.84 10.05
O3 NAG BC . -61.92 -21.29 10.36
O4 NAG BC . -63.10 -19.37 12.39
O5 NAG BC . -59.73 -19.87 13.55
O6 NAG BC . -61.69 -20.20 15.43
O7 NAG BC . -57.96 -22.74 10.40
C14 83G CC . 15.97 3.85 16.87
C11 83G CC . 14.30 2.69 15.31
C10 83G CC . 13.00 2.82 14.84
C12 83G CC . 15.20 3.76 15.58
C01 83G CC . 17.26 0.54 17.50
C03 83G CC . 15.55 0.42 15.86
C04 83G CC . 15.33 -0.94 15.85
C05 83G CC . 14.10 -1.44 15.42
C07 83G CC . 13.31 0.65 15.03
C08 83G CC . 14.51 1.26 15.45
C17 83G CC . 17.84 4.87 18.07
C18 83G CC . 18.38 6.22 17.72
C20 83G CC . 18.73 5.50 15.43
C21 83G CC . 18.18 4.13 15.73
C22 83G CC . 19.28 3.11 15.98
C23 83G CC . 20.62 6.46 16.70
C25 83G CC . 21.31 6.39 18.03
C26 83G CC . 21.51 5.18 18.66
C27 83G CC . 22.15 5.12 19.89
C28 83G CC . 22.58 6.27 20.49
C29 83G CC . 22.38 7.49 19.88
C30 83G CC . 21.74 7.56 18.65
N06 83G CC . 13.08 -0.67 15.01
N09 83G CC . 12.42 1.62 14.66
N16 83G CC . 17.26 4.24 16.88
N19 83G CC . 19.33 6.09 16.62
O02 83G CC . 16.72 0.99 16.27
O13 83G CC . 15.32 4.69 14.75
O15 83G CC . 15.40 3.60 17.93
O24 83G CC . 21.25 6.83 15.72
C1 NAG DC . 19.04 40.80 40.57
C2 NAG DC . 17.74 40.47 39.85
C3 NAG DC . 16.61 41.22 40.55
C4 NAG DC . 16.60 40.89 42.03
C5 NAG DC . 17.96 41.21 42.65
C6 NAG DC . 18.04 40.82 44.12
C7 NAG DC . 18.15 40.12 37.47
C8 NAG DC . 18.35 40.83 36.15
N2 NAG DC . 17.77 40.90 38.47
O3 NAG DC . 15.36 40.85 39.95
O4 NAG DC . 15.55 41.66 42.67
O5 NAG DC . 18.99 40.50 41.96
O6 NAG DC . 17.88 39.41 44.25
O7 NAG DC . 18.33 38.92 37.60
#